data_2N98
#
_entry.id   2N98
#
_entity_poly.entity_id   1
_entity_poly.type   'polypeptide(L)'
_entity_poly.pdbx_seq_one_letter_code
;GHMSDLSTAPTLDSLRVWLVDCVAGHLGLDAATIATDLPLTSYGLDSVYALSIAAELEDHLDVSLDPTLIWDHPTIDALS
TALVAELRSA
;
_entity_poly.pdbx_strand_id   A
#
# COMPACT_ATOMS: atom_id res chain seq x y z
N GLY A 1 7.43 23.29 -1.81
CA GLY A 1 6.57 24.22 -2.58
C GLY A 1 5.73 23.44 -3.59
N HIS A 2 6.33 23.12 -4.72
CA HIS A 2 5.63 22.36 -5.76
C HIS A 2 5.50 20.90 -5.36
N MET A 3 4.29 20.38 -5.43
CA MET A 3 4.04 18.98 -5.07
C MET A 3 4.48 18.06 -6.19
N SER A 4 5.52 17.28 -5.94
CA SER A 4 6.03 16.34 -6.95
C SER A 4 5.17 15.08 -7.00
N ASP A 5 4.79 14.68 -8.20
CA ASP A 5 3.96 13.48 -8.37
C ASP A 5 4.83 12.22 -8.32
N LEU A 6 5.54 11.93 -9.42
CA LEU A 6 6.41 10.76 -9.48
C LEU A 6 7.18 10.74 -10.79
N SER A 7 6.55 11.23 -11.85
CA SER A 7 7.19 11.26 -13.16
C SER A 7 7.99 9.97 -13.40
N THR A 8 7.30 8.84 -13.33
CA THR A 8 7.93 7.53 -13.53
C THR A 8 9.11 7.34 -12.59
N ALA A 9 9.35 8.33 -11.76
CA ALA A 9 10.46 8.31 -10.81
C ALA A 9 9.96 8.57 -9.39
N PRO A 10 9.01 7.78 -8.94
CA PRO A 10 8.44 7.93 -7.57
C PRO A 10 9.52 7.94 -6.48
N THR A 11 9.18 8.54 -5.34
CA THR A 11 10.11 8.62 -4.21
C THR A 11 9.52 7.89 -3.02
N LEU A 12 10.41 7.38 -2.16
CA LEU A 12 9.98 6.61 -1.00
C LEU A 12 8.94 7.39 -0.19
N ASP A 13 9.13 8.69 -0.09
CA ASP A 13 8.19 9.50 0.67
C ASP A 13 6.82 9.52 -0.01
N SER A 14 6.79 9.62 -1.33
CA SER A 14 5.52 9.65 -2.05
C SER A 14 4.77 8.33 -1.90
N LEU A 15 5.49 7.23 -1.92
CA LEU A 15 4.82 5.95 -1.77
C LEU A 15 4.39 5.77 -0.31
N ARG A 16 5.36 5.68 0.60
CA ARG A 16 5.04 5.50 2.02
C ARG A 16 3.80 6.33 2.41
N VAL A 17 3.82 7.63 2.09
CA VAL A 17 2.69 8.49 2.40
C VAL A 17 1.42 7.99 1.65
N TRP A 18 1.60 7.47 0.42
CA TRP A 18 0.45 6.96 -0.35
C TRP A 18 -0.25 5.82 0.40
N LEU A 19 0.53 4.86 0.86
CA LEU A 19 -0.01 3.70 1.57
C LEU A 19 -0.80 4.12 2.80
N VAL A 20 -0.17 4.85 3.72
CA VAL A 20 -0.87 5.30 4.91
C VAL A 20 -2.07 6.14 4.53
N ASP A 21 -1.85 7.10 3.64
CA ASP A 21 -2.93 7.97 3.21
C ASP A 21 -4.05 7.15 2.56
N CYS A 22 -3.68 6.08 1.87
CA CYS A 22 -4.67 5.23 1.23
C CYS A 22 -5.60 4.62 2.29
N VAL A 23 -5.02 4.03 3.33
CA VAL A 23 -5.83 3.43 4.37
C VAL A 23 -6.69 4.50 5.04
N ALA A 24 -6.08 5.64 5.41
CA ALA A 24 -6.81 6.70 6.08
C ALA A 24 -8.09 7.01 5.31
N GLY A 25 -7.94 7.29 4.02
CA GLY A 25 -9.10 7.61 3.19
C GLY A 25 -10.08 6.45 3.15
N HIS A 26 -9.55 5.23 3.04
CA HIS A 26 -10.40 4.04 2.98
C HIS A 26 -11.29 3.92 4.21
N LEU A 27 -10.69 3.92 5.40
CA LEU A 27 -11.46 3.80 6.62
C LEU A 27 -12.05 5.15 7.02
N GLY A 28 -11.30 6.22 6.74
CA GLY A 28 -11.74 7.58 7.07
C GLY A 28 -11.09 8.09 8.36
N LEU A 29 -10.33 7.22 9.02
CA LEU A 29 -9.66 7.60 10.27
C LEU A 29 -8.52 8.58 10.00
N ASP A 30 -7.80 8.93 11.06
CA ASP A 30 -6.66 9.86 10.94
C ASP A 30 -5.39 9.11 10.53
N ALA A 31 -4.72 9.63 9.49
CA ALA A 31 -3.50 9.01 9.01
C ALA A 31 -2.42 8.95 10.08
N ALA A 32 -2.35 9.99 10.91
CA ALA A 32 -1.35 10.03 11.97
C ALA A 32 -1.55 8.88 12.96
N THR A 33 -2.72 8.26 12.91
CA THR A 33 -3.05 7.16 13.82
C THR A 33 -3.68 6.00 13.07
N ILE A 34 -3.27 5.80 11.83
CA ILE A 34 -3.84 4.71 11.06
C ILE A 34 -3.33 3.36 11.57
N ALA A 35 -2.08 3.04 11.29
CA ALA A 35 -1.51 1.76 11.69
C ALA A 35 -0.21 1.50 10.94
N THR A 36 0.40 2.55 10.41
CA THR A 36 1.64 2.40 9.65
C THR A 36 2.58 1.39 10.30
N ASP A 37 2.56 1.30 11.63
CA ASP A 37 3.44 0.38 12.34
C ASP A 37 2.66 -0.84 12.82
N LEU A 38 1.51 -1.09 12.19
CA LEU A 38 0.66 -2.23 12.54
C LEU A 38 0.14 -2.92 11.27
N PRO A 39 -0.21 -4.17 11.36
CA PRO A 39 -0.76 -4.96 10.22
C PRO A 39 -2.17 -4.50 9.82
N LEU A 40 -2.72 -5.13 8.78
CA LEU A 40 -4.06 -4.79 8.32
C LEU A 40 -5.11 -5.34 9.29
N THR A 41 -4.74 -6.37 10.04
CA THR A 41 -5.66 -6.97 10.98
C THR A 41 -6.24 -5.91 11.91
N SER A 42 -5.44 -4.93 12.29
CA SER A 42 -5.92 -3.89 13.21
C SER A 42 -7.22 -3.27 12.70
N TYR A 43 -7.38 -3.24 11.38
CA TYR A 43 -8.59 -2.67 10.79
C TYR A 43 -9.78 -3.60 11.00
N GLY A 44 -9.51 -4.80 11.50
CA GLY A 44 -10.58 -5.76 11.76
C GLY A 44 -11.29 -6.17 10.47
N LEU A 45 -10.61 -6.02 9.34
CA LEU A 45 -11.20 -6.37 8.05
C LEU A 45 -11.22 -7.88 7.81
N ASP A 46 -12.33 -8.34 7.22
CA ASP A 46 -12.47 -9.77 6.90
C ASP A 46 -11.48 -10.17 5.82
N SER A 47 -11.30 -11.47 5.63
CA SER A 47 -10.38 -11.96 4.62
C SER A 47 -10.80 -11.51 3.22
N VAL A 48 -12.10 -11.42 2.99
CA VAL A 48 -12.62 -11.00 1.70
C VAL A 48 -12.31 -9.53 1.43
N TYR A 49 -12.12 -8.77 2.50
CA TYR A 49 -11.81 -7.35 2.36
C TYR A 49 -10.47 -7.16 1.64
N ALA A 50 -9.45 -7.88 2.09
CA ALA A 50 -8.13 -7.77 1.49
C ALA A 50 -8.20 -8.01 -0.01
N LEU A 51 -8.96 -9.01 -0.42
CA LEU A 51 -9.09 -9.32 -1.83
C LEU A 51 -9.48 -8.09 -2.65
N SER A 52 -10.62 -7.51 -2.32
CA SER A 52 -11.11 -6.35 -3.02
C SER A 52 -10.23 -5.13 -2.74
N ILE A 53 -9.95 -4.91 -1.46
CA ILE A 53 -9.14 -3.78 -1.06
C ILE A 53 -7.73 -3.88 -1.64
N ALA A 54 -7.04 -4.98 -1.32
CA ALA A 54 -5.68 -5.17 -1.83
C ALA A 54 -5.67 -5.00 -3.34
N ALA A 55 -6.77 -5.41 -3.98
CA ALA A 55 -6.89 -5.29 -5.43
C ALA A 55 -7.00 -3.82 -5.84
N GLU A 56 -7.79 -3.06 -5.09
CA GLU A 56 -7.99 -1.64 -5.40
C GLU A 56 -6.68 -0.86 -5.23
N LEU A 57 -5.99 -1.13 -4.13
CA LEU A 57 -4.73 -0.46 -3.86
C LEU A 57 -3.75 -0.72 -4.99
N GLU A 58 -3.38 -1.97 -5.20
CA GLU A 58 -2.43 -2.31 -6.26
C GLU A 58 -2.94 -1.84 -7.62
N ASP A 59 -4.25 -1.90 -7.83
CA ASP A 59 -4.83 -1.48 -9.10
C ASP A 59 -4.54 0.00 -9.34
N HIS A 60 -4.38 0.76 -8.26
CA HIS A 60 -4.09 2.19 -8.38
C HIS A 60 -2.65 2.41 -8.87
N LEU A 61 -1.71 1.57 -8.42
CA LEU A 61 -0.30 1.72 -8.82
C LEU A 61 0.04 0.84 -10.01
N ASP A 62 -0.98 0.36 -10.73
CA ASP A 62 -0.74 -0.48 -11.91
C ASP A 62 0.18 -1.65 -11.57
N VAL A 63 -0.23 -2.45 -10.61
CA VAL A 63 0.57 -3.60 -10.20
C VAL A 63 -0.32 -4.71 -9.66
N SER A 64 0.20 -5.94 -9.63
CA SER A 64 -0.56 -7.08 -9.12
C SER A 64 0.15 -7.68 -7.92
N LEU A 65 -0.62 -8.07 -6.90
CA LEU A 65 -0.05 -8.65 -5.68
C LEU A 65 -0.28 -10.16 -5.66
N ASP A 66 0.52 -10.86 -4.87
CA ASP A 66 0.39 -12.31 -4.75
C ASP A 66 -0.44 -12.67 -3.50
N PRO A 67 -1.00 -13.85 -3.47
CA PRO A 67 -1.83 -14.31 -2.31
C PRO A 67 -1.05 -14.32 -1.00
N THR A 68 -0.19 -15.32 -0.83
CA THR A 68 0.59 -15.45 0.40
C THR A 68 1.49 -14.23 0.59
N LEU A 69 1.69 -13.48 -0.48
CA LEU A 69 2.53 -12.29 -0.42
C LEU A 69 1.85 -11.19 0.39
N ILE A 70 0.54 -11.02 0.17
CA ILE A 70 -0.20 -9.98 0.89
C ILE A 70 -0.09 -10.23 2.40
N TRP A 71 -0.20 -11.48 2.81
CA TRP A 71 -0.09 -11.81 4.22
C TRP A 71 1.37 -11.72 4.66
N ASP A 72 2.28 -11.52 3.69
CA ASP A 72 3.71 -11.40 3.99
C ASP A 72 4.06 -9.96 4.31
N HIS A 73 3.41 -9.02 3.61
CA HIS A 73 3.65 -7.59 3.81
C HIS A 73 2.39 -6.87 4.31
N PRO A 74 1.84 -7.31 5.42
CA PRO A 74 0.60 -6.70 6.02
C PRO A 74 0.87 -5.32 6.60
N THR A 75 2.13 -4.89 6.58
CA THR A 75 2.51 -3.58 7.11
C THR A 75 2.92 -2.64 5.98
N ILE A 76 2.90 -1.34 6.29
CA ILE A 76 3.28 -0.32 5.31
C ILE A 76 4.77 -0.41 5.02
N ASP A 77 5.57 -0.61 6.06
CA ASP A 77 7.01 -0.69 5.90
C ASP A 77 7.39 -1.71 4.83
N ALA A 78 6.84 -2.93 4.94
CA ALA A 78 7.13 -3.97 3.96
C ALA A 78 6.56 -3.62 2.59
N LEU A 79 5.29 -3.22 2.57
CA LEU A 79 4.62 -2.88 1.31
C LEU A 79 5.36 -1.74 0.60
N SER A 80 5.72 -0.70 1.37
CA SER A 80 6.43 0.44 0.80
C SER A 80 7.76 -0.03 0.21
N THR A 81 8.48 -0.84 0.99
CA THR A 81 9.77 -1.36 0.53
C THR A 81 9.60 -2.08 -0.80
N ALA A 82 8.56 -2.89 -0.88
CA ALA A 82 8.30 -3.63 -2.10
C ALA A 82 7.86 -2.68 -3.23
N LEU A 83 7.04 -1.69 -2.89
CA LEU A 83 6.56 -0.74 -3.87
C LEU A 83 7.73 0.03 -4.47
N VAL A 84 8.57 0.62 -3.62
CA VAL A 84 9.71 1.38 -4.12
C VAL A 84 10.62 0.47 -4.92
N ALA A 85 10.73 -0.79 -4.50
CA ALA A 85 11.58 -1.74 -5.20
C ALA A 85 11.15 -1.81 -6.67
N GLU A 86 9.84 -1.76 -6.92
CA GLU A 86 9.32 -1.82 -8.29
C GLU A 86 10.07 -0.82 -9.19
N LEU A 87 10.72 0.17 -8.57
CA LEU A 87 11.48 1.19 -9.32
C LEU A 87 12.99 0.99 -9.09
N ARG A 88 13.32 0.24 -8.04
CA ARG A 88 14.72 -0.05 -7.69
C ARG A 88 14.92 -1.55 -7.45
N SER A 89 15.81 -2.16 -8.23
CA SER A 89 16.10 -3.59 -8.05
C SER A 89 17.09 -3.77 -6.92
N ALA A 90 18.30 -3.24 -7.10
CA ALA A 90 19.34 -3.36 -6.09
C ALA A 90 20.42 -2.31 -6.31
N GLY A 1 -6.20 8.96 -14.35
CA GLY A 1 -5.84 8.63 -15.76
C GLY A 1 -4.65 7.67 -15.77
N HIS A 2 -4.20 7.32 -16.98
CA HIS A 2 -3.07 6.40 -17.11
C HIS A 2 -1.82 6.99 -16.49
N MET A 3 -1.62 8.29 -16.68
CA MET A 3 -0.45 8.98 -16.12
C MET A 3 -0.85 9.78 -14.89
N SER A 4 -0.03 9.68 -13.85
CA SER A 4 -0.29 10.39 -12.60
C SER A 4 0.67 11.57 -12.44
N ASP A 5 1.02 11.89 -11.19
CA ASP A 5 1.93 12.99 -10.92
C ASP A 5 3.39 12.52 -10.99
N LEU A 6 3.65 11.34 -10.44
CA LEU A 6 5.00 10.78 -10.44
C LEU A 6 5.42 10.38 -11.84
N SER A 7 4.47 9.85 -12.60
CA SER A 7 4.73 9.42 -13.96
C SER A 7 5.58 8.16 -13.98
N THR A 8 6.77 8.25 -13.40
CA THR A 8 7.67 7.10 -13.34
C THR A 8 8.84 7.41 -12.43
N ALA A 9 8.68 8.43 -11.59
CA ALA A 9 9.74 8.85 -10.67
C ALA A 9 9.23 8.91 -9.23
N PRO A 10 8.61 7.87 -8.76
CA PRO A 10 8.07 7.80 -7.38
C PRO A 10 9.19 7.85 -6.34
N THR A 11 8.91 8.48 -5.20
CA THR A 11 9.89 8.59 -4.12
C THR A 11 9.39 7.87 -2.88
N LEU A 12 10.31 7.41 -2.06
CA LEU A 12 9.94 6.69 -0.85
C LEU A 12 8.90 7.48 -0.05
N ASP A 13 9.12 8.77 0.07
CA ASP A 13 8.18 9.61 0.81
C ASP A 13 6.85 9.67 0.08
N SER A 14 6.89 9.74 -1.24
CA SER A 14 5.67 9.81 -2.02
C SER A 14 4.89 8.51 -1.90
N LEU A 15 5.60 7.39 -1.90
CA LEU A 15 4.93 6.12 -1.78
C LEU A 15 4.45 5.94 -0.34
N ARG A 16 5.39 5.83 0.58
CA ARG A 16 5.06 5.62 1.99
C ARG A 16 3.81 6.42 2.38
N VAL A 17 3.80 7.71 2.06
CA VAL A 17 2.66 8.55 2.37
C VAL A 17 1.42 8.03 1.63
N TRP A 18 1.60 7.57 0.38
CA TRP A 18 0.48 7.04 -0.39
C TRP A 18 -0.19 5.88 0.34
N LEU A 19 0.62 4.92 0.78
CA LEU A 19 0.11 3.74 1.49
C LEU A 19 -0.72 4.16 2.69
N VAL A 20 -0.11 4.84 3.64
CA VAL A 20 -0.82 5.25 4.83
C VAL A 20 -2.03 6.11 4.46
N ASP A 21 -1.80 7.10 3.61
CA ASP A 21 -2.89 7.99 3.20
C ASP A 21 -4.00 7.19 2.54
N CYS A 22 -3.63 6.14 1.82
CA CYS A 22 -4.62 5.30 1.16
C CYS A 22 -5.55 4.66 2.18
N VAL A 23 -4.97 4.06 3.22
CA VAL A 23 -5.79 3.42 4.25
C VAL A 23 -6.68 4.45 4.93
N ALA A 24 -6.09 5.58 5.33
CA ALA A 24 -6.86 6.63 6.00
C ALA A 24 -8.11 6.94 5.21
N GLY A 25 -7.94 7.18 3.91
CA GLY A 25 -9.07 7.50 3.07
C GLY A 25 -10.05 6.33 3.02
N HIS A 26 -9.53 5.12 2.88
CA HIS A 26 -10.37 3.93 2.81
C HIS A 26 -11.29 3.83 4.02
N LEU A 27 -10.72 3.89 5.22
CA LEU A 27 -11.52 3.80 6.44
C LEU A 27 -12.08 5.17 6.83
N GLY A 28 -11.28 6.20 6.58
CA GLY A 28 -11.67 7.58 6.91
C GLY A 28 -11.03 8.05 8.21
N LEU A 29 -10.30 7.14 8.87
CA LEU A 29 -9.65 7.47 10.13
C LEU A 29 -8.49 8.42 9.90
N ASP A 30 -7.78 8.76 10.97
CA ASP A 30 -6.64 9.68 10.86
C ASP A 30 -5.38 8.92 10.41
N ALA A 31 -4.70 9.47 9.41
CA ALA A 31 -3.49 8.85 8.89
C ALA A 31 -2.42 8.72 9.96
N ALA A 32 -2.32 9.73 10.83
CA ALA A 32 -1.33 9.71 11.90
C ALA A 32 -1.58 8.57 12.87
N THR A 33 -2.77 7.97 12.80
CA THR A 33 -3.10 6.86 13.69
C THR A 33 -3.72 5.71 12.91
N ILE A 34 -3.21 5.45 11.71
CA ILE A 34 -3.74 4.36 10.91
C ILE A 34 -3.21 3.02 11.42
N ALA A 35 -1.95 2.74 11.12
CA ALA A 35 -1.36 1.49 11.51
C ALA A 35 -0.04 1.28 10.76
N THR A 36 0.54 2.35 10.26
CA THR A 36 1.78 2.25 9.48
C THR A 36 2.70 1.20 10.08
N ASP A 37 2.69 1.08 11.40
CA ASP A 37 3.53 0.09 12.08
C ASP A 37 2.74 -1.18 12.37
N LEU A 38 1.42 -1.07 12.34
CA LEU A 38 0.56 -2.22 12.61
C LEU A 38 0.03 -2.82 11.31
N PRO A 39 -0.25 -4.10 11.30
CA PRO A 39 -0.79 -4.79 10.10
C PRO A 39 -2.20 -4.33 9.75
N LEU A 40 -2.76 -4.92 8.71
CA LEU A 40 -4.10 -4.58 8.27
C LEU A 40 -5.14 -5.15 9.21
N THR A 41 -4.77 -6.19 9.94
CA THR A 41 -5.68 -6.83 10.87
C THR A 41 -6.32 -5.81 11.79
N SER A 42 -5.55 -4.81 12.20
CA SER A 42 -6.05 -3.79 13.11
C SER A 42 -7.39 -3.25 12.64
N TYR A 43 -7.59 -3.22 11.32
CA TYR A 43 -8.84 -2.72 10.76
C TYR A 43 -9.97 -3.72 11.00
N GLY A 44 -9.63 -4.88 11.50
CA GLY A 44 -10.63 -5.90 11.80
C GLY A 44 -11.32 -6.37 10.53
N LEU A 45 -10.70 -6.06 9.39
CA LEU A 45 -11.25 -6.46 8.10
C LEU A 45 -11.11 -7.97 7.89
N ASP A 46 -12.16 -8.58 7.36
CA ASP A 46 -12.13 -10.02 7.10
C ASP A 46 -11.16 -10.31 5.95
N SER A 47 -10.81 -11.59 5.79
CA SER A 47 -9.89 -12.00 4.73
C SER A 47 -10.46 -11.70 3.35
N VAL A 48 -11.77 -11.77 3.23
CA VAL A 48 -12.44 -11.49 1.97
C VAL A 48 -12.35 -10.00 1.63
N TYR A 49 -12.26 -9.18 2.66
CA TYR A 49 -12.18 -7.73 2.45
C TYR A 49 -10.82 -7.36 1.83
N ALA A 50 -9.75 -7.90 2.42
CA ALA A 50 -8.40 -7.61 1.94
C ALA A 50 -8.30 -7.87 0.44
N LEU A 51 -9.04 -8.86 -0.03
CA LEU A 51 -9.02 -9.20 -1.44
C LEU A 51 -9.44 -8.01 -2.30
N SER A 52 -10.60 -7.46 -2.00
CA SER A 52 -11.10 -6.31 -2.74
C SER A 52 -10.22 -5.09 -2.53
N ILE A 53 -9.85 -4.86 -1.28
CA ILE A 53 -9.01 -3.72 -0.94
C ILE A 53 -7.64 -3.85 -1.60
N ALA A 54 -6.94 -4.94 -1.29
CA ALA A 54 -5.63 -5.15 -1.87
C ALA A 54 -5.66 -4.95 -3.37
N ALA A 55 -6.77 -5.35 -3.99
CA ALA A 55 -6.94 -5.19 -5.43
C ALA A 55 -7.03 -3.72 -5.81
N GLU A 56 -7.81 -2.95 -5.05
CA GLU A 56 -7.98 -1.53 -5.34
C GLU A 56 -6.66 -0.78 -5.18
N LEU A 57 -5.97 -1.05 -4.08
CA LEU A 57 -4.68 -0.39 -3.81
C LEU A 57 -3.72 -0.64 -4.96
N GLU A 58 -3.37 -1.90 -5.20
CA GLU A 58 -2.43 -2.23 -6.25
C GLU A 58 -2.94 -1.76 -7.61
N ASP A 59 -4.25 -1.83 -7.81
CA ASP A 59 -4.85 -1.41 -9.08
C ASP A 59 -4.55 0.06 -9.35
N HIS A 60 -4.36 0.83 -8.28
CA HIS A 60 -4.05 2.26 -8.42
C HIS A 60 -2.63 2.46 -8.94
N LEU A 61 -1.70 1.60 -8.53
CA LEU A 61 -0.31 1.71 -8.97
C LEU A 61 -0.04 0.76 -10.12
N ASP A 62 -1.07 0.40 -10.87
CA ASP A 62 -0.91 -0.50 -12.01
C ASP A 62 0.00 -1.66 -11.67
N VAL A 63 -0.42 -2.47 -10.72
CA VAL A 63 0.36 -3.63 -10.30
C VAL A 63 -0.54 -4.70 -9.72
N SER A 64 -0.03 -5.93 -9.64
CA SER A 64 -0.80 -7.04 -9.09
C SER A 64 -0.06 -7.63 -7.89
N LEU A 65 -0.83 -8.07 -6.90
CA LEU A 65 -0.25 -8.65 -5.67
C LEU A 65 -0.54 -10.14 -5.62
N ASP A 66 0.26 -10.86 -4.84
CA ASP A 66 0.08 -12.31 -4.71
C ASP A 66 -0.72 -12.62 -3.43
N PRO A 67 -1.36 -13.76 -3.38
CA PRO A 67 -2.18 -14.18 -2.21
C PRO A 67 -1.40 -14.22 -0.91
N THR A 68 -0.55 -15.24 -0.78
CA THR A 68 0.26 -15.39 0.43
C THR A 68 1.18 -14.19 0.62
N LEU A 69 1.39 -13.44 -0.45
CA LEU A 69 2.24 -12.26 -0.39
C LEU A 69 1.58 -11.14 0.41
N ILE A 70 0.28 -10.97 0.21
CA ILE A 70 -0.45 -9.92 0.93
C ILE A 70 -0.29 -10.12 2.43
N TRP A 71 -0.36 -11.37 2.87
CA TRP A 71 -0.21 -11.68 4.28
C TRP A 71 1.26 -11.60 4.70
N ASP A 72 2.15 -11.43 3.72
CA ASP A 72 3.59 -11.34 4.01
C ASP A 72 3.98 -9.89 4.27
N HIS A 73 3.34 -8.96 3.56
CA HIS A 73 3.62 -7.53 3.71
C HIS A 73 2.35 -6.78 4.12
N PRO A 74 1.72 -7.17 5.21
CA PRO A 74 0.49 -6.51 5.72
C PRO A 74 0.78 -5.16 6.36
N THR A 75 2.05 -4.79 6.36
CA THR A 75 2.46 -3.51 6.95
C THR A 75 2.97 -2.56 5.87
N ILE A 76 2.90 -1.26 6.16
CA ILE A 76 3.35 -0.24 5.23
C ILE A 76 4.85 -0.35 5.01
N ASP A 77 5.58 -0.57 6.09
CA ASP A 77 7.04 -0.66 6.00
C ASP A 77 7.44 -1.69 4.95
N ALA A 78 6.83 -2.87 5.02
CA ALA A 78 7.14 -3.92 4.06
C ALA A 78 6.60 -3.57 2.68
N LEU A 79 5.35 -3.13 2.62
CA LEU A 79 4.74 -2.79 1.34
C LEU A 79 5.51 -1.66 0.66
N SER A 80 5.83 -0.63 1.43
CA SER A 80 6.55 0.51 0.89
C SER A 80 7.90 0.07 0.35
N THR A 81 8.62 -0.72 1.15
CA THR A 81 9.94 -1.20 0.74
C THR A 81 9.82 -1.96 -0.58
N ALA A 82 8.78 -2.76 -0.70
CA ALA A 82 8.56 -3.51 -1.92
C ALA A 82 8.18 -2.58 -3.08
N LEU A 83 7.34 -1.60 -2.80
CA LEU A 83 6.90 -0.67 -3.84
C LEU A 83 8.08 0.11 -4.41
N VAL A 84 8.88 0.71 -3.54
CA VAL A 84 10.04 1.46 -3.98
C VAL A 84 10.99 0.53 -4.72
N ALA A 85 11.05 -0.73 -4.28
CA ALA A 85 11.93 -1.70 -4.93
C ALA A 85 11.58 -1.81 -6.41
N GLU A 86 10.29 -1.72 -6.72
CA GLU A 86 9.85 -1.81 -8.12
C GLU A 86 10.58 -0.78 -8.98
N LEU A 87 11.16 0.23 -8.33
CA LEU A 87 11.89 1.29 -9.06
C LEU A 87 13.39 1.00 -9.04
N ARG A 88 13.82 0.13 -8.14
CA ARG A 88 15.24 -0.21 -8.02
C ARG A 88 15.61 -1.32 -9.01
N SER A 89 14.62 -1.79 -9.77
CA SER A 89 14.85 -2.84 -10.75
C SER A 89 14.01 -2.61 -12.00
N ALA A 90 13.74 -1.35 -12.30
CA ALA A 90 12.94 -1.00 -13.47
C ALA A 90 11.63 -1.78 -13.48
N GLY A 1 6.21 -1.46 -20.24
CA GLY A 1 5.45 -2.56 -19.57
C GLY A 1 4.14 -2.00 -19.02
N HIS A 2 4.22 -1.30 -17.89
CA HIS A 2 3.03 -0.72 -17.27
C HIS A 2 2.95 0.77 -17.56
N MET A 3 1.80 1.23 -18.05
CA MET A 3 1.60 2.63 -18.36
C MET A 3 1.10 3.38 -17.13
N SER A 4 1.98 3.54 -16.15
CA SER A 4 1.61 4.24 -14.93
C SER A 4 1.61 5.75 -15.16
N ASP A 5 0.73 6.46 -14.45
CA ASP A 5 0.63 7.90 -14.57
C ASP A 5 1.15 8.59 -13.31
N LEU A 6 1.63 7.80 -12.36
CA LEU A 6 2.12 8.34 -11.11
C LEU A 6 3.25 9.32 -11.37
N SER A 7 4.22 8.90 -12.19
CA SER A 7 5.36 9.75 -12.52
C SER A 7 6.54 8.90 -13.00
N THR A 8 6.45 7.60 -12.74
CA THR A 8 7.52 6.67 -13.13
C THR A 8 8.75 6.89 -12.26
N ALA A 9 8.74 7.97 -11.49
CA ALA A 9 9.86 8.29 -10.61
C ALA A 9 9.36 8.57 -9.20
N PRO A 10 8.56 7.69 -8.67
CA PRO A 10 8.02 7.83 -7.28
C PRO A 10 9.13 7.84 -6.24
N THR A 11 8.92 8.59 -5.16
CA THR A 11 9.91 8.69 -4.09
C THR A 11 9.42 7.95 -2.85
N LEU A 12 10.36 7.52 -2.03
CA LEU A 12 10.03 6.78 -0.81
C LEU A 12 8.98 7.54 -0.01
N ASP A 13 9.12 8.86 0.04
CA ASP A 13 8.18 9.68 0.78
C ASP A 13 6.83 9.73 0.06
N SER A 14 6.87 9.78 -1.28
CA SER A 14 5.64 9.84 -2.06
C SER A 14 4.85 8.54 -1.92
N LEU A 15 5.56 7.43 -1.89
CA LEU A 15 4.89 6.15 -1.74
C LEU A 15 4.43 5.99 -0.30
N ARG A 16 5.38 5.89 0.61
CA ARG A 16 5.04 5.71 2.02
C ARG A 16 3.77 6.49 2.39
N VAL A 17 3.75 7.77 2.03
CA VAL A 17 2.59 8.62 2.32
C VAL A 17 1.37 8.08 1.59
N TRP A 18 1.55 7.57 0.38
CA TRP A 18 0.44 7.02 -0.38
C TRP A 18 -0.21 5.85 0.37
N LEU A 19 0.61 4.91 0.81
CA LEU A 19 0.11 3.73 1.50
C LEU A 19 -0.72 4.14 2.70
N VAL A 20 -0.11 4.85 3.63
CA VAL A 20 -0.83 5.27 4.82
C VAL A 20 -2.06 6.08 4.44
N ASP A 21 -1.86 7.05 3.55
CA ASP A 21 -2.97 7.89 3.12
C ASP A 21 -4.07 7.02 2.51
N CYS A 22 -3.68 5.95 1.83
CA CYS A 22 -4.64 5.06 1.21
C CYS A 22 -5.56 4.46 2.26
N VAL A 23 -4.96 3.91 3.31
CA VAL A 23 -5.74 3.28 4.36
C VAL A 23 -6.64 4.30 5.04
N ALA A 24 -6.06 5.44 5.42
CA ALA A 24 -6.82 6.50 6.08
C ALA A 24 -8.09 6.79 5.29
N GLY A 25 -7.94 7.01 4.00
CA GLY A 25 -9.10 7.29 3.15
C GLY A 25 -10.05 6.11 3.13
N HIS A 26 -9.50 4.90 3.01
CA HIS A 26 -10.33 3.70 2.96
C HIS A 26 -11.25 3.62 4.18
N LEU A 27 -10.66 3.71 5.38
CA LEU A 27 -11.46 3.63 6.60
C LEU A 27 -12.01 5.01 6.97
N GLY A 28 -11.23 6.05 6.71
CA GLY A 28 -11.64 7.42 7.01
C GLY A 28 -10.99 7.92 8.30
N LEU A 29 -10.22 7.04 8.96
CA LEU A 29 -9.55 7.41 10.20
C LEU A 29 -8.41 8.38 9.92
N ASP A 30 -7.67 8.74 10.96
CA ASP A 30 -6.55 9.67 10.83
C ASP A 30 -5.29 8.94 10.38
N ALA A 31 -4.66 9.45 9.33
CA ALA A 31 -3.44 8.85 8.81
C ALA A 31 -2.35 8.79 9.87
N ALA A 32 -2.29 9.81 10.71
CA ALA A 32 -1.29 9.87 11.77
C ALA A 32 -1.42 8.70 12.72
N THR A 33 -2.62 8.13 12.80
CA THR A 33 -2.86 7.01 13.69
C THR A 33 -3.51 5.85 12.96
N ILE A 34 -3.03 5.59 11.75
CA ILE A 34 -3.59 4.48 10.98
C ILE A 34 -3.06 3.15 11.51
N ALA A 35 -1.80 2.87 11.18
CA ALA A 35 -1.18 1.62 11.58
C ALA A 35 0.10 1.40 10.79
N THR A 36 0.70 2.47 10.29
CA THR A 36 1.92 2.35 9.51
C THR A 36 2.85 1.29 10.09
N ASP A 37 2.86 1.17 11.41
CA ASP A 37 3.70 0.18 12.06
C ASP A 37 2.89 -1.08 12.39
N LEU A 38 1.56 -0.94 12.38
CA LEU A 38 0.68 -2.07 12.68
C LEU A 38 0.13 -2.68 11.38
N PRO A 39 -0.19 -3.95 11.41
CA PRO A 39 -0.74 -4.65 10.22
C PRO A 39 -2.12 -4.14 9.85
N LEU A 40 -2.65 -4.65 8.75
CA LEU A 40 -3.98 -4.27 8.29
C LEU A 40 -5.06 -4.93 9.13
N THR A 41 -4.70 -6.03 9.78
CA THR A 41 -5.66 -6.77 10.58
C THR A 41 -6.28 -5.86 11.62
N SER A 42 -5.51 -4.90 12.10
CA SER A 42 -6.00 -3.97 13.12
C SER A 42 -7.38 -3.44 12.74
N TYR A 43 -7.63 -3.29 11.44
CA TYR A 43 -8.90 -2.79 10.97
C TYR A 43 -10.00 -3.82 11.16
N GLY A 44 -9.61 -5.00 11.62
CA GLY A 44 -10.59 -6.05 11.88
C GLY A 44 -11.33 -6.42 10.60
N LEU A 45 -10.69 -6.17 9.46
CA LEU A 45 -11.30 -6.48 8.18
C LEU A 45 -11.33 -7.98 7.92
N ASP A 46 -12.39 -8.45 7.28
CA ASP A 46 -12.51 -9.86 6.97
C ASP A 46 -11.53 -10.25 5.86
N SER A 47 -11.32 -11.54 5.69
CA SER A 47 -10.41 -12.04 4.66
C SER A 47 -10.89 -11.64 3.27
N VAL A 48 -12.21 -11.58 3.10
CA VAL A 48 -12.78 -11.20 1.82
C VAL A 48 -12.53 -9.73 1.52
N TYR A 49 -12.33 -8.96 2.58
CA TYR A 49 -12.09 -7.52 2.42
C TYR A 49 -10.75 -7.28 1.71
N ALA A 50 -9.70 -7.92 2.20
CA ALA A 50 -8.38 -7.75 1.61
C ALA A 50 -8.43 -7.96 0.11
N LEU A 51 -9.25 -8.90 -0.32
CA LEU A 51 -9.36 -9.20 -1.74
C LEU A 51 -9.76 -7.95 -2.52
N SER A 52 -10.88 -7.35 -2.15
CA SER A 52 -11.35 -6.15 -2.82
C SER A 52 -10.38 -4.99 -2.60
N ILE A 53 -9.96 -4.82 -1.36
CA ILE A 53 -9.05 -3.73 -1.03
C ILE A 53 -7.74 -3.88 -1.78
N ALA A 54 -7.04 -4.98 -1.52
CA ALA A 54 -5.76 -5.23 -2.18
C ALA A 54 -5.88 -4.99 -3.68
N ALA A 55 -7.03 -5.35 -4.24
CA ALA A 55 -7.26 -5.16 -5.68
C ALA A 55 -7.34 -3.67 -6.02
N GLU A 56 -8.08 -2.91 -5.21
CA GLU A 56 -8.23 -1.48 -5.45
C GLU A 56 -6.88 -0.77 -5.33
N LEU A 57 -6.16 -1.06 -4.26
CA LEU A 57 -4.87 -0.43 -4.04
C LEU A 57 -3.95 -0.67 -5.22
N GLU A 58 -3.57 -1.93 -5.43
CA GLU A 58 -2.66 -2.24 -6.53
C GLU A 58 -3.20 -1.72 -7.85
N ASP A 59 -4.52 -1.76 -8.00
CA ASP A 59 -5.15 -1.28 -9.23
C ASP A 59 -4.81 0.18 -9.47
N HIS A 60 -4.54 0.90 -8.38
CA HIS A 60 -4.18 2.32 -8.49
C HIS A 60 -2.73 2.49 -8.93
N LEU A 61 -1.87 1.59 -8.45
CA LEU A 61 -0.45 1.65 -8.78
C LEU A 61 -0.17 1.03 -10.11
N ASP A 62 -1.01 0.05 -10.51
CA ASP A 62 -0.83 -0.64 -11.78
C ASP A 62 0.09 -1.83 -11.60
N VAL A 63 -0.32 -2.74 -10.72
CA VAL A 63 0.48 -3.93 -10.42
C VAL A 63 -0.39 -5.07 -9.90
N SER A 64 0.16 -6.28 -9.91
CA SER A 64 -0.59 -7.45 -9.42
C SER A 64 0.04 -7.96 -8.14
N LEU A 65 -0.80 -8.23 -7.14
CA LEU A 65 -0.32 -8.70 -5.85
C LEU A 65 -0.52 -10.21 -5.73
N ASP A 66 0.31 -10.85 -4.92
CA ASP A 66 0.22 -12.30 -4.73
C ASP A 66 -0.59 -12.63 -3.49
N PRO A 67 -1.13 -13.81 -3.40
CA PRO A 67 -1.95 -14.25 -2.24
C PRO A 67 -1.17 -14.26 -0.93
N THR A 68 -0.29 -15.25 -0.78
CA THR A 68 0.51 -15.38 0.43
C THR A 68 1.40 -14.15 0.60
N LEU A 69 1.55 -13.38 -0.46
CA LEU A 69 2.38 -12.18 -0.41
C LEU A 69 1.68 -11.08 0.40
N ILE A 70 0.39 -10.92 0.18
CA ILE A 70 -0.37 -9.88 0.88
C ILE A 70 -0.22 -10.06 2.38
N TRP A 71 -0.25 -11.30 2.84
CA TRP A 71 -0.11 -11.59 4.26
C TRP A 71 1.35 -11.53 4.67
N ASP A 72 2.24 -11.33 3.70
CA ASP A 72 3.68 -11.26 3.97
C ASP A 72 4.09 -9.82 4.28
N HIS A 73 3.43 -8.86 3.61
CA HIS A 73 3.71 -7.44 3.82
C HIS A 73 2.45 -6.71 4.27
N PRO A 74 1.85 -7.15 5.35
CA PRO A 74 0.62 -6.53 5.91
C PRO A 74 0.89 -5.17 6.53
N THR A 75 2.16 -4.76 6.53
CA THR A 75 2.55 -3.48 7.10
C THR A 75 3.06 -2.54 6.01
N ILE A 76 2.90 -1.24 6.27
CA ILE A 76 3.35 -0.23 5.31
C ILE A 76 4.86 -0.31 5.12
N ASP A 77 5.58 -0.49 6.22
CA ASP A 77 7.04 -0.57 6.16
C ASP A 77 7.46 -1.61 5.13
N ALA A 78 6.84 -2.79 5.20
CA ALA A 78 7.17 -3.86 4.26
C ALA A 78 6.67 -3.52 2.87
N LEU A 79 5.42 -3.07 2.80
CA LEU A 79 4.83 -2.75 1.51
C LEU A 79 5.61 -1.62 0.84
N SER A 80 5.92 -0.59 1.60
CA SER A 80 6.65 0.55 1.07
C SER A 80 8.00 0.09 0.52
N THR A 81 8.71 -0.70 1.31
CA THR A 81 10.02 -1.20 0.89
C THR A 81 9.88 -1.98 -0.42
N ALA A 82 8.84 -2.78 -0.51
CA ALA A 82 8.61 -3.55 -1.72
C ALA A 82 8.21 -2.65 -2.89
N LEU A 83 7.36 -1.65 -2.62
CA LEU A 83 6.91 -0.75 -3.66
C LEU A 83 8.08 0.01 -4.26
N VAL A 84 8.90 0.61 -3.41
CA VAL A 84 10.04 1.37 -3.87
C VAL A 84 11.00 0.45 -4.61
N ALA A 85 11.05 -0.82 -4.18
CA ALA A 85 11.93 -1.79 -4.82
C ALA A 85 11.55 -1.94 -6.29
N GLU A 86 10.26 -1.86 -6.58
CA GLU A 86 9.78 -1.98 -7.96
C GLU A 86 10.47 -0.97 -8.85
N LEU A 87 11.05 0.06 -8.24
CA LEU A 87 11.74 1.11 -8.99
C LEU A 87 13.24 0.82 -9.06
N ARG A 88 13.72 -0.05 -8.18
CA ARG A 88 15.14 -0.39 -8.15
C ARG A 88 15.46 -1.46 -9.17
N SER A 89 16.52 -2.23 -8.90
CA SER A 89 16.94 -3.29 -9.81
C SER A 89 17.77 -4.33 -9.07
N ALA A 90 18.39 -3.91 -7.96
CA ALA A 90 19.21 -4.82 -7.18
C ALA A 90 20.16 -5.61 -8.08
N GLY A 1 -11.20 10.02 -16.51
CA GLY A 1 -11.17 8.84 -15.61
C GLY A 1 -9.85 8.10 -15.77
N HIS A 2 -9.71 6.98 -15.07
CA HIS A 2 -8.49 6.19 -15.14
C HIS A 2 -7.26 7.08 -15.04
N MET A 3 -6.74 7.24 -13.82
CA MET A 3 -5.58 8.09 -13.58
C MET A 3 -4.65 7.44 -12.54
N SER A 4 -4.50 8.11 -11.40
CA SER A 4 -3.65 7.60 -10.33
C SER A 4 -2.20 7.50 -10.81
N ASP A 5 -1.61 8.64 -11.13
CA ASP A 5 -0.22 8.68 -11.60
C ASP A 5 0.72 9.09 -10.48
N LEU A 6 0.15 9.42 -9.33
CA LEU A 6 0.95 9.84 -8.18
C LEU A 6 1.83 11.02 -8.55
N SER A 7 2.94 10.74 -9.24
CA SER A 7 3.86 11.80 -9.65
C SER A 7 4.81 11.26 -10.71
N THR A 8 5.45 12.16 -11.43
CA THR A 8 6.39 11.77 -12.47
C THR A 8 7.72 11.37 -11.83
N ALA A 9 7.65 10.65 -10.72
CA ALA A 9 8.85 10.21 -10.02
C ALA A 9 8.50 9.83 -8.57
N PRO A 10 7.73 8.81 -8.39
CA PRO A 10 7.32 8.34 -7.04
C PRO A 10 8.53 8.16 -6.11
N THR A 11 8.63 9.00 -5.10
CA THR A 11 9.74 8.93 -4.15
C THR A 11 9.31 8.16 -2.90
N LEU A 12 10.29 7.73 -2.12
CA LEU A 12 10.01 6.96 -0.92
C LEU A 12 8.96 7.67 -0.07
N ASP A 13 9.11 8.99 0.05
CA ASP A 13 8.16 9.75 0.83
C ASP A 13 6.80 9.79 0.14
N SER A 14 6.82 9.87 -1.19
CA SER A 14 5.58 9.92 -1.95
C SER A 14 4.82 8.61 -1.81
N LEU A 15 5.54 7.50 -1.83
CA LEU A 15 4.89 6.21 -1.69
C LEU A 15 4.42 6.02 -0.25
N ARG A 16 5.38 5.92 0.66
CA ARG A 16 5.06 5.70 2.07
C ARG A 16 3.80 6.48 2.46
N VAL A 17 3.79 7.78 2.16
CA VAL A 17 2.64 8.63 2.48
C VAL A 17 1.41 8.13 1.75
N TRP A 18 1.59 7.63 0.52
CA TRP A 18 0.46 7.12 -0.26
C TRP A 18 -0.20 5.95 0.48
N LEU A 19 0.60 4.98 0.88
CA LEU A 19 0.09 3.80 1.56
C LEU A 19 -0.73 4.20 2.78
N VAL A 20 -0.10 4.88 3.72
CA VAL A 20 -0.80 5.28 4.92
C VAL A 20 -2.00 6.15 4.56
N ASP A 21 -1.79 7.14 3.73
CA ASP A 21 -2.87 8.03 3.33
C ASP A 21 -4.00 7.24 2.68
N CYS A 22 -3.64 6.20 1.94
CA CYS A 22 -4.64 5.37 1.28
C CYS A 22 -5.55 4.72 2.31
N VAL A 23 -4.96 4.10 3.31
CA VAL A 23 -5.76 3.42 4.34
C VAL A 23 -6.64 4.45 5.06
N ALA A 24 -6.04 5.57 5.47
CA ALA A 24 -6.79 6.60 6.18
C ALA A 24 -8.05 6.95 5.41
N GLY A 25 -7.90 7.22 4.13
CA GLY A 25 -9.05 7.57 3.31
C GLY A 25 -10.04 6.40 3.24
N HIS A 26 -9.52 5.19 3.06
CA HIS A 26 -10.37 4.02 2.98
C HIS A 26 -11.27 3.90 4.19
N LEU A 27 -10.67 3.89 5.39
CA LEU A 27 -11.46 3.78 6.61
C LEU A 27 -12.02 5.15 7.02
N GLY A 28 -11.25 6.19 6.77
CA GLY A 28 -11.65 7.56 7.11
C GLY A 28 -10.99 8.02 8.43
N LEU A 29 -10.27 7.12 9.07
CA LEU A 29 -9.60 7.43 10.33
C LEU A 29 -8.46 8.40 10.10
N ASP A 30 -7.73 8.73 11.17
CA ASP A 30 -6.60 9.65 11.06
C ASP A 30 -5.34 8.92 10.60
N ALA A 31 -4.70 9.47 9.58
CA ALA A 31 -3.47 8.88 9.05
C ALA A 31 -2.39 8.80 10.11
N ALA A 32 -2.34 9.79 11.00
CA ALA A 32 -1.35 9.83 12.05
C ALA A 32 -1.51 8.66 13.02
N THR A 33 -2.66 7.99 12.95
CA THR A 33 -2.91 6.86 13.84
C THR A 33 -3.55 5.71 13.06
N ILE A 34 -3.10 5.52 11.83
CA ILE A 34 -3.67 4.44 11.03
C ILE A 34 -3.15 3.09 11.52
N ALA A 35 -1.90 2.82 11.21
CA ALA A 35 -1.28 1.56 11.58
C ALA A 35 0.03 1.37 10.83
N THR A 36 0.63 2.47 10.36
CA THR A 36 1.87 2.37 9.60
C THR A 36 2.79 1.30 10.17
N ASP A 37 2.81 1.17 11.49
CA ASP A 37 3.62 0.15 12.14
C ASP A 37 2.81 -1.10 12.42
N LEU A 38 1.49 -0.96 12.42
CA LEU A 38 0.60 -2.09 12.68
C LEU A 38 0.07 -2.69 11.37
N PRO A 39 -0.27 -3.96 11.38
CA PRO A 39 -0.82 -4.63 10.18
C PRO A 39 -2.22 -4.11 9.82
N LEU A 40 -2.78 -4.63 8.74
CA LEU A 40 -4.11 -4.23 8.30
C LEU A 40 -5.18 -4.81 9.22
N THR A 41 -4.84 -5.90 9.89
CA THR A 41 -5.80 -6.56 10.76
C THR A 41 -6.41 -5.58 11.73
N SER A 42 -5.62 -4.59 12.16
CA SER A 42 -6.11 -3.60 13.10
C SER A 42 -7.48 -3.07 12.68
N TYR A 43 -7.70 -2.98 11.37
CA TYR A 43 -8.98 -2.48 10.85
C TYR A 43 -10.09 -3.50 11.09
N GLY A 44 -9.71 -4.68 11.54
CA GLY A 44 -10.68 -5.72 11.83
C GLY A 44 -11.43 -6.14 10.57
N LEU A 45 -10.80 -5.95 9.42
CA LEU A 45 -11.43 -6.30 8.16
C LEU A 45 -11.37 -7.81 7.89
N ASP A 46 -12.44 -8.36 7.37
CA ASP A 46 -12.49 -9.78 7.07
C ASP A 46 -11.65 -10.09 5.83
N SER A 47 -11.51 -11.37 5.52
CA SER A 47 -10.73 -11.78 4.35
C SER A 47 -11.34 -11.19 3.07
N VAL A 48 -12.66 -11.04 3.07
CA VAL A 48 -13.37 -10.51 1.91
C VAL A 48 -12.76 -9.17 1.50
N TYR A 49 -12.11 -8.50 2.45
CA TYR A 49 -11.50 -7.21 2.17
C TYR A 49 -10.15 -7.41 1.48
N ALA A 50 -9.45 -8.47 1.82
CA ALA A 50 -8.14 -8.72 1.23
C ALA A 50 -8.19 -8.66 -0.29
N LEU A 51 -9.13 -9.37 -0.88
CA LEU A 51 -9.27 -9.39 -2.33
C LEU A 51 -9.68 -8.02 -2.85
N SER A 52 -10.64 -7.38 -2.17
CA SER A 52 -11.11 -6.06 -2.59
C SER A 52 -10.05 -4.99 -2.34
N ILE A 53 -9.56 -4.94 -1.11
CA ILE A 53 -8.55 -3.95 -0.75
C ILE A 53 -7.29 -4.16 -1.58
N ALA A 54 -6.71 -5.34 -1.47
CA ALA A 54 -5.49 -5.63 -2.23
C ALA A 54 -5.69 -5.28 -3.69
N ALA A 55 -6.86 -5.60 -4.23
CA ALA A 55 -7.16 -5.30 -5.62
C ALA A 55 -7.25 -3.79 -5.85
N GLU A 56 -7.79 -3.08 -4.88
CA GLU A 56 -7.94 -1.63 -5.00
C GLU A 56 -6.59 -0.91 -4.92
N LEU A 57 -5.83 -1.22 -3.88
CA LEU A 57 -4.53 -0.60 -3.68
C LEU A 57 -3.62 -0.89 -4.87
N GLU A 58 -3.50 -2.14 -5.23
CA GLU A 58 -2.64 -2.50 -6.36
C GLU A 58 -3.15 -1.90 -7.67
N ASP A 59 -4.47 -1.90 -7.84
CA ASP A 59 -5.06 -1.37 -9.07
C ASP A 59 -4.66 0.09 -9.26
N HIS A 60 -4.39 0.76 -8.15
CA HIS A 60 -3.97 2.17 -8.23
C HIS A 60 -2.53 2.30 -8.72
N LEU A 61 -1.68 1.35 -8.33
CA LEU A 61 -0.27 1.38 -8.72
C LEU A 61 -0.02 0.41 -9.86
N ASP A 62 -1.08 0.02 -10.57
CA ASP A 62 -0.94 -0.88 -11.70
C ASP A 62 0.05 -2.00 -11.40
N VAL A 63 -0.27 -2.83 -10.44
CA VAL A 63 0.60 -3.94 -10.07
C VAL A 63 -0.21 -5.13 -9.58
N SER A 64 0.38 -6.32 -9.65
CA SER A 64 -0.31 -7.53 -9.20
C SER A 64 0.45 -8.13 -8.03
N LEU A 65 -0.29 -8.58 -7.02
CA LEU A 65 0.33 -9.19 -5.83
C LEU A 65 -0.02 -10.66 -5.75
N ASP A 66 0.70 -11.38 -4.91
CA ASP A 66 0.46 -12.81 -4.75
C ASP A 66 -0.42 -13.09 -3.52
N PRO A 67 -0.96 -14.28 -3.43
CA PRO A 67 -1.83 -14.66 -2.27
C PRO A 67 -1.09 -14.59 -0.93
N THR A 68 -0.19 -15.54 -0.70
CA THR A 68 0.57 -15.59 0.53
C THR A 68 1.45 -14.36 0.66
N LEU A 69 1.60 -13.64 -0.42
CA LEU A 69 2.42 -12.43 -0.43
C LEU A 69 1.70 -11.30 0.31
N ILE A 70 0.40 -11.17 0.09
CA ILE A 70 -0.37 -10.13 0.74
C ILE A 70 -0.25 -10.25 2.26
N TRP A 71 -0.29 -11.48 2.74
CA TRP A 71 -0.16 -11.72 4.18
C TRP A 71 1.30 -11.61 4.61
N ASP A 72 2.19 -11.39 3.62
CA ASP A 72 3.63 -11.27 3.92
C ASP A 72 3.99 -9.81 4.19
N HIS A 73 3.32 -8.89 3.47
CA HIS A 73 3.56 -7.46 3.64
C HIS A 73 2.29 -6.74 4.12
N PRO A 74 1.71 -7.19 5.21
CA PRO A 74 0.47 -6.59 5.78
C PRO A 74 0.74 -5.22 6.40
N THR A 75 2.00 -4.80 6.36
CA THR A 75 2.39 -3.51 6.94
C THR A 75 2.86 -2.56 5.83
N ILE A 76 2.90 -1.27 6.17
CA ILE A 76 3.35 -0.26 5.22
C ILE A 76 4.84 -0.39 4.96
N ASP A 77 5.60 -0.64 6.01
CA ASP A 77 7.05 -0.75 5.89
C ASP A 77 7.42 -1.74 4.80
N ALA A 78 6.81 -2.92 4.83
CA ALA A 78 7.09 -3.94 3.83
C ALA A 78 6.52 -3.54 2.48
N LEU A 79 5.27 -3.12 2.47
CA LEU A 79 4.62 -2.76 1.22
C LEU A 79 5.37 -1.61 0.55
N SER A 80 5.73 -0.60 1.35
CA SER A 80 6.44 0.55 0.82
C SER A 80 7.77 0.11 0.23
N THR A 81 8.50 -0.70 0.98
CA THR A 81 9.80 -1.18 0.52
C THR A 81 9.65 -1.89 -0.82
N ALA A 82 8.61 -2.68 -0.95
CA ALA A 82 8.37 -3.39 -2.20
C ALA A 82 7.96 -2.42 -3.31
N LEU A 83 7.10 -1.45 -2.97
CA LEU A 83 6.65 -0.48 -3.96
C LEU A 83 7.81 0.32 -4.52
N VAL A 84 8.62 0.89 -3.63
CA VAL A 84 9.76 1.67 -4.08
C VAL A 84 10.69 0.79 -4.89
N ALA A 85 10.77 -0.49 -4.52
CA ALA A 85 11.62 -1.42 -5.24
C ALA A 85 11.24 -1.44 -6.71
N GLU A 86 9.95 -1.34 -6.99
CA GLU A 86 9.47 -1.34 -8.37
C GLU A 86 10.09 -0.18 -9.16
N LEU A 87 10.54 0.84 -8.44
CA LEU A 87 11.15 2.01 -9.08
C LEU A 87 12.67 1.89 -9.10
N ARG A 88 13.21 1.08 -8.19
CA ARG A 88 14.66 0.90 -8.11
C ARG A 88 15.18 0.30 -9.41
N SER A 89 14.46 -0.66 -9.96
CA SER A 89 14.88 -1.31 -11.20
C SER A 89 15.00 -0.28 -12.32
N ALA A 90 13.88 0.32 -12.69
CA ALA A 90 13.88 1.31 -13.75
C ALA A 90 14.82 2.47 -13.41
N GLY A 1 -2.85 23.64 -8.79
CA GLY A 1 -3.67 22.46 -9.21
C GLY A 1 -3.05 21.19 -8.65
N HIS A 2 -2.31 20.47 -9.49
CA HIS A 2 -1.67 19.23 -9.07
C HIS A 2 -2.60 18.41 -8.19
N MET A 3 -3.78 18.10 -8.71
CA MET A 3 -4.76 17.32 -7.97
C MET A 3 -4.23 15.93 -7.67
N SER A 4 -3.58 15.33 -8.67
CA SER A 4 -3.03 13.98 -8.50
C SER A 4 -2.38 13.51 -9.81
N ASP A 5 -1.12 13.13 -9.73
CA ASP A 5 -0.39 12.65 -10.89
C ASP A 5 0.87 11.90 -10.47
N LEU A 6 1.87 12.64 -10.01
CA LEU A 6 3.13 12.04 -9.59
C LEU A 6 3.88 11.45 -10.78
N SER A 7 5.14 11.82 -10.90
CA SER A 7 5.96 11.33 -11.99
C SER A 7 6.24 9.84 -11.81
N THR A 8 7.05 9.28 -12.69
CA THR A 8 7.40 7.86 -12.63
C THR A 8 8.64 7.64 -11.79
N ALA A 9 8.98 8.63 -10.97
CA ALA A 9 10.17 8.54 -10.11
C ALA A 9 9.82 8.97 -8.68
N PRO A 10 8.75 8.43 -8.15
CA PRO A 10 8.30 8.73 -6.75
C PRO A 10 9.37 8.36 -5.73
N THR A 11 9.42 9.10 -4.62
CA THR A 11 10.39 8.84 -3.56
C THR A 11 9.77 8.00 -2.45
N LEU A 12 10.59 7.26 -1.73
CA LEU A 12 10.11 6.41 -0.64
C LEU A 12 9.03 7.11 0.18
N ASP A 13 9.18 8.42 0.31
CA ASP A 13 8.21 9.20 1.07
C ASP A 13 6.89 9.30 0.33
N SER A 14 6.94 9.34 -1.00
CA SER A 14 5.73 9.45 -1.80
C SER A 14 4.89 8.19 -1.63
N LEU A 15 5.53 7.05 -1.55
CA LEU A 15 4.79 5.82 -1.41
C LEU A 15 4.31 5.70 0.01
N ARG A 16 5.24 5.57 0.94
CA ARG A 16 4.87 5.42 2.33
C ARG A 16 3.62 6.26 2.66
N VAL A 17 3.68 7.55 2.30
CA VAL A 17 2.55 8.44 2.55
C VAL A 17 1.31 7.94 1.80
N TRP A 18 1.50 7.46 0.57
CA TRP A 18 0.36 6.94 -0.20
C TRP A 18 -0.32 5.80 0.56
N LEU A 19 0.46 4.83 1.00
CA LEU A 19 -0.08 3.67 1.70
C LEU A 19 -0.89 4.10 2.90
N VAL A 20 -0.24 4.76 3.84
CA VAL A 20 -0.96 5.19 5.04
C VAL A 20 -2.10 6.13 4.67
N ASP A 21 -1.80 7.14 3.87
CA ASP A 21 -2.82 8.11 3.49
C ASP A 21 -3.96 7.40 2.77
N CYS A 22 -3.61 6.42 1.96
CA CYS A 22 -4.62 5.67 1.22
C CYS A 22 -5.53 4.92 2.18
N VAL A 23 -4.94 4.22 3.14
CA VAL A 23 -5.73 3.46 4.10
C VAL A 23 -6.63 4.41 4.89
N ALA A 24 -6.07 5.53 5.34
CA ALA A 24 -6.84 6.50 6.09
C ALA A 24 -8.10 6.88 5.33
N GLY A 25 -7.93 7.18 4.05
CA GLY A 25 -9.07 7.54 3.23
C GLY A 25 -10.08 6.40 3.14
N HIS A 26 -9.58 5.19 2.96
CA HIS A 26 -10.44 4.02 2.85
C HIS A 26 -11.34 3.89 4.08
N LEU A 27 -10.74 3.90 5.27
CA LEU A 27 -11.53 3.78 6.49
C LEU A 27 -12.10 5.14 6.91
N GLY A 28 -11.33 6.19 6.65
CA GLY A 28 -11.73 7.55 6.99
C GLY A 28 -11.09 8.01 8.31
N LEU A 29 -10.37 7.11 8.97
CA LEU A 29 -9.73 7.44 10.23
C LEU A 29 -8.56 8.39 10.00
N ASP A 30 -7.85 8.73 11.07
CA ASP A 30 -6.72 9.65 10.98
C ASP A 30 -5.46 8.94 10.51
N ALA A 31 -4.98 9.32 9.32
CA ALA A 31 -3.77 8.74 8.76
C ALA A 31 -2.60 8.90 9.70
N ALA A 32 -2.63 9.95 10.51
CA ALA A 32 -1.58 10.20 11.46
C ALA A 32 -1.26 8.97 12.28
N THR A 33 -2.29 8.23 12.67
CA THR A 33 -2.09 7.03 13.49
C THR A 33 -2.86 5.86 12.91
N ILE A 34 -2.95 5.80 11.61
CA ILE A 34 -3.67 4.71 11.01
C ILE A 34 -3.11 3.38 11.48
N ALA A 35 -1.89 3.11 11.08
CA ALA A 35 -1.26 1.87 11.42
C ALA A 35 0.16 1.83 10.88
N THR A 36 0.74 3.02 10.61
CA THR A 36 2.09 3.09 10.03
C THR A 36 2.97 1.99 10.60
N ASP A 37 2.91 1.78 11.91
CA ASP A 37 3.72 0.75 12.57
C ASP A 37 2.86 -0.44 12.99
N LEU A 38 1.75 -0.64 12.29
CA LEU A 38 0.85 -1.75 12.61
C LEU A 38 0.33 -2.41 11.34
N PRO A 39 0.02 -3.68 11.39
CA PRO A 39 -0.54 -4.43 10.23
C PRO A 39 -1.95 -3.98 9.89
N LEU A 40 -2.50 -4.56 8.83
CA LEU A 40 -3.85 -4.26 8.39
C LEU A 40 -4.87 -4.91 9.32
N THR A 41 -4.45 -5.98 9.98
CA THR A 41 -5.34 -6.72 10.87
C THR A 41 -6.01 -5.76 11.85
N SER A 42 -5.29 -4.71 12.23
CA SER A 42 -5.83 -3.72 13.15
C SER A 42 -7.25 -3.31 12.74
N TYR A 43 -7.52 -3.33 11.43
CA TYR A 43 -8.83 -2.95 10.91
C TYR A 43 -9.83 -4.08 11.10
N GLY A 44 -9.32 -5.26 11.41
CA GLY A 44 -10.20 -6.41 11.64
C GLY A 44 -10.96 -6.75 10.38
N LEU A 45 -10.45 -6.30 9.25
CA LEU A 45 -11.10 -6.58 7.96
C LEU A 45 -11.19 -8.08 7.68
N ASP A 46 -12.34 -8.50 7.16
CA ASP A 46 -12.51 -9.91 6.84
C ASP A 46 -11.52 -10.34 5.76
N SER A 47 -11.53 -11.64 5.44
CA SER A 47 -10.64 -12.17 4.42
C SER A 47 -11.05 -11.71 3.03
N VAL A 48 -12.36 -11.60 2.82
CA VAL A 48 -12.87 -11.17 1.53
C VAL A 48 -12.51 -9.71 1.26
N TYR A 49 -12.28 -8.97 2.33
CA TYR A 49 -11.94 -7.55 2.20
C TYR A 49 -10.59 -7.40 1.49
N ALA A 50 -9.59 -8.14 1.96
CA ALA A 50 -8.27 -8.06 1.39
C ALA A 50 -8.33 -8.14 -0.12
N LEU A 51 -9.21 -8.98 -0.63
CA LEU A 51 -9.35 -9.13 -2.07
C LEU A 51 -9.79 -7.81 -2.70
N SER A 52 -10.81 -7.20 -2.13
CA SER A 52 -11.32 -5.93 -2.65
C SER A 52 -10.31 -4.82 -2.45
N ILE A 53 -9.83 -4.68 -1.22
CA ILE A 53 -8.87 -3.64 -0.92
C ILE A 53 -7.57 -3.83 -1.70
N ALA A 54 -6.99 -5.01 -1.56
CA ALA A 54 -5.73 -5.30 -2.25
C ALA A 54 -5.88 -5.02 -3.74
N ALA A 55 -7.04 -5.38 -4.29
CA ALA A 55 -7.30 -5.15 -5.71
C ALA A 55 -7.33 -3.67 -6.03
N GLU A 56 -8.08 -2.91 -5.24
CA GLU A 56 -8.18 -1.46 -5.47
C GLU A 56 -6.82 -0.77 -5.29
N LEU A 57 -6.14 -1.12 -4.20
CA LEU A 57 -4.84 -0.53 -3.91
C LEU A 57 -3.87 -0.74 -5.06
N GLU A 58 -3.55 -1.99 -5.33
CA GLU A 58 -2.61 -2.30 -6.40
C GLU A 58 -3.11 -1.76 -7.74
N ASP A 59 -4.42 -1.78 -7.94
CA ASP A 59 -5.01 -1.30 -9.20
C ASP A 59 -4.65 0.16 -9.41
N HIS A 60 -4.44 0.89 -8.32
CA HIS A 60 -4.08 2.30 -8.42
C HIS A 60 -2.63 2.46 -8.90
N LEU A 61 -1.76 1.54 -8.48
CA LEU A 61 -0.34 1.60 -8.86
C LEU A 61 -0.07 0.65 -10.02
N ASP A 62 -1.13 0.27 -10.73
CA ASP A 62 -0.99 -0.62 -11.87
C ASP A 62 0.00 -1.73 -11.60
N VAL A 63 -0.34 -2.58 -10.64
CA VAL A 63 0.53 -3.70 -10.26
C VAL A 63 -0.31 -4.85 -9.72
N SER A 64 0.28 -6.04 -9.70
CA SER A 64 -0.41 -7.22 -9.19
C SER A 64 0.43 -7.85 -8.08
N LEU A 65 -0.24 -8.40 -7.08
CA LEU A 65 0.44 -9.03 -5.93
C LEU A 65 0.00 -10.48 -5.80
N ASP A 66 0.68 -11.21 -4.94
CA ASP A 66 0.36 -12.62 -4.71
C ASP A 66 -0.55 -12.78 -3.50
N PRO A 67 -1.25 -13.88 -3.41
CA PRO A 67 -2.17 -14.16 -2.27
C PRO A 67 -1.43 -14.30 -0.95
N THR A 68 -0.66 -15.37 -0.81
CA THR A 68 0.08 -15.62 0.43
C THR A 68 1.10 -14.51 0.65
N LEU A 69 1.39 -13.77 -0.41
CA LEU A 69 2.33 -12.66 -0.31
C LEU A 69 1.74 -11.50 0.50
N ILE A 70 0.47 -11.22 0.27
CA ILE A 70 -0.18 -10.12 0.99
C ILE A 70 -0.04 -10.32 2.49
N TRP A 71 -0.14 -11.56 2.93
CA TRP A 71 -0.03 -11.86 4.35
C TRP A 71 1.44 -11.79 4.78
N ASP A 72 2.35 -11.60 3.81
CA ASP A 72 3.78 -11.50 4.11
C ASP A 72 4.17 -10.05 4.36
N HIS A 73 3.50 -9.13 3.65
CA HIS A 73 3.76 -7.69 3.81
C HIS A 73 2.50 -6.97 4.30
N PRO A 74 1.94 -7.40 5.39
CA PRO A 74 0.72 -6.78 6.00
C PRO A 74 1.02 -5.42 6.62
N THR A 75 2.29 -5.02 6.59
CA THR A 75 2.71 -3.74 7.15
C THR A 75 3.03 -2.74 6.05
N ILE A 76 2.81 -1.47 6.36
CA ILE A 76 3.08 -0.41 5.41
C ILE A 76 4.57 -0.34 5.09
N ASP A 77 5.39 -0.44 6.12
CA ASP A 77 6.83 -0.38 5.94
C ASP A 77 7.28 -1.40 4.90
N ALA A 78 6.78 -2.62 5.03
CA ALA A 78 7.13 -3.68 4.10
C ALA A 78 6.53 -3.39 2.73
N LEU A 79 5.26 -3.03 2.71
CA LEU A 79 4.58 -2.78 1.45
C LEU A 79 5.29 -1.66 0.70
N SER A 80 5.64 -0.60 1.42
CA SER A 80 6.30 0.53 0.80
C SER A 80 7.64 0.10 0.22
N THR A 81 8.39 -0.68 0.99
CA THR A 81 9.70 -1.16 0.55
C THR A 81 9.56 -1.89 -0.79
N ALA A 82 8.51 -2.70 -0.90
CA ALA A 82 8.27 -3.44 -2.13
C ALA A 82 7.87 -2.48 -3.26
N LEU A 83 7.08 -1.46 -2.94
CA LEU A 83 6.64 -0.53 -3.96
C LEU A 83 7.82 0.21 -4.57
N VAL A 84 8.66 0.79 -3.72
CA VAL A 84 9.83 1.52 -4.20
C VAL A 84 10.75 0.56 -4.94
N ALA A 85 10.74 -0.70 -4.53
CA ALA A 85 11.60 -1.69 -5.17
C ALA A 85 11.24 -1.84 -6.65
N GLU A 86 9.95 -1.77 -6.93
CA GLU A 86 9.48 -1.87 -8.32
C GLU A 86 10.28 -0.93 -9.24
N LEU A 87 10.92 0.06 -8.64
CA LEU A 87 11.72 1.05 -9.38
C LEU A 87 13.19 0.71 -9.34
N ARG A 88 13.57 -0.19 -8.45
CA ARG A 88 14.96 -0.60 -8.31
C ARG A 88 15.23 -1.87 -9.11
N SER A 89 14.18 -2.45 -9.67
CA SER A 89 14.32 -3.66 -10.46
C SER A 89 13.13 -3.85 -11.39
N ALA A 90 13.32 -4.61 -12.45
CA ALA A 90 12.26 -4.85 -13.42
C ALA A 90 11.07 -5.53 -12.74
N GLY A 1 1.81 3.58 -16.38
CA GLY A 1 2.02 3.39 -17.86
C GLY A 1 1.94 1.91 -18.19
N HIS A 2 2.68 1.50 -19.22
CA HIS A 2 2.67 0.10 -19.64
C HIS A 2 3.17 -0.80 -18.51
N MET A 3 4.26 -0.40 -17.88
CA MET A 3 4.82 -1.17 -16.77
C MET A 3 5.94 -0.41 -16.08
N SER A 4 5.77 -0.15 -14.79
CA SER A 4 6.77 0.59 -14.02
C SER A 4 7.15 1.86 -14.76
N ASP A 5 8.00 2.69 -14.13
CA ASP A 5 8.45 3.94 -14.71
C ASP A 5 7.33 4.97 -14.66
N LEU A 6 6.89 5.32 -13.45
CA LEU A 6 5.85 6.31 -13.29
C LEU A 6 6.35 7.71 -13.65
N SER A 7 5.54 8.72 -13.34
CA SER A 7 5.89 10.11 -13.62
C SER A 7 6.41 10.75 -12.36
N THR A 8 6.83 12.01 -12.47
CA THR A 8 7.38 12.75 -11.32
C THR A 8 8.45 11.93 -10.59
N ALA A 9 8.62 10.68 -11.04
CA ALA A 9 9.58 9.79 -10.42
C ALA A 9 9.18 9.53 -8.96
N PRO A 10 8.48 8.45 -8.70
CA PRO A 10 8.02 8.11 -7.32
C PRO A 10 9.17 8.18 -6.32
N THR A 11 8.89 8.75 -5.15
CA THR A 11 9.89 8.88 -4.09
C THR A 11 9.46 8.11 -2.85
N LEU A 12 10.43 7.68 -2.06
CA LEU A 12 10.13 6.91 -0.86
C LEU A 12 9.06 7.61 -0.03
N ASP A 13 9.18 8.92 0.07
CA ASP A 13 8.21 9.69 0.84
C ASP A 13 6.87 9.71 0.12
N SER A 14 6.90 9.77 -1.21
CA SER A 14 5.67 9.79 -1.99
C SER A 14 4.92 8.48 -1.84
N LEU A 15 5.65 7.38 -1.82
CA LEU A 15 5.02 6.08 -1.67
C LEU A 15 4.54 5.92 -0.23
N ARG A 16 5.48 5.82 0.68
CA ARG A 16 5.13 5.63 2.09
C ARG A 16 3.86 6.40 2.44
N VAL A 17 3.83 7.69 2.11
CA VAL A 17 2.66 8.53 2.39
C VAL A 17 1.44 7.99 1.64
N TRP A 18 1.66 7.47 0.43
CA TRP A 18 0.56 6.93 -0.35
C TRP A 18 -0.10 5.75 0.38
N LEU A 19 0.72 4.80 0.80
CA LEU A 19 0.22 3.61 1.48
C LEU A 19 -0.64 4.00 2.68
N VAL A 20 -0.04 4.72 3.62
CA VAL A 20 -0.77 5.12 4.80
C VAL A 20 -1.99 5.95 4.41
N ASP A 21 -1.78 6.93 3.55
CA ASP A 21 -2.89 7.78 3.12
C ASP A 21 -3.98 6.95 2.46
N CYS A 22 -3.56 5.92 1.73
CA CYS A 22 -4.52 5.05 1.06
C CYS A 22 -5.47 4.43 2.07
N VAL A 23 -4.92 3.82 3.11
CA VAL A 23 -5.77 3.19 4.13
C VAL A 23 -6.64 4.23 4.81
N ALA A 24 -6.04 5.33 5.27
CA ALA A 24 -6.79 6.38 5.95
C ALA A 24 -8.05 6.72 5.17
N GLY A 25 -7.88 7.03 3.89
CA GLY A 25 -9.01 7.40 3.06
C GLY A 25 -10.01 6.25 2.96
N HIS A 26 -9.49 5.04 2.77
CA HIS A 26 -10.35 3.87 2.65
C HIS A 26 -11.25 3.72 3.87
N LEU A 27 -10.67 3.74 5.06
CA LEU A 27 -11.46 3.61 6.28
C LEU A 27 -12.06 4.95 6.70
N GLY A 28 -11.31 6.02 6.46
CA GLY A 28 -11.76 7.37 6.80
C GLY A 28 -11.15 7.82 8.13
N LEU A 29 -10.41 6.93 8.79
CA LEU A 29 -9.79 7.25 10.06
C LEU A 29 -8.64 8.23 9.86
N ASP A 30 -7.94 8.56 10.94
CA ASP A 30 -6.81 9.48 10.87
C ASP A 30 -5.55 8.76 10.43
N ALA A 31 -4.90 9.30 9.40
CA ALA A 31 -3.67 8.70 8.88
C ALA A 31 -2.59 8.62 9.96
N ALA A 32 -2.56 9.62 10.83
CA ALA A 32 -1.57 9.68 11.89
C ALA A 32 -1.72 8.50 12.85
N THR A 33 -2.89 7.88 12.85
CA THR A 33 -3.15 6.75 13.74
C THR A 33 -3.75 5.59 12.96
N ILE A 34 -3.27 5.38 11.75
CA ILE A 34 -3.79 4.26 10.96
C ILE A 34 -3.22 2.95 11.47
N ALA A 35 -1.96 2.71 11.14
CA ALA A 35 -1.30 1.48 11.52
C ALA A 35 0.03 1.35 10.80
N THR A 36 0.60 2.47 10.34
CA THR A 36 1.86 2.43 9.61
C THR A 36 2.79 1.37 10.17
N ASP A 37 2.81 1.22 11.49
CA ASP A 37 3.65 0.22 12.13
C ASP A 37 2.87 -1.05 12.40
N LEU A 38 1.54 -0.95 12.38
CA LEU A 38 0.69 -2.11 12.64
C LEU A 38 0.17 -2.71 11.34
N PRO A 39 -0.18 -3.97 11.37
CA PRO A 39 -0.73 -4.68 10.18
C PRO A 39 -2.11 -4.13 9.79
N LEU A 40 -2.62 -4.61 8.67
CA LEU A 40 -3.94 -4.20 8.20
C LEU A 40 -5.04 -4.83 9.04
N THR A 41 -4.71 -5.96 9.67
CA THR A 41 -5.68 -6.68 10.48
C THR A 41 -6.30 -5.75 11.49
N SER A 42 -5.51 -4.81 12.01
CA SER A 42 -6.01 -3.87 13.01
C SER A 42 -7.39 -3.34 12.62
N TYR A 43 -7.63 -3.20 11.33
CA TYR A 43 -8.91 -2.67 10.84
C TYR A 43 -10.02 -3.70 11.07
N GLY A 44 -9.65 -4.87 11.56
CA GLY A 44 -10.62 -5.91 11.84
C GLY A 44 -11.34 -6.34 10.57
N LEU A 45 -10.70 -6.11 9.44
CA LEU A 45 -11.29 -6.48 8.17
C LEU A 45 -11.22 -7.99 7.90
N ASP A 46 -12.29 -8.53 7.34
CA ASP A 46 -12.31 -9.95 7.04
C ASP A 46 -11.33 -10.28 5.92
N SER A 47 -11.10 -11.57 5.69
CA SER A 47 -10.17 -12.00 4.64
C SER A 47 -10.71 -11.61 3.26
N VAL A 48 -12.03 -11.62 3.13
CA VAL A 48 -12.65 -11.25 1.86
C VAL A 48 -12.44 -9.78 1.57
N TYR A 49 -12.23 -8.99 2.61
CA TYR A 49 -12.03 -7.57 2.44
C TYR A 49 -10.70 -7.29 1.74
N ALA A 50 -9.65 -7.97 2.20
CA ALA A 50 -8.32 -7.77 1.63
C ALA A 50 -8.40 -7.84 0.12
N LEU A 51 -9.28 -8.69 -0.39
CA LEU A 51 -9.42 -8.83 -1.83
C LEU A 51 -9.85 -7.51 -2.46
N SER A 52 -10.89 -6.90 -1.91
CA SER A 52 -11.38 -5.62 -2.42
C SER A 52 -10.36 -4.53 -2.21
N ILE A 53 -9.84 -4.43 -0.99
CA ILE A 53 -8.86 -3.40 -0.66
C ILE A 53 -7.59 -3.61 -1.48
N ALA A 54 -7.04 -4.80 -1.41
CA ALA A 54 -5.82 -5.10 -2.14
C ALA A 54 -5.99 -4.72 -3.60
N ALA A 55 -7.18 -5.00 -4.15
CA ALA A 55 -7.47 -4.69 -5.55
C ALA A 55 -7.32 -3.20 -5.83
N GLU A 56 -8.12 -2.38 -5.16
CA GLU A 56 -8.07 -0.94 -5.39
C GLU A 56 -6.65 -0.40 -5.14
N LEU A 57 -6.02 -0.88 -4.07
CA LEU A 57 -4.66 -0.44 -3.73
C LEU A 57 -3.68 -0.71 -4.87
N GLU A 58 -3.60 -1.96 -5.26
CA GLU A 58 -2.67 -2.33 -6.33
C GLU A 58 -3.19 -1.86 -7.68
N ASP A 59 -4.50 -1.99 -7.87
CA ASP A 59 -5.13 -1.58 -9.13
C ASP A 59 -4.89 -0.10 -9.39
N HIS A 60 -4.62 0.64 -8.32
CA HIS A 60 -4.35 2.07 -8.44
C HIS A 60 -3.06 2.33 -9.18
N LEU A 61 -2.05 1.51 -8.90
CA LEU A 61 -0.71 1.69 -9.47
C LEU A 61 -0.45 0.66 -10.55
N ASP A 62 -1.50 0.21 -11.22
CA ASP A 62 -1.34 -0.78 -12.28
C ASP A 62 -0.36 -1.88 -11.87
N VAL A 63 -0.72 -2.61 -10.83
CA VAL A 63 0.13 -3.69 -10.33
C VAL A 63 -0.71 -4.80 -9.73
N SER A 64 -0.15 -6.01 -9.67
CA SER A 64 -0.86 -7.16 -9.12
C SER A 64 -0.11 -7.69 -7.91
N LEU A 65 -0.87 -8.12 -6.89
CA LEU A 65 -0.27 -8.65 -5.66
C LEU A 65 -0.49 -10.15 -5.57
N ASP A 66 0.32 -10.82 -4.76
CA ASP A 66 0.21 -12.26 -4.59
C ASP A 66 -0.62 -12.59 -3.35
N PRO A 67 -1.17 -13.77 -3.29
CA PRO A 67 -2.02 -14.20 -2.13
C PRO A 67 -1.23 -14.26 -0.83
N THR A 68 -0.38 -15.28 -0.71
CA THR A 68 0.42 -15.46 0.50
C THR A 68 1.33 -14.27 0.73
N LEU A 69 1.53 -13.48 -0.33
CA LEU A 69 2.38 -12.30 -0.23
C LEU A 69 1.71 -11.20 0.58
N ILE A 70 0.43 -10.98 0.33
CA ILE A 70 -0.30 -9.95 1.05
C ILE A 70 -0.17 -10.14 2.56
N TRP A 71 -0.19 -11.39 2.99
CA TRP A 71 -0.07 -11.69 4.41
C TRP A 71 1.40 -11.65 4.84
N ASP A 72 2.29 -11.46 3.87
CA ASP A 72 3.73 -11.39 4.16
C ASP A 72 4.15 -9.96 4.44
N HIS A 73 3.52 -9.02 3.73
CA HIS A 73 3.81 -7.59 3.91
C HIS A 73 2.55 -6.82 4.33
N PRO A 74 1.92 -7.24 5.40
CA PRO A 74 0.69 -6.59 5.92
C PRO A 74 0.98 -5.23 6.55
N THR A 75 2.25 -4.83 6.51
CA THR A 75 2.66 -3.55 7.08
C THR A 75 3.17 -2.61 5.99
N ILE A 76 3.04 -1.32 6.24
CA ILE A 76 3.49 -0.31 5.29
C ILE A 76 4.99 -0.42 5.10
N ASP A 77 5.71 -0.63 6.19
CA ASP A 77 7.17 -0.72 6.11
C ASP A 77 7.60 -1.72 5.05
N ALA A 78 7.03 -2.92 5.11
CA ALA A 78 7.37 -3.95 4.13
C ALA A 78 6.84 -3.58 2.76
N LEU A 79 5.58 -3.14 2.71
CA LEU A 79 4.98 -2.78 1.44
C LEU A 79 5.74 -1.64 0.78
N SER A 80 6.07 -0.63 1.56
CA SER A 80 6.79 0.52 1.04
C SER A 80 8.13 0.09 0.47
N THR A 81 8.85 -0.73 1.23
CA THR A 81 10.16 -1.21 0.79
C THR A 81 10.02 -1.96 -0.53
N ALA A 82 8.99 -2.78 -0.63
CA ALA A 82 8.75 -3.53 -1.85
C ALA A 82 8.34 -2.61 -3.00
N LEU A 83 7.47 -1.65 -2.70
CA LEU A 83 6.98 -0.72 -3.72
C LEU A 83 8.13 0.08 -4.31
N VAL A 84 8.92 0.70 -3.44
CA VAL A 84 10.06 1.49 -3.90
C VAL A 84 11.03 0.61 -4.67
N ALA A 85 11.11 -0.65 -4.28
CA ALA A 85 12.01 -1.58 -4.95
C ALA A 85 11.62 -1.70 -6.41
N GLU A 86 10.33 -1.65 -6.69
CA GLU A 86 9.85 -1.74 -8.07
C GLU A 86 10.47 -0.64 -8.92
N LEU A 87 10.96 0.41 -8.26
CA LEU A 87 11.59 1.53 -8.98
C LEU A 87 13.09 1.31 -9.13
N ARG A 88 13.64 0.42 -8.32
CA ARG A 88 15.07 0.14 -8.37
C ARG A 88 15.35 -1.05 -9.29
N SER A 89 14.32 -1.49 -10.01
CA SER A 89 14.47 -2.62 -10.92
C SER A 89 13.36 -2.61 -11.97
N ALA A 90 13.63 -3.24 -13.11
CA ALA A 90 12.64 -3.30 -14.19
C ALA A 90 13.07 -4.32 -15.24
N GLY A 1 5.90 23.44 -15.81
CA GLY A 1 6.88 23.26 -14.71
C GLY A 1 7.19 21.77 -14.53
N HIS A 2 8.11 21.26 -15.35
CA HIS A 2 8.49 19.85 -15.27
C HIS A 2 7.26 18.96 -15.44
N MET A 3 7.49 17.66 -15.61
CA MET A 3 6.39 16.72 -15.78
C MET A 3 5.55 16.64 -14.51
N SER A 4 6.09 15.97 -13.48
CA SER A 4 5.38 15.82 -12.23
C SER A 4 6.36 15.50 -11.10
N ASP A 5 5.86 15.56 -9.86
CA ASP A 5 6.70 15.27 -8.71
C ASP A 5 6.78 13.76 -8.47
N LEU A 6 6.24 12.99 -9.40
CA LEU A 6 6.27 11.53 -9.29
C LEU A 6 6.68 10.89 -10.61
N SER A 7 5.98 11.25 -11.69
CA SER A 7 6.27 10.69 -13.00
C SER A 7 6.64 9.22 -12.90
N THR A 8 7.33 8.72 -13.92
CA THR A 8 7.74 7.32 -13.92
C THR A 8 8.89 7.11 -12.94
N ALA A 9 9.06 8.07 -12.05
CA ALA A 9 10.14 7.99 -11.04
C ALA A 9 9.65 8.53 -9.70
N PRO A 10 8.81 7.77 -9.04
CA PRO A 10 8.26 8.15 -7.70
C PRO A 10 9.34 8.15 -6.62
N THR A 11 9.02 8.73 -5.46
CA THR A 11 9.97 8.78 -4.35
C THR A 11 9.39 8.05 -3.13
N LEU A 12 10.28 7.53 -2.30
CA LEU A 12 9.86 6.78 -1.12
C LEU A 12 8.81 7.55 -0.34
N ASP A 13 8.98 8.86 -0.28
CA ASP A 13 8.03 9.69 0.45
C ASP A 13 6.66 9.68 -0.21
N SER A 14 6.64 9.75 -1.55
CA SER A 14 5.37 9.73 -2.26
C SER A 14 4.64 8.42 -2.06
N LEU A 15 5.38 7.32 -2.02
CA LEU A 15 4.74 6.03 -1.83
C LEU A 15 4.33 5.89 -0.36
N ARG A 16 5.30 5.82 0.52
CA ARG A 16 5.00 5.66 1.94
C ARG A 16 3.75 6.44 2.32
N VAL A 17 3.71 7.73 1.97
CA VAL A 17 2.56 8.57 2.28
C VAL A 17 1.31 8.02 1.58
N TRP A 18 1.48 7.50 0.35
CA TRP A 18 0.33 6.94 -0.39
C TRP A 18 -0.31 5.79 0.39
N LEU A 19 0.51 4.84 0.83
CA LEU A 19 0.04 3.67 1.55
C LEU A 19 -0.76 4.10 2.78
N VAL A 20 -0.12 4.85 3.67
CA VAL A 20 -0.81 5.29 4.86
C VAL A 20 -2.03 6.13 4.51
N ASP A 21 -1.83 7.11 3.65
CA ASP A 21 -2.92 7.98 3.25
C ASP A 21 -4.03 7.18 2.59
N CYS A 22 -3.65 6.15 1.86
CA CYS A 22 -4.63 5.31 1.18
C CYS A 22 -5.56 4.66 2.19
N VAL A 23 -4.99 4.04 3.22
CA VAL A 23 -5.80 3.39 4.24
C VAL A 23 -6.67 4.43 4.96
N ALA A 24 -6.06 5.53 5.38
CA ALA A 24 -6.80 6.57 6.10
C ALA A 24 -8.06 6.92 5.34
N GLY A 25 -7.91 7.19 4.05
CA GLY A 25 -9.06 7.55 3.23
C GLY A 25 -10.06 6.40 3.16
N HIS A 26 -9.55 5.17 3.01
CA HIS A 26 -10.42 4.00 2.94
C HIS A 26 -11.30 3.87 4.17
N LEU A 27 -10.68 3.91 5.36
CA LEU A 27 -11.45 3.79 6.59
C LEU A 27 -12.01 5.15 7.03
N GLY A 28 -11.25 6.21 6.76
CA GLY A 28 -11.64 7.57 7.14
C GLY A 28 -10.93 8.02 8.41
N LEU A 29 -10.16 7.13 9.02
CA LEU A 29 -9.44 7.45 10.25
C LEU A 29 -8.28 8.41 9.95
N ASP A 30 -7.51 8.74 10.99
CA ASP A 30 -6.37 9.64 10.82
C ASP A 30 -5.13 8.89 10.36
N ALA A 31 -4.47 9.40 9.33
CA ALA A 31 -3.28 8.77 8.79
C ALA A 31 -2.19 8.64 9.86
N ALA A 32 -2.06 9.64 10.70
CA ALA A 32 -1.07 9.63 11.76
C ALA A 32 -1.29 8.45 12.70
N THR A 33 -2.51 7.95 12.76
CA THR A 33 -2.82 6.83 13.65
C THR A 33 -3.48 5.70 12.87
N ILE A 34 -2.98 5.42 11.67
CA ILE A 34 -3.54 4.33 10.89
C ILE A 34 -3.05 2.99 11.39
N ALA A 35 -1.80 2.67 11.07
CA ALA A 35 -1.21 1.41 11.46
C ALA A 35 0.09 1.18 10.70
N THR A 36 0.70 2.26 10.21
CA THR A 36 1.95 2.14 9.44
C THR A 36 2.85 1.06 10.01
N ASP A 37 2.88 0.94 11.34
CA ASP A 37 3.70 -0.08 11.98
C ASP A 37 2.85 -1.30 12.33
N LEU A 38 1.53 -1.13 12.37
CA LEU A 38 0.63 -2.23 12.70
C LEU A 38 0.09 -2.90 11.44
N PRO A 39 -0.25 -4.16 11.53
CA PRO A 39 -0.80 -4.91 10.36
C PRO A 39 -2.16 -4.39 9.94
N LEU A 40 -2.65 -4.89 8.81
CA LEU A 40 -3.96 -4.47 8.30
C LEU A 40 -5.08 -5.04 9.16
N THR A 41 -4.78 -6.15 9.84
CA THR A 41 -5.78 -6.81 10.67
C THR A 41 -6.39 -5.81 11.63
N SER A 42 -5.59 -4.89 12.12
CA SER A 42 -6.06 -3.89 13.06
C SER A 42 -7.36 -3.24 12.56
N TYR A 43 -7.54 -3.20 11.24
CA TYR A 43 -8.74 -2.61 10.65
C TYR A 43 -9.96 -3.48 10.91
N GLY A 44 -9.73 -4.65 11.49
CA GLY A 44 -10.82 -5.55 11.80
C GLY A 44 -11.50 -6.03 10.52
N LEU A 45 -10.78 -5.94 9.41
CA LEU A 45 -11.30 -6.39 8.12
C LEU A 45 -11.40 -7.91 8.07
N ASP A 46 -12.04 -8.43 7.02
CA ASP A 46 -12.17 -9.88 6.86
C ASP A 46 -11.19 -10.37 5.78
N SER A 47 -11.26 -11.66 5.47
CA SER A 47 -10.39 -12.25 4.46
C SER A 47 -10.79 -11.80 3.05
N VAL A 48 -12.10 -11.67 2.84
CA VAL A 48 -12.61 -11.26 1.53
C VAL A 48 -12.34 -9.77 1.31
N TYR A 49 -12.18 -9.03 2.39
CA TYR A 49 -11.93 -7.60 2.29
C TYR A 49 -10.58 -7.35 1.61
N ALA A 50 -9.55 -8.02 2.09
CA ALA A 50 -8.21 -7.84 1.53
C ALA A 50 -8.23 -8.03 0.03
N LEU A 51 -9.04 -8.98 -0.43
CA LEU A 51 -9.14 -9.25 -1.86
C LEU A 51 -9.64 -8.03 -2.61
N SER A 52 -10.77 -7.48 -2.14
CA SER A 52 -11.34 -6.31 -2.79
C SER A 52 -10.43 -5.10 -2.62
N ILE A 53 -9.96 -4.89 -1.40
CA ILE A 53 -9.08 -3.77 -1.11
C ILE A 53 -7.77 -3.91 -1.86
N ALA A 54 -7.07 -5.01 -1.61
CA ALA A 54 -5.80 -5.24 -2.27
C ALA A 54 -5.93 -5.03 -3.76
N ALA A 55 -7.07 -5.44 -4.32
CA ALA A 55 -7.31 -5.27 -5.75
C ALA A 55 -7.39 -3.78 -6.12
N GLU A 56 -8.18 -3.03 -5.36
CA GLU A 56 -8.33 -1.60 -5.63
C GLU A 56 -7.00 -0.84 -5.43
N LEU A 57 -6.35 -1.11 -4.30
CA LEU A 57 -5.08 -0.46 -4.00
C LEU A 57 -4.07 -0.70 -5.11
N GLU A 58 -3.71 -1.94 -5.33
CA GLU A 58 -2.73 -2.26 -6.37
C GLU A 58 -3.19 -1.75 -7.74
N ASP A 59 -4.50 -1.79 -7.97
CA ASP A 59 -5.06 -1.35 -9.25
C ASP A 59 -4.79 0.14 -9.46
N HIS A 60 -4.59 0.86 -8.36
CA HIS A 60 -4.30 2.29 -8.46
C HIS A 60 -2.86 2.53 -8.94
N LEU A 61 -1.93 1.68 -8.49
CA LEU A 61 -0.53 1.82 -8.87
C LEU A 61 -0.21 0.90 -10.06
N ASP A 62 -1.25 0.43 -10.74
CA ASP A 62 -1.05 -0.43 -11.90
C ASP A 62 -0.05 -1.55 -11.61
N VAL A 63 -0.39 -2.38 -10.64
CA VAL A 63 0.48 -3.48 -10.25
C VAL A 63 -0.34 -4.64 -9.71
N SER A 64 0.24 -5.84 -9.73
CA SER A 64 -0.44 -7.03 -9.24
C SER A 64 0.31 -7.58 -8.02
N LEU A 65 -0.44 -7.98 -7.00
CA LEU A 65 0.15 -8.50 -5.77
C LEU A 65 -0.16 -9.99 -5.65
N ASP A 66 0.59 -10.66 -4.79
CA ASP A 66 0.41 -12.09 -4.59
C ASP A 66 -0.49 -12.36 -3.37
N PRO A 67 -1.06 -13.52 -3.27
CA PRO A 67 -1.95 -13.90 -2.13
C PRO A 67 -1.19 -14.01 -0.82
N THR A 68 -0.37 -15.05 -0.70
CA THR A 68 0.40 -15.27 0.51
C THR A 68 1.39 -14.14 0.71
N LEU A 69 1.64 -13.39 -0.34
CA LEU A 69 2.57 -12.27 -0.25
C LEU A 69 1.97 -11.14 0.58
N ILE A 70 0.70 -10.84 0.34
CA ILE A 70 0.04 -9.78 1.08
C ILE A 70 0.06 -10.08 2.57
N TRP A 71 -0.20 -11.34 2.91
CA TRP A 71 -0.20 -11.76 4.30
C TRP A 71 1.22 -11.75 4.87
N ASP A 72 2.21 -11.43 4.02
CA ASP A 72 3.60 -11.37 4.47
C ASP A 72 4.03 -9.93 4.72
N HIS A 73 3.39 -9.00 4.01
CA HIS A 73 3.69 -7.57 4.16
C HIS A 73 2.43 -6.80 4.59
N PRO A 74 1.85 -7.17 5.71
CA PRO A 74 0.62 -6.52 6.25
C PRO A 74 0.91 -5.14 6.81
N THR A 75 2.17 -4.72 6.75
CA THR A 75 2.58 -3.41 7.27
C THR A 75 3.09 -2.52 6.15
N ILE A 76 2.93 -1.21 6.35
CA ILE A 76 3.37 -0.23 5.36
C ILE A 76 4.87 -0.33 5.17
N ASP A 77 5.59 -0.50 6.27
CA ASP A 77 7.04 -0.58 6.20
C ASP A 77 7.46 -1.62 5.17
N ALA A 78 6.88 -2.81 5.26
CA ALA A 78 7.20 -3.87 4.32
C ALA A 78 6.65 -3.54 2.93
N LEU A 79 5.40 -3.10 2.88
CA LEU A 79 4.78 -2.76 1.61
C LEU A 79 5.55 -1.64 0.92
N SER A 80 5.90 -0.62 1.67
CA SER A 80 6.63 0.52 1.12
C SER A 80 7.95 0.05 0.54
N THR A 81 8.67 -0.77 1.30
CA THR A 81 9.96 -1.28 0.85
C THR A 81 9.79 -2.06 -0.45
N ALA A 82 8.75 -2.87 -0.52
CA ALA A 82 8.50 -3.65 -1.72
C ALA A 82 8.05 -2.74 -2.86
N LEU A 83 7.21 -1.75 -2.56
CA LEU A 83 6.72 -0.85 -3.59
C LEU A 83 7.87 -0.09 -4.24
N VAL A 84 8.71 0.52 -3.41
CA VAL A 84 9.84 1.27 -3.93
C VAL A 84 10.77 0.33 -4.68
N ALA A 85 10.83 -0.92 -4.24
CA ALA A 85 11.69 -1.90 -4.89
C ALA A 85 11.29 -2.05 -6.35
N GLU A 86 9.98 -2.01 -6.61
CA GLU A 86 9.48 -2.14 -7.98
C GLU A 86 10.20 -1.16 -8.90
N LEU A 87 10.85 -0.15 -8.32
CA LEU A 87 11.57 0.86 -9.11
C LEU A 87 13.08 0.63 -9.03
N ARG A 88 13.50 -0.15 -8.05
CA ARG A 88 14.92 -0.43 -7.89
C ARG A 88 15.40 -1.44 -8.92
N SER A 89 16.62 -1.93 -8.72
CA SER A 89 17.18 -2.92 -9.64
C SER A 89 16.51 -4.27 -9.47
N ALA A 90 16.53 -4.78 -8.24
CA ALA A 90 15.93 -6.08 -7.96
C ALA A 90 15.60 -6.20 -6.47
N GLY A 1 14.72 -4.53 -16.24
CA GLY A 1 13.25 -4.32 -16.18
C GLY A 1 12.91 -2.88 -16.56
N HIS A 2 12.26 -2.70 -17.69
CA HIS A 2 11.89 -1.37 -18.15
C HIS A 2 10.70 -0.83 -17.37
N MET A 3 10.15 -1.67 -16.50
CA MET A 3 9.00 -1.27 -15.67
C MET A 3 9.47 -0.54 -14.42
N SER A 4 9.84 0.72 -14.57
CA SER A 4 10.31 1.52 -13.45
C SER A 4 9.23 1.60 -12.37
N ASP A 5 8.18 2.36 -12.66
CA ASP A 5 7.07 2.50 -11.72
C ASP A 5 5.97 3.34 -12.34
N LEU A 6 5.90 4.61 -11.95
CA LEU A 6 4.88 5.52 -12.45
C LEU A 6 5.31 6.16 -13.76
N SER A 7 6.33 7.03 -13.68
CA SER A 7 6.84 7.72 -14.86
C SER A 7 7.58 9.00 -14.48
N THR A 8 6.95 9.81 -13.62
CA THR A 8 7.55 11.07 -13.19
C THR A 8 8.59 10.82 -12.13
N ALA A 9 8.91 9.56 -11.93
CA ALA A 9 9.91 9.18 -10.94
C ALA A 9 9.36 9.37 -9.52
N PRO A 10 8.80 8.34 -8.93
CA PRO A 10 8.22 8.41 -7.55
C PRO A 10 9.31 8.37 -6.47
N THR A 11 8.97 8.87 -5.28
CA THR A 11 9.91 8.85 -4.16
C THR A 11 9.33 8.05 -3.00
N LEU A 12 10.20 7.48 -2.19
CA LEU A 12 9.78 6.67 -1.06
C LEU A 12 8.76 7.42 -0.23
N ASP A 13 8.99 8.71 -0.03
CA ASP A 13 8.07 9.50 0.76
C ASP A 13 6.71 9.60 0.08
N SER A 14 6.70 9.76 -1.25
CA SER A 14 5.45 9.86 -1.97
C SER A 14 4.68 8.55 -1.89
N LEU A 15 5.38 7.43 -1.93
CA LEU A 15 4.70 6.15 -1.85
C LEU A 15 4.26 5.90 -0.41
N ARG A 16 5.22 5.74 0.49
CA ARG A 16 4.89 5.47 1.88
C ARG A 16 3.65 6.26 2.31
N VAL A 17 3.65 7.57 2.05
CA VAL A 17 2.51 8.42 2.41
C VAL A 17 1.26 7.95 1.65
N TRP A 18 1.45 7.51 0.39
CA TRP A 18 0.31 7.02 -0.39
C TRP A 18 -0.37 5.85 0.32
N LEU A 19 0.42 4.86 0.73
CA LEU A 19 -0.11 3.67 1.40
C LEU A 19 -0.92 4.05 2.64
N VAL A 20 -0.27 4.64 3.61
CA VAL A 20 -0.98 5.00 4.81
C VAL A 20 -2.18 5.87 4.45
N ASP A 21 -1.95 6.87 3.62
CA ASP A 21 -3.02 7.76 3.21
C ASP A 21 -4.15 6.97 2.58
N CYS A 22 -3.80 5.90 1.88
CA CYS A 22 -4.80 5.06 1.24
C CYS A 22 -5.78 4.53 2.28
N VAL A 23 -5.23 3.99 3.36
CA VAL A 23 -6.07 3.44 4.41
C VAL A 23 -6.95 4.53 5.01
N ALA A 24 -6.34 5.67 5.36
CA ALA A 24 -7.10 6.77 5.95
C ALA A 24 -8.33 7.07 5.10
N GLY A 25 -8.13 7.18 3.81
CA GLY A 25 -9.24 7.46 2.91
C GLY A 25 -10.24 6.31 2.91
N HIS A 26 -9.72 5.09 2.82
CA HIS A 26 -10.58 3.91 2.79
C HIS A 26 -11.46 3.82 4.03
N LEU A 27 -10.86 3.93 5.21
CA LEU A 27 -11.63 3.86 6.45
C LEU A 27 -12.17 5.23 6.85
N GLY A 28 -11.38 6.27 6.59
CA GLY A 28 -11.73 7.66 6.93
C GLY A 28 -11.04 8.11 8.21
N LEU A 29 -10.30 7.20 8.84
CA LEU A 29 -9.59 7.53 10.09
C LEU A 29 -8.40 8.43 9.79
N ASP A 30 -7.62 8.73 10.82
CA ASP A 30 -6.44 9.59 10.67
C ASP A 30 -5.25 8.77 10.16
N ALA A 31 -4.54 9.30 9.18
CA ALA A 31 -3.38 8.60 8.63
C ALA A 31 -2.36 8.27 9.73
N ALA A 32 -2.18 9.20 10.67
CA ALA A 32 -1.21 9.01 11.74
C ALA A 32 -1.68 7.97 12.76
N THR A 33 -2.96 7.62 12.69
CA THR A 33 -3.53 6.64 13.60
C THR A 33 -3.91 5.38 12.86
N ILE A 34 -3.45 5.24 11.61
CA ILE A 34 -3.81 4.05 10.85
C ILE A 34 -3.21 2.80 11.43
N ALA A 35 -1.92 2.62 11.20
CA ALA A 35 -1.24 1.43 11.68
C ALA A 35 0.13 1.33 11.00
N THR A 36 0.71 2.46 10.60
CA THR A 36 1.98 2.44 9.90
C THR A 36 2.92 1.39 10.48
N ASP A 37 2.90 1.24 11.81
CA ASP A 37 3.77 0.26 12.48
C ASP A 37 2.94 -0.94 12.94
N LEU A 38 1.82 -1.18 12.29
CA LEU A 38 0.96 -2.30 12.65
C LEU A 38 0.34 -2.92 11.40
N PRO A 39 0.05 -4.20 11.46
CA PRO A 39 -0.56 -4.92 10.32
C PRO A 39 -1.99 -4.50 10.09
N LEU A 40 -2.30 -4.21 8.84
CA LEU A 40 -3.63 -3.79 8.44
C LEU A 40 -4.69 -4.59 9.17
N THR A 41 -4.29 -5.74 9.68
CA THR A 41 -5.20 -6.63 10.37
C THR A 41 -5.83 -5.91 11.54
N SER A 42 -5.18 -4.85 11.99
CA SER A 42 -5.68 -4.07 13.10
C SER A 42 -7.08 -3.55 12.79
N TYR A 43 -7.37 -3.37 11.50
CA TYR A 43 -8.67 -2.86 11.09
C TYR A 43 -9.73 -3.94 11.26
N GLY A 44 -9.31 -5.14 11.61
CA GLY A 44 -10.25 -6.22 11.83
C GLY A 44 -11.01 -6.55 10.57
N LEU A 45 -10.54 -6.01 9.45
CA LEU A 45 -11.19 -6.23 8.16
C LEU A 45 -11.32 -7.73 7.86
N ASP A 46 -12.46 -8.12 7.32
CA ASP A 46 -12.68 -9.52 6.99
C ASP A 46 -11.70 -9.97 5.89
N SER A 47 -11.74 -11.25 5.55
CA SER A 47 -10.85 -11.80 4.52
C SER A 47 -11.25 -11.30 3.13
N VAL A 48 -12.55 -11.13 2.92
CA VAL A 48 -13.05 -10.66 1.63
C VAL A 48 -12.63 -9.22 1.39
N TYR A 49 -12.36 -8.49 2.46
CA TYR A 49 -11.97 -7.09 2.35
C TYR A 49 -10.68 -6.97 1.54
N ALA A 50 -9.68 -7.76 1.90
CA ALA A 50 -8.42 -7.72 1.21
C ALA A 50 -8.64 -7.91 -0.29
N LEU A 51 -9.48 -8.86 -0.65
CA LEU A 51 -9.73 -9.12 -2.06
C LEU A 51 -9.97 -7.82 -2.83
N SER A 52 -11.07 -7.15 -2.52
CA SER A 52 -11.40 -5.93 -3.21
C SER A 52 -10.44 -4.81 -2.83
N ILE A 53 -10.20 -4.67 -1.53
CA ILE A 53 -9.31 -3.61 -1.06
C ILE A 53 -7.90 -3.79 -1.63
N ALA A 54 -7.31 -4.96 -1.37
CA ALA A 54 -5.97 -5.23 -1.87
C ALA A 54 -5.91 -5.01 -3.37
N ALA A 55 -7.01 -5.36 -4.06
CA ALA A 55 -7.08 -5.18 -5.50
C ALA A 55 -7.10 -3.69 -5.88
N GLU A 56 -7.93 -2.92 -5.19
CA GLU A 56 -8.02 -1.48 -5.48
C GLU A 56 -6.69 -0.79 -5.21
N LEU A 57 -6.08 -1.11 -4.08
CA LEU A 57 -4.81 -0.50 -3.70
C LEU A 57 -3.75 -0.76 -4.76
N GLU A 58 -3.50 -2.02 -5.05
CA GLU A 58 -2.48 -2.35 -6.05
C GLU A 58 -2.93 -1.90 -7.45
N ASP A 59 -4.22 -1.99 -7.71
CA ASP A 59 -4.75 -1.60 -9.02
C ASP A 59 -4.48 -0.13 -9.29
N HIS A 60 -4.29 0.64 -8.22
CA HIS A 60 -4.02 2.07 -8.36
C HIS A 60 -2.59 2.30 -8.88
N LEU A 61 -1.66 1.44 -8.48
CA LEU A 61 -0.26 1.57 -8.90
C LEU A 61 0.03 0.61 -10.06
N ASP A 62 -1.01 0.17 -10.75
CA ASP A 62 -0.84 -0.73 -11.88
C ASP A 62 0.07 -1.90 -11.52
N VAL A 63 -0.34 -2.65 -10.52
CA VAL A 63 0.44 -3.79 -10.07
C VAL A 63 -0.47 -4.86 -9.47
N SER A 64 0.02 -6.09 -9.40
CA SER A 64 -0.75 -7.20 -8.84
C SER A 64 -0.02 -7.78 -7.63
N LEU A 65 -0.79 -8.18 -6.62
CA LEU A 65 -0.22 -8.75 -5.40
C LEU A 65 -0.47 -10.24 -5.35
N ASP A 66 0.37 -10.96 -4.62
CA ASP A 66 0.22 -12.42 -4.51
C ASP A 66 -0.52 -12.79 -3.22
N PRO A 67 -1.34 -13.83 -3.24
CA PRO A 67 -2.10 -14.27 -2.02
C PRO A 67 -1.22 -14.28 -0.76
N THR A 68 -0.31 -15.24 -0.67
CA THR A 68 0.56 -15.36 0.49
C THR A 68 1.45 -14.13 0.63
N LEU A 69 1.62 -13.41 -0.46
CA LEU A 69 2.44 -12.21 -0.44
C LEU A 69 1.74 -11.08 0.31
N ILE A 70 0.43 -10.96 0.11
CA ILE A 70 -0.33 -9.91 0.79
C ILE A 70 -0.19 -10.05 2.29
N TRP A 71 -0.25 -11.28 2.78
CA TRP A 71 -0.11 -11.54 4.20
C TRP A 71 1.36 -11.50 4.61
N ASP A 72 2.26 -11.41 3.62
CA ASP A 72 3.69 -11.36 3.88
C ASP A 72 4.13 -9.95 4.23
N HIS A 73 3.52 -8.96 3.55
CA HIS A 73 3.84 -7.55 3.78
C HIS A 73 2.60 -6.80 4.32
N PRO A 74 2.07 -7.23 5.44
CA PRO A 74 0.88 -6.58 6.07
C PRO A 74 1.23 -5.22 6.68
N THR A 75 2.52 -4.89 6.66
CA THR A 75 2.98 -3.62 7.22
C THR A 75 3.37 -2.66 6.12
N ILE A 76 3.25 -1.37 6.41
CA ILE A 76 3.56 -0.33 5.44
C ILE A 76 5.06 -0.36 5.14
N ASP A 77 5.87 -0.53 6.18
CA ASP A 77 7.31 -0.57 6.00
C ASP A 77 7.68 -1.58 4.92
N ALA A 78 7.11 -2.77 5.01
CA ALA A 78 7.39 -3.80 4.01
C ALA A 78 6.79 -3.42 2.66
N LEU A 79 5.55 -2.96 2.68
CA LEU A 79 4.87 -2.60 1.45
C LEU A 79 5.62 -1.47 0.74
N SER A 80 5.95 -0.42 1.48
CA SER A 80 6.67 0.71 0.91
C SER A 80 8.00 0.25 0.36
N THR A 81 8.72 -0.55 1.15
CA THR A 81 10.02 -1.05 0.75
C THR A 81 9.89 -1.83 -0.55
N ALA A 82 8.86 -2.64 -0.64
CA ALA A 82 8.65 -3.43 -1.84
C ALA A 82 8.24 -2.52 -3.01
N LEU A 83 7.38 -1.54 -2.73
CA LEU A 83 6.91 -0.65 -3.79
C LEU A 83 8.07 0.13 -4.39
N VAL A 84 8.88 0.75 -3.53
CA VAL A 84 10.03 1.49 -4.03
C VAL A 84 11.00 0.56 -4.72
N ALA A 85 11.04 -0.70 -4.28
CA ALA A 85 11.91 -1.67 -4.89
C ALA A 85 11.57 -1.79 -6.37
N GLU A 86 10.29 -1.64 -6.69
CA GLU A 86 9.86 -1.74 -8.09
C GLU A 86 10.53 -0.64 -8.94
N LEU A 87 11.01 0.41 -8.27
CA LEU A 87 11.66 1.52 -8.98
C LEU A 87 13.16 1.27 -9.14
N ARG A 88 13.70 0.36 -8.34
CA ARG A 88 15.12 0.05 -8.42
C ARG A 88 15.51 -0.37 -9.83
N SER A 89 14.68 -1.18 -10.45
CA SER A 89 14.96 -1.63 -11.82
C SER A 89 14.80 -0.48 -12.81
N ALA A 90 15.59 -0.51 -13.87
CA ALA A 90 15.54 0.53 -14.87
C ALA A 90 14.19 0.50 -15.61
N GLY A 1 3.57 -1.21 -22.75
CA GLY A 1 4.65 -1.22 -21.71
C GLY A 1 5.41 0.10 -21.75
N HIS A 2 4.75 1.18 -21.34
CA HIS A 2 5.37 2.48 -21.34
C HIS A 2 6.51 2.54 -20.32
N MET A 3 7.47 3.44 -20.55
CA MET A 3 8.61 3.56 -19.65
C MET A 3 8.18 4.24 -18.35
N SER A 4 7.86 5.53 -18.45
CA SER A 4 7.44 6.29 -17.27
C SER A 4 5.98 5.99 -16.94
N ASP A 5 5.69 4.71 -16.71
CA ASP A 5 4.33 4.30 -16.38
C ASP A 5 3.78 5.16 -15.25
N LEU A 6 4.39 5.06 -14.09
CA LEU A 6 3.93 5.83 -12.95
C LEU A 6 4.03 7.32 -13.23
N SER A 7 5.21 7.76 -13.69
CA SER A 7 5.42 9.16 -14.00
C SER A 7 5.69 9.94 -12.73
N THR A 8 5.83 11.26 -12.87
CA THR A 8 6.09 12.12 -11.72
C THR A 8 7.36 11.68 -10.99
N ALA A 9 7.79 10.46 -11.25
CA ALA A 9 8.98 9.91 -10.60
C ALA A 9 8.64 9.55 -9.15
N PRO A 10 8.03 8.41 -8.92
CA PRO A 10 7.62 7.99 -7.55
C PRO A 10 8.79 8.01 -6.57
N THR A 11 8.56 8.66 -5.42
CA THR A 11 9.60 8.78 -4.39
C THR A 11 9.15 8.08 -3.10
N LEU A 12 10.10 7.69 -2.28
CA LEU A 12 9.78 6.99 -1.05
C LEU A 12 8.71 7.75 -0.26
N ASP A 13 8.87 9.06 -0.17
CA ASP A 13 7.93 9.86 0.56
C ASP A 13 6.56 9.84 -0.10
N SER A 14 6.55 9.91 -1.43
CA SER A 14 5.29 9.89 -2.16
C SER A 14 4.57 8.55 -1.99
N LEU A 15 5.34 7.47 -1.98
CA LEU A 15 4.73 6.16 -1.81
C LEU A 15 4.32 5.98 -0.37
N ARG A 16 5.30 5.91 0.52
CA ARG A 16 5.01 5.71 1.93
C ARG A 16 3.74 6.46 2.34
N VAL A 17 3.68 7.75 2.02
CA VAL A 17 2.50 8.56 2.34
C VAL A 17 1.26 8.00 1.63
N TRP A 18 1.44 7.51 0.41
CA TRP A 18 0.32 6.93 -0.33
C TRP A 18 -0.31 5.76 0.44
N LEU A 19 0.53 4.85 0.88
CA LEU A 19 0.06 3.68 1.61
C LEU A 19 -0.74 4.09 2.82
N VAL A 20 -0.12 4.83 3.73
CA VAL A 20 -0.83 5.26 4.92
C VAL A 20 -2.03 6.11 4.54
N ASP A 21 -1.80 7.11 3.69
CA ASP A 21 -2.87 8.00 3.29
C ASP A 21 -4.01 7.21 2.65
N CYS A 22 -3.65 6.17 1.92
CA CYS A 22 -4.65 5.33 1.27
C CYS A 22 -5.58 4.73 2.30
N VAL A 23 -5.02 4.12 3.34
CA VAL A 23 -5.84 3.50 4.37
C VAL A 23 -6.67 4.59 5.08
N ALA A 24 -6.01 5.66 5.53
CA ALA A 24 -6.71 6.74 6.23
C ALA A 24 -7.98 7.10 5.49
N GLY A 25 -7.85 7.41 4.21
CA GLY A 25 -9.02 7.77 3.41
C GLY A 25 -9.99 6.61 3.33
N HIS A 26 -9.47 5.41 3.13
CA HIS A 26 -10.31 4.23 3.02
C HIS A 26 -11.21 4.08 4.25
N LEU A 27 -10.60 4.07 5.43
CA LEU A 27 -11.37 3.92 6.66
C LEU A 27 -11.93 5.26 7.11
N GLY A 28 -11.16 6.32 6.87
CA GLY A 28 -11.57 7.68 7.26
C GLY A 28 -10.89 8.11 8.55
N LEU A 29 -10.15 7.21 9.19
CA LEU A 29 -9.48 7.52 10.44
C LEU A 29 -8.32 8.47 10.19
N ASP A 30 -7.58 8.81 11.24
CA ASP A 30 -6.45 9.71 11.11
C ASP A 30 -5.22 8.96 10.62
N ALA A 31 -4.54 9.55 9.62
CA ALA A 31 -3.34 8.94 9.06
C ALA A 31 -2.25 8.79 10.11
N ALA A 32 -2.15 9.78 11.00
CA ALA A 32 -1.14 9.75 12.05
C ALA A 32 -1.39 8.61 13.03
N THR A 33 -2.55 7.98 12.94
CA THR A 33 -2.89 6.88 13.83
C THR A 33 -3.52 5.74 13.05
N ILE A 34 -3.07 5.55 11.82
CA ILE A 34 -3.62 4.47 11.01
C ILE A 34 -3.10 3.12 11.50
N ALA A 35 -1.85 2.84 11.19
CA ALA A 35 -1.25 1.57 11.56
C ALA A 35 0.07 1.39 10.81
N THR A 36 0.67 2.49 10.35
CA THR A 36 1.93 2.41 9.61
C THR A 36 2.83 1.33 10.19
N ASP A 37 2.81 1.19 11.52
CA ASP A 37 3.63 0.18 12.18
C ASP A 37 2.82 -1.09 12.42
N LEU A 38 1.49 -0.96 12.40
CA LEU A 38 0.61 -2.10 12.64
C LEU A 38 0.11 -2.68 11.32
N PRO A 39 -0.22 -3.95 11.30
CA PRO A 39 -0.74 -4.63 10.09
C PRO A 39 -2.13 -4.12 9.70
N LEU A 40 -2.65 -4.64 8.59
CA LEU A 40 -3.97 -4.25 8.13
C LEU A 40 -5.06 -4.90 8.98
N THR A 41 -4.72 -6.04 9.58
CA THR A 41 -5.67 -6.77 10.40
C THR A 41 -6.29 -5.85 11.43
N SER A 42 -5.52 -4.89 11.92
CA SER A 42 -6.00 -3.96 12.92
C SER A 42 -7.38 -3.43 12.54
N TYR A 43 -7.63 -3.28 11.25
CA TYR A 43 -8.92 -2.76 10.77
C TYR A 43 -10.02 -3.82 10.97
N GLY A 44 -9.61 -5.00 11.37
CA GLY A 44 -10.57 -6.08 11.62
C GLY A 44 -11.30 -6.47 10.35
N LEU A 45 -10.68 -6.16 9.21
CA LEU A 45 -11.29 -6.49 7.93
C LEU A 45 -11.29 -8.00 7.67
N ASP A 46 -12.40 -8.50 7.17
CA ASP A 46 -12.50 -9.93 6.87
C ASP A 46 -11.50 -10.32 5.79
N SER A 47 -11.41 -11.62 5.51
CA SER A 47 -10.49 -12.11 4.48
C SER A 47 -10.95 -11.69 3.10
N VAL A 48 -12.27 -11.63 2.91
CA VAL A 48 -12.83 -11.25 1.62
C VAL A 48 -12.52 -9.79 1.32
N TYR A 49 -12.29 -9.01 2.37
CA TYR A 49 -11.98 -7.60 2.21
C TYR A 49 -10.67 -7.42 1.44
N ALA A 50 -9.63 -8.13 1.89
CA ALA A 50 -8.32 -8.02 1.25
C ALA A 50 -8.45 -8.19 -0.25
N LEU A 51 -9.27 -9.15 -0.67
CA LEU A 51 -9.44 -9.40 -2.08
C LEU A 51 -9.84 -8.11 -2.81
N SER A 52 -10.95 -7.51 -2.41
CA SER A 52 -11.41 -6.28 -3.03
C SER A 52 -10.45 -5.13 -2.77
N ILE A 53 -10.06 -4.98 -1.51
CA ILE A 53 -9.14 -3.92 -1.14
C ILE A 53 -7.81 -4.07 -1.84
N ALA A 54 -7.13 -5.17 -1.58
CA ALA A 54 -5.84 -5.42 -2.19
C ALA A 54 -5.91 -5.17 -3.70
N ALA A 55 -7.05 -5.52 -4.30
CA ALA A 55 -7.22 -5.31 -5.73
C ALA A 55 -7.29 -3.81 -6.05
N GLU A 56 -8.02 -3.06 -5.24
CA GLU A 56 -8.16 -1.63 -5.48
C GLU A 56 -6.83 -0.90 -5.24
N LEU A 57 -6.19 -1.21 -4.12
CA LEU A 57 -4.90 -0.58 -3.79
C LEU A 57 -3.91 -0.83 -4.90
N GLU A 58 -3.65 -2.09 -5.21
CA GLU A 58 -2.69 -2.41 -6.24
C GLU A 58 -3.11 -1.88 -7.60
N ASP A 59 -4.42 -1.90 -7.85
CA ASP A 59 -4.94 -1.45 -9.13
C ASP A 59 -4.57 0.02 -9.35
N HIS A 60 -4.31 0.73 -8.27
CA HIS A 60 -3.92 2.13 -8.37
C HIS A 60 -2.45 2.26 -8.81
N LEU A 61 -1.61 1.33 -8.37
CA LEU A 61 -0.19 1.34 -8.71
C LEU A 61 0.10 0.39 -9.85
N ASP A 62 -0.95 -0.05 -10.54
CA ASP A 62 -0.80 -0.95 -11.66
C ASP A 62 0.21 -2.05 -11.35
N VAL A 63 -0.12 -2.88 -10.37
CA VAL A 63 0.77 -3.96 -9.96
C VAL A 63 -0.06 -5.17 -9.51
N SER A 64 0.52 -6.37 -9.65
CA SER A 64 -0.18 -7.59 -9.26
C SER A 64 0.44 -8.16 -8.01
N LEU A 65 -0.39 -8.34 -6.98
CA LEU A 65 0.08 -8.85 -5.70
C LEU A 65 -0.34 -10.30 -5.55
N ASP A 66 0.39 -11.04 -4.72
CA ASP A 66 0.10 -12.45 -4.50
C ASP A 66 -0.74 -12.66 -3.23
N PRO A 67 -1.60 -13.65 -3.21
CA PRO A 67 -2.44 -13.96 -2.02
C PRO A 67 -1.62 -14.10 -0.73
N THR A 68 -0.81 -15.16 -0.66
CA THR A 68 0.00 -15.41 0.53
C THR A 68 1.02 -14.30 0.72
N LEU A 69 1.30 -13.57 -0.36
CA LEU A 69 2.25 -12.47 -0.28
C LEU A 69 1.67 -11.30 0.50
N ILE A 70 0.40 -11.00 0.27
CA ILE A 70 -0.24 -9.90 0.97
C ILE A 70 -0.10 -10.08 2.48
N TRP A 71 -0.19 -11.33 2.93
CA TRP A 71 -0.06 -11.60 4.35
C TRP A 71 1.40 -11.55 4.78
N ASP A 72 2.29 -11.36 3.81
CA ASP A 72 3.73 -11.28 4.09
C ASP A 72 4.13 -9.82 4.35
N HIS A 73 3.49 -8.91 3.63
CA HIS A 73 3.76 -7.47 3.78
C HIS A 73 2.49 -6.72 4.22
N PRO A 74 1.89 -7.14 5.30
CA PRO A 74 0.64 -6.49 5.85
C PRO A 74 0.93 -5.13 6.46
N THR A 75 2.19 -4.74 6.45
CA THR A 75 2.60 -3.45 7.02
C THR A 75 3.08 -2.50 5.93
N ILE A 76 3.05 -1.21 6.23
CA ILE A 76 3.49 -0.20 5.29
C ILE A 76 4.99 -0.31 5.06
N ASP A 77 5.74 -0.53 6.13
CA ASP A 77 7.19 -0.64 6.03
C ASP A 77 7.59 -1.65 4.97
N ALA A 78 6.98 -2.83 5.04
CA ALA A 78 7.28 -3.88 4.07
C ALA A 78 6.72 -3.52 2.70
N LEU A 79 5.47 -3.08 2.67
CA LEU A 79 4.85 -2.75 1.40
C LEU A 79 5.60 -1.61 0.73
N SER A 80 5.92 -0.58 1.50
CA SER A 80 6.63 0.57 0.96
C SER A 80 7.97 0.14 0.39
N THR A 81 8.71 -0.64 1.16
CA THR A 81 10.02 -1.11 0.71
C THR A 81 9.88 -1.87 -0.61
N ALA A 82 8.86 -2.69 -0.69
CA ALA A 82 8.61 -3.45 -1.90
C ALA A 82 8.16 -2.53 -3.04
N LEU A 83 7.32 -1.54 -2.71
CA LEU A 83 6.82 -0.63 -3.72
C LEU A 83 7.97 0.17 -4.34
N VAL A 84 8.79 0.79 -3.49
CA VAL A 84 9.90 1.57 -4.00
C VAL A 84 10.85 0.67 -4.77
N ALA A 85 10.93 -0.59 -4.36
CA ALA A 85 11.80 -1.54 -5.04
C ALA A 85 11.41 -1.65 -6.51
N GLU A 86 10.10 -1.59 -6.77
CA GLU A 86 9.62 -1.67 -8.14
C GLU A 86 10.28 -0.61 -9.02
N LEU A 87 10.83 0.42 -8.38
CA LEU A 87 11.49 1.51 -9.11
C LEU A 87 13.01 1.40 -9.00
N ARG A 88 13.46 0.65 -8.00
CA ARG A 88 14.89 0.47 -7.80
C ARG A 88 15.53 -0.24 -8.99
N SER A 89 16.84 -0.25 -9.02
CA SER A 89 17.58 -0.89 -10.10
C SER A 89 19.08 -0.82 -9.86
N ALA A 90 19.53 -1.37 -8.74
CA ALA A 90 20.94 -1.37 -8.39
C ALA A 90 21.73 -2.26 -9.35
N GLY A 1 -4.77 18.10 -9.37
CA GLY A 1 -3.65 18.74 -8.64
C GLY A 1 -3.54 18.15 -7.23
N HIS A 2 -4.69 18.01 -6.57
CA HIS A 2 -4.73 17.44 -5.23
C HIS A 2 -4.73 15.92 -5.27
N MET A 3 -5.05 15.36 -6.44
CA MET A 3 -5.10 13.92 -6.61
C MET A 3 -4.39 13.51 -7.90
N SER A 4 -3.28 12.78 -7.75
CA SER A 4 -2.52 12.34 -8.91
C SER A 4 -1.72 11.09 -8.57
N ASP A 5 -1.47 10.26 -9.57
CA ASP A 5 -0.70 9.04 -9.38
C ASP A 5 0.80 9.32 -9.41
N LEU A 6 1.13 10.60 -9.60
CA LEU A 6 2.51 11.01 -9.66
C LEU A 6 3.25 10.18 -10.70
N SER A 7 4.59 10.37 -10.75
CA SER A 7 5.45 9.64 -11.70
C SER A 7 6.68 10.47 -12.05
N THR A 8 7.39 10.04 -13.09
CA THR A 8 8.58 10.72 -13.55
C THR A 8 9.74 10.43 -12.63
N ALA A 9 9.41 10.01 -11.41
CA ALA A 9 10.44 9.70 -10.40
C ALA A 9 9.86 9.78 -8.99
N PRO A 10 9.04 8.83 -8.62
CA PRO A 10 8.43 8.78 -7.26
C PRO A 10 9.50 8.65 -6.17
N THR A 11 9.24 9.24 -5.01
CA THR A 11 10.17 9.17 -3.89
C THR A 11 9.57 8.35 -2.75
N LEU A 12 10.43 7.72 -1.97
CA LEU A 12 9.98 6.89 -0.86
C LEU A 12 8.92 7.62 -0.05
N ASP A 13 9.06 8.93 0.04
CA ASP A 13 8.11 9.73 0.80
C ASP A 13 6.75 9.74 0.12
N SER A 14 6.74 9.83 -1.21
CA SER A 14 5.49 9.85 -1.95
C SER A 14 4.75 8.51 -1.82
N LEU A 15 5.50 7.43 -1.80
CA LEU A 15 4.88 6.12 -1.67
C LEU A 15 4.44 5.91 -0.23
N ARG A 16 5.41 5.80 0.67
CA ARG A 16 5.09 5.58 2.07
C ARG A 16 3.82 6.34 2.48
N VAL A 17 3.77 7.63 2.14
CA VAL A 17 2.61 8.45 2.47
C VAL A 17 1.37 7.92 1.74
N TRP A 18 1.56 7.46 0.51
CA TRP A 18 0.44 6.92 -0.25
C TRP A 18 -0.22 5.75 0.50
N LEU A 19 0.61 4.82 0.94
CA LEU A 19 0.10 3.64 1.64
C LEU A 19 -0.73 4.05 2.83
N VAL A 20 -0.12 4.76 3.78
CA VAL A 20 -0.85 5.17 4.96
C VAL A 20 -2.05 6.03 4.57
N ASP A 21 -1.83 7.02 3.73
CA ASP A 21 -2.90 7.91 3.32
C ASP A 21 -4.01 7.13 2.65
N CYS A 22 -3.64 6.09 1.91
CA CYS A 22 -4.62 5.27 1.22
C CYS A 22 -5.55 4.60 2.22
N VAL A 23 -4.98 4.02 3.27
CA VAL A 23 -5.79 3.36 4.27
C VAL A 23 -6.69 4.37 4.98
N ALA A 24 -6.11 5.49 5.41
CA ALA A 24 -6.88 6.52 6.09
C ALA A 24 -8.14 6.86 5.30
N GLY A 25 -7.97 7.10 4.01
CA GLY A 25 -9.12 7.43 3.16
C GLY A 25 -10.09 6.25 3.09
N HIS A 26 -9.56 5.05 2.93
CA HIS A 26 -10.40 3.86 2.84
C HIS A 26 -11.31 3.74 4.06
N LEU A 27 -10.72 3.79 5.25
CA LEU A 27 -11.52 3.67 6.47
C LEU A 27 -12.10 5.03 6.87
N GLY A 28 -11.33 6.09 6.62
CA GLY A 28 -11.75 7.45 6.96
C GLY A 28 -11.12 7.92 8.27
N LEU A 29 -10.38 7.03 8.93
CA LEU A 29 -9.75 7.37 10.19
C LEU A 29 -8.60 8.34 9.97
N ASP A 30 -7.90 8.68 11.05
CA ASP A 30 -6.78 9.61 10.95
C ASP A 30 -5.52 8.90 10.49
N ALA A 31 -4.89 9.45 9.45
CA ALA A 31 -3.66 8.88 8.90
C ALA A 31 -2.56 8.81 9.94
N ALA A 32 -2.52 9.82 10.82
CA ALA A 32 -1.51 9.87 11.87
C ALA A 32 -1.63 8.70 12.82
N THR A 33 -2.81 8.08 12.86
CA THR A 33 -3.04 6.94 13.74
C THR A 33 -3.66 5.78 12.99
N ILE A 34 -3.18 5.55 11.78
CA ILE A 34 -3.72 4.44 11.00
C ILE A 34 -3.15 3.11 11.51
N ALA A 35 -1.90 2.86 11.17
CA ALA A 35 -1.25 1.61 11.54
C ALA A 35 0.10 1.51 10.85
N THR A 36 0.70 2.64 10.49
CA THR A 36 1.99 2.62 9.82
C THR A 36 2.89 1.54 10.40
N ASP A 37 2.92 1.42 11.73
CA ASP A 37 3.75 0.42 12.38
C ASP A 37 2.89 -0.78 12.82
N LEU A 38 1.76 -0.96 12.16
CA LEU A 38 0.86 -2.07 12.48
C LEU A 38 0.29 -2.70 11.21
N PRO A 39 -0.03 -3.96 11.26
CA PRO A 39 -0.61 -4.69 10.09
C PRO A 39 -2.00 -4.17 9.72
N LEU A 40 -2.52 -4.67 8.62
CA LEU A 40 -3.84 -4.28 8.16
C LEU A 40 -4.93 -4.92 9.02
N THR A 41 -4.58 -6.03 9.66
CA THR A 41 -5.53 -6.74 10.49
C THR A 41 -6.14 -5.81 11.51
N SER A 42 -5.37 -4.84 11.99
CA SER A 42 -5.86 -3.89 12.98
C SER A 42 -7.25 -3.37 12.59
N TYR A 43 -7.48 -3.24 11.29
CA TYR A 43 -8.77 -2.75 10.80
C TYR A 43 -9.87 -3.78 11.02
N GLY A 44 -9.48 -4.95 11.48
CA GLY A 44 -10.44 -6.00 11.77
C GLY A 44 -11.17 -6.42 10.50
N LEU A 45 -10.56 -6.13 9.36
CA LEU A 45 -11.16 -6.47 8.08
C LEU A 45 -11.18 -7.99 7.84
N ASP A 46 -12.27 -8.49 7.31
CA ASP A 46 -12.38 -9.92 7.03
C ASP A 46 -11.38 -10.30 5.93
N SER A 47 -11.21 -11.61 5.74
CA SER A 47 -10.29 -12.11 4.71
C SER A 47 -10.79 -11.74 3.32
N VAL A 48 -12.10 -11.73 3.14
CA VAL A 48 -12.69 -11.38 1.86
C VAL A 48 -12.47 -9.91 1.54
N TYR A 49 -12.29 -9.11 2.59
CA TYR A 49 -12.09 -7.68 2.40
C TYR A 49 -10.84 -7.41 1.57
N ALA A 50 -9.71 -7.99 1.99
CA ALA A 50 -8.46 -7.79 1.29
C ALA A 50 -8.68 -7.92 -0.21
N LEU A 51 -9.55 -8.82 -0.58
CA LEU A 51 -9.81 -9.03 -1.99
C LEU A 51 -10.11 -7.71 -2.69
N SER A 52 -11.20 -7.07 -2.32
CA SER A 52 -11.59 -5.82 -2.94
C SER A 52 -10.55 -4.75 -2.67
N ILE A 53 -10.13 -4.64 -1.42
CA ILE A 53 -9.15 -3.63 -1.05
C ILE A 53 -7.84 -3.85 -1.81
N ALA A 54 -7.20 -4.98 -1.56
CA ALA A 54 -5.94 -5.28 -2.23
C ALA A 54 -6.03 -4.98 -3.72
N ALA A 55 -7.19 -5.28 -4.31
CA ALA A 55 -7.40 -5.02 -5.73
C ALA A 55 -7.36 -3.52 -6.02
N GLU A 56 -8.11 -2.75 -5.25
CA GLU A 56 -8.15 -1.30 -5.45
C GLU A 56 -6.77 -0.66 -5.24
N LEU A 57 -6.14 -1.02 -4.12
CA LEU A 57 -4.83 -0.47 -3.80
C LEU A 57 -3.85 -0.75 -4.92
N GLU A 58 -3.61 -2.01 -5.20
CA GLU A 58 -2.67 -2.37 -6.26
C GLU A 58 -3.10 -1.83 -7.61
N ASP A 59 -4.41 -1.82 -7.85
CA ASP A 59 -4.94 -1.34 -9.12
C ASP A 59 -4.53 0.11 -9.35
N HIS A 60 -4.21 0.80 -8.27
CA HIS A 60 -3.78 2.20 -8.39
C HIS A 60 -2.31 2.29 -8.81
N LEU A 61 -1.51 1.33 -8.37
CA LEU A 61 -0.08 1.32 -8.72
C LEU A 61 0.19 0.34 -9.83
N ASP A 62 -0.87 -0.04 -10.54
CA ASP A 62 -0.74 -0.96 -11.67
C ASP A 62 0.24 -2.08 -11.35
N VAL A 63 -0.11 -2.90 -10.38
CA VAL A 63 0.75 -4.01 -9.98
C VAL A 63 -0.09 -5.20 -9.54
N SER A 64 0.47 -6.40 -9.67
CA SER A 64 -0.24 -7.62 -9.31
C SER A 64 0.33 -8.18 -8.02
N LEU A 65 -0.54 -8.37 -7.03
CA LEU A 65 -0.11 -8.89 -5.73
C LEU A 65 -0.56 -10.33 -5.57
N ASP A 66 0.18 -11.08 -4.76
CA ASP A 66 -0.15 -12.49 -4.54
C ASP A 66 -0.97 -12.69 -3.26
N PRO A 67 -1.78 -13.71 -3.19
CA PRO A 67 -2.60 -14.00 -1.97
C PRO A 67 -1.74 -14.12 -0.71
N THR A 68 -0.91 -15.16 -0.65
CA THR A 68 -0.06 -15.40 0.50
C THR A 68 0.95 -14.26 0.66
N LEU A 69 1.16 -13.53 -0.41
CA LEU A 69 2.10 -12.41 -0.38
C LEU A 69 1.51 -11.25 0.43
N ILE A 70 0.24 -10.97 0.23
CA ILE A 70 -0.40 -9.88 0.95
C ILE A 70 -0.23 -10.07 2.45
N TRP A 71 -0.24 -11.32 2.89
CA TRP A 71 -0.08 -11.63 4.31
C TRP A 71 1.40 -11.59 4.69
N ASP A 72 2.27 -11.41 3.69
CA ASP A 72 3.71 -11.36 3.94
C ASP A 72 4.15 -9.92 4.19
N HIS A 73 3.50 -8.98 3.50
CA HIS A 73 3.81 -7.55 3.66
C HIS A 73 2.58 -6.78 4.13
N PRO A 74 1.99 -7.20 5.23
CA PRO A 74 0.79 -6.53 5.80
C PRO A 74 1.13 -5.20 6.45
N THR A 75 2.40 -4.85 6.44
CA THR A 75 2.86 -3.59 7.02
C THR A 75 3.29 -2.61 5.93
N ILE A 76 3.15 -1.32 6.24
CA ILE A 76 3.53 -0.29 5.29
C ILE A 76 5.03 -0.34 5.04
N ASP A 77 5.80 -0.53 6.11
CA ASP A 77 7.25 -0.56 5.97
C ASP A 77 7.66 -1.58 4.92
N ALA A 78 7.11 -2.78 5.01
CA ALA A 78 7.42 -3.83 4.06
C ALA A 78 6.86 -3.48 2.68
N LEU A 79 5.60 -3.07 2.65
CA LEU A 79 4.96 -2.75 1.39
C LEU A 79 5.70 -1.59 0.70
N SER A 80 6.03 -0.57 1.47
CA SER A 80 6.72 0.58 0.92
C SER A 80 8.06 0.15 0.32
N THR A 81 8.80 -0.63 1.08
CA THR A 81 10.11 -1.11 0.62
C THR A 81 9.94 -1.86 -0.70
N ALA A 82 8.91 -2.70 -0.77
CA ALA A 82 8.65 -3.45 -1.98
C ALA A 82 8.18 -2.52 -3.10
N LEU A 83 7.32 -1.55 -2.76
CA LEU A 83 6.80 -0.65 -3.75
C LEU A 83 7.92 0.16 -4.40
N VAL A 84 8.75 0.79 -3.55
CA VAL A 84 9.84 1.59 -4.07
C VAL A 84 10.80 0.71 -4.86
N ALA A 85 10.91 -0.55 -4.44
CA ALA A 85 11.80 -1.48 -5.13
C ALA A 85 11.40 -1.60 -6.59
N GLU A 86 10.09 -1.54 -6.84
CA GLU A 86 9.58 -1.63 -8.21
C GLU A 86 10.23 -0.56 -9.09
N LEU A 87 10.79 0.46 -8.46
CA LEU A 87 11.44 1.55 -9.19
C LEU A 87 12.95 1.34 -9.26
N ARG A 88 13.46 0.48 -8.39
CA ARG A 88 14.89 0.20 -8.36
C ARG A 88 15.25 -0.84 -9.42
N SER A 89 16.35 -1.53 -9.19
CA SER A 89 16.81 -2.55 -10.13
C SER A 89 15.70 -3.56 -10.40
N ALA A 90 16.07 -4.69 -10.99
CA ALA A 90 15.10 -5.73 -11.30
C ALA A 90 15.81 -7.00 -11.75
N GLY A 1 7.98 13.72 -19.52
CA GLY A 1 8.15 12.41 -20.21
C GLY A 1 6.96 12.14 -21.11
N HIS A 2 5.99 13.05 -21.08
CA HIS A 2 4.79 12.90 -21.90
C HIS A 2 4.06 11.60 -21.56
N MET A 3 4.61 10.47 -22.02
CA MET A 3 4.00 9.18 -21.76
C MET A 3 3.96 8.91 -20.26
N SER A 4 5.08 9.16 -19.60
CA SER A 4 5.17 8.92 -18.15
C SER A 4 4.79 7.48 -17.83
N ASP A 5 5.10 7.06 -16.60
CA ASP A 5 4.79 5.68 -16.17
C ASP A 5 4.11 5.72 -14.81
N LEU A 6 4.89 5.95 -13.75
CA LEU A 6 4.35 5.99 -12.40
C LEU A 6 4.12 7.45 -11.97
N SER A 7 5.21 8.20 -11.81
CA SER A 7 5.10 9.61 -11.41
C SER A 7 6.32 10.40 -11.85
N THR A 8 6.89 10.00 -12.99
CA THR A 8 8.05 10.67 -13.51
C THR A 8 9.26 10.39 -12.65
N ALA A 9 9.01 9.91 -11.42
CA ALA A 9 10.09 9.62 -10.48
C ALA A 9 9.54 9.56 -9.04
N PRO A 10 8.86 8.50 -8.71
CA PRO A 10 8.29 8.30 -7.36
C PRO A 10 9.38 8.24 -6.29
N THR A 11 9.07 8.78 -5.11
CA THR A 11 10.03 8.80 -4.01
C THR A 11 9.47 8.03 -2.82
N LEU A 12 10.36 7.48 -2.02
CA LEU A 12 9.93 6.72 -0.85
C LEU A 12 8.88 7.49 -0.07
N ASP A 13 9.05 8.79 0.04
CA ASP A 13 8.09 9.58 0.76
C ASP A 13 6.77 9.64 0.01
N SER A 14 6.82 9.72 -1.32
CA SER A 14 5.60 9.78 -2.10
C SER A 14 4.84 8.48 -2.00
N LEU A 15 5.55 7.36 -2.02
CA LEU A 15 4.87 6.08 -1.93
C LEU A 15 4.40 5.86 -0.50
N ARG A 16 5.36 5.76 0.41
CA ARG A 16 5.05 5.52 1.83
C ARG A 16 3.79 6.29 2.24
N VAL A 17 3.76 7.58 1.94
CA VAL A 17 2.60 8.40 2.26
C VAL A 17 1.37 7.85 1.53
N TRP A 18 1.53 7.44 0.26
CA TRP A 18 0.40 6.89 -0.50
C TRP A 18 -0.26 5.73 0.26
N LEU A 19 0.57 4.77 0.71
CA LEU A 19 0.08 3.60 1.44
C LEU A 19 -0.74 4.00 2.65
N VAL A 20 -0.12 4.73 3.57
CA VAL A 20 -0.84 5.15 4.76
C VAL A 20 -2.05 6.00 4.40
N ASP A 21 -1.83 6.98 3.54
CA ASP A 21 -2.91 7.86 3.14
C ASP A 21 -4.04 7.06 2.51
N CYS A 22 -3.69 6.00 1.81
CA CYS A 22 -4.69 5.14 1.18
C CYS A 22 -5.60 4.52 2.23
N VAL A 23 -5.00 3.94 3.26
CA VAL A 23 -5.80 3.31 4.31
C VAL A 23 -6.68 4.35 5.00
N ALA A 24 -6.09 5.49 5.37
CA ALA A 24 -6.85 6.54 6.05
C ALA A 24 -8.11 6.85 5.27
N GLY A 25 -7.96 7.10 3.97
CA GLY A 25 -9.11 7.41 3.15
C GLY A 25 -10.10 6.23 3.13
N HIS A 26 -9.57 5.01 3.01
CA HIS A 26 -10.42 3.83 2.96
C HIS A 26 -11.29 3.72 4.22
N LEU A 27 -10.68 3.78 5.39
CA LEU A 27 -11.45 3.67 6.64
C LEU A 27 -12.02 5.03 7.04
N GLY A 28 -11.26 6.08 6.77
CA GLY A 28 -11.67 7.45 7.11
C GLY A 28 -10.99 7.92 8.41
N LEU A 29 -10.22 7.03 9.05
CA LEU A 29 -9.55 7.36 10.30
C LEU A 29 -8.41 8.35 10.04
N ASP A 30 -7.68 8.70 11.10
CA ASP A 30 -6.57 9.62 10.98
C ASP A 30 -5.30 8.90 10.49
N ALA A 31 -4.66 9.46 9.48
CA ALA A 31 -3.44 8.88 8.93
C ALA A 31 -2.33 8.78 9.98
N ALA A 32 -2.24 9.79 10.84
CA ALA A 32 -1.23 9.80 11.88
C ALA A 32 -1.43 8.66 12.87
N THR A 33 -2.60 8.03 12.81
CA THR A 33 -2.90 6.91 13.72
C THR A 33 -3.51 5.74 12.95
N ILE A 34 -3.08 5.53 11.71
CA ILE A 34 -3.61 4.43 10.93
C ILE A 34 -3.08 3.10 11.43
N ALA A 35 -1.82 2.81 11.14
CA ALA A 35 -1.22 1.57 11.54
C ALA A 35 0.09 1.37 10.77
N THR A 36 0.67 2.45 10.28
CA THR A 36 1.91 2.35 9.49
C THR A 36 2.84 1.30 10.07
N ASP A 37 2.86 1.19 11.39
CA ASP A 37 3.70 0.21 12.07
C ASP A 37 2.91 -1.06 12.37
N LEU A 38 1.59 -0.94 12.41
CA LEU A 38 0.71 -2.08 12.71
C LEU A 38 0.17 -2.72 11.43
N PRO A 39 -0.14 -3.99 11.47
CA PRO A 39 -0.68 -4.72 10.28
C PRO A 39 -2.06 -4.21 9.88
N LEU A 40 -2.57 -4.74 8.78
CA LEU A 40 -3.88 -4.37 8.29
C LEU A 40 -4.97 -4.98 9.15
N THR A 41 -4.65 -6.09 9.79
CA THR A 41 -5.61 -6.78 10.63
C THR A 41 -6.24 -5.82 11.64
N SER A 42 -5.47 -4.83 12.07
CA SER A 42 -5.97 -3.87 13.04
C SER A 42 -7.34 -3.34 12.63
N TYR A 43 -7.55 -3.19 11.34
CA TYR A 43 -8.82 -2.67 10.82
C TYR A 43 -9.93 -3.70 11.02
N GLY A 44 -9.54 -4.90 11.45
CA GLY A 44 -10.53 -5.95 11.72
C GLY A 44 -11.26 -6.35 10.44
N LEU A 45 -10.61 -6.13 9.30
CA LEU A 45 -11.21 -6.45 8.02
C LEU A 45 -11.23 -7.95 7.76
N ASP A 46 -12.34 -8.43 7.21
CA ASP A 46 -12.46 -9.85 6.91
C ASP A 46 -11.48 -10.23 5.79
N SER A 47 -11.32 -11.53 5.57
CA SER A 47 -10.41 -12.02 4.53
C SER A 47 -10.90 -11.59 3.15
N VAL A 48 -12.21 -11.58 2.97
CA VAL A 48 -12.82 -11.18 1.69
C VAL A 48 -12.55 -9.71 1.41
N TYR A 49 -12.33 -8.94 2.46
CA TYR A 49 -12.08 -7.52 2.30
C TYR A 49 -10.78 -7.28 1.52
N ALA A 50 -9.72 -7.95 1.95
CA ALA A 50 -8.43 -7.80 1.30
C ALA A 50 -8.56 -7.99 -0.20
N LEU A 51 -9.37 -8.96 -0.61
CA LEU A 51 -9.56 -9.22 -2.02
C LEU A 51 -10.02 -7.97 -2.76
N SER A 52 -11.14 -7.41 -2.33
CA SER A 52 -11.67 -6.21 -2.96
C SER A 52 -10.73 -5.03 -2.80
N ILE A 53 -10.22 -4.85 -1.59
CA ILE A 53 -9.32 -3.75 -1.30
C ILE A 53 -8.02 -3.92 -2.09
N ALA A 54 -7.35 -5.05 -1.89
CA ALA A 54 -6.10 -5.30 -2.59
C ALA A 54 -6.27 -5.00 -4.08
N ALA A 55 -7.44 -5.33 -4.61
CA ALA A 55 -7.71 -5.05 -6.02
C ALA A 55 -7.77 -3.54 -6.27
N GLU A 56 -8.43 -2.81 -5.38
CA GLU A 56 -8.54 -1.36 -5.55
C GLU A 56 -7.18 -0.67 -5.40
N LEU A 57 -6.46 -1.00 -4.32
CA LEU A 57 -5.15 -0.43 -4.08
C LEU A 57 -4.23 -0.70 -5.25
N GLU A 58 -3.94 -1.96 -5.50
CA GLU A 58 -3.07 -2.31 -6.60
C GLU A 58 -3.57 -1.73 -7.91
N ASP A 59 -4.88 -1.71 -8.10
CA ASP A 59 -5.46 -1.17 -9.34
C ASP A 59 -5.02 0.29 -9.52
N HIS A 60 -4.80 0.97 -8.40
CA HIS A 60 -4.36 2.37 -8.46
C HIS A 60 -2.91 2.48 -8.87
N LEU A 61 -2.08 1.54 -8.40
CA LEU A 61 -0.65 1.55 -8.71
C LEU A 61 -0.34 0.62 -9.88
N ASP A 62 -1.38 0.15 -10.57
CA ASP A 62 -1.16 -0.73 -11.72
C ASP A 62 -0.16 -1.82 -11.42
N VAL A 63 -0.49 -2.67 -10.46
CA VAL A 63 0.41 -3.75 -10.09
C VAL A 63 -0.37 -4.96 -9.61
N SER A 64 0.23 -6.14 -9.66
CA SER A 64 -0.44 -7.36 -9.23
C SER A 64 0.27 -7.91 -8.00
N LEU A 65 -0.51 -8.26 -6.97
CA LEU A 65 0.06 -8.79 -5.73
C LEU A 65 -0.28 -10.27 -5.59
N ASP A 66 0.46 -10.96 -4.73
CA ASP A 66 0.23 -12.39 -4.51
C ASP A 66 -0.64 -12.61 -3.27
N PRO A 67 -1.27 -13.75 -3.17
CA PRO A 67 -2.15 -14.09 -2.01
C PRO A 67 -1.37 -14.17 -0.70
N THR A 68 -0.57 -15.21 -0.55
CA THR A 68 0.22 -15.40 0.66
C THR A 68 1.20 -14.25 0.86
N LEU A 69 1.44 -13.50 -0.21
CA LEU A 69 2.35 -12.36 -0.14
C LEU A 69 1.73 -11.21 0.65
N ILE A 70 0.45 -10.95 0.43
CA ILE A 70 -0.23 -9.88 1.13
C ILE A 70 -0.09 -10.07 2.64
N TRP A 71 -0.19 -11.32 3.08
CA TRP A 71 -0.05 -11.62 4.50
C TRP A 71 1.43 -11.58 4.91
N ASP A 72 2.31 -11.41 3.93
CA ASP A 72 3.75 -11.34 4.22
C ASP A 72 4.18 -9.90 4.51
N HIS A 73 3.56 -8.97 3.79
CA HIS A 73 3.86 -7.53 3.96
C HIS A 73 2.60 -6.76 4.41
N PRO A 74 2.01 -7.15 5.51
CA PRO A 74 0.78 -6.48 6.07
C PRO A 74 1.11 -5.13 6.69
N THR A 75 2.38 -4.77 6.70
CA THR A 75 2.82 -3.49 7.26
C THR A 75 3.37 -2.58 6.18
N ILE A 76 3.03 -1.30 6.27
CA ILE A 76 3.49 -0.31 5.29
C ILE A 76 5.00 -0.39 5.16
N ASP A 77 5.69 -0.64 6.26
CA ASP A 77 7.14 -0.71 6.22
C ASP A 77 7.59 -1.69 5.15
N ALA A 78 7.07 -2.91 5.22
CA ALA A 78 7.43 -3.94 4.24
C ALA A 78 6.95 -3.53 2.85
N LEU A 79 5.70 -3.08 2.77
CA LEU A 79 5.13 -2.68 1.49
C LEU A 79 5.93 -1.53 0.88
N SER A 80 6.30 -0.55 1.71
CA SER A 80 7.06 0.58 1.22
C SER A 80 8.38 0.11 0.62
N THR A 81 9.08 -0.76 1.35
CA THR A 81 10.35 -1.28 0.88
C THR A 81 10.16 -1.93 -0.48
N ALA A 82 9.11 -2.71 -0.61
CA ALA A 82 8.82 -3.37 -1.88
C ALA A 82 8.44 -2.35 -2.94
N LEU A 83 7.69 -1.31 -2.55
CA LEU A 83 7.27 -0.31 -3.50
C LEU A 83 8.47 0.42 -4.09
N VAL A 84 9.34 0.94 -3.24
CA VAL A 84 10.50 1.66 -3.70
C VAL A 84 11.39 0.73 -4.52
N ALA A 85 11.37 -0.56 -4.16
CA ALA A 85 12.16 -1.54 -4.89
C ALA A 85 11.75 -1.58 -6.35
N GLU A 86 10.45 -1.54 -6.60
CA GLU A 86 9.94 -1.58 -7.97
C GLU A 86 10.59 -0.47 -8.82
N LEU A 87 11.08 0.57 -8.14
CA LEU A 87 11.71 1.70 -8.83
C LEU A 87 13.18 1.40 -9.13
N ARG A 88 13.74 0.44 -8.41
CA ARG A 88 15.13 0.08 -8.63
C ARG A 88 15.26 -0.85 -9.84
N SER A 89 15.83 -2.03 -9.62
CA SER A 89 16.02 -3.01 -10.70
C SER A 89 15.51 -4.38 -10.27
N ALA A 90 14.32 -4.40 -9.67
CA ALA A 90 13.73 -5.65 -9.21
C ALA A 90 13.54 -6.61 -10.38
N GLY A 1 -1.80 7.87 -19.13
CA GLY A 1 -2.45 8.33 -17.87
C GLY A 1 -3.05 9.71 -18.08
N HIS A 2 -4.19 9.94 -17.44
CA HIS A 2 -4.87 11.23 -17.57
C HIS A 2 -4.08 12.33 -16.86
N MET A 3 -3.39 11.95 -15.78
CA MET A 3 -2.59 12.90 -15.01
C MET A 3 -1.14 12.46 -14.93
N SER A 4 -0.24 13.41 -14.71
CA SER A 4 1.18 13.12 -14.61
C SER A 4 1.46 12.17 -13.45
N ASP A 5 0.77 12.40 -12.34
CA ASP A 5 0.94 11.56 -11.15
C ASP A 5 2.42 11.45 -10.79
N LEU A 6 3.07 12.60 -10.64
CA LEU A 6 4.48 12.65 -10.31
C LEU A 6 5.31 11.96 -11.39
N SER A 7 6.53 12.43 -11.59
CA SER A 7 7.41 11.86 -12.60
C SER A 7 7.44 10.34 -12.48
N THR A 8 8.19 9.70 -13.38
CA THR A 8 8.29 8.24 -13.37
C THR A 8 9.34 7.78 -12.38
N ALA A 9 9.68 8.66 -11.44
CA ALA A 9 10.66 8.33 -10.41
C ALA A 9 10.21 8.84 -9.05
N PRO A 10 9.20 8.22 -8.49
CA PRO A 10 8.65 8.61 -7.15
C PRO A 10 9.68 8.42 -6.04
N THR A 11 9.36 8.93 -4.86
CA THR A 11 10.23 8.82 -3.70
C THR A 11 9.56 8.01 -2.60
N LEU A 12 10.37 7.29 -1.83
CA LEU A 12 9.85 6.45 -0.75
C LEU A 12 8.82 7.22 0.06
N ASP A 13 9.03 8.53 0.18
CA ASP A 13 8.12 9.35 0.96
C ASP A 13 6.79 9.51 0.24
N SER A 14 6.84 9.66 -1.09
CA SER A 14 5.62 9.83 -1.87
C SER A 14 4.78 8.57 -1.83
N LEU A 15 5.41 7.41 -1.87
CA LEU A 15 4.67 6.18 -1.81
C LEU A 15 4.21 5.92 -0.38
N ARG A 16 5.15 5.71 0.52
CA ARG A 16 4.82 5.45 1.92
C ARG A 16 3.60 6.27 2.35
N VAL A 17 3.64 7.58 2.07
CA VAL A 17 2.54 8.46 2.43
C VAL A 17 1.26 8.02 1.67
N TRP A 18 1.42 7.63 0.40
CA TRP A 18 0.26 7.19 -0.39
C TRP A 18 -0.46 6.03 0.30
N LEU A 19 0.31 5.01 0.70
CA LEU A 19 -0.25 3.83 1.35
C LEU A 19 -1.02 4.20 2.60
N VAL A 20 -0.36 4.86 3.53
CA VAL A 20 -1.02 5.24 4.75
C VAL A 20 -2.16 6.21 4.48
N ASP A 21 -1.87 7.25 3.71
CA ASP A 21 -2.88 8.25 3.39
C ASP A 21 -4.05 7.60 2.65
N CYS A 22 -3.74 6.59 1.86
CA CYS A 22 -4.77 5.89 1.11
C CYS A 22 -5.75 5.23 2.07
N VAL A 23 -5.23 4.53 3.06
CA VAL A 23 -6.09 3.87 4.04
C VAL A 23 -6.93 4.89 4.79
N ALA A 24 -6.29 5.94 5.30
CA ALA A 24 -7.00 6.96 6.04
C ALA A 24 -8.23 7.44 5.28
N GLY A 25 -8.04 7.84 4.04
CA GLY A 25 -9.15 8.34 3.24
C GLY A 25 -10.12 7.22 2.86
N HIS A 26 -9.60 6.10 2.39
CA HIS A 26 -10.44 4.98 1.96
C HIS A 26 -11.17 4.36 3.14
N LEU A 27 -10.44 4.06 4.19
CA LEU A 27 -11.03 3.43 5.36
C LEU A 27 -11.63 4.49 6.30
N GLY A 28 -11.15 5.73 6.23
CA GLY A 28 -11.68 6.75 7.13
C GLY A 28 -10.99 6.64 8.49
N LEU A 29 -9.69 6.93 8.52
CA LEU A 29 -8.91 6.86 9.75
C LEU A 29 -7.80 7.91 9.79
N ASP A 30 -7.38 8.29 10.99
CA ASP A 30 -6.31 9.28 11.14
C ASP A 30 -4.98 8.71 10.66
N ALA A 31 -4.39 9.35 9.66
CA ALA A 31 -3.13 8.89 9.12
C ALA A 31 -2.05 8.83 10.21
N ALA A 32 -2.04 9.83 11.08
CA ALA A 32 -1.06 9.89 12.15
C ALA A 32 -1.21 8.70 13.10
N THR A 33 -2.31 7.97 12.94
CA THR A 33 -2.55 6.81 13.79
C THR A 33 -3.23 5.70 12.99
N ILE A 34 -2.78 5.50 11.75
CA ILE A 34 -3.39 4.45 10.94
C ILE A 34 -2.95 3.09 11.42
N ALA A 35 -1.73 2.73 11.12
CA ALA A 35 -1.21 1.43 11.50
C ALA A 35 0.19 1.25 10.93
N THR A 36 0.85 2.34 10.56
CA THR A 36 2.18 2.26 9.95
C THR A 36 3.00 1.14 10.58
N ASP A 37 2.88 1.00 11.90
CA ASP A 37 3.60 -0.05 12.61
C ASP A 37 2.73 -1.29 12.79
N LEU A 38 1.42 -1.13 12.63
CA LEU A 38 0.49 -2.24 12.79
C LEU A 38 0.09 -2.82 11.43
N PRO A 39 -0.26 -4.07 11.38
CA PRO A 39 -0.70 -4.74 10.14
C PRO A 39 -2.07 -4.25 9.68
N LEU A 40 -2.56 -4.82 8.58
CA LEU A 40 -3.88 -4.47 8.07
C LEU A 40 -4.98 -5.08 8.91
N THR A 41 -4.67 -6.20 9.54
CA THR A 41 -5.64 -6.90 10.37
C THR A 41 -6.25 -5.97 11.39
N SER A 42 -5.43 -5.04 11.90
CA SER A 42 -5.91 -4.10 12.90
C SER A 42 -7.25 -3.49 12.49
N TYR A 43 -7.45 -3.34 11.18
CA TYR A 43 -8.69 -2.77 10.67
C TYR A 43 -9.86 -3.74 10.90
N GLY A 44 -9.55 -4.93 11.37
CA GLY A 44 -10.57 -5.92 11.65
C GLY A 44 -11.30 -6.32 10.38
N LEU A 45 -10.63 -6.15 9.24
CA LEU A 45 -11.22 -6.48 7.96
C LEU A 45 -11.29 -7.98 7.72
N ASP A 46 -12.40 -8.45 7.18
CA ASP A 46 -12.55 -9.86 6.89
C ASP A 46 -11.50 -10.32 5.88
N SER A 47 -11.37 -11.62 5.71
CA SER A 47 -10.41 -12.18 4.76
C SER A 47 -10.78 -11.82 3.32
N VAL A 48 -12.08 -11.74 3.07
CA VAL A 48 -12.57 -11.40 1.73
C VAL A 48 -12.28 -9.93 1.42
N TYR A 49 -12.16 -9.12 2.45
CA TYR A 49 -11.91 -7.70 2.26
C TYR A 49 -10.54 -7.48 1.62
N ALA A 50 -9.52 -8.09 2.20
CA ALA A 50 -8.16 -7.94 1.69
C ALA A 50 -8.13 -8.12 0.19
N LEU A 51 -8.97 -9.00 -0.31
CA LEU A 51 -9.03 -9.24 -1.75
C LEU A 51 -9.48 -7.99 -2.49
N SER A 52 -10.55 -7.38 -2.02
CA SER A 52 -11.07 -6.17 -2.66
C SER A 52 -10.14 -4.99 -2.45
N ILE A 53 -9.76 -4.74 -1.21
CA ILE A 53 -8.90 -3.61 -0.91
C ILE A 53 -7.55 -3.77 -1.60
N ALA A 54 -6.89 -4.89 -1.32
CA ALA A 54 -5.58 -5.14 -1.93
C ALA A 54 -5.66 -4.97 -3.44
N ALA A 55 -6.78 -5.40 -4.01
CA ALA A 55 -6.98 -5.26 -5.46
C ALA A 55 -7.11 -3.79 -5.87
N GLU A 56 -7.84 -3.02 -5.07
CA GLU A 56 -8.04 -1.61 -5.38
C GLU A 56 -6.73 -0.84 -5.28
N LEU A 57 -6.00 -1.07 -4.19
CA LEU A 57 -4.73 -0.38 -3.98
C LEU A 57 -3.78 -0.68 -5.13
N GLU A 58 -3.42 -1.94 -5.29
CA GLU A 58 -2.49 -2.30 -6.36
C GLU A 58 -3.02 -1.85 -7.72
N ASP A 59 -4.34 -1.91 -7.90
CA ASP A 59 -4.95 -1.50 -9.15
C ASP A 59 -4.64 -0.03 -9.44
N HIS A 60 -4.50 0.76 -8.39
CA HIS A 60 -4.19 2.17 -8.56
C HIS A 60 -2.77 2.38 -9.08
N LEU A 61 -1.84 1.53 -8.62
CA LEU A 61 -0.45 1.64 -9.05
C LEU A 61 -0.15 0.69 -10.20
N ASP A 62 -1.19 0.29 -10.93
CA ASP A 62 -1.02 -0.61 -12.06
C ASP A 62 -0.08 -1.75 -11.72
N VAL A 63 -0.47 -2.54 -10.74
CA VAL A 63 0.34 -3.67 -10.30
C VAL A 63 -0.55 -4.76 -9.71
N SER A 64 -0.01 -5.97 -9.62
CA SER A 64 -0.76 -7.09 -9.05
C SER A 64 -0.01 -7.66 -7.85
N LEU A 65 -0.75 -8.07 -6.83
CA LEU A 65 -0.15 -8.62 -5.61
C LEU A 65 -0.41 -10.11 -5.52
N ASP A 66 0.42 -10.81 -4.74
CA ASP A 66 0.27 -12.25 -4.58
C ASP A 66 -0.54 -12.56 -3.31
N PRO A 67 -1.12 -13.73 -3.24
CA PRO A 67 -1.94 -14.15 -2.06
C PRO A 67 -1.12 -14.18 -0.76
N THR A 68 -0.32 -15.22 -0.61
CA THR A 68 0.50 -15.37 0.59
C THR A 68 1.44 -14.18 0.75
N LEU A 69 1.65 -13.44 -0.33
CA LEU A 69 2.51 -12.27 -0.30
C LEU A 69 1.88 -11.15 0.53
N ILE A 70 0.58 -10.95 0.36
CA ILE A 70 -0.11 -9.90 1.10
C ILE A 70 0.06 -10.10 2.59
N TRP A 71 -0.07 -11.35 3.03
CA TRP A 71 0.09 -11.66 4.44
C TRP A 71 1.55 -11.53 4.85
N ASP A 72 2.44 -11.39 3.87
CA ASP A 72 3.87 -11.26 4.14
C ASP A 72 4.22 -9.80 4.43
N HIS A 73 3.55 -8.89 3.73
CA HIS A 73 3.77 -7.45 3.92
C HIS A 73 2.49 -6.75 4.38
N PRO A 74 1.92 -7.19 5.48
CA PRO A 74 0.67 -6.60 6.05
C PRO A 74 0.91 -5.22 6.67
N THR A 75 2.19 -4.83 6.72
CA THR A 75 2.55 -3.52 7.28
C THR A 75 2.96 -2.54 6.19
N ILE A 76 2.83 -1.25 6.48
CA ILE A 76 3.18 -0.21 5.52
C ILE A 76 4.67 -0.25 5.21
N ASP A 77 5.48 -0.41 6.25
CA ASP A 77 6.92 -0.45 6.06
C ASP A 77 7.29 -1.48 5.00
N ALA A 78 6.78 -2.70 5.15
CA ALA A 78 7.07 -3.76 4.19
C ALA A 78 6.41 -3.44 2.85
N LEU A 79 5.16 -3.02 2.89
CA LEU A 79 4.43 -2.74 1.67
C LEU A 79 5.14 -1.65 0.88
N SER A 80 5.51 -0.56 1.56
CA SER A 80 6.19 0.54 0.91
C SER A 80 7.51 0.07 0.33
N THR A 81 8.26 -0.69 1.13
CA THR A 81 9.55 -1.20 0.69
C THR A 81 9.38 -1.99 -0.61
N ALA A 82 8.34 -2.81 -0.66
CA ALA A 82 8.09 -3.60 -1.84
C ALA A 82 7.67 -2.71 -3.01
N LEU A 83 6.86 -1.70 -2.72
CA LEU A 83 6.39 -0.80 -3.77
C LEU A 83 7.56 -0.08 -4.43
N VAL A 84 8.40 0.55 -3.62
CA VAL A 84 9.55 1.26 -4.14
C VAL A 84 10.49 0.30 -4.86
N ALA A 85 10.51 -0.95 -4.39
CA ALA A 85 11.37 -1.95 -5.00
C ALA A 85 11.00 -2.16 -6.46
N GLU A 86 9.70 -2.12 -6.73
CA GLU A 86 9.22 -2.29 -8.11
C GLU A 86 10.02 -1.40 -9.08
N LEU A 87 10.68 -0.40 -8.53
CA LEU A 87 11.48 0.55 -9.33
C LEU A 87 12.96 0.23 -9.25
N ARG A 88 13.33 -0.59 -8.28
CA ARG A 88 14.73 -0.96 -8.09
C ARG A 88 15.07 -2.21 -8.91
N SER A 89 14.05 -2.82 -9.51
CA SER A 89 14.27 -4.01 -10.31
C SER A 89 14.55 -3.63 -11.76
N ALA A 90 15.51 -2.74 -11.95
CA ALA A 90 15.88 -2.29 -13.29
C ALA A 90 16.13 -3.49 -14.20
N GLY A 1 0.56 5.26 -20.60
CA GLY A 1 0.69 6.36 -21.62
C GLY A 1 1.77 7.35 -21.17
N HIS A 2 1.34 8.49 -20.66
CA HIS A 2 2.27 9.52 -20.20
C HIS A 2 1.64 10.37 -19.11
N MET A 3 2.47 11.02 -18.31
CA MET A 3 1.98 11.86 -17.22
C MET A 3 0.82 11.19 -16.49
N SER A 4 1.11 10.06 -15.86
CA SER A 4 0.08 9.31 -15.13
C SER A 4 0.68 8.62 -13.91
N ASP A 5 -0.08 8.58 -12.83
CA ASP A 5 0.38 7.93 -11.60
C ASP A 5 1.77 8.44 -11.23
N LEU A 6 1.94 9.76 -11.24
CA LEU A 6 3.22 10.37 -10.91
C LEU A 6 4.26 10.05 -11.98
N SER A 7 5.41 9.55 -11.55
CA SER A 7 6.49 9.21 -12.49
C SER A 7 6.91 7.76 -12.31
N THR A 8 7.54 7.19 -13.32
CA THR A 8 7.97 5.81 -13.26
C THR A 8 9.05 5.63 -12.20
N ALA A 9 9.30 6.67 -11.42
CA ALA A 9 10.31 6.62 -10.37
C ALA A 9 9.82 7.37 -9.13
N PRO A 10 8.88 6.81 -8.42
CA PRO A 10 8.32 7.41 -7.18
C PRO A 10 9.35 7.46 -6.06
N THR A 11 9.09 8.28 -5.06
CA THR A 11 10.00 8.41 -3.91
C THR A 11 9.44 7.68 -2.70
N LEU A 12 10.33 7.26 -1.82
CA LEU A 12 9.93 6.52 -0.63
C LEU A 12 8.81 7.27 0.10
N ASP A 13 8.97 8.57 0.20
CA ASP A 13 7.97 9.39 0.88
C ASP A 13 6.68 9.43 0.07
N SER A 14 6.80 9.49 -1.25
CA SER A 14 5.62 9.54 -2.11
C SER A 14 4.83 8.24 -2.02
N LEU A 15 5.55 7.12 -1.97
CA LEU A 15 4.86 5.85 -1.87
C LEU A 15 4.30 5.66 -0.47
N ARG A 16 5.19 5.56 0.51
CA ARG A 16 4.79 5.35 1.90
C ARG A 16 3.52 6.16 2.21
N VAL A 17 3.53 7.45 1.89
CA VAL A 17 2.37 8.30 2.13
C VAL A 17 1.17 7.76 1.34
N TRP A 18 1.42 7.29 0.13
CA TRP A 18 0.33 6.74 -0.69
C TRP A 18 -0.34 5.57 0.04
N LEU A 19 0.47 4.64 0.53
CA LEU A 19 -0.05 3.46 1.23
C LEU A 19 -0.91 3.88 2.41
N VAL A 20 -0.34 4.62 3.33
CA VAL A 20 -1.09 5.05 4.49
C VAL A 20 -2.25 5.94 4.10
N ASP A 21 -1.96 6.97 3.31
CA ASP A 21 -3.01 7.90 2.89
C ASP A 21 -4.16 7.16 2.23
N CYS A 22 -3.84 6.01 1.63
CA CYS A 22 -4.85 5.20 0.97
C CYS A 22 -5.77 4.59 2.02
N VAL A 23 -5.19 4.04 3.08
CA VAL A 23 -6.01 3.44 4.13
C VAL A 23 -6.87 4.50 4.81
N ALA A 24 -6.23 5.56 5.31
CA ALA A 24 -6.96 6.60 6.02
C ALA A 24 -8.19 7.02 5.23
N GLY A 25 -7.98 7.43 3.99
CA GLY A 25 -9.10 7.86 3.16
C GLY A 25 -10.15 6.76 3.05
N HIS A 26 -9.69 5.52 2.97
CA HIS A 26 -10.61 4.38 2.87
C HIS A 26 -11.30 4.08 4.20
N LEU A 27 -10.60 4.33 5.29
CA LEU A 27 -11.15 4.04 6.62
C LEU A 27 -11.36 5.32 7.41
N GLY A 28 -11.53 6.44 6.72
CA GLY A 28 -11.76 7.71 7.40
C GLY A 28 -10.73 7.97 8.49
N LEU A 29 -9.88 6.99 8.77
CA LEU A 29 -8.89 7.10 9.80
C LEU A 29 -7.82 8.07 9.36
N ASP A 30 -7.05 8.55 10.32
CA ASP A 30 -5.99 9.51 10.04
C ASP A 30 -4.66 8.81 9.84
N ALA A 31 -3.93 9.23 8.82
CA ALA A 31 -2.64 8.64 8.52
C ALA A 31 -1.73 8.64 9.74
N ALA A 32 -1.83 9.71 10.54
CA ALA A 32 -1.01 9.80 11.74
C ALA A 32 -1.37 8.73 12.76
N THR A 33 -2.51 8.08 12.55
CA THR A 33 -2.95 7.03 13.46
C THR A 33 -3.53 5.86 12.69
N ILE A 34 -3.01 5.64 11.48
CA ILE A 34 -3.50 4.54 10.68
C ILE A 34 -3.05 3.21 11.25
N ALA A 35 -1.77 2.93 11.10
CA ALA A 35 -1.21 1.69 11.57
C ALA A 35 0.19 1.48 10.99
N THR A 36 0.82 2.55 10.49
CA THR A 36 2.14 2.43 9.88
C THR A 36 2.99 1.41 10.63
N ASP A 37 2.81 1.34 11.95
CA ASP A 37 3.56 0.40 12.77
C ASP A 37 2.72 -0.83 13.09
N LEU A 38 1.42 -0.75 12.83
CA LEU A 38 0.51 -1.87 13.08
C LEU A 38 0.15 -2.57 11.77
N PRO A 39 -0.19 -3.83 11.85
CA PRO A 39 -0.60 -4.63 10.66
C PRO A 39 -1.97 -4.19 10.13
N LEU A 40 -2.43 -4.86 9.09
CA LEU A 40 -3.74 -4.56 8.51
C LEU A 40 -4.85 -5.10 9.39
N THR A 41 -4.54 -6.13 10.16
CA THR A 41 -5.54 -6.76 11.02
C THR A 41 -6.23 -5.72 11.90
N SER A 42 -5.46 -4.74 12.36
CA SER A 42 -6.01 -3.71 13.23
C SER A 42 -7.33 -3.18 12.67
N TYR A 43 -7.43 -3.12 11.35
CA TYR A 43 -8.64 -2.63 10.70
C TYR A 43 -9.81 -3.59 10.95
N GLY A 44 -9.50 -4.74 11.51
CA GLY A 44 -10.54 -5.72 11.82
C GLY A 44 -11.22 -6.19 10.55
N LEU A 45 -10.53 -6.06 9.43
CA LEU A 45 -11.08 -6.46 8.14
C LEU A 45 -11.15 -7.98 7.99
N ASP A 46 -12.19 -8.46 7.34
CA ASP A 46 -12.34 -9.89 7.12
C ASP A 46 -11.32 -10.37 6.08
N SER A 47 -11.39 -11.64 5.71
CA SER A 47 -10.48 -12.20 4.72
C SER A 47 -10.88 -11.77 3.31
N VAL A 48 -12.18 -11.68 3.07
CA VAL A 48 -12.68 -11.27 1.76
C VAL A 48 -12.29 -9.83 1.45
N TYR A 49 -12.09 -9.04 2.50
CA TYR A 49 -11.73 -7.64 2.31
C TYR A 49 -10.47 -7.52 1.47
N ALA A 50 -9.43 -8.24 1.86
CA ALA A 50 -8.17 -8.19 1.13
C ALA A 50 -8.43 -8.32 -0.36
N LEU A 51 -9.31 -9.24 -0.71
CA LEU A 51 -9.62 -9.46 -2.11
C LEU A 51 -9.93 -8.15 -2.81
N SER A 52 -11.03 -7.52 -2.42
CA SER A 52 -11.43 -6.27 -3.04
C SER A 52 -10.46 -5.16 -2.72
N ILE A 53 -10.10 -5.04 -1.45
CA ILE A 53 -9.17 -4.01 -1.04
C ILE A 53 -7.87 -4.10 -1.82
N ALA A 54 -7.15 -5.20 -1.62
CA ALA A 54 -5.89 -5.40 -2.33
C ALA A 54 -6.07 -5.12 -3.82
N ALA A 55 -7.22 -5.52 -4.36
CA ALA A 55 -7.49 -5.30 -5.77
C ALA A 55 -7.63 -3.81 -6.07
N GLU A 56 -8.28 -3.08 -5.18
CA GLU A 56 -8.46 -1.64 -5.37
C GLU A 56 -7.14 -0.90 -5.20
N LEU A 57 -6.40 -1.24 -4.16
CA LEU A 57 -5.12 -0.59 -3.91
C LEU A 57 -4.23 -0.69 -5.14
N GLU A 58 -3.88 -1.91 -5.50
CA GLU A 58 -3.01 -2.13 -6.66
C GLU A 58 -3.61 -1.51 -7.91
N ASP A 59 -4.95 -1.50 -8.00
CA ASP A 59 -5.61 -0.92 -9.16
C ASP A 59 -5.29 0.56 -9.29
N HIS A 60 -5.27 1.27 -8.16
CA HIS A 60 -4.98 2.69 -8.19
C HIS A 60 -3.64 2.96 -8.87
N LEU A 61 -2.64 2.16 -8.51
CA LEU A 61 -1.32 2.32 -9.10
C LEU A 61 -1.25 1.70 -10.46
N ASP A 62 -1.87 0.51 -10.62
CA ASP A 62 -1.86 -0.23 -11.88
C ASP A 62 -0.76 -1.28 -11.85
N VAL A 63 -0.96 -2.31 -11.03
CA VAL A 63 0.02 -3.38 -10.89
C VAL A 63 -0.62 -4.63 -10.31
N SER A 64 0.13 -5.73 -10.30
CA SER A 64 -0.36 -7.00 -9.75
C SER A 64 0.54 -7.45 -8.61
N LEU A 65 -0.08 -8.02 -7.57
CA LEU A 65 0.65 -8.49 -6.39
C LEU A 65 0.45 -10.00 -6.21
N ASP A 66 1.12 -10.56 -5.23
CA ASP A 66 1.01 -11.99 -4.95
C ASP A 66 0.04 -12.23 -3.79
N PRO A 67 -0.52 -13.41 -3.71
CA PRO A 67 -1.47 -13.78 -2.62
C PRO A 67 -0.78 -13.88 -1.25
N THR A 68 0.03 -14.91 -1.08
CA THR A 68 0.73 -15.12 0.17
C THR A 68 1.61 -13.92 0.50
N LEU A 69 1.97 -13.17 -0.53
CA LEU A 69 2.80 -11.98 -0.34
C LEU A 69 2.05 -10.92 0.47
N ILE A 70 0.77 -10.72 0.12
CA ILE A 70 -0.04 -9.72 0.82
C ILE A 70 -0.03 -10.00 2.31
N TRP A 71 -0.16 -11.26 2.68
CA TRP A 71 -0.15 -11.64 4.09
C TRP A 71 1.27 -11.56 4.63
N ASP A 72 2.26 -11.58 3.74
CA ASP A 72 3.65 -11.51 4.15
C ASP A 72 3.99 -10.12 4.64
N HIS A 73 3.51 -9.10 3.93
CA HIS A 73 3.74 -7.70 4.31
C HIS A 73 2.46 -7.06 4.83
N PRO A 74 1.99 -7.46 6.00
CA PRO A 74 0.74 -6.91 6.61
C PRO A 74 0.92 -5.49 7.10
N THR A 75 2.18 -5.03 7.14
CA THR A 75 2.48 -3.67 7.60
C THR A 75 2.89 -2.79 6.43
N ILE A 76 2.70 -1.49 6.59
CA ILE A 76 3.06 -0.53 5.57
C ILE A 76 4.57 -0.50 5.35
N ASP A 77 5.32 -0.54 6.46
CA ASP A 77 6.77 -0.50 6.38
C ASP A 77 7.26 -1.53 5.36
N ALA A 78 6.77 -2.75 5.47
CA ALA A 78 7.17 -3.80 4.53
C ALA A 78 6.60 -3.51 3.15
N LEU A 79 5.34 -3.09 3.11
CA LEU A 79 4.70 -2.82 1.84
C LEU A 79 5.46 -1.74 1.07
N SER A 80 5.74 -0.64 1.73
CA SER A 80 6.47 0.46 1.11
C SER A 80 7.86 -0.01 0.69
N THR A 81 8.51 -0.74 1.58
CA THR A 81 9.85 -1.24 1.30
C THR A 81 9.84 -2.09 0.02
N ALA A 82 8.83 -2.93 -0.11
CA ALA A 82 8.72 -3.78 -1.29
C ALA A 82 8.42 -2.94 -2.52
N LEU A 83 7.54 -1.94 -2.38
CA LEU A 83 7.15 -1.10 -3.51
C LEU A 83 8.36 -0.35 -4.05
N VAL A 84 9.08 0.32 -3.16
CA VAL A 84 10.26 1.07 -3.58
C VAL A 84 11.30 0.13 -4.18
N ALA A 85 11.32 -1.10 -3.69
CA ALA A 85 12.25 -2.09 -4.21
C ALA A 85 11.99 -2.33 -5.68
N GLU A 86 10.73 -2.34 -6.08
CA GLU A 86 10.37 -2.57 -7.47
C GLU A 86 11.18 -1.65 -8.38
N LEU A 87 11.72 -0.58 -7.80
CA LEU A 87 12.54 0.38 -8.56
C LEU A 87 13.99 0.32 -8.11
N ARG A 88 14.22 -0.27 -6.94
CA ARG A 88 15.57 -0.39 -6.39
C ARG A 88 15.89 -1.84 -6.05
N SER A 89 16.86 -2.41 -6.76
CA SER A 89 17.26 -3.78 -6.51
C SER A 89 16.07 -4.72 -6.69
N ALA A 90 16.36 -5.99 -6.98
CA ALA A 90 15.32 -6.98 -7.19
C ALA A 90 15.14 -7.84 -5.94
N GLY A 1 14.91 -4.59 -16.48
CA GLY A 1 14.18 -4.25 -17.73
C GLY A 1 14.35 -2.78 -18.05
N HIS A 2 13.42 -1.96 -17.57
CA HIS A 2 13.48 -0.52 -17.81
C HIS A 2 12.71 0.24 -16.74
N MET A 3 12.76 1.55 -16.79
CA MET A 3 12.08 2.39 -15.82
C MET A 3 10.56 2.15 -15.89
N SER A 4 9.90 2.28 -14.74
CA SER A 4 8.46 2.08 -14.69
C SER A 4 7.75 3.08 -15.58
N ASP A 5 6.44 3.22 -15.38
CA ASP A 5 5.64 4.15 -16.18
C ASP A 5 4.83 5.07 -15.28
N LEU A 6 5.53 5.89 -14.50
CA LEU A 6 4.89 6.83 -13.58
C LEU A 6 5.45 8.24 -13.79
N SER A 7 4.70 9.23 -13.33
CA SER A 7 5.09 10.64 -13.44
C SER A 7 5.49 11.18 -12.09
N THR A 8 5.98 12.41 -12.08
CA THR A 8 6.42 13.05 -10.85
C THR A 8 7.52 12.22 -10.18
N ALA A 9 7.70 11.01 -10.68
CA ALA A 9 8.68 10.11 -10.13
C ALA A 9 8.29 9.69 -8.70
N PRO A 10 8.04 8.42 -8.44
CA PRO A 10 7.64 7.93 -7.10
C PRO A 10 8.81 7.89 -6.12
N THR A 11 8.70 8.65 -5.04
CA THR A 11 9.75 8.70 -4.02
C THR A 11 9.31 7.95 -2.77
N LEU A 12 10.26 7.55 -1.95
CA LEU A 12 9.95 6.79 -0.75
C LEU A 12 8.89 7.52 0.08
N ASP A 13 9.05 8.83 0.20
CA ASP A 13 8.10 9.61 0.96
C ASP A 13 6.77 9.70 0.23
N SER A 14 6.81 9.78 -1.10
CA SER A 14 5.59 9.86 -1.89
C SER A 14 4.80 8.56 -1.79
N LEU A 15 5.51 7.44 -1.80
CA LEU A 15 4.83 6.17 -1.71
C LEU A 15 4.34 5.97 -0.28
N ARG A 16 5.28 5.81 0.64
CA ARG A 16 4.92 5.57 2.04
C ARG A 16 3.67 6.36 2.43
N VAL A 17 3.67 7.66 2.14
CA VAL A 17 2.53 8.53 2.45
C VAL A 17 1.29 8.02 1.69
N TRP A 18 1.48 7.58 0.45
CA TRP A 18 0.36 7.06 -0.33
C TRP A 18 -0.32 5.91 0.40
N LEU A 19 0.47 4.94 0.84
CA LEU A 19 -0.05 3.77 1.52
C LEU A 19 -0.89 4.18 2.72
N VAL A 20 -0.26 4.85 3.67
CA VAL A 20 -0.99 5.27 4.84
C VAL A 20 -2.16 6.16 4.47
N ASP A 21 -1.91 7.16 3.64
CA ASP A 21 -2.96 8.07 3.24
C ASP A 21 -4.11 7.31 2.58
N CYS A 22 -3.76 6.26 1.86
CA CYS A 22 -4.77 5.45 1.20
C CYS A 22 -5.67 4.77 2.22
N VAL A 23 -5.06 4.17 3.24
CA VAL A 23 -5.85 3.50 4.26
C VAL A 23 -6.73 4.51 4.99
N ALA A 24 -6.13 5.63 5.42
CA ALA A 24 -6.88 6.65 6.13
C ALA A 24 -8.15 6.98 5.37
N GLY A 25 -7.99 7.25 4.07
CA GLY A 25 -9.14 7.57 3.25
C GLY A 25 -10.12 6.40 3.19
N HIS A 26 -9.59 5.20 3.03
CA HIS A 26 -10.43 4.01 2.95
C HIS A 26 -11.30 3.87 4.19
N LEU A 27 -10.70 3.92 5.38
CA LEU A 27 -11.48 3.79 6.61
C LEU A 27 -12.04 5.14 7.03
N GLY A 28 -11.28 6.19 6.79
CA GLY A 28 -11.66 7.56 7.15
C GLY A 28 -10.97 8.01 8.44
N LEU A 29 -10.21 7.11 9.07
CA LEU A 29 -9.52 7.44 10.31
C LEU A 29 -8.39 8.42 10.04
N ASP A 30 -7.65 8.77 11.08
CA ASP A 30 -6.53 9.70 10.94
C ASP A 30 -5.28 8.96 10.47
N ALA A 31 -4.61 9.53 9.48
CA ALA A 31 -3.38 8.93 8.94
C ALA A 31 -2.31 8.79 10.02
N ALA A 32 -2.23 9.78 10.91
CA ALA A 32 -1.24 9.75 11.97
C ALA A 32 -1.49 8.59 12.94
N THR A 33 -2.65 7.96 12.84
CA THR A 33 -2.98 6.85 13.72
C THR A 33 -3.56 5.70 12.92
N ILE A 34 -3.01 5.46 11.73
CA ILE A 34 -3.51 4.37 10.92
C ILE A 34 -2.96 3.04 11.40
N ALA A 35 -1.71 2.80 11.05
CA ALA A 35 -1.06 1.56 11.41
C ALA A 35 0.33 1.48 10.79
N THR A 36 0.90 2.64 10.42
CA THR A 36 2.22 2.66 9.76
C THR A 36 3.13 1.58 10.31
N ASP A 37 3.10 1.37 11.62
CA ASP A 37 3.92 0.35 12.24
C ASP A 37 3.12 -0.93 12.47
N LEU A 38 1.79 -0.82 12.41
CA LEU A 38 0.92 -1.98 12.64
C LEU A 38 0.44 -2.56 11.31
N PRO A 39 0.07 -3.82 11.30
CA PRO A 39 -0.45 -4.47 10.08
C PRO A 39 -1.86 -3.97 9.72
N LEU A 40 -2.39 -4.48 8.63
CA LEU A 40 -3.73 -4.12 8.18
C LEU A 40 -4.80 -4.79 9.05
N THR A 41 -4.42 -5.91 9.65
CA THR A 41 -5.35 -6.67 10.48
C THR A 41 -5.99 -5.77 11.51
N SER A 42 -5.24 -4.79 11.99
CA SER A 42 -5.75 -3.87 13.00
C SER A 42 -7.15 -3.38 12.63
N TYR A 43 -7.42 -3.25 11.33
CA TYR A 43 -8.72 -2.78 10.87
C TYR A 43 -9.78 -3.87 11.06
N GLY A 44 -9.34 -5.04 11.45
CA GLY A 44 -10.27 -6.14 11.71
C GLY A 44 -10.98 -6.53 10.43
N LEU A 45 -10.43 -6.13 9.30
CA LEU A 45 -11.03 -6.45 8.01
C LEU A 45 -11.05 -7.96 7.75
N ASP A 46 -12.17 -8.45 7.24
CA ASP A 46 -12.29 -9.87 6.95
C ASP A 46 -11.38 -10.25 5.79
N SER A 47 -11.45 -11.51 5.37
CA SER A 47 -10.63 -11.99 4.26
C SER A 47 -11.15 -11.44 2.93
N VAL A 48 -12.47 -11.29 2.83
CA VAL A 48 -13.08 -10.78 1.61
C VAL A 48 -12.60 -9.36 1.32
N TYR A 49 -12.23 -8.65 2.37
CA TYR A 49 -11.76 -7.28 2.20
C TYR A 49 -10.50 -7.24 1.34
N ALA A 50 -9.54 -8.08 1.66
CA ALA A 50 -8.31 -8.10 0.91
C ALA A 50 -8.60 -8.18 -0.56
N LEU A 51 -9.50 -9.06 -0.95
CA LEU A 51 -9.84 -9.20 -2.35
C LEU A 51 -10.06 -7.85 -3.01
N SER A 52 -11.12 -7.17 -2.61
CA SER A 52 -11.42 -5.88 -3.19
C SER A 52 -10.39 -4.84 -2.80
N ILE A 53 -10.07 -4.79 -1.52
CA ILE A 53 -9.11 -3.82 -1.04
C ILE A 53 -7.76 -4.02 -1.72
N ALA A 54 -7.17 -5.19 -1.52
CA ALA A 54 -5.88 -5.48 -2.12
C ALA A 54 -5.92 -5.17 -3.60
N ALA A 55 -7.05 -5.47 -4.25
CA ALA A 55 -7.21 -5.22 -5.67
C ALA A 55 -7.25 -3.71 -5.95
N GLU A 56 -7.89 -2.96 -5.06
CA GLU A 56 -7.99 -1.52 -5.25
C GLU A 56 -6.63 -0.84 -5.06
N LEU A 57 -5.95 -1.20 -3.98
CA LEU A 57 -4.66 -0.60 -3.68
C LEU A 57 -3.66 -0.89 -4.78
N GLU A 58 -3.56 -2.16 -5.16
CA GLU A 58 -2.62 -2.54 -6.21
C GLU A 58 -3.06 -1.99 -7.58
N ASP A 59 -4.37 -2.01 -7.82
CA ASP A 59 -4.92 -1.51 -9.09
C ASP A 59 -4.57 -0.05 -9.28
N HIS A 60 -4.40 0.66 -8.18
CA HIS A 60 -4.06 2.07 -8.25
C HIS A 60 -2.65 2.25 -8.81
N LEU A 61 -1.74 1.36 -8.45
CA LEU A 61 -0.34 1.46 -8.89
C LEU A 61 -0.08 0.47 -10.00
N ASP A 62 -1.15 0.08 -10.69
CA ASP A 62 -1.02 -0.85 -11.80
C ASP A 62 -0.06 -1.99 -11.47
N VAL A 63 -0.42 -2.79 -10.49
CA VAL A 63 0.41 -3.90 -10.06
C VAL A 63 -0.44 -5.03 -9.50
N SER A 64 0.13 -6.22 -9.44
CA SER A 64 -0.59 -7.39 -8.91
C SER A 64 0.24 -8.02 -7.80
N LEU A 65 -0.45 -8.59 -6.81
CA LEU A 65 0.22 -9.22 -5.66
C LEU A 65 -0.17 -10.68 -5.57
N ASP A 66 0.55 -11.42 -4.75
CA ASP A 66 0.26 -12.84 -4.58
C ASP A 66 -0.59 -13.09 -3.32
N PRO A 67 -1.35 -14.16 -3.29
CA PRO A 67 -2.18 -14.51 -2.10
C PRO A 67 -1.38 -14.49 -0.80
N THR A 68 -0.50 -15.47 -0.63
CA THR A 68 0.32 -15.57 0.58
C THR A 68 1.25 -14.38 0.70
N LEU A 69 1.45 -13.69 -0.40
CA LEU A 69 2.32 -12.53 -0.41
C LEU A 69 1.67 -11.36 0.34
N ILE A 70 0.38 -11.16 0.10
CA ILE A 70 -0.35 -10.08 0.76
C ILE A 70 -0.20 -10.20 2.27
N TRP A 71 -0.23 -11.43 2.76
CA TRP A 71 -0.10 -11.66 4.20
C TRP A 71 1.38 -11.59 4.60
N ASP A 72 2.26 -11.45 3.61
CA ASP A 72 3.70 -11.37 3.88
C ASP A 72 4.10 -9.93 4.19
N HIS A 73 3.44 -8.98 3.51
CA HIS A 73 3.69 -7.55 3.72
C HIS A 73 2.42 -6.83 4.19
N PRO A 74 1.86 -7.27 5.30
CA PRO A 74 0.62 -6.68 5.89
C PRO A 74 0.88 -5.31 6.52
N THR A 75 2.15 -4.90 6.51
CA THR A 75 2.52 -3.60 7.09
C THR A 75 2.90 -2.60 6.00
N ILE A 76 2.63 -1.34 6.26
CA ILE A 76 2.94 -0.28 5.31
C ILE A 76 4.43 -0.20 5.08
N ASP A 77 5.20 -0.28 6.16
CA ASP A 77 6.65 -0.21 6.06
C ASP A 77 7.16 -1.26 5.07
N ALA A 78 6.68 -2.48 5.21
CA ALA A 78 7.08 -3.56 4.31
C ALA A 78 6.56 -3.28 2.91
N LEU A 79 5.31 -2.89 2.81
CA LEU A 79 4.70 -2.65 1.51
C LEU A 79 5.46 -1.55 0.78
N SER A 80 5.81 -0.50 1.53
CA SER A 80 6.52 0.62 0.94
C SER A 80 7.87 0.16 0.41
N THR A 81 8.56 -0.65 1.19
CA THR A 81 9.88 -1.17 0.78
C THR A 81 9.74 -1.93 -0.53
N ALA A 82 8.71 -2.76 -0.63
CA ALA A 82 8.49 -3.51 -1.85
C ALA A 82 8.08 -2.59 -3.00
N LEU A 83 7.24 -1.59 -2.70
CA LEU A 83 6.77 -0.69 -3.72
C LEU A 83 7.94 0.10 -4.31
N VAL A 84 8.74 0.72 -3.45
CA VAL A 84 9.88 1.49 -3.91
C VAL A 84 10.84 0.60 -4.66
N ALA A 85 10.93 -0.67 -4.25
CA ALA A 85 11.82 -1.61 -4.89
C ALA A 85 11.45 -1.75 -6.36
N GLU A 86 10.17 -1.71 -6.65
CA GLU A 86 9.70 -1.81 -8.03
C GLU A 86 10.37 -0.74 -8.92
N LEU A 87 10.85 0.32 -8.26
CA LEU A 87 11.48 1.43 -8.98
C LEU A 87 12.97 1.17 -9.18
N ARG A 88 13.50 0.24 -8.40
CA ARG A 88 14.91 -0.09 -8.48
C ARG A 88 15.18 -0.97 -9.70
N SER A 89 15.87 -2.08 -9.49
CA SER A 89 16.20 -2.98 -10.57
C SER A 89 14.96 -3.74 -11.03
N ALA A 90 14.36 -4.48 -10.10
CA ALA A 90 13.16 -5.26 -10.41
C ALA A 90 13.41 -6.15 -11.62
N GLY A 1 7.52 16.34 -22.24
CA GLY A 1 7.87 17.12 -21.02
C GLY A 1 6.73 17.04 -20.02
N HIS A 2 5.99 15.94 -20.05
CA HIS A 2 4.86 15.75 -19.15
C HIS A 2 5.35 15.35 -17.76
N MET A 3 4.76 15.94 -16.74
CA MET A 3 5.15 15.65 -15.36
C MET A 3 4.87 14.18 -15.03
N SER A 4 5.81 13.31 -15.39
CA SER A 4 5.66 11.88 -15.13
C SER A 4 7.00 11.25 -14.73
N ASP A 5 7.83 12.04 -14.05
CA ASP A 5 9.15 11.57 -13.62
C ASP A 5 9.08 10.91 -12.25
N LEU A 6 8.03 10.12 -12.05
CA LEU A 6 7.82 9.45 -10.77
C LEU A 6 6.79 8.35 -10.92
N SER A 7 6.31 8.13 -12.15
CA SER A 7 5.30 7.10 -12.38
C SER A 7 5.88 5.72 -12.20
N THR A 8 6.71 5.31 -13.15
CA THR A 8 7.33 4.00 -13.10
C THR A 8 8.56 4.04 -12.20
N ALA A 9 8.64 5.09 -11.39
CA ALA A 9 9.76 5.24 -10.47
C ALA A 9 9.44 6.30 -9.42
N PRO A 10 8.42 6.08 -8.62
CA PRO A 10 8.02 7.03 -7.55
C PRO A 10 9.14 7.28 -6.55
N THR A 11 8.81 7.94 -5.43
CA THR A 11 9.80 8.24 -4.39
C THR A 11 9.39 7.59 -3.07
N LEU A 12 10.37 7.32 -2.23
CA LEU A 12 10.10 6.67 -0.96
C LEU A 12 9.05 7.43 -0.16
N ASP A 13 9.24 8.73 -0.03
CA ASP A 13 8.29 9.54 0.72
C ASP A 13 6.95 9.59 -0.01
N SER A 14 7.01 9.68 -1.34
CA SER A 14 5.78 9.75 -2.13
C SER A 14 4.99 8.46 -1.98
N LEU A 15 5.70 7.34 -1.92
CA LEU A 15 5.01 6.06 -1.80
C LEU A 15 4.47 5.91 -0.37
N ARG A 16 5.38 5.77 0.58
CA ARG A 16 4.98 5.57 1.97
C ARG A 16 3.73 6.39 2.29
N VAL A 17 3.77 7.69 1.97
CA VAL A 17 2.63 8.56 2.22
C VAL A 17 1.41 8.05 1.46
N TRP A 18 1.63 7.58 0.23
CA TRP A 18 0.52 7.06 -0.57
C TRP A 18 -0.17 5.90 0.17
N LEU A 19 0.63 4.95 0.64
CA LEU A 19 0.10 3.78 1.32
C LEU A 19 -0.75 4.17 2.51
N VAL A 20 -0.14 4.80 3.50
CA VAL A 20 -0.88 5.20 4.68
C VAL A 20 -2.09 6.03 4.29
N ASP A 21 -1.87 7.03 3.44
CA ASP A 21 -2.96 7.89 3.02
C ASP A 21 -4.08 7.06 2.39
N CYS A 22 -3.70 5.97 1.72
CA CYS A 22 -4.66 5.10 1.09
C CYS A 22 -5.59 4.49 2.14
N VAL A 23 -5.00 3.97 3.21
CA VAL A 23 -5.79 3.36 4.26
C VAL A 23 -6.69 4.38 4.93
N ALA A 24 -6.10 5.50 5.36
CA ALA A 24 -6.87 6.55 6.03
C ALA A 24 -8.13 6.85 5.23
N GLY A 25 -7.97 7.12 3.95
CA GLY A 25 -9.11 7.43 3.11
C GLY A 25 -10.06 6.24 3.02
N HIS A 26 -9.50 5.05 2.87
CA HIS A 26 -10.32 3.83 2.76
C HIS A 26 -11.23 3.67 3.96
N LEU A 27 -10.67 3.75 5.17
CA LEU A 27 -11.48 3.60 6.38
C LEU A 27 -12.07 4.94 6.80
N GLY A 28 -11.32 6.01 6.56
CA GLY A 28 -11.77 7.36 6.92
C GLY A 28 -11.11 7.83 8.22
N LEU A 29 -10.31 6.96 8.83
CA LEU A 29 -9.64 7.29 10.09
C LEU A 29 -8.51 8.29 9.82
N ASP A 30 -7.76 8.62 10.88
CA ASP A 30 -6.65 9.55 10.75
C ASP A 30 -5.38 8.83 10.30
N ALA A 31 -4.72 9.38 9.28
CA ALA A 31 -3.49 8.78 8.76
C ALA A 31 -2.41 8.69 9.83
N ALA A 32 -2.36 9.68 10.71
CA ALA A 32 -1.37 9.70 11.77
C ALA A 32 -1.55 8.51 12.71
N THR A 33 -2.77 7.97 12.76
CA THR A 33 -3.04 6.83 13.64
C THR A 33 -3.63 5.68 12.85
N ILE A 34 -3.11 5.46 11.65
CA ILE A 34 -3.61 4.33 10.85
C ILE A 34 -3.03 3.03 11.37
N ALA A 35 -1.76 2.80 11.08
CA ALA A 35 -1.11 1.58 11.49
C ALA A 35 0.25 1.45 10.80
N THR A 36 0.84 2.58 10.43
CA THR A 36 2.13 2.57 9.74
C THR A 36 3.03 1.46 10.25
N ASP A 37 3.04 1.25 11.57
CA ASP A 37 3.86 0.20 12.16
C ASP A 37 3.01 -1.04 12.41
N LEU A 38 1.69 -0.88 12.43
CA LEU A 38 0.80 -2.01 12.68
C LEU A 38 0.30 -2.62 11.37
N PRO A 39 -0.09 -3.87 11.39
CA PRO A 39 -0.62 -4.55 10.18
C PRO A 39 -2.00 -4.02 9.81
N LEU A 40 -2.50 -4.48 8.67
CA LEU A 40 -3.83 -4.07 8.20
C LEU A 40 -4.91 -4.74 9.03
N THR A 41 -4.56 -5.86 9.65
CA THR A 41 -5.51 -6.61 10.46
C THR A 41 -6.16 -5.70 11.47
N SER A 42 -5.40 -4.73 11.98
CA SER A 42 -5.93 -3.80 12.97
C SER A 42 -7.33 -3.30 12.59
N TYR A 43 -7.59 -3.23 11.29
CA TYR A 43 -8.89 -2.77 10.80
C TYR A 43 -9.95 -3.83 11.01
N GLY A 44 -9.53 -4.98 11.50
CA GLY A 44 -10.48 -6.07 11.77
C GLY A 44 -11.15 -6.52 10.49
N LEU A 45 -10.54 -6.22 9.36
CA LEU A 45 -11.10 -6.60 8.08
C LEU A 45 -11.03 -8.11 7.84
N ASP A 46 -12.08 -8.66 7.26
CA ASP A 46 -12.10 -10.09 6.98
C ASP A 46 -11.13 -10.43 5.85
N SER A 47 -10.96 -11.72 5.59
CA SER A 47 -10.06 -12.18 4.53
C SER A 47 -10.59 -11.78 3.15
N VAL A 48 -11.91 -11.79 3.01
CA VAL A 48 -12.54 -11.43 1.75
C VAL A 48 -12.34 -9.95 1.45
N TYR A 49 -12.14 -9.17 2.50
CA TYR A 49 -11.94 -7.74 2.35
C TYR A 49 -10.61 -7.46 1.64
N ALA A 50 -9.55 -8.11 2.12
CA ALA A 50 -8.23 -7.90 1.54
C ALA A 50 -8.29 -8.00 0.03
N LEU A 51 -9.12 -8.91 -0.47
CA LEU A 51 -9.24 -9.09 -1.90
C LEU A 51 -9.69 -7.80 -2.57
N SER A 52 -10.77 -7.22 -2.05
CA SER A 52 -11.30 -5.98 -2.61
C SER A 52 -10.33 -4.83 -2.37
N ILE A 53 -9.88 -4.70 -1.13
CA ILE A 53 -8.96 -3.63 -0.80
C ILE A 53 -7.63 -3.79 -1.52
N ALA A 54 -6.98 -4.93 -1.29
CA ALA A 54 -5.70 -5.18 -1.93
C ALA A 54 -5.79 -4.90 -3.42
N ALA A 55 -6.91 -5.25 -4.04
CA ALA A 55 -7.10 -5.01 -5.45
C ALA A 55 -7.18 -3.51 -5.75
N GLU A 56 -7.90 -2.79 -4.90
CA GLU A 56 -8.04 -1.35 -5.10
C GLU A 56 -6.68 -0.63 -4.96
N LEU A 57 -5.94 -0.98 -3.92
CA LEU A 57 -4.64 -0.36 -3.68
C LEU A 57 -3.68 -0.64 -4.84
N GLU A 58 -3.57 -1.88 -5.24
CA GLU A 58 -2.69 -2.24 -6.32
C GLU A 58 -3.25 -1.76 -7.67
N ASP A 59 -4.57 -1.88 -7.83
CA ASP A 59 -5.22 -1.46 -9.07
C ASP A 59 -4.96 0.02 -9.32
N HIS A 60 -4.68 0.74 -8.24
CA HIS A 60 -4.41 2.17 -8.36
C HIS A 60 -3.04 2.42 -8.97
N LEU A 61 -2.07 1.59 -8.62
CA LEU A 61 -0.69 1.77 -9.07
C LEU A 61 -0.38 0.83 -10.20
N ASP A 62 -1.42 0.42 -10.92
CA ASP A 62 -1.23 -0.48 -12.04
C ASP A 62 -0.29 -1.63 -11.68
N VAL A 63 -0.67 -2.41 -10.69
CA VAL A 63 0.14 -3.54 -10.26
C VAL A 63 -0.75 -4.64 -9.69
N SER A 64 -0.20 -5.85 -9.61
CA SER A 64 -0.94 -7.00 -9.09
C SER A 64 -0.21 -7.57 -7.88
N LEU A 65 -0.98 -8.04 -6.90
CA LEU A 65 -0.41 -8.59 -5.67
C LEU A 65 -0.63 -10.08 -5.61
N ASP A 66 0.21 -10.78 -4.84
CA ASP A 66 0.08 -12.22 -4.72
C ASP A 66 -0.70 -12.60 -3.45
N PRO A 67 -1.47 -13.67 -3.48
CA PRO A 67 -2.25 -14.12 -2.30
C PRO A 67 -1.41 -14.18 -1.01
N THR A 68 -0.50 -15.14 -0.94
CA THR A 68 0.34 -15.32 0.23
C THR A 68 1.24 -14.12 0.44
N LEU A 69 1.41 -13.33 -0.61
CA LEU A 69 2.25 -12.14 -0.53
C LEU A 69 1.57 -11.05 0.30
N ILE A 70 0.27 -10.87 0.09
CA ILE A 70 -0.48 -9.86 0.82
C ILE A 70 -0.30 -10.05 2.32
N TRP A 71 -0.24 -11.31 2.75
CA TRP A 71 -0.06 -11.61 4.16
C TRP A 71 1.42 -11.54 4.54
N ASP A 72 2.27 -11.35 3.53
CA ASP A 72 3.71 -11.26 3.78
C ASP A 72 4.10 -9.82 4.14
N HIS A 73 3.43 -8.86 3.52
CA HIS A 73 3.67 -7.43 3.78
C HIS A 73 2.40 -6.73 4.25
N PRO A 74 1.81 -7.21 5.32
CA PRO A 74 0.56 -6.61 5.89
C PRO A 74 0.82 -5.27 6.56
N THR A 75 2.08 -4.83 6.55
CA THR A 75 2.45 -3.56 7.17
C THR A 75 2.91 -2.57 6.12
N ILE A 76 2.78 -1.29 6.44
CA ILE A 76 3.18 -0.23 5.51
C ILE A 76 4.68 -0.27 5.28
N ASP A 77 5.43 -0.47 6.35
CA ASP A 77 6.88 -0.51 6.26
C ASP A 77 7.30 -1.57 5.24
N ALA A 78 6.64 -2.73 5.29
CA ALA A 78 6.97 -3.80 4.37
C ALA A 78 6.49 -3.47 2.97
N LEU A 79 5.25 -3.04 2.87
CA LEU A 79 4.68 -2.73 1.57
C LEU A 79 5.47 -1.60 0.90
N SER A 80 5.76 -0.56 1.69
CA SER A 80 6.48 0.58 1.18
C SER A 80 7.86 0.15 0.69
N THR A 81 8.54 -0.65 1.50
CA THR A 81 9.88 -1.13 1.15
C THR A 81 9.81 -1.94 -0.14
N ALA A 82 8.80 -2.78 -0.25
CA ALA A 82 8.64 -3.60 -1.44
C ALA A 82 8.28 -2.74 -2.64
N LEU A 83 7.44 -1.73 -2.42
CA LEU A 83 7.01 -0.85 -3.52
C LEU A 83 8.20 -0.13 -4.13
N VAL A 84 9.06 0.44 -3.28
CA VAL A 84 10.23 1.14 -3.77
C VAL A 84 11.23 0.15 -4.36
N ALA A 85 11.18 -1.09 -3.87
CA ALA A 85 12.07 -2.13 -4.34
C ALA A 85 11.65 -2.63 -5.71
N GLU A 86 10.36 -2.45 -6.03
CA GLU A 86 9.85 -2.89 -7.33
C GLU A 86 10.87 -2.62 -8.42
N LEU A 87 11.37 -1.39 -8.51
CA LEU A 87 12.38 -1.07 -9.52
C LEU A 87 13.76 -1.00 -8.86
N ARG A 88 13.98 0.03 -8.05
CA ARG A 88 15.26 0.19 -7.38
C ARG A 88 15.69 -1.14 -6.79
N SER A 89 16.87 -1.60 -7.19
CA SER A 89 17.40 -2.85 -6.67
C SER A 89 18.83 -3.06 -7.14
N ALA A 90 19.56 -1.96 -7.29
CA ALA A 90 20.95 -2.03 -7.74
C ALA A 90 21.62 -0.66 -7.66
N GLY A 1 10.18 22.31 -11.00
CA GLY A 1 10.08 23.56 -11.82
C GLY A 1 8.63 23.88 -12.07
N HIS A 2 8.13 23.46 -13.23
CA HIS A 2 6.73 23.71 -13.59
C HIS A 2 5.81 22.72 -12.90
N MET A 3 5.82 22.74 -11.57
CA MET A 3 4.98 21.83 -10.79
C MET A 3 5.10 20.41 -11.33
N SER A 4 5.94 19.60 -10.67
CA SER A 4 6.13 18.20 -11.07
C SER A 4 5.86 17.27 -9.91
N ASP A 5 4.91 16.36 -10.10
CA ASP A 5 4.57 15.41 -9.06
C ASP A 5 5.70 14.41 -8.84
N LEU A 6 5.84 13.48 -9.79
CA LEU A 6 6.88 12.45 -9.69
C LEU A 6 7.57 12.28 -11.04
N SER A 7 6.99 12.86 -12.09
CA SER A 7 7.56 12.75 -13.43
C SER A 7 8.08 11.34 -13.68
N THR A 8 7.16 10.38 -13.75
CA THR A 8 7.53 8.99 -13.98
C THR A 8 8.63 8.55 -13.03
N ALA A 9 8.94 9.41 -12.06
CA ALA A 9 9.98 9.11 -11.07
C ALA A 9 9.45 9.29 -9.65
N PRO A 10 8.72 8.32 -9.16
CA PRO A 10 8.16 8.35 -7.78
C PRO A 10 9.25 8.32 -6.73
N THR A 11 8.96 8.87 -5.55
CA THR A 11 9.92 8.89 -4.45
C THR A 11 9.39 8.14 -3.23
N LEU A 12 10.29 7.61 -2.43
CA LEU A 12 9.89 6.85 -1.26
C LEU A 12 8.81 7.59 -0.47
N ASP A 13 8.95 8.89 -0.38
CA ASP A 13 7.99 9.70 0.35
C ASP A 13 6.63 9.68 -0.32
N SER A 14 6.62 9.73 -1.66
CA SER A 14 5.37 9.72 -2.41
C SER A 14 4.63 8.39 -2.21
N LEU A 15 5.37 7.30 -2.17
CA LEU A 15 4.75 6.00 -1.98
C LEU A 15 4.30 5.86 -0.52
N ARG A 16 5.27 5.79 0.37
CA ARG A 16 4.95 5.62 1.78
C ARG A 16 3.67 6.40 2.15
N VAL A 17 3.66 7.69 1.81
CA VAL A 17 2.49 8.53 2.10
C VAL A 17 1.26 7.97 1.39
N TRP A 18 1.45 7.48 0.17
CA TRP A 18 0.33 6.92 -0.58
C TRP A 18 -0.33 5.78 0.21
N LEU A 19 0.49 4.85 0.67
CA LEU A 19 -0.02 3.69 1.40
C LEU A 19 -0.85 4.14 2.60
N VAL A 20 -0.22 4.81 3.53
CA VAL A 20 -0.93 5.27 4.72
C VAL A 20 -2.13 6.09 4.31
N ASP A 21 -1.92 7.06 3.44
CA ASP A 21 -3.02 7.91 3.00
C ASP A 21 -4.14 7.06 2.43
N CYS A 22 -3.78 5.97 1.77
CA CYS A 22 -4.79 5.08 1.20
C CYS A 22 -5.68 4.52 2.30
N VAL A 23 -5.05 4.03 3.36
CA VAL A 23 -5.81 3.43 4.45
C VAL A 23 -6.66 4.50 5.14
N ALA A 24 -6.02 5.60 5.55
CA ALA A 24 -6.73 6.68 6.22
C ALA A 24 -8.01 7.00 5.46
N GLY A 25 -7.89 7.29 4.18
CA GLY A 25 -9.06 7.61 3.36
C GLY A 25 -10.03 6.42 3.31
N HIS A 26 -9.47 5.23 3.14
CA HIS A 26 -10.30 4.03 3.07
C HIS A 26 -11.19 3.91 4.29
N LEU A 27 -10.60 3.95 5.48
CA LEU A 27 -11.38 3.83 6.71
C LEU A 27 -11.95 5.18 7.13
N GLY A 28 -11.17 6.23 6.88
CA GLY A 28 -11.57 7.59 7.23
C GLY A 28 -10.91 8.06 8.53
N LEU A 29 -10.15 7.17 9.17
CA LEU A 29 -9.47 7.50 10.41
C LEU A 29 -8.32 8.47 10.14
N ASP A 30 -7.58 8.81 11.18
CA ASP A 30 -6.45 9.72 11.05
C ASP A 30 -5.20 8.97 10.59
N ALA A 31 -4.53 9.51 9.58
CA ALA A 31 -3.32 8.90 9.05
C ALA A 31 -2.24 8.80 10.12
N ALA A 32 -2.20 9.79 11.01
CA ALA A 32 -1.21 9.81 12.07
C ALA A 32 -1.39 8.65 13.03
N THR A 33 -2.56 8.02 12.99
CA THR A 33 -2.85 6.90 13.87
C THR A 33 -3.50 5.77 13.09
N ILE A 34 -3.06 5.58 11.86
CA ILE A 34 -3.62 4.50 11.06
C ILE A 34 -3.09 3.15 11.54
N ALA A 35 -1.83 2.88 11.22
CA ALA A 35 -1.21 1.61 11.57
C ALA A 35 0.05 1.40 10.75
N THR A 36 0.63 2.48 10.22
CA THR A 36 1.84 2.37 9.41
C THR A 36 2.78 1.31 9.98
N ASP A 37 2.83 1.21 11.30
CA ASP A 37 3.69 0.21 11.94
C ASP A 37 2.89 -1.04 12.29
N LEU A 38 1.56 -0.90 12.35
CA LEU A 38 0.69 -2.03 12.68
C LEU A 38 0.15 -2.68 11.40
N PRO A 39 -0.15 -3.96 11.45
CA PRO A 39 -0.71 -4.70 10.29
C PRO A 39 -2.10 -4.21 9.91
N LEU A 40 -2.63 -4.75 8.82
CA LEU A 40 -3.95 -4.38 8.36
C LEU A 40 -5.02 -5.00 9.26
N THR A 41 -4.66 -6.09 9.93
CA THR A 41 -5.60 -6.77 10.81
C THR A 41 -6.24 -5.80 11.77
N SER A 42 -5.47 -4.80 12.20
CA SER A 42 -5.97 -3.80 13.14
C SER A 42 -7.35 -3.29 12.69
N TYR A 43 -7.57 -3.27 11.38
CA TYR A 43 -8.85 -2.79 10.85
C TYR A 43 -9.94 -3.85 11.03
N GLY A 44 -9.54 -5.04 11.43
CA GLY A 44 -10.50 -6.10 11.67
C GLY A 44 -11.25 -6.45 10.39
N LEU A 45 -10.62 -6.18 9.26
CA LEU A 45 -11.23 -6.49 7.98
C LEU A 45 -11.28 -7.99 7.71
N ASP A 46 -12.38 -8.46 7.15
CA ASP A 46 -12.52 -9.87 6.85
C ASP A 46 -11.54 -10.28 5.75
N SER A 47 -11.51 -11.57 5.43
CA SER A 47 -10.63 -12.09 4.39
C SER A 47 -11.09 -11.61 3.02
N VAL A 48 -12.40 -11.50 2.83
CA VAL A 48 -12.95 -11.05 1.57
C VAL A 48 -12.59 -9.60 1.30
N TYR A 49 -12.31 -8.86 2.36
CA TYR A 49 -11.95 -7.46 2.23
C TYR A 49 -10.66 -7.31 1.41
N ALA A 50 -9.65 -8.07 1.78
CA ALA A 50 -8.37 -8.00 1.08
C ALA A 50 -8.59 -8.18 -0.40
N LEU A 51 -9.39 -9.16 -0.77
CA LEU A 51 -9.63 -9.41 -2.18
C LEU A 51 -9.90 -8.12 -2.94
N SER A 52 -11.02 -7.49 -2.64
CA SER A 52 -11.37 -6.25 -3.34
C SER A 52 -10.43 -5.13 -2.96
N ILE A 53 -10.17 -4.99 -1.67
CA ILE A 53 -9.29 -3.94 -1.20
C ILE A 53 -7.90 -4.09 -1.79
N ALA A 54 -7.25 -5.20 -1.48
CA ALA A 54 -5.92 -5.45 -1.98
C ALA A 54 -5.86 -5.23 -3.48
N ALA A 55 -6.96 -5.56 -4.16
CA ALA A 55 -7.03 -5.38 -5.61
C ALA A 55 -7.05 -3.90 -5.98
N GLU A 56 -7.88 -3.13 -5.29
CA GLU A 56 -7.99 -1.70 -5.56
C GLU A 56 -6.67 -0.99 -5.25
N LEU A 57 -6.08 -1.31 -4.10
CA LEU A 57 -4.82 -0.69 -3.70
C LEU A 57 -3.75 -0.90 -4.75
N GLU A 58 -3.38 -2.15 -4.98
CA GLU A 58 -2.34 -2.45 -5.96
C GLU A 58 -2.75 -1.97 -7.35
N ASP A 59 -4.04 -2.02 -7.64
CA ASP A 59 -4.54 -1.57 -8.93
C ASP A 59 -4.32 -0.07 -9.11
N HIS A 60 -4.25 0.65 -8.00
CA HIS A 60 -4.04 2.09 -8.05
C HIS A 60 -2.66 2.43 -8.59
N LEU A 61 -1.66 1.67 -8.15
CA LEU A 61 -0.27 1.90 -8.56
C LEU A 61 0.08 1.06 -9.74
N ASP A 62 -0.94 0.56 -10.43
CA ASP A 62 -0.72 -0.24 -11.61
C ASP A 62 0.24 -1.38 -11.31
N VAL A 63 -0.13 -2.21 -10.35
CA VAL A 63 0.71 -3.34 -9.95
C VAL A 63 -0.14 -4.48 -9.43
N SER A 64 0.41 -5.69 -9.45
CA SER A 64 -0.29 -6.88 -8.98
C SER A 64 0.52 -7.53 -7.86
N LEU A 65 -0.19 -8.10 -6.88
CA LEU A 65 0.45 -8.74 -5.74
C LEU A 65 0.01 -10.19 -5.65
N ASP A 66 0.68 -10.95 -4.79
CA ASP A 66 0.36 -12.37 -4.61
C ASP A 66 -0.54 -12.56 -3.39
N PRO A 67 -1.25 -13.66 -3.34
CA PRO A 67 -2.16 -13.99 -2.22
C PRO A 67 -1.43 -14.11 -0.89
N THR A 68 -0.64 -15.18 -0.76
CA THR A 68 0.10 -15.43 0.47
C THR A 68 1.11 -14.32 0.71
N LEU A 69 1.38 -13.54 -0.33
CA LEU A 69 2.31 -12.43 -0.22
C LEU A 69 1.71 -11.29 0.58
N ILE A 70 0.43 -11.00 0.32
CA ILE A 70 -0.25 -9.92 1.03
C ILE A 70 -0.13 -10.11 2.53
N TRP A 71 -0.19 -11.35 2.98
CA TRP A 71 -0.09 -11.65 4.39
C TRP A 71 1.36 -11.58 4.85
N ASP A 72 2.27 -11.36 3.89
CA ASP A 72 3.70 -11.27 4.19
C ASP A 72 4.10 -9.82 4.46
N HIS A 73 3.45 -8.90 3.75
CA HIS A 73 3.72 -7.46 3.91
C HIS A 73 2.46 -6.73 4.36
N PRO A 74 1.87 -7.17 5.45
CA PRO A 74 0.64 -6.55 6.01
C PRO A 74 0.91 -5.18 6.61
N THR A 75 2.16 -4.75 6.55
CA THR A 75 2.56 -3.45 7.09
C THR A 75 3.04 -2.53 5.99
N ILE A 76 2.88 -1.23 6.23
CA ILE A 76 3.30 -0.23 5.25
C ILE A 76 4.80 -0.31 5.05
N ASP A 77 5.53 -0.48 6.14
CA ASP A 77 6.98 -0.53 6.06
C ASP A 77 7.42 -1.57 5.03
N ALA A 78 6.84 -2.76 5.11
CA ALA A 78 7.18 -3.82 4.18
C ALA A 78 6.63 -3.50 2.80
N LEU A 79 5.37 -3.07 2.75
CA LEU A 79 4.75 -2.77 1.49
C LEU A 79 5.50 -1.66 0.76
N SER A 80 5.84 -0.62 1.52
CA SER A 80 6.56 0.51 0.96
C SER A 80 7.89 0.06 0.38
N THR A 81 8.61 -0.75 1.16
CA THR A 81 9.92 -1.25 0.71
C THR A 81 9.76 -2.03 -0.60
N ALA A 82 8.73 -2.85 -0.67
CA ALA A 82 8.49 -3.63 -1.87
C ALA A 82 8.04 -2.73 -3.01
N LEU A 83 7.19 -1.75 -2.71
CA LEU A 83 6.69 -0.85 -3.73
C LEU A 83 7.82 -0.06 -4.37
N VAL A 84 8.65 0.56 -3.54
CA VAL A 84 9.78 1.33 -4.05
C VAL A 84 10.72 0.43 -4.80
N ALA A 85 10.80 -0.84 -4.38
CA ALA A 85 11.68 -1.79 -5.03
C ALA A 85 11.29 -1.96 -6.49
N GLU A 86 9.99 -1.90 -6.76
CA GLU A 86 9.50 -2.03 -8.12
C GLU A 86 10.19 -1.03 -9.04
N LEU A 87 10.80 -0.01 -8.45
CA LEU A 87 11.49 1.03 -9.21
C LEU A 87 13.01 0.81 -9.17
N ARG A 88 13.45 0.01 -8.22
CA ARG A 88 14.88 -0.26 -8.08
C ARG A 88 15.35 -1.28 -9.11
N SER A 89 16.54 -1.83 -8.88
CA SER A 89 17.11 -2.81 -9.79
C SER A 89 16.50 -4.18 -9.53
N ALA A 90 17.25 -5.22 -9.86
CA ALA A 90 16.78 -6.60 -9.67
C ALA A 90 16.92 -7.00 -8.20
N GLY A 1 7.24 17.78 1.45
CA GLY A 1 7.97 19.06 1.72
C GLY A 1 7.59 20.09 0.67
N HIS A 2 8.38 20.16 -0.40
CA HIS A 2 8.11 21.10 -1.47
C HIS A 2 8.91 20.76 -2.72
N MET A 3 8.77 19.52 -3.19
CA MET A 3 9.50 19.08 -4.38
C MET A 3 8.72 17.97 -5.08
N SER A 4 7.51 18.29 -5.53
CA SER A 4 6.68 17.31 -6.22
C SER A 4 7.43 16.70 -7.40
N ASP A 5 7.44 15.37 -7.46
CA ASP A 5 8.13 14.67 -8.53
C ASP A 5 7.75 13.19 -8.54
N LEU A 6 6.47 12.91 -8.72
CA LEU A 6 6.02 11.52 -8.74
C LEU A 6 6.37 10.85 -10.06
N SER A 7 5.64 11.20 -11.12
CA SER A 7 5.88 10.65 -12.43
C SER A 7 6.22 9.16 -12.33
N THR A 8 6.82 8.62 -13.38
CA THR A 8 7.18 7.22 -13.39
C THR A 8 8.37 6.98 -12.46
N ALA A 9 8.63 7.94 -11.59
CA ALA A 9 9.74 7.84 -10.64
C ALA A 9 9.32 8.36 -9.26
N PRO A 10 8.52 7.61 -8.56
CA PRO A 10 8.04 7.99 -7.20
C PRO A 10 9.15 7.86 -6.17
N THR A 11 9.01 8.57 -5.04
CA THR A 11 10.00 8.51 -3.97
C THR A 11 9.45 7.72 -2.78
N LEU A 12 10.35 7.18 -1.98
CA LEU A 12 9.97 6.38 -0.83
C LEU A 12 8.93 7.13 0.00
N ASP A 13 9.13 8.43 0.14
CA ASP A 13 8.20 9.24 0.91
C ASP A 13 6.89 9.40 0.17
N SER A 14 6.96 9.54 -1.15
CA SER A 14 5.75 9.71 -1.95
C SER A 14 4.93 8.44 -1.92
N LEU A 15 5.57 7.29 -2.00
CA LEU A 15 4.82 6.05 -1.98
C LEU A 15 4.32 5.79 -0.56
N ARG A 16 5.25 5.58 0.35
CA ARG A 16 4.90 5.29 1.75
C ARG A 16 3.68 6.11 2.18
N VAL A 17 3.71 7.41 1.91
CA VAL A 17 2.58 8.28 2.26
C VAL A 17 1.33 7.83 1.48
N TRP A 18 1.51 7.40 0.22
CA TRP A 18 0.37 6.95 -0.57
C TRP A 18 -0.31 5.74 0.10
N LEU A 19 0.50 4.73 0.47
CA LEU A 19 -0.02 3.52 1.11
C LEU A 19 -0.81 3.85 2.36
N VAL A 20 -0.17 4.50 3.32
CA VAL A 20 -0.87 4.84 4.54
C VAL A 20 -2.05 5.74 4.24
N ASP A 21 -1.83 6.76 3.43
CA ASP A 21 -2.89 7.70 3.08
C ASP A 21 -4.05 6.95 2.44
N CYS A 22 -3.73 5.91 1.67
CA CYS A 22 -4.75 5.12 1.00
C CYS A 22 -5.65 4.45 2.03
N VAL A 23 -5.05 3.82 3.04
CA VAL A 23 -5.84 3.15 4.06
C VAL A 23 -6.71 4.17 4.79
N ALA A 24 -6.11 5.30 5.19
CA ALA A 24 -6.84 6.33 5.90
C ALA A 24 -8.12 6.67 5.14
N GLY A 25 -7.98 6.93 3.86
CA GLY A 25 -9.14 7.26 3.05
C GLY A 25 -10.13 6.11 3.02
N HIS A 26 -9.61 4.88 2.87
CA HIS A 26 -10.48 3.70 2.82
C HIS A 26 -11.36 3.60 4.06
N LEU A 27 -10.74 3.63 5.24
CA LEU A 27 -11.50 3.53 6.49
C LEU A 27 -12.07 4.89 6.89
N GLY A 28 -11.30 5.94 6.60
CA GLY A 28 -11.69 7.31 6.94
C GLY A 28 -10.98 7.80 8.21
N LEU A 29 -10.21 6.90 8.83
CA LEU A 29 -9.48 7.27 10.06
C LEU A 29 -8.33 8.22 9.75
N ASP A 30 -7.57 8.58 10.77
CA ASP A 30 -6.44 9.49 10.59
C ASP A 30 -5.20 8.73 10.14
N ALA A 31 -4.53 9.24 9.11
CA ALA A 31 -3.33 8.60 8.58
C ALA A 31 -2.23 8.50 9.65
N ALA A 32 -2.13 9.51 10.50
CA ALA A 32 -1.13 9.53 11.55
C ALA A 32 -1.36 8.41 12.56
N THR A 33 -2.53 7.79 12.50
CA THR A 33 -2.85 6.70 13.42
C THR A 33 -3.48 5.52 12.67
N ILE A 34 -3.02 5.29 11.44
CA ILE A 34 -3.58 4.20 10.66
C ILE A 34 -3.03 2.87 11.15
N ALA A 35 -1.80 2.58 10.79
CA ALA A 35 -1.16 1.35 11.18
C ALA A 35 0.27 1.31 10.67
N THR A 36 0.85 2.48 10.38
CA THR A 36 2.19 2.53 9.81
C THR A 36 3.09 1.45 10.39
N ASP A 37 3.06 1.28 11.70
CA ASP A 37 3.88 0.27 12.37
C ASP A 37 3.01 -0.88 12.85
N LEU A 38 1.86 -1.07 12.22
CA LEU A 38 0.94 -2.14 12.61
C LEU A 38 0.31 -2.79 11.37
N PRO A 39 -0.06 -4.04 11.46
CA PRO A 39 -0.70 -4.76 10.33
C PRO A 39 -2.10 -4.25 10.03
N LEU A 40 -2.71 -4.82 8.99
CA LEU A 40 -4.05 -4.44 8.59
C LEU A 40 -5.07 -5.00 9.57
N THR A 41 -4.66 -6.02 10.30
CA THR A 41 -5.56 -6.66 11.23
C THR A 41 -6.21 -5.63 12.14
N SER A 42 -5.47 -4.59 12.48
CA SER A 42 -5.98 -3.55 13.37
C SER A 42 -7.37 -3.09 12.92
N TYR A 43 -7.61 -3.13 11.61
CA TYR A 43 -8.91 -2.72 11.06
C TYR A 43 -9.95 -3.81 11.26
N GLY A 44 -9.50 -5.00 11.61
CA GLY A 44 -10.40 -6.12 11.85
C GLY A 44 -11.14 -6.49 10.58
N LEU A 45 -10.54 -6.20 9.44
CA LEU A 45 -11.15 -6.49 8.15
C LEU A 45 -11.17 -7.98 7.87
N ASP A 46 -12.29 -8.46 7.31
CA ASP A 46 -12.41 -9.87 6.99
C ASP A 46 -11.39 -10.26 5.92
N SER A 47 -11.24 -11.56 5.71
CA SER A 47 -10.29 -12.07 4.72
C SER A 47 -10.72 -11.66 3.31
N VAL A 48 -12.03 -11.60 3.09
CA VAL A 48 -12.57 -11.23 1.79
C VAL A 48 -12.30 -9.76 1.51
N TYR A 49 -12.14 -8.97 2.56
CA TYR A 49 -11.89 -7.54 2.41
C TYR A 49 -10.56 -7.30 1.69
N ALA A 50 -9.51 -7.96 2.17
CA ALA A 50 -8.19 -7.79 1.58
C ALA A 50 -8.26 -7.92 0.07
N LEU A 51 -9.10 -8.83 -0.40
CA LEU A 51 -9.24 -9.03 -1.83
C LEU A 51 -9.73 -7.77 -2.52
N SER A 52 -10.80 -7.19 -2.00
CA SER A 52 -11.34 -5.97 -2.57
C SER A 52 -10.40 -4.79 -2.39
N ILE A 53 -9.95 -4.60 -1.16
CA ILE A 53 -9.04 -3.49 -0.86
C ILE A 53 -7.74 -3.65 -1.63
N ALA A 54 -7.06 -4.78 -1.42
CA ALA A 54 -5.80 -5.01 -2.10
C ALA A 54 -5.95 -4.79 -3.60
N ALA A 55 -7.09 -5.20 -4.14
CA ALA A 55 -7.35 -5.03 -5.57
C ALA A 55 -7.38 -3.54 -5.95
N GLU A 56 -8.15 -2.77 -5.18
CA GLU A 56 -8.29 -1.34 -5.45
C GLU A 56 -6.93 -0.64 -5.37
N LEU A 57 -6.16 -0.96 -4.34
CA LEU A 57 -4.84 -0.36 -4.17
C LEU A 57 -3.95 -0.65 -5.36
N GLU A 58 -3.65 -1.92 -5.59
CA GLU A 58 -2.78 -2.26 -6.70
C GLU A 58 -3.33 -1.71 -8.02
N ASP A 59 -4.65 -1.73 -8.16
CA ASP A 59 -5.29 -1.25 -9.38
C ASP A 59 -4.98 0.22 -9.60
N HIS A 60 -4.81 0.96 -8.50
CA HIS A 60 -4.49 2.38 -8.59
C HIS A 60 -3.07 2.60 -9.07
N LEU A 61 -2.15 1.75 -8.63
CA LEU A 61 -0.74 1.88 -9.00
C LEU A 61 -0.41 0.96 -10.18
N ASP A 62 -1.44 0.47 -10.86
CA ASP A 62 -1.23 -0.39 -12.02
C ASP A 62 -0.16 -1.43 -11.75
N VAL A 63 -0.39 -2.27 -10.76
CA VAL A 63 0.57 -3.30 -10.40
C VAL A 63 -0.16 -4.55 -9.94
N SER A 64 0.51 -5.70 -10.05
CA SER A 64 -0.10 -6.96 -9.64
C SER A 64 0.66 -7.49 -8.42
N LEU A 65 -0.09 -7.82 -7.37
CA LEU A 65 0.49 -8.34 -6.13
C LEU A 65 0.04 -9.78 -5.92
N ASP A 66 0.69 -10.48 -4.99
CA ASP A 66 0.37 -11.88 -4.72
C ASP A 66 -0.55 -11.99 -3.50
N PRO A 67 -1.26 -13.09 -3.38
CA PRO A 67 -2.19 -13.33 -2.23
C PRO A 67 -1.42 -13.58 -0.92
N THR A 68 -0.72 -14.70 -0.86
CA THR A 68 0.04 -15.06 0.33
C THR A 68 1.10 -14.02 0.62
N LEU A 69 1.46 -13.25 -0.40
CA LEU A 69 2.45 -12.19 -0.25
C LEU A 69 1.91 -11.07 0.63
N ILE A 70 0.64 -10.72 0.42
CA ILE A 70 0.03 -9.63 1.19
C ILE A 70 0.09 -9.96 2.68
N TRP A 71 -0.17 -11.22 3.01
CA TRP A 71 -0.11 -11.64 4.40
C TRP A 71 1.34 -11.61 4.91
N ASP A 72 2.28 -11.38 3.99
CA ASP A 72 3.70 -11.32 4.37
C ASP A 72 4.12 -9.88 4.66
N HIS A 73 3.51 -8.94 3.95
CA HIS A 73 3.81 -7.51 4.14
C HIS A 73 2.53 -6.73 4.51
N PRO A 74 1.82 -7.17 5.51
CA PRO A 74 0.57 -6.51 5.99
C PRO A 74 0.85 -5.16 6.66
N THR A 75 2.12 -4.78 6.69
CA THR A 75 2.53 -3.51 7.31
C THR A 75 3.01 -2.54 6.24
N ILE A 76 2.78 -1.26 6.50
CA ILE A 76 3.19 -0.20 5.57
C ILE A 76 4.69 -0.24 5.37
N ASP A 77 5.43 -0.41 6.46
CA ASP A 77 6.88 -0.46 6.37
C ASP A 77 7.32 -1.51 5.36
N ALA A 78 6.77 -2.72 5.48
CA ALA A 78 7.11 -3.80 4.55
C ALA A 78 6.56 -3.50 3.16
N LEU A 79 5.29 -3.09 3.13
CA LEU A 79 4.64 -2.81 1.85
C LEU A 79 5.38 -1.69 1.13
N SER A 80 5.76 -0.66 1.87
CA SER A 80 6.48 0.46 1.28
C SER A 80 7.80 -0.03 0.67
N THR A 81 8.51 -0.87 1.43
CA THR A 81 9.77 -1.40 0.95
C THR A 81 9.57 -2.09 -0.39
N ALA A 82 8.50 -2.87 -0.48
CA ALA A 82 8.19 -3.57 -1.73
C ALA A 82 7.88 -2.56 -2.84
N LEU A 83 7.17 -1.48 -2.50
CA LEU A 83 6.80 -0.49 -3.49
C LEU A 83 8.04 0.15 -4.12
N VAL A 84 8.93 0.65 -3.28
CA VAL A 84 10.14 1.28 -3.79
C VAL A 84 10.98 0.26 -4.54
N ALA A 85 10.85 -1.01 -4.16
CA ALA A 85 11.59 -2.06 -4.83
C ALA A 85 11.17 -2.17 -6.29
N GLU A 86 9.87 -2.09 -6.54
CA GLU A 86 9.36 -2.20 -7.90
C GLU A 86 10.05 -1.19 -8.82
N LEU A 87 10.62 -0.15 -8.22
CA LEU A 87 11.30 0.91 -8.97
C LEU A 87 12.77 0.59 -9.16
N ARG A 88 13.29 -0.35 -8.37
CA ARG A 88 14.69 -0.72 -8.49
C ARG A 88 14.96 -1.39 -9.82
N SER A 89 15.01 -2.72 -9.82
CA SER A 89 15.27 -3.47 -11.04
C SER A 89 14.07 -3.41 -11.99
N ALA A 90 13.44 -2.23 -12.05
CA ALA A 90 12.28 -2.04 -12.92
C ALA A 90 11.29 -3.19 -12.74
N GLY A 1 2.09 2.12 -25.40
CA GLY A 1 1.50 1.29 -24.31
C GLY A 1 1.43 2.10 -23.03
N HIS A 2 2.05 3.26 -23.04
CA HIS A 2 2.06 4.13 -21.87
C HIS A 2 2.45 3.36 -20.62
N MET A 3 3.75 3.19 -20.42
CA MET A 3 4.26 2.47 -19.25
C MET A 3 4.00 3.26 -17.98
N SER A 4 3.60 4.51 -18.13
CA SER A 4 3.34 5.37 -16.98
C SER A 4 4.56 5.45 -16.07
N ASP A 5 4.57 6.45 -15.20
CA ASP A 5 5.69 6.63 -14.28
C ASP A 5 5.37 7.69 -13.24
N LEU A 6 4.11 8.14 -13.23
CA LEU A 6 3.68 9.16 -12.28
C LEU A 6 4.20 10.54 -12.72
N SER A 7 4.74 11.29 -11.76
CA SER A 7 5.26 12.61 -12.03
C SER A 7 6.44 12.90 -11.11
N THR A 8 7.35 13.73 -11.59
CA THR A 8 8.52 14.12 -10.83
C THR A 8 9.43 12.94 -10.60
N ALA A 9 8.84 11.84 -10.08
CA ALA A 9 9.56 10.60 -9.80
C ALA A 9 9.11 10.03 -8.44
N PRO A 10 8.34 8.96 -8.42
CA PRO A 10 7.85 8.35 -7.15
C PRO A 10 8.97 8.17 -6.13
N THR A 11 8.93 8.96 -5.05
CA THR A 11 9.94 8.87 -4.01
C THR A 11 9.39 8.12 -2.81
N LEU A 12 10.30 7.58 -2.01
CA LEU A 12 9.91 6.81 -0.83
C LEU A 12 8.85 7.57 -0.04
N ASP A 13 9.01 8.88 0.05
CA ASP A 13 8.07 9.69 0.79
C ASP A 13 6.73 9.73 0.07
N SER A 14 6.76 9.77 -1.26
CA SER A 14 5.53 9.82 -2.04
C SER A 14 4.76 8.50 -1.90
N LEU A 15 5.49 7.40 -1.89
CA LEU A 15 4.85 6.10 -1.75
C LEU A 15 4.38 5.93 -0.31
N ARG A 16 5.35 5.82 0.60
CA ARG A 16 5.02 5.63 2.01
C ARG A 16 3.75 6.40 2.38
N VAL A 17 3.72 7.69 2.03
CA VAL A 17 2.55 8.52 2.33
C VAL A 17 1.31 7.96 1.62
N TRP A 18 1.50 7.48 0.39
CA TRP A 18 0.38 6.92 -0.36
C TRP A 18 -0.25 5.74 0.40
N LEU A 19 0.59 4.81 0.83
CA LEU A 19 0.12 3.63 1.55
C LEU A 19 -0.71 4.04 2.76
N VAL A 20 -0.10 4.76 3.68
CA VAL A 20 -0.80 5.17 4.87
C VAL A 20 -2.02 6.02 4.50
N ASP A 21 -1.81 7.02 3.65
CA ASP A 21 -2.90 7.90 3.26
C ASP A 21 -4.01 7.10 2.61
N CYS A 22 -3.64 6.07 1.87
CA CYS A 22 -4.63 5.22 1.21
C CYS A 22 -5.55 4.58 2.22
N VAL A 23 -4.98 3.97 3.25
CA VAL A 23 -5.79 3.33 4.27
C VAL A 23 -6.68 4.36 4.97
N ALA A 24 -6.08 5.48 5.39
CA ALA A 24 -6.84 6.52 6.07
C ALA A 24 -8.10 6.85 5.28
N GLY A 25 -7.93 7.09 3.99
CA GLY A 25 -9.08 7.42 3.14
C GLY A 25 -10.06 6.26 3.10
N HIS A 26 -9.55 5.05 2.95
CA HIS A 26 -10.41 3.87 2.87
C HIS A 26 -11.30 3.77 4.11
N LEU A 27 -10.70 3.81 5.30
CA LEU A 27 -11.49 3.71 6.53
C LEU A 27 -12.05 5.08 6.92
N GLY A 28 -11.26 6.12 6.67
CA GLY A 28 -11.65 7.49 7.00
C GLY A 28 -11.02 7.96 8.31
N LEU A 29 -10.30 7.06 8.98
CA LEU A 29 -9.65 7.39 10.24
C LEU A 29 -8.49 8.34 10.00
N ASP A 30 -7.77 8.68 11.07
CA ASP A 30 -6.63 9.58 10.97
C ASP A 30 -5.38 8.82 10.50
N ALA A 31 -4.71 9.38 9.50
CA ALA A 31 -3.51 8.75 8.96
C ALA A 31 -2.43 8.60 10.03
N ALA A 32 -2.32 9.61 10.90
CA ALA A 32 -1.32 9.58 11.96
C ALA A 32 -1.59 8.45 12.95
N THR A 33 -2.77 7.87 12.87
CA THR A 33 -3.13 6.77 13.77
C THR A 33 -3.73 5.61 13.00
N ILE A 34 -3.19 5.34 11.82
CA ILE A 34 -3.72 4.25 11.02
C ILE A 34 -3.16 2.92 11.51
N ALA A 35 -1.91 2.65 11.20
CA ALA A 35 -1.28 1.41 11.58
C ALA A 35 0.03 1.23 10.82
N THR A 36 0.60 2.33 10.30
CA THR A 36 1.85 2.25 9.54
C THR A 36 2.79 1.21 10.14
N ASP A 37 2.80 1.12 11.47
CA ASP A 37 3.66 0.16 12.15
C ASP A 37 2.89 -1.13 12.44
N LEU A 38 1.57 -1.04 12.42
CA LEU A 38 0.73 -2.21 12.69
C LEU A 38 0.20 -2.82 11.39
N PRO A 39 -0.09 -4.10 11.42
CA PRO A 39 -0.63 -4.81 10.23
C PRO A 39 -2.00 -4.29 9.82
N LEU A 40 -2.50 -4.81 8.71
CA LEU A 40 -3.81 -4.40 8.21
C LEU A 40 -4.92 -4.99 9.06
N THR A 41 -4.62 -6.11 9.70
CA THR A 41 -5.61 -6.79 10.53
C THR A 41 -6.22 -5.83 11.52
N SER A 42 -5.41 -4.91 12.03
CA SER A 42 -5.88 -3.94 13.00
C SER A 42 -7.24 -3.36 12.59
N TYR A 43 -7.43 -3.19 11.28
CA TYR A 43 -8.68 -2.64 10.77
C TYR A 43 -9.83 -3.61 10.99
N GLY A 44 -9.50 -4.81 11.45
CA GLY A 44 -10.52 -5.82 11.71
C GLY A 44 -11.24 -6.20 10.43
N LEU A 45 -10.58 -6.00 9.30
CA LEU A 45 -11.16 -6.33 8.01
C LEU A 45 -11.19 -7.84 7.76
N ASP A 46 -12.31 -8.32 7.21
CA ASP A 46 -12.43 -9.74 6.93
C ASP A 46 -11.49 -10.13 5.79
N SER A 47 -11.44 -11.43 5.50
CA SER A 47 -10.58 -11.94 4.42
C SER A 47 -11.08 -11.44 3.06
N VAL A 48 -12.39 -11.34 2.93
CA VAL A 48 -12.99 -10.89 1.68
C VAL A 48 -12.62 -9.44 1.39
N TYR A 49 -12.33 -8.69 2.45
CA TYR A 49 -11.97 -7.28 2.31
C TYR A 49 -10.70 -7.14 1.48
N ALA A 50 -9.68 -7.88 1.85
CA ALA A 50 -8.42 -7.81 1.15
C ALA A 50 -8.64 -8.00 -0.34
N LEU A 51 -9.47 -8.96 -0.69
CA LEU A 51 -9.73 -9.23 -2.09
C LEU A 51 -9.97 -7.93 -2.87
N SER A 52 -11.09 -7.28 -2.58
CA SER A 52 -11.43 -6.06 -3.28
C SER A 52 -10.47 -4.94 -2.92
N ILE A 53 -10.22 -4.80 -1.62
CA ILE A 53 -9.32 -3.75 -1.17
C ILE A 53 -7.93 -3.92 -1.78
N ALA A 54 -7.28 -5.03 -1.46
CA ALA A 54 -5.95 -5.28 -1.97
C ALA A 54 -5.92 -5.06 -3.48
N ALA A 55 -7.01 -5.40 -4.15
CA ALA A 55 -7.10 -5.23 -5.60
C ALA A 55 -7.12 -3.74 -5.97
N GLU A 56 -7.93 -2.96 -5.25
CA GLU A 56 -8.01 -1.54 -5.53
C GLU A 56 -6.67 -0.85 -5.26
N LEU A 57 -6.06 -1.18 -4.13
CA LEU A 57 -4.79 -0.58 -3.77
C LEU A 57 -3.74 -0.84 -4.85
N GLU A 58 -3.45 -2.10 -5.10
CA GLU A 58 -2.45 -2.44 -6.11
C GLU A 58 -2.88 -1.97 -7.50
N ASP A 59 -4.18 -2.04 -7.77
CA ASP A 59 -4.71 -1.62 -9.07
C ASP A 59 -4.46 -0.12 -9.29
N HIS A 60 -4.35 0.62 -8.21
CA HIS A 60 -4.10 2.05 -8.31
C HIS A 60 -2.69 2.33 -8.84
N LEU A 61 -1.73 1.52 -8.42
CA LEU A 61 -0.34 1.69 -8.84
C LEU A 61 -0.03 0.74 -9.99
N ASP A 62 -1.07 0.31 -10.70
CA ASP A 62 -0.89 -0.59 -11.83
C ASP A 62 0.07 -1.71 -11.48
N VAL A 63 -0.31 -2.52 -10.50
CA VAL A 63 0.53 -3.63 -10.07
C VAL A 63 -0.34 -4.75 -9.51
N SER A 64 0.22 -5.97 -9.49
CA SER A 64 -0.49 -7.14 -8.98
C SER A 64 0.28 -7.73 -7.81
N LEU A 65 -0.45 -8.21 -6.82
CA LEU A 65 0.16 -8.80 -5.62
C LEU A 65 -0.25 -10.25 -5.47
N ASP A 66 0.45 -10.98 -4.61
CA ASP A 66 0.15 -12.39 -4.38
C ASP A 66 -0.70 -12.57 -3.12
N PRO A 67 -1.41 -13.66 -3.03
CA PRO A 67 -2.29 -13.95 -1.86
C PRO A 67 -1.49 -14.08 -0.55
N THR A 68 -0.70 -15.14 -0.46
CA THR A 68 0.10 -15.38 0.74
C THR A 68 1.10 -14.26 0.94
N LEU A 69 1.39 -13.52 -0.13
CA LEU A 69 2.32 -12.41 -0.05
C LEU A 69 1.72 -11.25 0.74
N ILE A 70 0.46 -10.95 0.49
CA ILE A 70 -0.20 -9.86 1.19
C ILE A 70 -0.07 -10.05 2.70
N TRP A 71 -0.18 -11.29 3.14
CA TRP A 71 -0.07 -11.59 4.55
C TRP A 71 1.40 -11.56 5.01
N ASP A 72 2.30 -11.40 4.04
CA ASP A 72 3.74 -11.36 4.35
C ASP A 72 4.17 -9.91 4.59
N HIS A 73 3.56 -8.98 3.86
CA HIS A 73 3.86 -7.55 4.00
C HIS A 73 2.62 -6.78 4.44
N PRO A 74 2.02 -7.18 5.53
CA PRO A 74 0.79 -6.53 6.08
C PRO A 74 1.09 -5.15 6.66
N THR A 75 2.35 -4.76 6.63
CA THR A 75 2.77 -3.46 7.16
C THR A 75 3.18 -2.52 6.02
N ILE A 76 3.11 -1.23 6.29
CA ILE A 76 3.48 -0.22 5.31
C ILE A 76 4.97 -0.28 5.02
N ASP A 77 5.76 -0.44 6.07
CA ASP A 77 7.21 -0.48 5.91
C ASP A 77 7.61 -1.50 4.85
N ALA A 78 7.10 -2.71 4.98
CA ALA A 78 7.41 -3.76 4.03
C ALA A 78 6.81 -3.45 2.66
N LEU A 79 5.54 -3.06 2.67
CA LEU A 79 4.84 -2.78 1.41
C LEU A 79 5.56 -1.67 0.66
N SER A 80 5.91 -0.61 1.38
CA SER A 80 6.59 0.52 0.76
C SER A 80 7.91 0.08 0.16
N THR A 81 8.68 -0.68 0.93
CA THR A 81 9.97 -1.16 0.45
C THR A 81 9.80 -1.90 -0.87
N ALA A 82 8.76 -2.72 -0.96
CA ALA A 82 8.51 -3.46 -2.17
C ALA A 82 8.09 -2.53 -3.30
N LEU A 83 7.23 -1.56 -2.99
CA LEU A 83 6.75 -0.64 -4.01
C LEU A 83 7.90 0.16 -4.62
N VAL A 84 8.70 0.78 -3.77
CA VAL A 84 9.83 1.57 -4.24
C VAL A 84 10.77 0.68 -5.05
N ALA A 85 10.87 -0.59 -4.65
CA ALA A 85 11.74 -1.53 -5.35
C ALA A 85 11.31 -1.62 -6.82
N GLU A 86 10.00 -1.57 -7.06
CA GLU A 86 9.50 -1.66 -8.42
C GLU A 86 10.13 -0.58 -9.31
N LEU A 87 10.63 0.48 -8.67
CA LEU A 87 11.26 1.58 -9.40
C LEU A 87 12.77 1.39 -9.48
N ARG A 88 13.31 0.54 -8.59
CA ARG A 88 14.74 0.28 -8.56
C ARG A 88 15.07 -0.98 -9.33
N SER A 89 14.05 -1.62 -9.88
CA SER A 89 14.25 -2.84 -10.66
C SER A 89 13.09 -3.05 -11.62
N ALA A 90 13.37 -3.73 -12.74
CA ALA A 90 12.35 -3.99 -13.74
C ALA A 90 12.63 -5.31 -14.46
N GLY A 1 2.16 1.28 -19.56
CA GLY A 1 1.47 2.50 -20.05
C GLY A 1 2.18 3.74 -19.51
N HIS A 2 3.11 4.28 -20.31
CA HIS A 2 3.86 5.45 -19.90
C HIS A 2 4.36 5.31 -18.47
N MET A 3 4.38 4.07 -17.98
CA MET A 3 4.86 3.81 -16.62
C MET A 3 4.08 4.66 -15.62
N SER A 4 2.77 4.48 -15.60
CA SER A 4 1.93 5.25 -14.68
C SER A 4 2.16 6.74 -14.86
N ASP A 5 1.29 7.56 -14.26
CA ASP A 5 1.41 9.01 -14.35
C ASP A 5 1.90 9.59 -13.04
N LEU A 6 2.19 8.72 -12.08
CA LEU A 6 2.65 9.16 -10.78
C LEU A 6 4.04 9.76 -10.86
N SER A 7 4.65 9.69 -12.05
CA SER A 7 5.99 10.22 -12.27
C SER A 7 7.01 9.13 -12.01
N THR A 8 7.76 8.75 -13.05
CA THR A 8 8.77 7.71 -12.91
C THR A 8 9.88 8.17 -11.97
N ALA A 9 9.53 9.03 -11.01
CA ALA A 9 10.50 9.53 -10.05
C ALA A 9 9.87 9.69 -8.67
N PRO A 10 9.29 8.63 -8.14
CA PRO A 10 8.66 8.63 -6.80
C PRO A 10 9.72 8.48 -5.70
N THR A 11 9.49 9.11 -4.56
CA THR A 11 10.43 9.03 -3.44
C THR A 11 9.82 8.20 -2.32
N LEU A 12 10.66 7.49 -1.58
CA LEU A 12 10.19 6.64 -0.49
C LEU A 12 9.09 7.33 0.31
N ASP A 13 9.18 8.64 0.36
CA ASP A 13 8.19 9.42 1.09
C ASP A 13 6.88 9.50 0.33
N SER A 14 6.94 9.51 -1.00
CA SER A 14 5.73 9.58 -1.82
C SER A 14 4.91 8.30 -1.64
N LEU A 15 5.58 7.17 -1.57
CA LEU A 15 4.88 5.92 -1.42
C LEU A 15 4.42 5.80 0.03
N ARG A 16 5.36 5.69 0.93
CA ARG A 16 5.01 5.55 2.34
C ARG A 16 3.76 6.36 2.67
N VAL A 17 3.76 7.64 2.28
CA VAL A 17 2.60 8.49 2.53
C VAL A 17 1.37 7.95 1.81
N TRP A 18 1.56 7.45 0.58
CA TRP A 18 0.43 6.91 -0.17
C TRP A 18 -0.22 5.74 0.58
N LEU A 19 0.61 4.79 1.01
CA LEU A 19 0.10 3.61 1.72
C LEU A 19 -0.72 4.02 2.92
N VAL A 20 -0.10 4.73 3.85
CA VAL A 20 -0.81 5.14 5.04
C VAL A 20 -2.01 6.01 4.68
N ASP A 21 -1.77 6.99 3.83
CA ASP A 21 -2.84 7.89 3.42
C ASP A 21 -3.96 7.11 2.73
N CYS A 22 -3.57 6.12 1.95
CA CYS A 22 -4.54 5.29 1.25
C CYS A 22 -5.51 4.63 2.23
N VAL A 23 -4.95 4.00 3.25
CA VAL A 23 -5.79 3.33 4.24
C VAL A 23 -6.67 4.36 4.94
N ALA A 24 -6.08 5.47 5.37
CA ALA A 24 -6.84 6.51 6.06
C ALA A 24 -8.09 6.86 5.29
N GLY A 25 -7.92 7.12 4.00
CA GLY A 25 -9.05 7.47 3.15
C GLY A 25 -10.05 6.31 3.07
N HIS A 26 -9.54 5.10 2.89
CA HIS A 26 -10.40 3.93 2.80
C HIS A 26 -11.31 3.82 4.02
N LEU A 27 -10.73 3.81 5.22
CA LEU A 27 -11.52 3.71 6.43
C LEU A 27 -12.11 5.06 6.82
N GLY A 28 -11.34 6.12 6.56
CA GLY A 28 -11.76 7.48 6.89
C GLY A 28 -11.15 7.94 8.22
N LEU A 29 -10.44 7.05 8.89
CA LEU A 29 -9.83 7.38 10.17
C LEU A 29 -8.67 8.35 9.97
N ASP A 30 -7.99 8.68 11.07
CA ASP A 30 -6.86 9.60 10.99
C ASP A 30 -5.60 8.88 10.51
N ALA A 31 -4.98 9.43 9.47
CA ALA A 31 -3.77 8.83 8.92
C ALA A 31 -2.65 8.80 9.95
N ALA A 32 -2.59 9.82 10.80
CA ALA A 32 -1.56 9.89 11.82
C ALA A 32 -1.69 8.74 12.82
N THR A 33 -2.84 8.07 12.81
CA THR A 33 -3.06 6.96 13.74
C THR A 33 -3.70 5.79 13.01
N ILE A 34 -3.24 5.53 11.79
CA ILE A 34 -3.79 4.41 11.05
C ILE A 34 -3.23 3.09 11.56
N ALA A 35 -1.98 2.84 11.20
CA ALA A 35 -1.33 1.61 11.57
C ALA A 35 0.04 1.52 10.92
N THR A 36 0.62 2.66 10.53
CA THR A 36 1.92 2.65 9.88
C THR A 36 2.84 1.60 10.47
N ASP A 37 2.87 1.51 11.81
CA ASP A 37 3.71 0.53 12.49
C ASP A 37 2.89 -0.68 12.91
N LEU A 38 1.77 -0.90 12.23
CA LEU A 38 0.89 -2.03 12.54
C LEU A 38 0.33 -2.65 11.25
N PRO A 39 0.04 -3.92 11.28
CA PRO A 39 -0.53 -4.65 10.10
C PRO A 39 -1.93 -4.15 9.75
N LEU A 40 -2.48 -4.70 8.67
CA LEU A 40 -3.81 -4.34 8.22
C LEU A 40 -4.87 -4.95 9.14
N THR A 41 -4.51 -6.02 9.82
CA THR A 41 -5.43 -6.71 10.71
C THR A 41 -6.07 -5.72 11.68
N SER A 42 -5.30 -4.71 12.07
CA SER A 42 -5.81 -3.72 13.01
C SER A 42 -7.20 -3.23 12.59
N TYR A 43 -7.43 -3.15 11.28
CA TYR A 43 -8.72 -2.69 10.76
C TYR A 43 -9.80 -3.75 10.99
N GLY A 44 -9.37 -4.93 11.41
CA GLY A 44 -10.32 -6.00 11.68
C GLY A 44 -11.10 -6.37 10.43
N LEU A 45 -10.51 -6.06 9.28
CA LEU A 45 -11.15 -6.35 8.01
C LEU A 45 -11.24 -7.86 7.75
N ASP A 46 -12.37 -8.30 7.19
CA ASP A 46 -12.55 -9.71 6.89
C ASP A 46 -11.59 -10.13 5.78
N SER A 47 -11.52 -11.44 5.52
CA SER A 47 -10.64 -11.97 4.48
C SER A 47 -11.11 -11.52 3.10
N VAL A 48 -12.42 -11.42 2.92
CA VAL A 48 -12.99 -11.01 1.64
C VAL A 48 -12.66 -9.54 1.36
N TYR A 49 -12.43 -8.79 2.42
CA TYR A 49 -12.10 -7.37 2.27
C TYR A 49 -10.76 -7.20 1.55
N ALA A 50 -9.75 -7.91 2.02
CA ALA A 50 -8.43 -7.81 1.43
C ALA A 50 -8.50 -7.97 -0.07
N LEU A 51 -9.36 -8.87 -0.52
CA LEU A 51 -9.51 -9.10 -1.95
C LEU A 51 -9.94 -7.82 -2.67
N SER A 52 -11.02 -7.22 -2.19
CA SER A 52 -11.51 -5.99 -2.80
C SER A 52 -10.51 -4.86 -2.63
N ILE A 53 -10.02 -4.71 -1.40
CA ILE A 53 -9.06 -3.65 -1.11
C ILE A 53 -7.77 -3.86 -1.89
N ALA A 54 -7.15 -5.01 -1.67
CA ALA A 54 -5.90 -5.31 -2.36
C ALA A 54 -6.04 -5.02 -3.84
N ALA A 55 -7.21 -5.34 -4.40
CA ALA A 55 -7.46 -5.09 -5.82
C ALA A 55 -7.48 -3.59 -6.11
N GLU A 56 -8.10 -2.83 -5.22
CA GLU A 56 -8.18 -1.39 -5.40
C GLU A 56 -6.80 -0.71 -5.23
N LEU A 57 -6.13 -1.06 -4.13
CA LEU A 57 -4.81 -0.49 -3.86
C LEU A 57 -3.85 -0.82 -4.98
N GLU A 58 -3.70 -2.09 -5.29
CA GLU A 58 -2.79 -2.49 -6.35
C GLU A 58 -3.21 -1.92 -7.70
N ASP A 59 -4.51 -1.89 -7.95
CA ASP A 59 -5.05 -1.38 -9.22
C ASP A 59 -4.62 0.06 -9.42
N HIS A 60 -4.38 0.76 -8.32
CA HIS A 60 -3.96 2.16 -8.41
C HIS A 60 -2.51 2.27 -8.89
N LEU A 61 -1.67 1.33 -8.46
CA LEU A 61 -0.26 1.31 -8.85
C LEU A 61 -0.02 0.33 -9.97
N ASP A 62 -1.09 -0.04 -10.68
CA ASP A 62 -0.97 -0.97 -11.79
C ASP A 62 -0.03 -2.11 -11.47
N VAL A 63 -0.41 -2.93 -10.49
CA VAL A 63 0.41 -4.06 -10.07
C VAL A 63 -0.46 -5.18 -9.55
N SER A 64 0.09 -6.39 -9.53
CA SER A 64 -0.64 -7.55 -9.04
C SER A 64 0.09 -8.14 -7.84
N LEU A 65 -0.67 -8.56 -6.83
CA LEU A 65 -0.09 -9.12 -5.61
C LEU A 65 -0.47 -10.57 -5.49
N ASP A 66 0.28 -11.31 -4.67
CA ASP A 66 0.00 -12.72 -4.47
C ASP A 66 -0.79 -12.97 -3.18
N PRO A 67 -1.56 -14.04 -3.12
CA PRO A 67 -2.35 -14.38 -1.90
C PRO A 67 -1.49 -14.40 -0.62
N THR A 68 -0.61 -15.39 -0.51
CA THR A 68 0.23 -15.53 0.65
C THR A 68 1.19 -14.34 0.76
N LEU A 69 1.37 -13.64 -0.35
CA LEU A 69 2.25 -12.49 -0.36
C LEU A 69 1.63 -11.33 0.42
N ILE A 70 0.34 -11.09 0.21
CA ILE A 70 -0.34 -10.01 0.91
C ILE A 70 -0.15 -10.15 2.41
N TRP A 71 -0.14 -11.39 2.89
CA TRP A 71 0.05 -11.64 4.31
C TRP A 71 1.53 -11.58 4.66
N ASP A 72 2.38 -11.46 3.64
CA ASP A 72 3.83 -11.38 3.85
C ASP A 72 4.25 -9.95 4.14
N HIS A 73 3.60 -9.00 3.46
CA HIS A 73 3.89 -7.58 3.64
C HIS A 73 2.64 -6.82 4.12
N PRO A 74 2.08 -7.23 5.22
CA PRO A 74 0.86 -6.58 5.82
C PRO A 74 1.19 -5.23 6.44
N THR A 75 2.46 -4.87 6.43
CA THR A 75 2.90 -3.59 7.01
C THR A 75 3.29 -2.61 5.91
N ILE A 76 3.22 -1.33 6.25
CA ILE A 76 3.57 -0.28 5.30
C ILE A 76 5.06 -0.32 5.00
N ASP A 77 5.85 -0.49 6.04
CA ASP A 77 7.30 -0.51 5.88
C ASP A 77 7.70 -1.52 4.82
N ALA A 78 7.15 -2.72 4.91
CA ALA A 78 7.45 -3.76 3.95
C ALA A 78 6.85 -3.43 2.59
N LEU A 79 5.60 -3.05 2.59
CA LEU A 79 4.93 -2.75 1.33
C LEU A 79 5.62 -1.59 0.63
N SER A 80 5.92 -0.55 1.38
CA SER A 80 6.57 0.62 0.81
C SER A 80 7.90 0.23 0.20
N THR A 81 8.72 -0.50 0.96
CA THR A 81 10.02 -0.93 0.47
C THR A 81 9.87 -1.66 -0.87
N ALA A 82 8.85 -2.48 -0.96
CA ALA A 82 8.60 -3.22 -2.19
C ALA A 82 8.16 -2.26 -3.31
N LEU A 83 7.34 -1.28 -2.97
CA LEU A 83 6.84 -0.35 -3.97
C LEU A 83 7.99 0.45 -4.58
N VAL A 84 8.81 1.06 -3.73
CA VAL A 84 9.95 1.83 -4.21
C VAL A 84 10.89 0.93 -5.00
N ALA A 85 10.97 -0.34 -4.60
CA ALA A 85 11.84 -1.29 -5.28
C ALA A 85 11.45 -1.39 -6.75
N GLU A 86 10.15 -1.31 -7.02
CA GLU A 86 9.66 -1.38 -8.40
C GLU A 86 10.42 -0.37 -9.29
N LEU A 87 11.03 0.62 -8.65
CA LEU A 87 11.76 1.67 -9.35
C LEU A 87 13.22 1.29 -9.53
N ARG A 88 13.66 0.31 -8.76
CA ARG A 88 15.04 -0.14 -8.82
C ARG A 88 15.26 -1.04 -10.04
N SER A 89 15.90 -2.17 -9.84
CA SER A 89 16.17 -3.09 -10.94
C SER A 89 16.94 -2.38 -12.05
N ALA A 90 18.13 -1.91 -11.74
CA ALA A 90 18.95 -1.22 -12.73
C ALA A 90 20.38 -1.06 -12.23
N GLY A 1 6.46 5.07 -21.19
CA GLY A 1 6.94 3.77 -20.64
C GLY A 1 6.18 3.46 -19.35
N HIS A 2 6.18 4.40 -18.42
CA HIS A 2 5.48 4.21 -17.15
C HIS A 2 5.07 5.56 -16.56
N MET A 3 4.16 6.25 -17.25
CA MET A 3 3.68 7.55 -16.79
C MET A 3 2.16 7.62 -16.93
N SER A 4 1.45 7.60 -15.81
CA SER A 4 0.00 7.67 -15.82
C SER A 4 -0.54 8.16 -14.48
N ASP A 5 0.33 8.83 -13.72
CA ASP A 5 -0.07 9.35 -12.41
C ASP A 5 0.99 10.30 -11.88
N LEU A 6 2.19 9.76 -11.60
CA LEU A 6 3.31 10.56 -11.08
C LEU A 6 4.55 10.30 -11.92
N SER A 7 5.33 11.36 -12.18
CA SER A 7 6.55 11.24 -12.97
C SER A 7 7.24 9.89 -12.76
N THR A 8 8.01 9.49 -13.75
CA THR A 8 8.72 8.21 -13.66
C THR A 8 9.85 8.29 -12.64
N ALA A 9 9.71 9.20 -11.66
CA ALA A 9 10.73 9.35 -10.61
C ALA A 9 10.09 9.58 -9.24
N PRO A 10 9.40 8.61 -8.71
CA PRO A 10 8.75 8.70 -7.37
C PRO A 10 9.80 8.64 -6.25
N THR A 11 9.46 9.14 -5.06
CA THR A 11 10.38 9.13 -3.92
C THR A 11 9.77 8.33 -2.77
N LEU A 12 10.64 7.76 -1.95
CA LEU A 12 10.20 6.94 -0.81
C LEU A 12 9.12 7.68 -0.03
N ASP A 13 9.27 8.98 0.09
CA ASP A 13 8.29 9.77 0.84
C ASP A 13 6.96 9.77 0.12
N SER A 14 6.97 9.88 -1.20
CA SER A 14 5.72 9.92 -1.95
C SER A 14 5.00 8.59 -1.83
N LEU A 15 5.72 7.48 -1.83
CA LEU A 15 5.06 6.21 -1.72
C LEU A 15 4.60 6.00 -0.28
N ARG A 16 5.54 5.90 0.65
CA ARG A 16 5.18 5.68 2.06
C ARG A 16 3.93 6.47 2.44
N VAL A 17 3.93 7.76 2.14
CA VAL A 17 2.78 8.60 2.43
C VAL A 17 1.55 8.07 1.66
N TRP A 18 1.75 7.64 0.40
CA TRP A 18 0.63 7.12 -0.40
C TRP A 18 -0.07 5.96 0.32
N LEU A 19 0.72 5.00 0.77
CA LEU A 19 0.18 3.81 1.45
C LEU A 19 -0.65 4.20 2.65
N VAL A 20 -0.06 4.89 3.61
CA VAL A 20 -0.80 5.28 4.80
C VAL A 20 -1.99 6.14 4.43
N ASP A 21 -1.77 7.14 3.59
CA ASP A 21 -2.85 8.02 3.20
C ASP A 21 -3.96 7.23 2.50
N CYS A 22 -3.57 6.19 1.77
CA CYS A 22 -4.56 5.37 1.09
C CYS A 22 -5.47 4.67 2.09
N VAL A 23 -4.87 4.08 3.14
CA VAL A 23 -5.67 3.40 4.14
C VAL A 23 -6.58 4.39 4.86
N ALA A 24 -6.02 5.53 5.28
CA ALA A 24 -6.81 6.54 5.98
C ALA A 24 -8.06 6.85 5.17
N GLY A 25 -7.87 7.09 3.89
CA GLY A 25 -9.01 7.40 3.02
C GLY A 25 -9.99 6.23 2.97
N HIS A 26 -9.46 5.01 2.88
CA HIS A 26 -10.31 3.81 2.80
C HIS A 26 -11.25 3.71 3.99
N LEU A 27 -10.72 3.83 5.20
CA LEU A 27 -11.55 3.73 6.41
C LEU A 27 -12.09 5.10 6.81
N GLY A 28 -11.30 6.14 6.56
CA GLY A 28 -11.68 7.51 6.91
C GLY A 28 -11.10 7.92 8.26
N LEU A 29 -10.35 7.01 8.88
CA LEU A 29 -9.76 7.29 10.19
C LEU A 29 -8.59 8.27 10.06
N ASP A 30 -7.93 8.55 11.17
CA ASP A 30 -6.80 9.48 11.19
C ASP A 30 -5.53 8.81 10.67
N ALA A 31 -4.96 9.38 9.60
CA ALA A 31 -3.75 8.84 9.00
C ALA A 31 -2.61 8.74 10.01
N ALA A 32 -2.50 9.73 10.89
CA ALA A 32 -1.46 9.72 11.90
C ALA A 32 -1.57 8.51 12.80
N THR A 33 -2.78 7.97 12.94
CA THR A 33 -3.00 6.80 13.80
C THR A 33 -3.63 5.65 13.01
N ILE A 34 -3.21 5.47 11.77
CA ILE A 34 -3.76 4.38 10.98
C ILE A 34 -3.20 3.05 11.44
N ALA A 35 -1.94 2.78 11.09
CA ALA A 35 -1.32 1.52 11.46
C ALA A 35 0.01 1.38 10.72
N THR A 36 0.60 2.51 10.33
CA THR A 36 1.86 2.50 9.59
C THR A 36 2.79 1.40 10.08
N ASP A 37 2.81 1.18 11.39
CA ASP A 37 3.66 0.15 11.98
C ASP A 37 2.85 -1.12 12.26
N LEU A 38 1.54 -0.97 12.35
CA LEU A 38 0.65 -2.11 12.63
C LEU A 38 0.13 -2.72 11.33
N PRO A 39 -0.23 -3.98 11.34
CA PRO A 39 -0.78 -4.66 10.15
C PRO A 39 -2.16 -4.12 9.77
N LEU A 40 -2.62 -4.54 8.61
CA LEU A 40 -3.91 -4.12 8.11
C LEU A 40 -5.03 -4.82 8.87
N THR A 41 -4.69 -5.95 9.49
CA THR A 41 -5.66 -6.70 10.23
C THR A 41 -6.30 -5.85 11.32
N SER A 42 -5.56 -4.90 11.85
CA SER A 42 -6.06 -4.03 12.90
C SER A 42 -7.41 -3.43 12.50
N TYR A 43 -7.64 -3.32 11.20
CA TYR A 43 -8.89 -2.76 10.70
C TYR A 43 -10.06 -3.73 10.92
N GLY A 44 -9.75 -4.89 11.50
CA GLY A 44 -10.79 -5.87 11.79
C GLY A 44 -11.48 -6.36 10.53
N LEU A 45 -10.85 -6.11 9.40
CA LEU A 45 -11.39 -6.53 8.11
C LEU A 45 -11.31 -8.05 7.91
N ASP A 46 -12.36 -8.62 7.38
CA ASP A 46 -12.38 -10.07 7.12
C ASP A 46 -11.54 -10.37 5.88
N SER A 47 -11.28 -11.65 5.64
CA SER A 47 -10.48 -12.08 4.48
C SER A 47 -11.16 -11.67 3.18
N VAL A 48 -12.49 -11.75 3.17
CA VAL A 48 -13.26 -11.40 2.00
C VAL A 48 -13.03 -9.94 1.62
N TYR A 49 -12.59 -9.15 2.59
CA TYR A 49 -12.34 -7.72 2.35
C TYR A 49 -10.95 -7.51 1.73
N ALA A 50 -9.97 -8.27 2.21
CA ALA A 50 -8.61 -8.15 1.72
C ALA A 50 -8.57 -8.11 0.19
N LEU A 51 -9.52 -8.80 -0.43
CA LEU A 51 -9.59 -8.83 -1.88
C LEU A 51 -10.02 -7.46 -2.43
N SER A 52 -10.98 -6.84 -1.75
CA SER A 52 -11.47 -5.53 -2.17
C SER A 52 -10.37 -4.49 -2.07
N ILE A 53 -9.71 -4.45 -0.93
CA ILE A 53 -8.65 -3.49 -0.73
C ILE A 53 -7.47 -3.81 -1.63
N ALA A 54 -7.07 -5.07 -1.64
CA ALA A 54 -5.93 -5.47 -2.45
C ALA A 54 -6.14 -5.02 -3.89
N ALA A 55 -7.36 -5.24 -4.39
CA ALA A 55 -7.69 -4.84 -5.75
C ALA A 55 -7.65 -3.32 -5.91
N GLU A 56 -8.07 -2.61 -4.87
CA GLU A 56 -8.09 -1.14 -4.91
C GLU A 56 -6.66 -0.55 -4.84
N LEU A 57 -5.90 -0.97 -3.84
CA LEU A 57 -4.54 -0.47 -3.66
C LEU A 57 -3.68 -0.81 -4.88
N GLU A 58 -3.82 -2.02 -5.38
CA GLU A 58 -3.04 -2.44 -6.54
C GLU A 58 -3.55 -1.78 -7.82
N ASP A 59 -4.87 -1.74 -7.99
CA ASP A 59 -5.47 -1.14 -9.18
C ASP A 59 -4.96 0.29 -9.36
N HIS A 60 -4.58 0.90 -8.24
CA HIS A 60 -4.07 2.27 -8.28
C HIS A 60 -2.72 2.33 -8.99
N LEU A 61 -1.90 1.33 -8.76
CA LEU A 61 -0.54 1.29 -9.30
C LEU A 61 -0.39 0.20 -10.36
N ASP A 62 -1.50 -0.25 -10.95
CA ASP A 62 -1.43 -1.27 -12.00
C ASP A 62 -0.44 -2.36 -11.65
N VAL A 63 -0.76 -3.13 -10.64
CA VAL A 63 0.13 -4.21 -10.19
C VAL A 63 -0.69 -5.38 -9.67
N SER A 64 -0.09 -6.56 -9.65
CA SER A 64 -0.78 -7.76 -9.16
C SER A 64 -0.09 -8.25 -7.89
N LEU A 65 -0.90 -8.64 -6.90
CA LEU A 65 -0.35 -9.13 -5.62
C LEU A 65 -0.60 -10.62 -5.51
N ASP A 66 0.24 -11.30 -4.73
CA ASP A 66 0.12 -12.74 -4.55
C ASP A 66 -0.63 -13.09 -3.25
N PRO A 67 -1.35 -14.19 -3.19
CA PRO A 67 -2.09 -14.59 -1.95
C PRO A 67 -1.21 -14.56 -0.70
N THR A 68 -0.23 -15.45 -0.66
CA THR A 68 0.67 -15.54 0.50
C THR A 68 1.53 -14.28 0.62
N LEU A 69 1.61 -13.52 -0.47
CA LEU A 69 2.38 -12.30 -0.47
C LEU A 69 1.67 -11.20 0.32
N ILE A 70 0.36 -11.08 0.12
CA ILE A 70 -0.41 -10.07 0.82
C ILE A 70 -0.21 -10.21 2.34
N TRP A 71 -0.10 -11.45 2.79
CA TRP A 71 0.13 -11.73 4.20
C TRP A 71 1.61 -11.62 4.55
N ASP A 72 2.44 -11.40 3.52
CA ASP A 72 3.89 -11.27 3.71
C ASP A 72 4.25 -9.82 4.02
N HIS A 73 3.53 -8.89 3.40
CA HIS A 73 3.76 -7.46 3.61
C HIS A 73 2.49 -6.75 4.09
N PRO A 74 1.93 -7.21 5.19
CA PRO A 74 0.69 -6.62 5.79
C PRO A 74 0.94 -5.26 6.45
N THR A 75 2.18 -4.81 6.38
CA THR A 75 2.56 -3.51 6.98
C THR A 75 3.14 -2.56 5.92
N ILE A 76 2.98 -1.27 6.17
CA ILE A 76 3.46 -0.25 5.25
C ILE A 76 4.98 -0.35 5.10
N ASP A 77 5.65 -0.61 6.22
CA ASP A 77 7.10 -0.70 6.19
C ASP A 77 7.55 -1.69 5.10
N ALA A 78 7.01 -2.89 5.14
CA ALA A 78 7.36 -3.90 4.15
C ALA A 78 6.91 -3.47 2.76
N LEU A 79 5.68 -2.98 2.67
CA LEU A 79 5.13 -2.54 1.39
C LEU A 79 5.96 -1.38 0.81
N SER A 80 6.34 -0.45 1.68
CA SER A 80 7.13 0.70 1.26
C SER A 80 8.42 0.22 0.65
N THR A 81 9.09 -0.70 1.34
CA THR A 81 10.35 -1.23 0.85
C THR A 81 10.13 -1.84 -0.54
N ALA A 82 9.05 -2.59 -0.67
CA ALA A 82 8.73 -3.21 -1.95
C ALA A 82 8.39 -2.14 -3.00
N LEU A 83 7.68 -1.10 -2.56
CA LEU A 83 7.28 -0.04 -3.49
C LEU A 83 8.50 0.66 -4.08
N VAL A 84 9.39 1.11 -3.21
CA VAL A 84 10.58 1.79 -3.67
C VAL A 84 11.44 0.84 -4.48
N ALA A 85 11.35 -0.45 -4.16
CA ALA A 85 12.12 -1.45 -4.89
C ALA A 85 11.71 -1.43 -6.36
N GLU A 86 10.41 -1.30 -6.61
CA GLU A 86 9.91 -1.26 -7.97
C GLU A 86 10.65 -0.22 -8.81
N LEU A 87 11.31 0.72 -8.13
CA LEU A 87 12.07 1.78 -8.82
C LEU A 87 13.56 1.44 -8.84
N ARG A 88 13.97 0.50 -8.00
CA ARG A 88 15.37 0.09 -7.94
C ARG A 88 15.67 -0.98 -8.99
N SER A 89 16.76 -1.72 -8.78
CA SER A 89 17.16 -2.77 -9.71
C SER A 89 17.98 -3.83 -8.99
N ALA A 90 17.35 -4.53 -8.05
CA ALA A 90 18.04 -5.57 -7.29
C ALA A 90 19.32 -5.03 -6.69
N GLY A 1 5.80 -5.97 -12.03
CA GLY A 1 6.74 -5.06 -11.30
C GLY A 1 7.96 -4.79 -12.16
N HIS A 2 7.93 -5.27 -13.39
CA HIS A 2 9.05 -5.07 -14.32
C HIS A 2 8.93 -3.72 -15.00
N MET A 3 7.78 -3.06 -14.83
CA MET A 3 7.55 -1.75 -15.44
C MET A 3 7.04 -0.75 -14.40
N SER A 4 5.85 -0.19 -14.66
CA SER A 4 5.26 0.77 -13.75
C SER A 4 6.21 1.93 -13.52
N ASP A 5 6.54 2.19 -12.26
CA ASP A 5 7.44 3.28 -11.92
C ASP A 5 6.70 4.61 -11.91
N LEU A 6 5.50 4.61 -12.46
CA LEU A 6 4.70 5.82 -12.54
C LEU A 6 5.17 6.71 -13.70
N SER A 7 6.17 7.54 -13.45
CA SER A 7 6.69 8.44 -14.46
C SER A 7 7.96 9.14 -13.97
N THR A 8 7.79 10.37 -13.48
CA THR A 8 8.91 11.16 -13.04
C THR A 8 9.83 10.33 -12.21
N ALA A 9 9.28 9.65 -11.19
CA ALA A 9 10.06 8.79 -10.28
C ALA A 9 9.56 8.92 -8.84
N PRO A 10 8.63 8.09 -8.43
CA PRO A 10 8.07 8.11 -7.06
C PRO A 10 9.17 7.98 -6.01
N THR A 11 9.03 8.72 -4.91
CA THR A 11 10.03 8.68 -3.83
C THR A 11 9.47 7.93 -2.62
N LEU A 12 10.36 7.40 -1.80
CA LEU A 12 9.94 6.65 -0.62
C LEU A 12 8.89 7.42 0.15
N ASP A 13 9.08 8.73 0.28
CA ASP A 13 8.13 9.56 1.00
C ASP A 13 6.81 9.64 0.25
N SER A 14 6.88 9.71 -1.08
CA SER A 14 5.67 9.80 -1.89
C SER A 14 4.86 8.51 -1.78
N LEU A 15 5.56 7.38 -1.77
CA LEU A 15 4.87 6.10 -1.65
C LEU A 15 4.36 5.92 -0.23
N ARG A 16 5.29 5.75 0.71
CA ARG A 16 4.91 5.54 2.10
C ARG A 16 3.67 6.35 2.46
N VAL A 17 3.70 7.65 2.16
CA VAL A 17 2.57 8.52 2.44
C VAL A 17 1.34 8.04 1.68
N TRP A 18 1.53 7.57 0.44
CA TRP A 18 0.41 7.07 -0.35
C TRP A 18 -0.28 5.91 0.37
N LEU A 19 0.52 4.95 0.80
CA LEU A 19 -0.02 3.77 1.47
C LEU A 19 -0.85 4.18 2.68
N VAL A 20 -0.22 4.81 3.65
CA VAL A 20 -0.94 5.20 4.85
C VAL A 20 -2.10 6.13 4.49
N ASP A 21 -1.81 7.15 3.70
CA ASP A 21 -2.83 8.11 3.33
C ASP A 21 -3.98 7.41 2.61
N CYS A 22 -3.64 6.37 1.86
CA CYS A 22 -4.65 5.61 1.13
C CYS A 22 -5.61 4.96 2.11
N VAL A 23 -5.08 4.31 3.13
CA VAL A 23 -5.93 3.64 4.11
C VAL A 23 -6.79 4.68 4.84
N ALA A 24 -6.16 5.76 5.31
CA ALA A 24 -6.89 6.79 6.03
C ALA A 24 -8.13 7.19 5.26
N GLY A 25 -7.96 7.53 3.98
CA GLY A 25 -9.08 7.92 3.15
C GLY A 25 -10.07 6.77 3.00
N HIS A 26 -9.55 5.56 2.79
CA HIS A 26 -10.41 4.40 2.63
C HIS A 26 -11.32 4.23 3.82
N LEU A 27 -10.75 4.18 5.02
CA LEU A 27 -11.55 4.01 6.23
C LEU A 27 -12.13 5.34 6.68
N GLY A 28 -11.37 6.40 6.48
CA GLY A 28 -11.79 7.75 6.88
C GLY A 28 -11.12 8.19 8.18
N LEU A 29 -10.35 7.30 8.80
CA LEU A 29 -9.66 7.63 10.03
C LEU A 29 -8.51 8.57 9.76
N ASP A 30 -7.73 8.88 10.79
CA ASP A 30 -6.60 9.79 10.65
C ASP A 30 -5.35 9.01 10.25
N ALA A 31 -4.64 9.53 9.25
CA ALA A 31 -3.43 8.88 8.77
C ALA A 31 -2.40 8.73 9.88
N ALA A 32 -2.35 9.71 10.77
CA ALA A 32 -1.40 9.68 11.88
C ALA A 32 -1.66 8.52 12.83
N THR A 33 -2.88 7.98 12.77
CA THR A 33 -3.25 6.86 13.64
C THR A 33 -3.86 5.74 12.84
N ILE A 34 -3.30 5.47 11.67
CA ILE A 34 -3.82 4.38 10.84
C ILE A 34 -3.30 3.05 11.35
N ALA A 35 -2.04 2.78 11.06
CA ALA A 35 -1.44 1.52 11.44
C ALA A 35 -0.04 1.41 10.85
N THR A 36 0.58 2.54 10.54
CA THR A 36 1.92 2.53 9.94
C THR A 36 2.78 1.42 10.54
N ASP A 37 2.74 1.29 11.86
CA ASP A 37 3.53 0.25 12.54
C ASP A 37 2.66 -0.92 12.96
N LEU A 38 1.52 -1.08 12.29
CA LEU A 38 0.60 -2.16 12.61
C LEU A 38 0.04 -2.79 11.32
N PRO A 39 -0.31 -4.05 11.38
CA PRO A 39 -0.88 -4.76 10.20
C PRO A 39 -2.28 -4.25 9.85
N LEU A 40 -2.86 -4.80 8.79
CA LEU A 40 -4.18 -4.40 8.36
C LEU A 40 -5.24 -4.95 9.31
N THR A 41 -4.90 -6.01 10.03
CA THR A 41 -5.83 -6.63 10.94
C THR A 41 -6.45 -5.61 11.86
N SER A 42 -5.64 -4.67 12.33
CA SER A 42 -6.12 -3.64 13.24
C SER A 42 -7.46 -3.07 12.76
N TYR A 43 -7.62 -2.97 11.46
CA TYR A 43 -8.87 -2.45 10.89
C TYR A 43 -10.04 -3.36 11.22
N GLY A 44 -9.75 -4.49 11.83
CA GLY A 44 -10.78 -5.43 12.20
C GLY A 44 -11.48 -5.98 10.97
N LEU A 45 -10.83 -5.82 9.82
CA LEU A 45 -11.39 -6.32 8.57
C LEU A 45 -11.09 -7.82 8.38
N ASP A 46 -12.06 -8.54 7.85
CA ASP A 46 -11.86 -9.95 7.59
C ASP A 46 -11.07 -10.16 6.30
N SER A 47 -10.67 -11.39 6.04
CA SER A 47 -9.89 -11.72 4.85
C SER A 47 -10.66 -11.36 3.59
N VAL A 48 -11.99 -11.43 3.67
CA VAL A 48 -12.84 -11.12 2.53
C VAL A 48 -12.47 -9.76 1.94
N TYR A 49 -11.89 -8.89 2.78
CA TYR A 49 -11.48 -7.57 2.33
C TYR A 49 -10.10 -7.61 1.67
N ALA A 50 -9.27 -8.56 2.08
CA ALA A 50 -7.93 -8.67 1.53
C ALA A 50 -7.95 -8.65 0.01
N LEU A 51 -8.88 -9.40 -0.57
CA LEU A 51 -9.00 -9.44 -2.02
C LEU A 51 -9.42 -8.09 -2.59
N SER A 52 -10.40 -7.46 -1.93
CA SER A 52 -10.90 -6.17 -2.37
C SER A 52 -9.87 -5.08 -2.15
N ILE A 53 -9.37 -5.00 -0.92
CA ILE A 53 -8.39 -3.98 -0.59
C ILE A 53 -7.13 -4.15 -1.42
N ALA A 54 -6.53 -5.33 -1.32
CA ALA A 54 -5.31 -5.60 -2.07
C ALA A 54 -5.50 -5.29 -3.54
N ALA A 55 -6.67 -5.67 -4.07
CA ALA A 55 -6.99 -5.42 -5.47
C ALA A 55 -7.16 -3.92 -5.72
N GLU A 56 -7.82 -3.23 -4.80
CA GLU A 56 -8.04 -1.80 -4.95
C GLU A 56 -6.72 -1.03 -4.94
N LEU A 57 -5.88 -1.33 -3.96
CA LEU A 57 -4.60 -0.65 -3.86
C LEU A 57 -3.80 -0.82 -5.12
N GLU A 58 -3.36 -2.04 -5.39
CA GLU A 58 -2.56 -2.30 -6.59
C GLU A 58 -3.23 -1.72 -7.84
N ASP A 59 -4.55 -1.77 -7.88
CA ASP A 59 -5.28 -1.26 -9.03
C ASP A 59 -4.97 0.23 -9.22
N HIS A 60 -4.74 0.93 -8.12
CA HIS A 60 -4.42 2.35 -8.20
C HIS A 60 -3.00 2.56 -8.73
N LEU A 61 -2.09 1.67 -8.36
CA LEU A 61 -0.71 1.77 -8.79
C LEU A 61 -0.52 1.27 -10.16
N ASP A 62 -1.29 0.21 -10.53
CA ASP A 62 -1.20 -0.41 -11.86
C ASP A 62 -0.26 -1.60 -11.79
N VAL A 63 -0.62 -2.58 -10.98
CA VAL A 63 0.21 -3.78 -10.82
C VAL A 63 -0.60 -4.92 -10.25
N SER A 64 0.00 -6.12 -10.24
CA SER A 64 -0.68 -7.31 -9.71
C SER A 64 0.07 -7.83 -8.50
N LEU A 65 -0.68 -8.23 -7.47
CA LEU A 65 -0.08 -8.74 -6.23
C LEU A 65 -0.26 -10.25 -6.15
N ASP A 66 0.58 -10.89 -5.34
CA ASP A 66 0.51 -12.34 -5.18
C ASP A 66 -0.33 -12.70 -3.96
N PRO A 67 -0.85 -13.90 -3.93
CA PRO A 67 -1.70 -14.38 -2.79
C PRO A 67 -0.97 -14.37 -1.46
N THR A 68 -0.10 -15.35 -1.26
CA THR A 68 0.65 -15.46 -0.01
C THR A 68 1.50 -14.21 0.21
N LEU A 69 1.63 -13.41 -0.84
CA LEU A 69 2.41 -12.18 -0.74
C LEU A 69 1.64 -11.11 0.03
N ILE A 70 0.35 -11.04 -0.18
CA ILE A 70 -0.48 -10.05 0.50
C ILE A 70 -0.37 -10.22 2.01
N TRP A 71 -0.39 -11.45 2.47
CA TRP A 71 -0.28 -11.73 3.89
C TRP A 71 1.18 -11.67 4.33
N ASP A 72 2.08 -11.46 3.37
CA ASP A 72 3.51 -11.38 3.67
C ASP A 72 3.89 -9.96 4.04
N HIS A 73 3.26 -8.98 3.38
CA HIS A 73 3.52 -7.57 3.65
C HIS A 73 2.27 -6.87 4.17
N PRO A 74 1.72 -7.35 5.26
CA PRO A 74 0.49 -6.75 5.87
C PRO A 74 0.78 -5.41 6.52
N THR A 75 2.06 -5.02 6.54
CA THR A 75 2.48 -3.75 7.15
C THR A 75 2.92 -2.76 6.07
N ILE A 76 2.93 -1.49 6.42
CA ILE A 76 3.34 -0.45 5.49
C ILE A 76 4.83 -0.54 5.19
N ASP A 77 5.61 -0.80 6.24
CA ASP A 77 7.06 -0.89 6.07
C ASP A 77 7.41 -1.87 4.96
N ALA A 78 6.81 -3.06 4.99
CA ALA A 78 7.07 -4.07 3.97
C ALA A 78 6.50 -3.64 2.63
N LEU A 79 5.26 -3.18 2.64
CA LEU A 79 4.61 -2.77 1.41
C LEU A 79 5.41 -1.67 0.73
N SER A 80 5.80 -0.67 1.51
CA SER A 80 6.57 0.45 0.97
C SER A 80 7.92 -0.04 0.45
N THR A 81 8.57 -0.89 1.24
CA THR A 81 9.87 -1.43 0.86
C THR A 81 9.77 -2.17 -0.48
N ALA A 82 8.71 -2.93 -0.65
CA ALA A 82 8.52 -3.66 -1.88
C ALA A 82 8.19 -2.70 -3.04
N LEU A 83 7.34 -1.72 -2.77
CA LEU A 83 6.95 -0.77 -3.80
C LEU A 83 8.16 0.00 -4.32
N VAL A 84 8.95 0.53 -3.40
CA VAL A 84 10.13 1.30 -3.80
C VAL A 84 11.12 0.38 -4.51
N ALA A 85 11.14 -0.89 -4.10
CA ALA A 85 12.04 -1.85 -4.71
C ALA A 85 11.76 -1.96 -6.21
N GLU A 86 10.49 -1.82 -6.58
CA GLU A 86 10.09 -1.88 -7.98
C GLU A 86 10.93 -0.90 -8.81
N LEU A 87 11.59 0.04 -8.14
CA LEU A 87 12.42 1.05 -8.80
C LEU A 87 13.89 0.68 -8.70
N ARG A 88 14.21 -0.22 -7.79
CA ARG A 88 15.61 -0.64 -7.60
C ARG A 88 15.99 -1.71 -8.60
N SER A 89 15.02 -2.17 -9.38
CA SER A 89 15.27 -3.20 -10.39
C SER A 89 15.40 -2.58 -11.77
N ALA A 90 16.19 -1.52 -11.86
CA ALA A 90 16.39 -0.84 -13.14
C ALA A 90 15.05 -0.55 -13.81
N GLY A 1 8.36 5.76 -23.52
CA GLY A 1 7.03 5.37 -24.04
C GLY A 1 5.98 5.65 -22.96
N HIS A 2 4.73 5.83 -23.40
CA HIS A 2 3.63 6.12 -22.46
C HIS A 2 2.81 4.86 -22.21
N MET A 3 2.85 4.37 -20.98
CA MET A 3 2.11 3.17 -20.62
C MET A 3 2.05 3.02 -19.10
N SER A 4 3.15 3.35 -18.43
CA SER A 4 3.22 3.24 -16.98
C SER A 4 4.36 4.11 -16.43
N ASP A 5 4.00 5.15 -15.68
CA ASP A 5 4.99 6.05 -15.12
C ASP A 5 4.40 6.84 -13.96
N LEU A 6 4.45 6.25 -12.77
CA LEU A 6 3.91 6.92 -11.59
C LEU A 6 4.50 8.32 -11.47
N SER A 7 5.81 8.43 -11.52
CA SER A 7 6.47 9.71 -11.43
C SER A 7 7.86 9.63 -12.03
N THR A 8 8.36 10.75 -12.51
CA THR A 8 9.67 10.79 -13.13
C THR A 8 10.71 10.26 -12.16
N ALA A 9 10.26 9.87 -10.95
CA ALA A 9 11.17 9.34 -9.93
C ALA A 9 10.57 9.49 -8.53
N PRO A 10 9.63 8.66 -8.19
CA PRO A 10 8.97 8.71 -6.85
C PRO A 10 9.96 8.36 -5.74
N THR A 11 9.84 9.03 -4.59
CA THR A 11 10.74 8.79 -3.46
C THR A 11 10.00 8.00 -2.39
N LEU A 12 10.75 7.21 -1.61
CA LEU A 12 10.17 6.40 -0.54
C LEU A 12 9.08 7.16 0.20
N ASP A 13 9.25 8.47 0.28
CA ASP A 13 8.28 9.31 0.97
C ASP A 13 7.00 9.43 0.17
N SER A 14 7.12 9.45 -1.16
CA SER A 14 5.93 9.57 -2.01
C SER A 14 5.06 8.33 -1.87
N LEU A 15 5.69 7.17 -1.79
CA LEU A 15 4.92 5.95 -1.68
C LEU A 15 4.38 5.81 -0.27
N ARG A 16 5.29 5.66 0.67
CA ARG A 16 4.90 5.49 2.06
C ARG A 16 3.67 6.35 2.36
N VAL A 17 3.74 7.64 2.02
CA VAL A 17 2.63 8.55 2.25
C VAL A 17 1.40 8.06 1.49
N TRP A 18 1.60 7.58 0.25
CA TRP A 18 0.47 7.09 -0.52
C TRP A 18 -0.23 5.93 0.20
N LEU A 19 0.56 4.95 0.62
CA LEU A 19 0.02 3.77 1.30
C LEU A 19 -0.80 4.16 2.52
N VAL A 20 -0.14 4.76 3.50
CA VAL A 20 -0.85 5.15 4.70
C VAL A 20 -2.03 6.03 4.35
N ASP A 21 -1.78 7.05 3.52
CA ASP A 21 -2.84 7.96 3.15
C ASP A 21 -4.00 7.21 2.51
N CYS A 22 -3.67 6.14 1.79
CA CYS A 22 -4.68 5.33 1.14
C CYS A 22 -5.59 4.69 2.18
N VAL A 23 -4.97 4.09 3.20
CA VAL A 23 -5.75 3.44 4.24
C VAL A 23 -6.63 4.47 4.96
N ALA A 24 -6.03 5.60 5.36
CA ALA A 24 -6.78 6.64 6.06
C ALA A 24 -8.06 6.95 5.31
N GLY A 25 -7.93 7.23 4.02
CA GLY A 25 -9.11 7.54 3.22
C GLY A 25 -10.05 6.34 3.16
N HIS A 26 -9.49 5.15 2.98
CA HIS A 26 -10.31 3.94 2.90
C HIS A 26 -11.21 3.82 4.13
N LEU A 27 -10.61 3.83 5.31
CA LEU A 27 -11.39 3.70 6.54
C LEU A 27 -11.98 5.05 6.96
N GLY A 28 -11.22 6.11 6.69
CA GLY A 28 -11.64 7.48 7.04
C GLY A 28 -10.93 7.96 8.31
N LEU A 29 -10.16 7.10 8.95
CA LEU A 29 -9.43 7.47 10.17
C LEU A 29 -8.30 8.42 9.82
N ASP A 30 -7.51 8.79 10.83
CA ASP A 30 -6.38 9.69 10.64
C ASP A 30 -5.14 8.91 10.21
N ALA A 31 -4.45 9.44 9.20
CA ALA A 31 -3.24 8.79 8.70
C ALA A 31 -2.15 8.75 9.76
N ALA A 32 -2.12 9.76 10.63
CA ALA A 32 -1.11 9.82 11.68
C ALA A 32 -1.31 8.71 12.70
N THR A 33 -2.45 8.02 12.62
CA THR A 33 -2.73 6.93 13.57
C THR A 33 -3.38 5.76 12.84
N ILE A 34 -3.04 5.61 11.57
CA ILE A 34 -3.62 4.50 10.82
C ILE A 34 -3.14 3.17 11.38
N ALA A 35 -1.88 2.87 11.14
CA ALA A 35 -1.31 1.62 11.57
C ALA A 35 0.06 1.42 10.94
N THR A 36 0.72 2.52 10.55
CA THR A 36 2.03 2.44 9.91
C THR A 36 2.86 1.32 10.52
N ASP A 37 2.79 1.18 11.84
CA ASP A 37 3.54 0.14 12.53
C ASP A 37 2.67 -1.11 12.74
N LEU A 38 1.35 -0.92 12.68
CA LEU A 38 0.43 -2.03 12.89
C LEU A 38 0.03 -2.67 11.56
N PRO A 39 -0.30 -3.93 11.56
CA PRO A 39 -0.75 -4.65 10.33
C PRO A 39 -2.14 -4.19 9.88
N LEU A 40 -2.61 -4.77 8.79
CA LEU A 40 -3.93 -4.45 8.26
C LEU A 40 -5.02 -5.05 9.14
N THR A 41 -4.69 -6.17 9.78
CA THR A 41 -5.65 -6.86 10.62
C THR A 41 -6.27 -5.91 11.62
N SER A 42 -5.50 -4.92 12.05
CA SER A 42 -5.99 -3.94 13.01
C SER A 42 -7.36 -3.41 12.57
N TYR A 43 -7.58 -3.34 11.27
CA TYR A 43 -8.85 -2.85 10.73
C TYR A 43 -9.95 -3.88 10.92
N GLY A 44 -9.56 -5.08 11.32
CA GLY A 44 -10.52 -6.14 11.55
C GLY A 44 -11.26 -6.51 10.28
N LEU A 45 -10.63 -6.25 9.15
CA LEU A 45 -11.23 -6.55 7.86
C LEU A 45 -11.28 -8.07 7.59
N ASP A 46 -12.39 -8.53 7.07
CA ASP A 46 -12.52 -9.95 6.77
C ASP A 46 -11.48 -10.38 5.74
N SER A 47 -11.38 -11.69 5.53
CA SER A 47 -10.41 -12.22 4.56
C SER A 47 -10.80 -11.81 3.14
N VAL A 48 -12.11 -11.73 2.89
CA VAL A 48 -12.60 -11.35 1.58
C VAL A 48 -12.29 -9.89 1.29
N TYR A 49 -12.10 -9.12 2.35
CA TYR A 49 -11.80 -7.69 2.20
C TYR A 49 -10.47 -7.49 1.48
N ALA A 50 -9.43 -8.18 1.98
CA ALA A 50 -8.10 -8.05 1.40
C ALA A 50 -8.19 -8.13 -0.12
N LEU A 51 -9.08 -8.98 -0.60
CA LEU A 51 -9.24 -9.14 -2.04
C LEU A 51 -9.74 -7.84 -2.67
N SER A 52 -10.76 -7.25 -2.07
CA SER A 52 -11.33 -6.01 -2.59
C SER A 52 -10.36 -4.85 -2.44
N ILE A 53 -9.86 -4.67 -1.22
CA ILE A 53 -8.94 -3.58 -0.96
C ILE A 53 -7.67 -3.74 -1.81
N ALA A 54 -6.97 -4.85 -1.62
CA ALA A 54 -5.76 -5.09 -2.37
C ALA A 54 -6.00 -4.82 -3.86
N ALA A 55 -7.18 -5.20 -4.35
CA ALA A 55 -7.52 -4.97 -5.74
C ALA A 55 -7.61 -3.47 -6.03
N GLU A 56 -8.14 -2.71 -5.08
CA GLU A 56 -8.29 -1.27 -5.26
C GLU A 56 -6.93 -0.56 -5.14
N LEU A 57 -6.20 -0.85 -4.07
CA LEU A 57 -4.89 -0.24 -3.84
C LEU A 57 -3.95 -0.55 -4.98
N GLU A 58 -3.89 -1.80 -5.37
CA GLU A 58 -3.01 -2.19 -6.46
C GLU A 58 -3.49 -1.63 -7.78
N ASP A 59 -4.81 -1.61 -7.98
CA ASP A 59 -5.38 -1.10 -9.23
C ASP A 59 -4.95 0.34 -9.44
N HIS A 60 -4.71 1.05 -8.34
CA HIS A 60 -4.28 2.44 -8.44
C HIS A 60 -2.83 2.53 -8.93
N LEU A 61 -1.99 1.59 -8.51
CA LEU A 61 -0.58 1.60 -8.88
C LEU A 61 -0.31 0.58 -9.96
N ASP A 62 -1.37 0.15 -10.64
CA ASP A 62 -1.23 -0.78 -11.74
C ASP A 62 -0.21 -1.86 -11.40
N VAL A 63 -0.52 -2.67 -10.41
CA VAL A 63 0.38 -3.73 -9.98
C VAL A 63 -0.40 -4.93 -9.50
N SER A 64 0.21 -6.12 -9.57
CA SER A 64 -0.45 -7.34 -9.13
C SER A 64 0.28 -7.88 -7.90
N LEU A 65 -0.49 -8.19 -6.86
CA LEU A 65 0.08 -8.71 -5.62
C LEU A 65 -0.19 -10.20 -5.49
N ASP A 66 0.60 -10.87 -4.68
CA ASP A 66 0.45 -12.30 -4.49
C ASP A 66 -0.40 -12.60 -3.25
N PRO A 67 -0.98 -13.76 -3.18
CA PRO A 67 -1.84 -14.17 -2.02
C PRO A 67 -1.05 -14.23 -0.71
N THR A 68 -0.27 -15.28 -0.54
CA THR A 68 0.52 -15.44 0.67
C THR A 68 1.49 -14.30 0.82
N LEU A 69 1.72 -13.59 -0.26
CA LEU A 69 2.65 -12.46 -0.21
C LEU A 69 2.07 -11.33 0.61
N ILE A 70 0.79 -11.03 0.39
CA ILE A 70 0.14 -9.95 1.11
C ILE A 70 0.19 -10.22 2.61
N TRP A 71 -0.08 -11.46 2.98
CA TRP A 71 -0.04 -11.84 4.38
C TRP A 71 1.38 -11.74 4.93
N ASP A 72 2.34 -11.45 4.05
CA ASP A 72 3.74 -11.33 4.47
C ASP A 72 4.11 -9.87 4.69
N HIS A 73 3.41 -8.97 3.96
CA HIS A 73 3.64 -7.53 4.07
C HIS A 73 2.37 -6.84 4.57
N PRO A 74 1.83 -7.27 5.68
CA PRO A 74 0.59 -6.69 6.28
C PRO A 74 0.83 -5.29 6.83
N THR A 75 2.09 -4.86 6.82
CA THR A 75 2.45 -3.53 7.33
C THR A 75 2.85 -2.60 6.19
N ILE A 76 2.88 -1.30 6.50
CA ILE A 76 3.25 -0.30 5.50
C ILE A 76 4.73 -0.37 5.17
N ASP A 77 5.55 -0.56 6.20
CA ASP A 77 6.99 -0.62 5.99
C ASP A 77 7.35 -1.60 4.90
N ALA A 78 6.82 -2.82 5.00
CA ALA A 78 7.10 -3.83 4.00
C ALA A 78 6.48 -3.47 2.65
N LEU A 79 5.22 -3.06 2.69
CA LEU A 79 4.52 -2.72 1.45
C LEU A 79 5.27 -1.60 0.72
N SER A 80 5.63 -0.56 1.44
CA SER A 80 6.33 0.56 0.85
C SER A 80 7.65 0.09 0.25
N THR A 81 8.39 -0.70 1.02
CA THR A 81 9.68 -1.22 0.56
C THR A 81 9.52 -1.90 -0.79
N ALA A 82 8.45 -2.64 -0.95
CA ALA A 82 8.19 -3.35 -2.20
C ALA A 82 7.88 -2.36 -3.33
N LEU A 83 7.07 -1.34 -3.04
CA LEU A 83 6.70 -0.37 -4.06
C LEU A 83 7.92 0.36 -4.58
N VAL A 84 8.73 0.91 -3.67
CA VAL A 84 9.92 1.62 -4.08
C VAL A 84 10.84 0.68 -4.84
N ALA A 85 10.85 -0.58 -4.45
CA ALA A 85 11.69 -1.56 -5.11
C ALA A 85 11.39 -1.58 -6.61
N GLU A 86 10.12 -1.39 -6.94
CA GLU A 86 9.71 -1.37 -8.34
C GLU A 86 10.50 -0.32 -9.11
N LEU A 87 11.07 0.64 -8.39
CA LEU A 87 11.84 1.72 -9.02
C LEU A 87 13.34 1.41 -8.96
N ARG A 88 13.71 0.54 -8.05
CA ARG A 88 15.11 0.18 -7.92
C ARG A 88 15.50 -0.85 -8.97
N SER A 89 16.56 -1.61 -8.69
CA SER A 89 17.03 -2.62 -9.63
C SER A 89 17.79 -3.72 -8.87
N ALA A 90 18.99 -4.03 -9.34
CA ALA A 90 19.81 -5.05 -8.70
C ALA A 90 19.00 -6.33 -8.51
N GLY A 1 3.18 0.94 -22.32
CA GLY A 1 4.48 0.61 -21.64
C GLY A 1 4.27 0.57 -20.14
N HIS A 2 3.13 1.08 -19.69
CA HIS A 2 2.82 1.11 -18.26
C HIS A 2 4.02 1.60 -17.46
N MET A 3 4.31 2.89 -17.57
CA MET A 3 5.43 3.48 -16.85
C MET A 3 5.00 3.94 -15.46
N SER A 4 4.69 2.98 -14.59
CA SER A 4 4.26 3.30 -13.23
C SER A 4 2.91 3.94 -13.25
N ASP A 5 2.77 5.06 -14.00
CA ASP A 5 1.52 5.80 -14.11
C ASP A 5 1.47 6.93 -13.09
N LEU A 6 2.20 6.78 -12.01
CA LEU A 6 2.24 7.79 -10.97
C LEU A 6 3.09 8.98 -11.42
N SER A 7 3.96 9.48 -10.52
CA SER A 7 4.81 10.60 -10.83
C SER A 7 5.97 10.14 -11.71
N THR A 8 6.63 11.09 -12.35
CA THR A 8 7.75 10.77 -13.22
C THR A 8 8.99 10.45 -12.39
N ALA A 9 8.77 9.94 -11.19
CA ALA A 9 9.87 9.59 -10.29
C ALA A 9 9.35 9.34 -8.87
N PRO A 10 8.61 8.28 -8.69
CA PRO A 10 8.07 7.92 -7.34
C PRO A 10 9.15 7.83 -6.29
N THR A 11 8.93 8.48 -5.14
CA THR A 11 9.90 8.47 -4.05
C THR A 11 9.34 7.74 -2.84
N LEU A 12 10.21 7.20 -2.03
CA LEU A 12 9.78 6.46 -0.84
C LEU A 12 8.75 7.26 -0.07
N ASP A 13 8.97 8.57 0.04
CA ASP A 13 8.06 9.42 0.77
C ASP A 13 6.71 9.48 0.06
N SER A 14 6.73 9.55 -1.27
CA SER A 14 5.50 9.60 -2.05
C SER A 14 4.72 8.30 -1.91
N LEU A 15 5.43 7.19 -1.92
CA LEU A 15 4.78 5.90 -1.79
C LEU A 15 4.32 5.73 -0.34
N ARG A 16 5.27 5.60 0.57
CA ARG A 16 4.95 5.39 1.97
C ARG A 16 3.68 6.18 2.36
N VAL A 17 3.68 7.48 2.04
CA VAL A 17 2.54 8.32 2.35
C VAL A 17 1.30 7.81 1.62
N TRP A 18 1.48 7.31 0.41
CA TRP A 18 0.36 6.79 -0.36
C TRP A 18 -0.32 5.66 0.39
N LEU A 19 0.47 4.69 0.85
CA LEU A 19 -0.08 3.55 1.54
C LEU A 19 -0.89 3.99 2.74
N VAL A 20 -0.25 4.67 3.67
CA VAL A 20 -0.96 5.12 4.86
C VAL A 20 -2.12 6.04 4.49
N ASP A 21 -1.84 7.04 3.66
CA ASP A 21 -2.88 7.97 3.25
C ASP A 21 -4.03 7.24 2.58
N CYS A 22 -3.71 6.18 1.85
CA CYS A 22 -4.73 5.40 1.17
C CYS A 22 -5.68 4.77 2.19
N VAL A 23 -5.12 4.16 3.22
CA VAL A 23 -5.94 3.53 4.25
C VAL A 23 -6.83 4.59 4.92
N ALA A 24 -6.24 5.72 5.29
CA ALA A 24 -6.99 6.79 5.93
C ALA A 24 -8.24 7.10 5.13
N GLY A 25 -8.06 7.33 3.84
CA GLY A 25 -9.21 7.64 2.99
C GLY A 25 -10.17 6.47 2.92
N HIS A 26 -9.65 5.26 2.75
CA HIS A 26 -10.48 4.09 2.67
C HIS A 26 -11.37 3.96 3.90
N LEU A 27 -10.77 3.95 5.09
CA LEU A 27 -11.53 3.82 6.32
C LEU A 27 -12.10 5.17 6.75
N GLY A 28 -11.33 6.21 6.51
CA GLY A 28 -11.74 7.57 6.87
C GLY A 28 -11.09 8.03 8.18
N LEU A 29 -10.35 7.14 8.82
CA LEU A 29 -9.69 7.48 10.08
C LEU A 29 -8.54 8.44 9.82
N ASP A 30 -7.80 8.76 10.87
CA ASP A 30 -6.67 9.68 10.76
C ASP A 30 -5.41 8.94 10.35
N ALA A 31 -4.75 9.43 9.30
CA ALA A 31 -3.52 8.81 8.81
C ALA A 31 -2.46 8.74 9.90
N ALA A 32 -2.45 9.75 10.76
CA ALA A 32 -1.47 9.81 11.84
C ALA A 32 -1.64 8.67 12.83
N THR A 33 -2.82 8.06 12.81
CA THR A 33 -3.11 6.96 13.73
C THR A 33 -3.73 5.79 12.98
N ILE A 34 -3.23 5.53 11.78
CA ILE A 34 -3.75 4.41 11.00
C ILE A 34 -3.15 3.11 11.49
N ALA A 35 -1.90 2.88 11.13
CA ALA A 35 -1.22 1.66 11.50
C ALA A 35 0.10 1.54 10.78
N THR A 36 0.66 2.67 10.34
CA THR A 36 1.93 2.66 9.62
C THR A 36 2.88 1.63 10.23
N ASP A 37 2.90 1.54 11.56
CA ASP A 37 3.76 0.59 12.23
C ASP A 37 2.96 -0.61 12.75
N LEU A 38 1.80 -0.82 12.16
CA LEU A 38 0.94 -1.95 12.55
C LEU A 38 0.36 -2.65 11.33
N PRO A 39 0.00 -3.90 11.50
CA PRO A 39 -0.59 -4.71 10.40
C PRO A 39 -1.99 -4.20 10.01
N LEU A 40 -2.52 -4.74 8.92
CA LEU A 40 -3.85 -4.36 8.47
C LEU A 40 -4.92 -4.93 9.39
N THR A 41 -4.58 -5.99 10.11
CA THR A 41 -5.52 -6.63 11.02
C THR A 41 -6.15 -5.59 11.92
N SER A 42 -5.39 -4.57 12.30
CA SER A 42 -5.89 -3.53 13.17
C SER A 42 -7.27 -3.06 12.71
N TYR A 43 -7.50 -3.11 11.40
CA TYR A 43 -8.79 -2.69 10.84
C TYR A 43 -9.85 -3.76 11.07
N GLY A 44 -9.42 -4.94 11.47
CA GLY A 44 -10.35 -6.03 11.74
C GLY A 44 -11.11 -6.40 10.49
N LEU A 45 -10.50 -6.15 9.34
CA LEU A 45 -11.13 -6.48 8.07
C LEU A 45 -11.15 -7.99 7.80
N ASP A 46 -12.24 -8.47 7.25
CA ASP A 46 -12.35 -9.89 6.94
C ASP A 46 -11.37 -10.28 5.83
N SER A 47 -11.27 -11.58 5.56
CA SER A 47 -10.37 -12.07 4.53
C SER A 47 -10.84 -11.64 3.15
N VAL A 48 -12.15 -11.56 2.98
CA VAL A 48 -12.73 -11.15 1.70
C VAL A 48 -12.43 -9.68 1.43
N TYR A 49 -12.19 -8.93 2.49
CA TYR A 49 -11.89 -7.51 2.35
C TYR A 49 -10.59 -7.30 1.56
N ALA A 50 -9.55 -8.01 1.95
CA ALA A 50 -8.26 -7.88 1.28
C ALA A 50 -8.43 -8.10 -0.21
N LEU A 51 -9.16 -9.12 -0.58
CA LEU A 51 -9.37 -9.43 -1.98
C LEU A 51 -9.76 -8.18 -2.77
N SER A 52 -10.91 -7.61 -2.42
CA SER A 52 -11.39 -6.41 -3.10
C SER A 52 -10.50 -5.22 -2.80
N ILE A 53 -10.19 -5.03 -1.52
CA ILE A 53 -9.35 -3.90 -1.12
C ILE A 53 -7.97 -4.00 -1.73
N ALA A 54 -7.26 -5.07 -1.40
CA ALA A 54 -5.91 -5.26 -1.94
C ALA A 54 -5.91 -5.07 -3.44
N ALA A 55 -7.01 -5.47 -4.09
CA ALA A 55 -7.12 -5.32 -5.54
C ALA A 55 -7.21 -3.85 -5.93
N GLU A 56 -8.06 -3.10 -5.23
CA GLU A 56 -8.22 -1.69 -5.52
C GLU A 56 -6.92 -0.93 -5.27
N LEU A 57 -6.29 -1.22 -4.14
CA LEU A 57 -5.03 -0.54 -3.79
C LEU A 57 -4.00 -0.75 -4.88
N GLU A 58 -3.61 -2.00 -5.11
CA GLU A 58 -2.60 -2.29 -6.13
C GLU A 58 -3.06 -1.83 -7.51
N ASP A 59 -4.36 -1.93 -7.76
CA ASP A 59 -4.91 -1.52 -9.04
C ASP A 59 -4.75 -0.01 -9.25
N HIS A 60 -4.67 0.72 -8.15
CA HIS A 60 -4.52 2.17 -8.23
C HIS A 60 -3.14 2.55 -8.78
N LEU A 61 -2.12 1.80 -8.37
CA LEU A 61 -0.75 2.08 -8.82
C LEU A 61 -0.41 1.20 -10.00
N ASP A 62 -1.43 0.72 -10.69
CA ASP A 62 -1.21 -0.12 -11.86
C ASP A 62 -0.22 -1.23 -11.56
N VAL A 63 -0.56 -2.06 -10.58
CA VAL A 63 0.31 -3.16 -10.18
C VAL A 63 -0.50 -4.32 -9.63
N SER A 64 0.08 -5.52 -9.65
CA SER A 64 -0.59 -6.71 -9.15
C SER A 64 0.24 -7.33 -8.04
N LEU A 65 -0.45 -7.89 -7.04
CA LEU A 65 0.23 -8.50 -5.88
C LEU A 65 -0.15 -9.96 -5.79
N ASP A 66 0.54 -10.69 -4.92
CA ASP A 66 0.27 -12.11 -4.73
C ASP A 66 -0.62 -12.33 -3.50
N PRO A 67 -1.25 -13.47 -3.43
CA PRO A 67 -2.15 -13.82 -2.30
C PRO A 67 -1.37 -14.00 -0.99
N THR A 68 -0.58 -15.07 -0.91
CA THR A 68 0.20 -15.35 0.29
C THR A 68 1.19 -14.22 0.54
N LEU A 69 1.45 -13.43 -0.49
CA LEU A 69 2.38 -12.31 -0.36
C LEU A 69 1.76 -11.19 0.49
N ILE A 70 0.49 -10.91 0.25
CA ILE A 70 -0.21 -9.86 1.00
C ILE A 70 -0.11 -10.13 2.49
N TRP A 71 -0.25 -11.38 2.87
CA TRP A 71 -0.17 -11.76 4.28
C TRP A 71 1.28 -11.74 4.75
N ASP A 72 2.19 -11.51 3.81
CA ASP A 72 3.63 -11.46 4.14
C ASP A 72 4.05 -10.05 4.45
N HIS A 73 3.45 -9.08 3.74
CA HIS A 73 3.77 -7.67 3.95
C HIS A 73 2.53 -6.91 4.44
N PRO A 74 1.95 -7.33 5.54
CA PRO A 74 0.76 -6.67 6.13
C PRO A 74 1.08 -5.31 6.72
N THR A 75 2.35 -4.94 6.69
CA THR A 75 2.79 -3.65 7.25
C THR A 75 3.24 -2.73 6.13
N ILE A 76 3.31 -1.44 6.45
CA ILE A 76 3.75 -0.45 5.47
C ILE A 76 5.24 -0.58 5.21
N ASP A 77 6.00 -0.83 6.26
CA ASP A 77 7.45 -0.94 6.12
C ASP A 77 7.80 -1.92 5.02
N ALA A 78 7.16 -3.09 5.05
CA ALA A 78 7.41 -4.10 4.04
C ALA A 78 6.82 -3.69 2.69
N LEU A 79 5.56 -3.26 2.71
CA LEU A 79 4.91 -2.86 1.49
C LEU A 79 5.69 -1.75 0.79
N SER A 80 6.08 -0.75 1.56
CA SER A 80 6.84 0.37 1.01
C SER A 80 8.17 -0.11 0.45
N THR A 81 8.85 -0.97 1.22
CA THR A 81 10.14 -1.50 0.79
C THR A 81 9.99 -2.22 -0.55
N ALA A 82 8.93 -2.99 -0.68
CA ALA A 82 8.68 -3.72 -1.91
C ALA A 82 8.30 -2.77 -3.04
N LEU A 83 7.46 -1.78 -2.73
CA LEU A 83 7.02 -0.83 -3.73
C LEU A 83 8.19 -0.04 -4.30
N VAL A 84 9.00 0.52 -3.40
CA VAL A 84 10.14 1.31 -3.83
C VAL A 84 11.09 0.42 -4.63
N ALA A 85 11.15 -0.86 -4.25
CA ALA A 85 12.02 -1.80 -4.95
C ALA A 85 11.64 -1.86 -6.41
N GLU A 86 10.34 -1.75 -6.70
CA GLU A 86 9.86 -1.78 -8.08
C GLU A 86 10.54 -0.68 -8.90
N LEU A 87 11.08 0.32 -8.21
CA LEU A 87 11.76 1.43 -8.88
C LEU A 87 13.27 1.29 -8.76
N ARG A 88 13.72 0.53 -7.76
CA ARG A 88 15.14 0.32 -7.54
C ARG A 88 15.40 -1.15 -7.25
N SER A 89 16.36 -1.73 -7.96
CA SER A 89 16.74 -3.12 -7.74
C SER A 89 18.26 -3.25 -7.63
N ALA A 90 18.71 -4.00 -6.62
CA ALA A 90 20.13 -4.21 -6.41
C ALA A 90 20.68 -5.25 -7.38
N GLY A 1 6.76 2.55 -27.11
CA GLY A 1 8.13 3.14 -27.04
C GLY A 1 8.21 4.11 -25.87
N HIS A 2 7.23 4.02 -24.97
CA HIS A 2 7.21 4.90 -23.80
C HIS A 2 6.33 4.30 -22.71
N MET A 3 6.92 3.49 -21.84
CA MET A 3 6.17 2.85 -20.77
C MET A 3 5.54 3.89 -19.86
N SER A 4 6.33 4.86 -19.42
CA SER A 4 5.83 5.92 -18.56
C SER A 4 5.22 5.34 -17.29
N ASP A 5 6.07 4.79 -16.43
CA ASP A 5 5.60 4.18 -15.19
C ASP A 5 4.72 5.17 -14.42
N LEU A 6 5.35 6.19 -13.85
CA LEU A 6 4.62 7.21 -13.10
C LEU A 6 5.02 8.61 -13.54
N SER A 7 5.48 9.41 -12.59
CA SER A 7 5.91 10.77 -12.89
C SER A 7 6.68 11.36 -11.71
N THR A 8 7.27 12.52 -11.93
CA THR A 8 8.05 13.19 -10.88
C THR A 8 9.03 12.23 -10.24
N ALA A 9 9.17 11.04 -10.83
CA ALA A 9 10.07 10.04 -10.30
C ALA A 9 9.64 9.60 -8.89
N PRO A 10 8.96 8.50 -8.79
CA PRO A 10 8.47 7.98 -7.47
C PRO A 10 9.57 7.99 -6.41
N THR A 11 9.27 8.57 -5.26
CA THR A 11 10.24 8.64 -4.16
C THR A 11 9.71 7.91 -2.93
N LEU A 12 10.61 7.44 -2.10
CA LEU A 12 10.22 6.70 -0.91
C LEU A 12 9.11 7.42 -0.16
N ASP A 13 9.24 8.74 -0.06
CA ASP A 13 8.25 9.53 0.65
C ASP A 13 6.92 9.53 -0.11
N SER A 14 6.98 9.53 -1.43
CA SER A 14 5.77 9.53 -2.25
C SER A 14 5.00 8.22 -2.05
N LEU A 15 5.73 7.12 -1.99
CA LEU A 15 5.10 5.82 -1.81
C LEU A 15 4.54 5.72 -0.40
N ARG A 16 5.43 5.62 0.57
CA ARG A 16 5.01 5.48 1.96
C ARG A 16 3.74 6.29 2.25
N VAL A 17 3.80 7.59 1.95
CA VAL A 17 2.65 8.45 2.20
C VAL A 17 1.39 7.91 1.53
N TRP A 18 1.45 7.68 0.23
CA TRP A 18 0.27 7.22 -0.48
C TRP A 18 -0.30 5.96 0.18
N LEU A 19 0.59 5.03 0.52
CA LEU A 19 0.16 3.80 1.14
C LEU A 19 -0.69 4.08 2.37
N VAL A 20 -0.09 4.67 3.39
CA VAL A 20 -0.81 4.97 4.62
C VAL A 20 -1.99 5.89 4.33
N ASP A 21 -1.74 6.96 3.58
CA ASP A 21 -2.78 7.92 3.26
C ASP A 21 -3.96 7.21 2.59
N CYS A 22 -3.66 6.13 1.88
CA CYS A 22 -4.69 5.36 1.20
C CYS A 22 -5.58 4.66 2.23
N VAL A 23 -4.95 4.09 3.25
CA VAL A 23 -5.71 3.40 4.30
C VAL A 23 -6.64 4.37 5.01
N ALA A 24 -6.08 5.52 5.42
CA ALA A 24 -6.88 6.53 6.11
C ALA A 24 -8.12 6.87 5.29
N GLY A 25 -7.93 7.09 4.00
CA GLY A 25 -9.05 7.41 3.12
C GLY A 25 -10.03 6.24 3.05
N HIS A 26 -9.49 5.04 2.89
CA HIS A 26 -10.34 3.85 2.80
C HIS A 26 -11.27 3.75 4.01
N LEU A 27 -10.69 3.78 5.20
CA LEU A 27 -11.50 3.69 6.41
C LEU A 27 -12.04 5.05 6.81
N GLY A 28 -11.26 6.09 6.57
CA GLY A 28 -11.66 7.46 6.92
C GLY A 28 -11.00 7.93 8.21
N LEU A 29 -10.25 7.04 8.84
CA LEU A 29 -9.56 7.39 10.09
C LEU A 29 -8.41 8.34 9.80
N ASP A 30 -7.66 8.69 10.85
CA ASP A 30 -6.53 9.59 10.69
C ASP A 30 -5.28 8.83 10.27
N ALA A 31 -4.58 9.35 9.26
CA ALA A 31 -3.37 8.72 8.76
C ALA A 31 -2.31 8.62 9.86
N ALA A 32 -2.29 9.61 10.75
CA ALA A 32 -1.31 9.63 11.83
C ALA A 32 -1.54 8.51 12.82
N THR A 33 -2.70 7.87 12.73
CA THR A 33 -3.03 6.78 13.64
C THR A 33 -3.63 5.61 12.86
N ILE A 34 -3.11 5.38 11.67
CA ILE A 34 -3.60 4.27 10.86
C ILE A 34 -3.04 2.95 11.39
N ALA A 35 -1.77 2.71 11.12
CA ALA A 35 -1.13 1.48 11.54
C ALA A 35 0.23 1.33 10.88
N THR A 36 0.82 2.44 10.45
CA THR A 36 2.12 2.42 9.79
C THR A 36 3.00 1.32 10.38
N ASP A 37 2.97 1.17 11.70
CA ASP A 37 3.76 0.14 12.37
C ASP A 37 2.93 -1.12 12.61
N LEU A 38 1.61 -0.96 12.58
CA LEU A 38 0.72 -2.10 12.80
C LEU A 38 0.25 -2.70 11.48
N PRO A 39 -0.16 -3.94 11.49
CA PRO A 39 -0.68 -4.63 10.28
C PRO A 39 -2.04 -4.07 9.86
N LEU A 40 -2.54 -4.58 8.75
CA LEU A 40 -3.85 -4.17 8.25
C LEU A 40 -4.97 -4.78 9.08
N THR A 41 -4.67 -5.92 9.71
CA THR A 41 -5.66 -6.63 10.51
C THR A 41 -6.30 -5.67 11.50
N SER A 42 -5.52 -4.71 12.00
CA SER A 42 -6.03 -3.76 12.97
C SER A 42 -7.40 -3.23 12.54
N TYR A 43 -7.61 -3.14 11.24
CA TYR A 43 -8.88 -2.64 10.72
C TYR A 43 -9.99 -3.67 10.94
N GLY A 44 -9.62 -4.84 11.40
CA GLY A 44 -10.59 -5.89 11.68
C GLY A 44 -11.29 -6.31 10.39
N LEU A 45 -10.65 -6.06 9.26
CA LEU A 45 -11.24 -6.42 7.97
C LEU A 45 -11.23 -7.94 7.76
N ASP A 46 -12.33 -8.47 7.28
CA ASP A 46 -12.42 -9.90 7.03
C ASP A 46 -11.43 -10.33 5.95
N SER A 47 -11.39 -11.62 5.66
CA SER A 47 -10.50 -12.14 4.63
C SER A 47 -10.97 -11.72 3.23
N VAL A 48 -12.28 -11.67 3.06
CA VAL A 48 -12.86 -11.28 1.77
C VAL A 48 -12.50 -9.85 1.44
N TYR A 49 -12.20 -9.06 2.46
CA TYR A 49 -11.84 -7.67 2.25
C TYR A 49 -10.47 -7.55 1.59
N ALA A 50 -9.52 -8.34 2.08
CA ALA A 50 -8.17 -8.30 1.54
C ALA A 50 -8.19 -8.30 0.02
N LEU A 51 -9.10 -9.07 -0.55
CA LEU A 51 -9.22 -9.14 -2.00
C LEU A 51 -9.68 -7.80 -2.56
N SER A 52 -10.59 -7.14 -1.85
CA SER A 52 -11.15 -5.88 -2.30
C SER A 52 -10.12 -4.78 -2.14
N ILE A 53 -9.59 -4.66 -0.94
CA ILE A 53 -8.59 -3.62 -0.66
C ILE A 53 -7.35 -3.84 -1.51
N ALA A 54 -6.80 -5.05 -1.46
CA ALA A 54 -5.61 -5.37 -2.23
C ALA A 54 -5.83 -5.06 -3.70
N ALA A 55 -7.01 -5.42 -4.20
CA ALA A 55 -7.35 -5.15 -5.60
C ALA A 55 -7.43 -3.65 -5.87
N GLU A 56 -7.89 -2.91 -4.87
CA GLU A 56 -8.02 -1.47 -5.00
C GLU A 56 -6.65 -0.80 -4.99
N LEU A 57 -5.83 -1.17 -4.02
CA LEU A 57 -4.50 -0.58 -3.89
C LEU A 57 -3.69 -0.79 -5.16
N GLU A 58 -3.67 -2.01 -5.66
CA GLU A 58 -2.92 -2.33 -6.87
C GLU A 58 -3.58 -1.68 -8.09
N ASP A 59 -4.90 -1.63 -8.09
CA ASP A 59 -5.64 -1.03 -9.19
C ASP A 59 -5.24 0.43 -9.35
N HIS A 60 -5.03 1.10 -8.23
CA HIS A 60 -4.63 2.50 -8.27
C HIS A 60 -3.25 2.64 -8.89
N LEU A 61 -2.36 1.73 -8.54
CA LEU A 61 -0.98 1.78 -9.01
C LEU A 61 -0.85 1.20 -10.36
N ASP A 62 -1.54 0.08 -10.59
CA ASP A 62 -1.48 -0.63 -11.88
C ASP A 62 -0.47 -1.78 -11.77
N VAL A 63 -0.78 -2.75 -10.91
CA VAL A 63 0.11 -3.90 -10.73
C VAL A 63 -0.65 -5.10 -10.19
N SER A 64 -0.02 -6.26 -10.21
CA SER A 64 -0.64 -7.48 -9.70
C SER A 64 0.04 -7.93 -8.42
N LEU A 65 -0.75 -8.19 -7.39
CA LEU A 65 -0.21 -8.63 -6.10
C LEU A 65 -0.36 -10.13 -5.94
N ASP A 66 0.51 -10.72 -5.13
CA ASP A 66 0.45 -12.17 -4.89
C ASP A 66 -0.40 -12.47 -3.66
N PRO A 67 -0.89 -13.66 -3.57
CA PRO A 67 -1.75 -14.09 -2.42
C PRO A 67 -1.00 -14.10 -1.10
N THR A 68 -0.14 -15.10 -0.91
CA THR A 68 0.61 -15.23 0.32
C THR A 68 1.49 -14.00 0.54
N LEU A 69 1.66 -13.21 -0.52
CA LEU A 69 2.47 -12.01 -0.43
C LEU A 69 1.76 -10.93 0.37
N ILE A 70 0.45 -10.83 0.19
CA ILE A 70 -0.34 -9.81 0.90
C ILE A 70 -0.18 -9.97 2.40
N TRP A 71 -0.20 -11.22 2.85
CA TRP A 71 -0.05 -11.49 4.28
C TRP A 71 1.41 -11.39 4.68
N ASP A 72 2.30 -11.28 3.69
CA ASP A 72 3.73 -11.18 3.95
C ASP A 72 4.10 -9.75 4.32
N HIS A 73 3.44 -8.79 3.66
CA HIS A 73 3.70 -7.37 3.93
C HIS A 73 2.43 -6.66 4.39
N PRO A 74 1.86 -7.11 5.48
CA PRO A 74 0.61 -6.52 6.05
C PRO A 74 0.86 -5.17 6.69
N THR A 75 2.12 -4.74 6.70
CA THR A 75 2.49 -3.46 7.31
C THR A 75 2.99 -2.48 6.25
N ILE A 76 2.82 -1.19 6.52
CA ILE A 76 3.26 -0.17 5.59
C ILE A 76 4.77 -0.23 5.40
N ASP A 77 5.49 -0.40 6.50
CA ASP A 77 6.94 -0.45 6.43
C ASP A 77 7.38 -1.49 5.41
N ALA A 78 6.82 -2.69 5.48
CA ALA A 78 7.16 -3.75 4.55
C ALA A 78 6.60 -3.42 3.17
N LEU A 79 5.35 -2.99 3.13
CA LEU A 79 4.72 -2.68 1.86
C LEU A 79 5.50 -1.59 1.13
N SER A 80 5.88 -0.54 1.85
CA SER A 80 6.63 0.55 1.25
C SER A 80 7.96 0.05 0.73
N THR A 81 8.64 -0.77 1.53
CA THR A 81 9.94 -1.32 1.13
C THR A 81 9.79 -2.11 -0.18
N ALA A 82 8.73 -2.91 -0.26
CA ALA A 82 8.49 -3.71 -1.46
C ALA A 82 8.10 -2.80 -2.63
N LEU A 83 7.24 -1.81 -2.36
CA LEU A 83 6.78 -0.92 -3.40
C LEU A 83 7.95 -0.13 -4.00
N VAL A 84 8.74 0.51 -3.14
CA VAL A 84 9.87 1.29 -3.59
C VAL A 84 10.84 0.38 -4.36
N ALA A 85 10.92 -0.87 -3.94
CA ALA A 85 11.80 -1.83 -4.61
C ALA A 85 11.42 -1.95 -6.07
N GLU A 86 10.12 -1.83 -6.36
CA GLU A 86 9.64 -1.93 -7.74
C GLU A 86 10.37 -0.93 -8.62
N LEU A 87 10.97 0.08 -8.01
CA LEU A 87 11.71 1.10 -8.74
C LEU A 87 13.20 0.83 -8.71
N ARG A 88 13.62 -0.04 -7.80
CA ARG A 88 15.03 -0.38 -7.67
C ARG A 88 15.35 -1.69 -8.39
N SER A 89 14.31 -2.34 -8.92
CA SER A 89 14.50 -3.60 -9.62
C SER A 89 15.41 -3.40 -10.83
N ALA A 90 14.97 -2.57 -11.76
CA ALA A 90 15.75 -2.30 -12.96
C ALA A 90 15.08 -1.22 -13.81
N GLY A 1 13.84 -2.13 -14.43
CA GLY A 1 13.10 -0.84 -14.45
C GLY A 1 12.73 -0.48 -15.88
N HIS A 2 11.45 -0.64 -16.22
CA HIS A 2 10.97 -0.34 -17.56
C HIS A 2 9.57 0.27 -17.51
N MET A 3 8.96 0.22 -16.33
CA MET A 3 7.60 0.76 -16.16
C MET A 3 7.47 1.40 -14.78
N SER A 4 7.70 2.71 -14.72
CA SER A 4 7.61 3.43 -13.46
C SER A 4 6.18 3.69 -13.11
N ASP A 5 5.57 4.70 -13.78
CA ASP A 5 4.16 5.08 -13.55
C ASP A 5 4.05 6.58 -13.33
N LEU A 6 5.12 7.19 -12.82
CA LEU A 6 5.12 8.64 -12.56
C LEU A 6 5.99 9.36 -13.58
N SER A 7 7.18 9.79 -13.16
CA SER A 7 8.09 10.51 -14.03
C SER A 7 9.13 11.29 -13.21
N THR A 8 8.65 12.07 -12.25
CA THR A 8 9.52 12.87 -11.42
C THR A 8 10.33 12.00 -10.48
N ALA A 9 10.32 10.70 -10.75
CA ALA A 9 11.06 9.75 -9.92
C ALA A 9 10.48 9.71 -8.51
N PRO A 10 9.51 8.85 -8.28
CA PRO A 10 8.86 8.72 -6.95
C PRO A 10 9.85 8.43 -5.83
N THR A 11 9.74 9.15 -4.72
CA THR A 11 10.63 8.96 -3.59
C THR A 11 9.95 8.14 -2.51
N LEU A 12 10.76 7.46 -1.71
CA LEU A 12 10.23 6.61 -0.65
C LEU A 12 9.17 7.36 0.14
N ASP A 13 9.32 8.68 0.19
CA ASP A 13 8.37 9.50 0.93
C ASP A 13 7.04 9.57 0.22
N SER A 14 7.08 9.66 -1.11
CA SER A 14 5.87 9.72 -1.91
C SER A 14 5.08 8.44 -1.80
N LEU A 15 5.77 7.31 -1.77
CA LEU A 15 5.11 6.03 -1.66
C LEU A 15 4.62 5.84 -0.23
N ARG A 16 5.56 5.71 0.69
CA ARG A 16 5.20 5.49 2.09
C ARG A 16 3.94 6.29 2.46
N VAL A 17 3.95 7.58 2.14
CA VAL A 17 2.81 8.45 2.43
C VAL A 17 1.58 7.96 1.67
N TRP A 18 1.79 7.49 0.44
CA TRP A 18 0.67 7.00 -0.36
C TRP A 18 -0.04 5.85 0.35
N LEU A 19 0.74 4.87 0.79
CA LEU A 19 0.18 3.70 1.46
C LEU A 19 -0.66 4.11 2.64
N VAL A 20 -0.04 4.79 3.61
CA VAL A 20 -0.78 5.21 4.79
C VAL A 20 -1.97 6.08 4.40
N ASP A 21 -1.72 7.08 3.56
CA ASP A 21 -2.79 7.96 3.12
C ASP A 21 -3.91 7.17 2.45
N CYS A 22 -3.54 6.09 1.79
CA CYS A 22 -4.52 5.25 1.12
C CYS A 22 -5.46 4.62 2.13
N VAL A 23 -4.90 4.06 3.20
CA VAL A 23 -5.71 3.43 4.22
C VAL A 23 -6.61 4.47 4.89
N ALA A 24 -6.01 5.59 5.33
CA ALA A 24 -6.77 6.64 5.99
C ALA A 24 -8.01 6.98 5.19
N GLY A 25 -7.83 7.26 3.91
CA GLY A 25 -8.95 7.61 3.06
C GLY A 25 -9.91 6.42 2.94
N HIS A 26 -9.36 5.23 2.76
CA HIS A 26 -10.17 4.03 2.63
C HIS A 26 -11.11 3.88 3.83
N LEU A 27 -10.55 3.89 5.03
CA LEU A 27 -11.37 3.75 6.23
C LEU A 27 -11.97 5.08 6.63
N GLY A 28 -11.24 6.15 6.40
CA GLY A 28 -11.70 7.50 6.73
C GLY A 28 -11.09 8.00 8.04
N LEU A 29 -10.36 7.13 8.72
CA LEU A 29 -9.73 7.49 9.98
C LEU A 29 -8.57 8.46 9.74
N ASP A 30 -7.87 8.82 10.81
CA ASP A 30 -6.74 9.75 10.70
C ASP A 30 -5.47 9.00 10.31
N ALA A 31 -4.79 9.51 9.29
CA ALA A 31 -3.56 8.89 8.82
C ALA A 31 -2.52 8.84 9.93
N ALA A 32 -2.49 9.86 10.77
CA ALA A 32 -1.52 9.92 11.86
C ALA A 32 -1.71 8.77 12.83
N THR A 33 -2.90 8.16 12.81
CA THR A 33 -3.20 7.05 13.69
C THR A 33 -3.83 5.91 12.93
N ILE A 34 -3.30 5.62 11.75
CA ILE A 34 -3.84 4.53 10.97
C ILE A 34 -3.32 3.19 11.49
N ALA A 35 -2.05 2.91 11.19
CA ALA A 35 -1.44 1.67 11.58
C ALA A 35 -0.11 1.47 10.86
N THR A 36 0.47 2.55 10.34
CA THR A 36 1.73 2.46 9.61
C THR A 36 2.66 1.45 10.26
N ASP A 37 2.63 1.37 11.58
CA ASP A 37 3.46 0.42 12.31
C ASP A 37 2.68 -0.84 12.65
N LEU A 38 1.36 -0.74 12.59
CA LEU A 38 0.50 -1.89 12.89
C LEU A 38 0.03 -2.57 11.61
N PRO A 39 -0.26 -3.84 11.68
CA PRO A 39 -0.74 -4.61 10.51
C PRO A 39 -2.12 -4.14 10.04
N LEU A 40 -2.57 -4.70 8.93
CA LEU A 40 -3.88 -4.35 8.38
C LEU A 40 -4.99 -4.94 9.24
N THR A 41 -4.69 -6.01 9.95
CA THR A 41 -5.68 -6.67 10.79
C THR A 41 -6.33 -5.67 11.72
N SER A 42 -5.56 -4.69 12.17
CA SER A 42 -6.08 -3.68 13.10
C SER A 42 -7.43 -3.16 12.61
N TYR A 43 -7.61 -3.09 11.30
CA TYR A 43 -8.86 -2.61 10.74
C TYR A 43 -9.98 -3.60 10.96
N GLY A 44 -9.64 -4.76 11.50
CA GLY A 44 -10.63 -5.78 11.79
C GLY A 44 -11.31 -6.25 10.51
N LEU A 45 -10.62 -6.11 9.39
CA LEU A 45 -11.17 -6.52 8.11
C LEU A 45 -11.14 -8.05 7.95
N ASP A 46 -12.17 -8.59 7.35
CA ASP A 46 -12.23 -10.03 7.13
C ASP A 46 -11.22 -10.44 6.05
N SER A 47 -11.06 -11.75 5.87
CA SER A 47 -10.12 -12.27 4.87
C SER A 47 -10.58 -11.91 3.47
N VAL A 48 -11.91 -11.90 3.27
CA VAL A 48 -12.47 -11.58 1.98
C VAL A 48 -12.24 -10.12 1.63
N TYR A 49 -12.05 -9.31 2.67
CA TYR A 49 -11.83 -7.88 2.46
C TYR A 49 -10.51 -7.64 1.71
N ALA A 50 -9.44 -8.28 2.18
CA ALA A 50 -8.14 -8.11 1.57
C ALA A 50 -8.25 -8.20 0.06
N LEU A 51 -9.14 -9.06 -0.41
CA LEU A 51 -9.32 -9.22 -1.85
C LEU A 51 -9.77 -7.92 -2.49
N SER A 52 -10.79 -7.29 -1.91
CA SER A 52 -11.31 -6.04 -2.43
C SER A 52 -10.29 -4.91 -2.26
N ILE A 53 -9.79 -4.77 -1.04
CA ILE A 53 -8.82 -3.72 -0.76
C ILE A 53 -7.55 -3.91 -1.58
N ALA A 54 -6.92 -5.07 -1.43
CA ALA A 54 -5.70 -5.36 -2.16
C ALA A 54 -5.89 -5.05 -3.64
N ALA A 55 -7.07 -5.37 -4.16
CA ALA A 55 -7.36 -5.10 -5.57
C ALA A 55 -7.44 -3.60 -5.83
N GLU A 56 -7.97 -2.86 -4.86
CA GLU A 56 -8.10 -1.41 -5.01
C GLU A 56 -6.73 -0.75 -4.97
N LEU A 57 -5.93 -1.10 -3.97
CA LEU A 57 -4.59 -0.52 -3.82
C LEU A 57 -3.77 -0.75 -5.09
N GLU A 58 -3.64 -1.99 -5.47
CA GLU A 58 -2.86 -2.32 -6.68
C GLU A 58 -3.48 -1.66 -7.91
N ASP A 59 -4.81 -1.60 -7.93
CA ASP A 59 -5.51 -0.99 -9.06
C ASP A 59 -5.11 0.46 -9.19
N HIS A 60 -4.93 1.13 -8.07
CA HIS A 60 -4.54 2.54 -8.08
C HIS A 60 -3.18 2.73 -8.74
N LEU A 61 -2.23 1.87 -8.36
CA LEU A 61 -0.89 1.96 -8.89
C LEU A 61 -0.78 1.37 -10.26
N ASP A 62 -1.49 0.24 -10.50
CA ASP A 62 -1.45 -0.48 -11.78
C ASP A 62 -0.46 -1.64 -11.69
N VAL A 63 -0.78 -2.63 -10.86
CA VAL A 63 0.09 -3.78 -10.70
C VAL A 63 -0.68 -4.98 -10.16
N SER A 64 -0.06 -6.15 -10.16
CA SER A 64 -0.70 -7.38 -9.67
C SER A 64 0.00 -7.84 -8.40
N LEU A 65 -0.79 -8.20 -7.39
CA LEU A 65 -0.24 -8.66 -6.12
C LEU A 65 -0.35 -10.17 -6.01
N ASP A 66 0.50 -10.77 -5.17
CA ASP A 66 0.48 -12.21 -4.99
C ASP A 66 -0.35 -12.57 -3.76
N PRO A 67 -0.81 -13.79 -3.69
CA PRO A 67 -1.65 -14.26 -2.55
C PRO A 67 -0.89 -14.27 -1.23
N THR A 68 -0.02 -15.25 -1.05
CA THR A 68 0.75 -15.37 0.19
C THR A 68 1.60 -14.12 0.41
N LEU A 69 1.75 -13.33 -0.65
CA LEU A 69 2.53 -12.10 -0.54
C LEU A 69 1.78 -11.05 0.28
N ILE A 70 0.49 -10.93 0.05
CA ILE A 70 -0.32 -9.96 0.77
C ILE A 70 -0.20 -10.17 2.28
N TRP A 71 -0.23 -11.42 2.68
CA TRP A 71 -0.11 -11.74 4.10
C TRP A 71 1.35 -11.66 4.54
N ASP A 72 2.24 -11.51 3.57
CA ASP A 72 3.68 -11.40 3.85
C ASP A 72 4.02 -9.98 4.28
N HIS A 73 3.38 -9.00 3.63
CA HIS A 73 3.62 -7.58 3.95
C HIS A 73 2.34 -6.93 4.47
N PRO A 74 1.90 -7.30 5.65
CA PRO A 74 0.66 -6.73 6.26
C PRO A 74 0.88 -5.33 6.80
N THR A 75 2.12 -4.87 6.77
CA THR A 75 2.45 -3.53 7.27
C THR A 75 2.92 -2.63 6.13
N ILE A 76 2.89 -1.33 6.38
CA ILE A 76 3.32 -0.36 5.39
C ILE A 76 4.83 -0.47 5.15
N ASP A 77 5.57 -0.65 6.22
CA ASP A 77 7.03 -0.74 6.12
C ASP A 77 7.43 -1.74 5.05
N ALA A 78 6.87 -2.94 5.13
CA ALA A 78 7.18 -3.98 4.15
C ALA A 78 6.60 -3.61 2.80
N LEU A 79 5.36 -3.17 2.78
CA LEU A 79 4.72 -2.81 1.54
C LEU A 79 5.50 -1.71 0.82
N SER A 80 5.85 -0.67 1.56
CA SER A 80 6.58 0.44 0.99
C SER A 80 7.91 -0.05 0.44
N THR A 81 8.62 -0.86 1.22
CA THR A 81 9.92 -1.39 0.79
C THR A 81 9.76 -2.15 -0.52
N ALA A 82 8.70 -2.95 -0.62
CA ALA A 82 8.46 -3.72 -1.82
C ALA A 82 8.08 -2.80 -2.96
N LEU A 83 7.27 -1.77 -2.67
CA LEU A 83 6.83 -0.85 -3.70
C LEU A 83 8.02 -0.10 -4.30
N VAL A 84 8.80 0.53 -3.44
CA VAL A 84 9.96 1.29 -3.91
C VAL A 84 10.90 0.37 -4.67
N ALA A 85 10.94 -0.89 -4.26
CA ALA A 85 11.81 -1.87 -4.92
C ALA A 85 11.39 -2.03 -6.39
N GLU A 86 10.08 -2.04 -6.62
CA GLU A 86 9.58 -2.19 -7.99
C GLU A 86 10.11 -1.06 -8.87
N LEU A 87 10.46 0.05 -8.25
CA LEU A 87 10.94 1.21 -8.99
C LEU A 87 12.42 1.04 -9.30
N ARG A 88 13.09 0.18 -8.55
CA ARG A 88 14.52 -0.07 -8.75
C ARG A 88 14.72 -1.29 -9.62
N SER A 89 15.61 -2.19 -9.19
CA SER A 89 15.88 -3.41 -9.93
C SER A 89 14.69 -4.35 -9.89
N ALA A 90 14.21 -4.65 -8.69
CA ALA A 90 13.08 -5.54 -8.52
C ALA A 90 12.41 -5.33 -7.16
N GLY A 1 8.26 23.56 -4.57
CA GLY A 1 9.64 23.85 -5.02
C GLY A 1 10.17 22.69 -5.85
N HIS A 2 10.70 21.66 -5.16
CA HIS A 2 11.24 20.49 -5.83
C HIS A 2 10.28 19.32 -5.71
N MET A 3 10.14 18.55 -6.79
CA MET A 3 9.24 17.40 -6.79
C MET A 3 9.86 16.24 -6.01
N SER A 4 9.06 15.66 -5.11
CA SER A 4 9.54 14.54 -4.30
C SER A 4 8.41 13.98 -3.47
N ASP A 5 7.19 14.04 -3.99
CA ASP A 5 6.03 13.54 -3.26
C ASP A 5 4.94 13.11 -4.24
N LEU A 6 5.13 11.97 -4.89
CA LEU A 6 4.17 11.44 -5.84
C LEU A 6 4.03 12.40 -7.01
N SER A 7 4.69 12.09 -8.13
CA SER A 7 4.62 12.92 -9.31
C SER A 7 5.45 12.30 -10.43
N THR A 8 6.40 13.06 -10.96
CA THR A 8 7.28 12.57 -12.01
C THR A 8 8.51 11.96 -11.39
N ALA A 9 8.28 11.25 -10.31
CA ALA A 9 9.37 10.57 -9.58
C ALA A 9 8.99 10.32 -8.11
N PRO A 10 8.00 9.50 -7.90
CA PRO A 10 7.53 9.17 -6.51
C PRO A 10 8.68 8.65 -5.64
N THR A 11 9.10 9.46 -4.68
CA THR A 11 10.18 9.06 -3.77
C THR A 11 9.63 8.21 -2.64
N LEU A 12 10.52 7.53 -1.93
CA LEU A 12 10.11 6.67 -0.81
C LEU A 12 9.01 7.33 0.02
N ASP A 13 9.08 8.66 0.09
CA ASP A 13 8.10 9.41 0.85
C ASP A 13 6.77 9.46 0.13
N SER A 14 6.82 9.44 -1.21
CA SER A 14 5.60 9.48 -2.01
C SER A 14 4.78 8.22 -1.79
N LEU A 15 5.45 7.09 -1.71
CA LEU A 15 4.77 5.84 -1.51
C LEU A 15 4.31 5.75 -0.08
N ARG A 16 5.25 5.68 0.82
CA ARG A 16 4.91 5.57 2.23
C ARG A 16 3.65 6.37 2.55
N VAL A 17 3.66 7.65 2.16
CA VAL A 17 2.51 8.53 2.40
C VAL A 17 1.27 7.98 1.68
N TRP A 18 1.47 7.44 0.48
CA TRP A 18 0.34 6.89 -0.27
C TRP A 18 -0.30 5.75 0.52
N LEU A 19 0.49 4.78 0.94
CA LEU A 19 -0.03 3.64 1.66
C LEU A 19 -0.83 4.07 2.86
N VAL A 20 -0.18 4.76 3.78
CA VAL A 20 -0.86 5.20 4.98
C VAL A 20 -2.06 6.07 4.62
N ASP A 21 -1.84 7.07 3.77
CA ASP A 21 -2.91 7.96 3.39
C ASP A 21 -4.05 7.18 2.72
N CYS A 22 -3.68 6.15 1.97
CA CYS A 22 -4.66 5.33 1.29
C CYS A 22 -5.60 4.66 2.30
N VAL A 23 -5.02 4.01 3.29
CA VAL A 23 -5.82 3.33 4.31
C VAL A 23 -6.70 4.35 5.04
N ALA A 24 -6.11 5.48 5.44
CA ALA A 24 -6.87 6.50 6.14
C ALA A 24 -8.13 6.84 5.38
N GLY A 25 -7.99 7.11 4.09
CA GLY A 25 -9.14 7.46 3.27
C GLY A 25 -10.13 6.30 3.21
N HIS A 26 -9.62 5.09 3.04
CA HIS A 26 -10.47 3.91 2.96
C HIS A 26 -11.33 3.78 4.21
N LEU A 27 -10.71 3.76 5.38
CA LEU A 27 -11.45 3.64 6.62
C LEU A 27 -12.04 4.98 7.05
N GLY A 28 -11.30 6.05 6.78
CA GLY A 28 -11.72 7.41 7.14
C GLY A 28 -11.03 7.90 8.41
N LEU A 29 -10.25 7.03 9.04
CA LEU A 29 -9.55 7.39 10.27
C LEU A 29 -8.41 8.35 9.94
N ASP A 30 -7.63 8.71 10.96
CA ASP A 30 -6.52 9.63 10.77
C ASP A 30 -5.25 8.88 10.37
N ALA A 31 -4.56 9.40 9.35
CA ALA A 31 -3.33 8.77 8.87
C ALA A 31 -2.29 8.68 9.97
N ALA A 32 -2.22 9.71 10.80
CA ALA A 32 -1.26 9.73 11.89
C ALA A 32 -1.50 8.60 12.87
N THR A 33 -2.67 8.00 12.80
CA THR A 33 -3.01 6.89 13.70
C THR A 33 -3.65 5.76 12.94
N ILE A 34 -3.11 5.46 11.76
CA ILE A 34 -3.65 4.37 10.97
C ILE A 34 -3.13 3.03 11.49
N ALA A 35 -1.87 2.76 11.18
CA ALA A 35 -1.26 1.51 11.57
C ALA A 35 0.09 1.34 10.87
N THR A 36 0.66 2.43 10.37
CA THR A 36 1.94 2.35 9.66
C THR A 36 2.86 1.33 10.31
N ASP A 37 2.85 1.26 11.64
CA ASP A 37 3.68 0.31 12.36
C ASP A 37 2.92 -0.98 12.64
N LEU A 38 1.59 -0.92 12.49
CA LEU A 38 0.75 -2.09 12.74
C LEU A 38 0.26 -2.69 11.42
N PRO A 39 -0.05 -3.96 11.44
CA PRO A 39 -0.57 -4.66 10.24
C PRO A 39 -1.93 -4.12 9.79
N LEU A 40 -2.44 -4.66 8.70
CA LEU A 40 -3.74 -4.25 8.19
C LEU A 40 -4.87 -4.84 9.02
N THR A 41 -4.58 -5.96 9.68
CA THR A 41 -5.58 -6.64 10.48
C THR A 41 -6.20 -5.68 11.48
N SER A 42 -5.40 -4.74 11.97
CA SER A 42 -5.87 -3.77 12.94
C SER A 42 -7.23 -3.21 12.52
N TYR A 43 -7.44 -3.06 11.22
CA TYR A 43 -8.70 -2.54 10.70
C TYR A 43 -9.83 -3.52 10.94
N GLY A 44 -9.49 -4.71 11.42
CA GLY A 44 -10.48 -5.73 11.70
C GLY A 44 -11.24 -6.12 10.44
N LEU A 45 -10.57 -6.03 9.31
CA LEU A 45 -11.17 -6.38 8.04
C LEU A 45 -11.19 -7.90 7.81
N ASP A 46 -12.26 -8.39 7.22
CA ASP A 46 -12.38 -9.82 6.96
C ASP A 46 -11.49 -10.21 5.78
N SER A 47 -11.46 -11.50 5.46
CA SER A 47 -10.66 -12.00 4.35
C SER A 47 -11.20 -11.49 3.01
N VAL A 48 -12.51 -11.37 2.92
CA VAL A 48 -13.14 -10.91 1.69
C VAL A 48 -12.75 -9.46 1.41
N TYR A 49 -12.42 -8.72 2.46
CA TYR A 49 -12.02 -7.34 2.29
C TYR A 49 -10.75 -7.22 1.46
N ALA A 50 -9.76 -8.01 1.81
CA ALA A 50 -8.49 -7.97 1.10
C ALA A 50 -8.72 -8.07 -0.40
N LEU A 51 -9.58 -9.00 -0.78
CA LEU A 51 -9.87 -9.18 -2.20
C LEU A 51 -10.20 -7.86 -2.88
N SER A 52 -11.28 -7.22 -2.42
CA SER A 52 -11.70 -5.94 -2.99
C SER A 52 -10.68 -4.85 -2.70
N ILE A 53 -10.29 -4.75 -1.43
CA ILE A 53 -9.33 -3.74 -1.03
C ILE A 53 -8.00 -3.91 -1.77
N ALA A 54 -7.37 -5.06 -1.59
CA ALA A 54 -6.11 -5.31 -2.25
C ALA A 54 -6.20 -4.99 -3.73
N ALA A 55 -7.37 -5.25 -4.32
CA ALA A 55 -7.57 -4.97 -5.75
C ALA A 55 -7.43 -3.48 -6.06
N GLU A 56 -8.26 -2.66 -5.44
CA GLU A 56 -8.21 -1.23 -5.69
C GLU A 56 -6.83 -0.65 -5.38
N LEU A 57 -6.27 -1.06 -4.24
CA LEU A 57 -4.96 -0.56 -3.84
C LEU A 57 -3.92 -0.81 -4.92
N GLU A 58 -3.61 -2.06 -5.16
CA GLU A 58 -2.61 -2.38 -6.17
C GLU A 58 -3.03 -1.90 -7.56
N ASP A 59 -4.33 -1.97 -7.83
CA ASP A 59 -4.85 -1.55 -9.13
C ASP A 59 -4.56 -0.06 -9.37
N HIS A 60 -4.32 0.66 -8.29
CA HIS A 60 -4.01 2.09 -8.41
C HIS A 60 -2.56 2.31 -8.84
N LEU A 61 -1.68 1.43 -8.39
CA LEU A 61 -0.26 1.53 -8.73
C LEU A 61 0.09 0.62 -9.88
N ASP A 62 -0.93 0.11 -10.57
CA ASP A 62 -0.71 -0.76 -11.70
C ASP A 62 0.25 -1.88 -11.35
N VAL A 63 -0.12 -2.70 -10.38
CA VAL A 63 0.72 -3.80 -9.96
C VAL A 63 -0.13 -4.94 -9.40
N SER A 64 0.43 -6.14 -9.38
CA SER A 64 -0.28 -7.30 -8.86
C SER A 64 0.52 -7.93 -7.72
N LEU A 65 -0.18 -8.44 -6.72
CA LEU A 65 0.47 -9.05 -5.55
C LEU A 65 0.10 -10.52 -5.49
N ASP A 66 0.79 -11.25 -4.60
CA ASP A 66 0.54 -12.68 -4.45
C ASP A 66 -0.34 -12.95 -3.22
N PRO A 67 -0.98 -14.10 -3.19
CA PRO A 67 -1.85 -14.49 -2.03
C PRO A 67 -1.10 -14.43 -0.69
N THR A 68 -0.21 -15.40 -0.47
CA THR A 68 0.54 -15.46 0.77
C THR A 68 1.43 -14.24 0.91
N LEU A 69 1.64 -13.53 -0.20
CA LEU A 69 2.47 -12.34 -0.19
C LEU A 69 1.77 -11.20 0.56
N ILE A 70 0.48 -11.03 0.27
CA ILE A 70 -0.29 -9.97 0.92
C ILE A 70 -0.18 -10.11 2.44
N TRP A 71 -0.23 -11.34 2.92
CA TRP A 71 -0.14 -11.59 4.35
C TRP A 71 1.32 -11.54 4.79
N ASP A 72 2.23 -11.40 3.82
CA ASP A 72 3.66 -11.34 4.12
C ASP A 72 4.07 -9.90 4.44
N HIS A 73 3.49 -8.96 3.70
CA HIS A 73 3.78 -7.53 3.91
C HIS A 73 2.53 -6.79 4.39
N PRO A 74 1.97 -7.20 5.51
CA PRO A 74 0.75 -6.56 6.08
C PRO A 74 1.03 -5.17 6.65
N THR A 75 2.30 -4.79 6.64
CA THR A 75 2.70 -3.48 7.15
C THR A 75 3.10 -2.55 6.02
N ILE A 76 3.08 -1.25 6.30
CA ILE A 76 3.44 -0.25 5.31
C ILE A 76 4.93 -0.32 5.01
N ASP A 77 5.72 -0.49 6.04
CA ASP A 77 7.17 -0.53 5.88
C ASP A 77 7.56 -1.53 4.80
N ALA A 78 7.04 -2.75 4.91
CA ALA A 78 7.34 -3.78 3.94
C ALA A 78 6.73 -3.45 2.59
N LEU A 79 5.46 -3.07 2.60
CA LEU A 79 4.77 -2.77 1.36
C LEU A 79 5.47 -1.63 0.63
N SER A 80 5.81 -0.59 1.35
CA SER A 80 6.47 0.56 0.76
C SER A 80 7.80 0.14 0.15
N THR A 81 8.58 -0.62 0.91
CA THR A 81 9.88 -1.09 0.44
C THR A 81 9.72 -1.80 -0.91
N ALA A 82 8.68 -2.61 -1.02
CA ALA A 82 8.43 -3.33 -2.25
C ALA A 82 8.03 -2.38 -3.38
N LEU A 83 7.21 -1.38 -3.05
CA LEU A 83 6.75 -0.43 -4.05
C LEU A 83 7.93 0.35 -4.63
N VAL A 84 8.73 0.96 -3.76
CA VAL A 84 9.87 1.73 -4.22
C VAL A 84 10.80 0.82 -5.02
N ALA A 85 10.87 -0.45 -4.64
CA ALA A 85 11.72 -1.40 -5.34
C ALA A 85 11.32 -1.48 -6.80
N GLU A 86 10.01 -1.44 -7.05
CA GLU A 86 9.50 -1.51 -8.42
C GLU A 86 10.04 -0.35 -9.25
N LEU A 87 10.36 0.75 -8.57
CA LEU A 87 10.83 1.95 -9.26
C LEU A 87 12.28 1.78 -9.66
N ARG A 88 12.98 0.90 -8.96
CA ARG A 88 14.39 0.65 -9.25
C ARG A 88 14.54 -0.33 -10.41
N SER A 89 15.16 -1.48 -10.13
CA SER A 89 15.37 -2.49 -11.16
C SER A 89 15.40 -3.88 -10.54
N ALA A 90 16.48 -4.62 -10.80
CA ALA A 90 16.63 -5.96 -10.26
C ALA A 90 15.45 -6.83 -10.67
N GLY A 1 -8.67 7.46 -14.02
CA GLY A 1 -9.04 8.90 -13.95
C GLY A 1 -7.88 9.70 -13.36
N HIS A 2 -7.23 10.51 -14.18
CA HIS A 2 -6.10 11.31 -13.73
C HIS A 2 -5.02 10.43 -13.11
N MET A 3 -5.24 10.05 -11.85
CA MET A 3 -4.28 9.20 -11.14
C MET A 3 -2.92 9.87 -11.08
N SER A 4 -2.24 9.73 -9.95
CA SER A 4 -0.92 10.33 -9.78
C SER A 4 0.07 9.75 -10.78
N ASP A 5 0.94 10.61 -11.31
CA ASP A 5 1.93 10.17 -12.27
C ASP A 5 3.13 11.12 -12.27
N LEU A 6 3.96 11.00 -11.26
CA LEU A 6 5.15 11.84 -11.14
C LEU A 6 6.04 11.70 -12.38
N SER A 7 7.32 11.44 -12.17
CA SER A 7 8.26 11.32 -13.28
C SER A 7 8.65 9.85 -13.47
N THR A 8 7.65 8.97 -13.54
CA THR A 8 7.90 7.56 -13.72
C THR A 8 8.95 7.07 -12.74
N ALA A 9 9.27 7.91 -11.76
CA ALA A 9 10.27 7.55 -10.75
C ALA A 9 9.91 8.18 -9.41
N PRO A 10 8.75 7.86 -8.89
CA PRO A 10 8.29 8.40 -7.58
C PRO A 10 9.38 8.37 -6.52
N THR A 11 9.09 8.91 -5.34
CA THR A 11 10.06 8.94 -4.25
C THR A 11 9.52 8.20 -3.04
N LEU A 12 10.43 7.69 -2.21
CA LEU A 12 10.04 6.93 -1.04
C LEU A 12 8.97 7.68 -0.24
N ASP A 13 9.15 8.99 -0.10
CA ASP A 13 8.20 9.80 0.65
C ASP A 13 6.83 9.79 0.00
N SER A 14 6.79 9.90 -1.33
CA SER A 14 5.54 9.91 -2.06
C SER A 14 4.80 8.59 -1.89
N LEU A 15 5.54 7.50 -1.89
CA LEU A 15 4.93 6.18 -1.71
C LEU A 15 4.51 6.01 -0.28
N ARG A 16 5.47 5.88 0.62
CA ARG A 16 5.16 5.68 2.02
C ARG A 16 3.88 6.43 2.42
N VAL A 17 3.86 7.72 2.10
CA VAL A 17 2.70 8.55 2.41
C VAL A 17 1.46 8.03 1.70
N TRP A 18 1.65 7.56 0.47
CA TRP A 18 0.54 7.04 -0.30
C TRP A 18 -0.12 5.87 0.41
N LEU A 19 0.69 4.90 0.82
CA LEU A 19 0.17 3.73 1.50
C LEU A 19 -0.66 4.12 2.70
N VAL A 20 -0.04 4.79 3.66
CA VAL A 20 -0.75 5.21 4.86
C VAL A 20 -1.97 6.04 4.49
N ASP A 21 -1.77 7.05 3.64
CA ASP A 21 -2.86 7.92 3.24
C ASP A 21 -3.98 7.11 2.59
N CYS A 22 -3.60 6.06 1.87
CA CYS A 22 -4.58 5.21 1.22
C CYS A 22 -5.52 4.59 2.24
N VAL A 23 -4.94 3.99 3.28
CA VAL A 23 -5.75 3.37 4.32
C VAL A 23 -6.64 4.40 5.00
N ALA A 24 -6.03 5.52 5.41
CA ALA A 24 -6.78 6.58 6.07
C ALA A 24 -8.05 6.90 5.29
N GLY A 25 -7.91 7.15 4.00
CA GLY A 25 -9.06 7.46 3.16
C GLY A 25 -10.03 6.29 3.13
N HIS A 26 -9.50 5.08 2.96
CA HIS A 26 -10.33 3.90 2.89
C HIS A 26 -11.24 3.79 4.12
N LEU A 27 -10.63 3.80 5.31
CA LEU A 27 -11.42 3.71 6.54
C LEU A 27 -11.96 5.07 6.95
N GLY A 28 -11.17 6.11 6.71
CA GLY A 28 -11.58 7.48 7.06
C GLY A 28 -10.97 7.93 8.37
N LEU A 29 -10.27 7.02 9.05
CA LEU A 29 -9.65 7.33 10.33
C LEU A 29 -8.50 8.31 10.13
N ASP A 30 -7.80 8.62 11.21
CA ASP A 30 -6.68 9.56 11.14
C ASP A 30 -5.43 8.85 10.64
N ALA A 31 -4.78 9.44 9.63
CA ALA A 31 -3.56 8.86 9.07
C ALA A 31 -2.47 8.77 10.13
N ALA A 32 -2.42 9.77 11.01
CA ALA A 32 -1.40 9.82 12.05
C ALA A 32 -1.58 8.66 13.04
N THR A 33 -2.71 7.98 12.95
CA THR A 33 -2.99 6.87 13.85
C THR A 33 -3.62 5.72 13.09
N ILE A 34 -3.19 5.53 11.85
CA ILE A 34 -3.72 4.44 11.06
C ILE A 34 -3.18 3.10 11.55
N ALA A 35 -1.90 2.85 11.25
CA ALA A 35 -1.27 1.59 11.61
C ALA A 35 0.04 1.42 10.86
N THR A 36 0.60 2.51 10.35
CA THR A 36 1.85 2.44 9.59
C THR A 36 2.78 1.39 10.21
N ASP A 37 2.77 1.27 11.53
CA ASP A 37 3.62 0.29 12.20
C ASP A 37 2.83 -0.97 12.50
N LEU A 38 1.51 -0.86 12.51
CA LEU A 38 0.65 -2.01 12.80
C LEU A 38 0.15 -2.64 11.49
N PRO A 39 -0.15 -3.90 11.52
CA PRO A 39 -0.68 -4.64 10.33
C PRO A 39 -2.07 -4.16 9.94
N LEU A 40 -2.59 -4.71 8.85
CA LEU A 40 -3.91 -4.36 8.38
C LEU A 40 -5.00 -4.98 9.26
N THR A 41 -4.65 -6.10 9.91
CA THR A 41 -5.59 -6.80 10.76
C THR A 41 -6.23 -5.84 11.75
N SER A 42 -5.46 -4.86 12.21
CA SER A 42 -5.96 -3.89 13.17
C SER A 42 -7.33 -3.38 12.74
N TYR A 43 -7.54 -3.25 11.44
CA TYR A 43 -8.82 -2.78 10.92
C TYR A 43 -9.91 -3.82 11.12
N GLY A 44 -9.52 -5.02 11.50
CA GLY A 44 -10.47 -6.10 11.74
C GLY A 44 -11.21 -6.44 10.45
N LEU A 45 -10.60 -6.14 9.32
CA LEU A 45 -11.22 -6.41 8.04
C LEU A 45 -11.31 -7.91 7.77
N ASP A 46 -12.42 -8.35 7.23
CA ASP A 46 -12.60 -9.77 6.91
C ASP A 46 -11.63 -10.19 5.80
N SER A 47 -11.64 -11.47 5.47
CA SER A 47 -10.75 -11.99 4.43
C SER A 47 -11.21 -11.50 3.05
N VAL A 48 -12.51 -11.40 2.87
CA VAL A 48 -13.06 -10.95 1.60
C VAL A 48 -12.69 -9.50 1.34
N TYR A 49 -12.43 -8.76 2.41
CA TYR A 49 -12.06 -7.36 2.28
C TYR A 49 -10.72 -7.22 1.56
N ALA A 50 -9.74 -8.01 2.00
CA ALA A 50 -8.42 -7.95 1.41
C ALA A 50 -8.51 -8.04 -0.11
N LEU A 51 -9.38 -8.92 -0.60
CA LEU A 51 -9.54 -9.08 -2.03
C LEU A 51 -9.97 -7.76 -2.68
N SER A 52 -11.02 -7.15 -2.15
CA SER A 52 -11.51 -5.89 -2.69
C SER A 52 -10.47 -4.78 -2.51
N ILE A 53 -9.93 -4.69 -1.29
CA ILE A 53 -8.94 -3.67 -1.00
C ILE A 53 -7.68 -3.89 -1.80
N ALA A 54 -7.13 -5.10 -1.72
CA ALA A 54 -5.92 -5.43 -2.45
C ALA A 54 -6.07 -5.04 -3.92
N ALA A 55 -7.25 -5.29 -4.47
CA ALA A 55 -7.51 -4.95 -5.86
C ALA A 55 -7.49 -3.44 -6.06
N GLU A 56 -7.99 -2.72 -5.08
CA GLU A 56 -8.03 -1.25 -5.17
C GLU A 56 -6.63 -0.65 -5.07
N LEU A 57 -5.89 -1.07 -4.06
CA LEU A 57 -4.53 -0.56 -3.85
C LEU A 57 -3.65 -0.86 -5.04
N GLU A 58 -3.71 -2.08 -5.54
CA GLU A 58 -2.89 -2.46 -6.67
C GLU A 58 -3.41 -1.83 -7.96
N ASP A 59 -4.74 -1.82 -8.11
CA ASP A 59 -5.36 -1.25 -9.29
C ASP A 59 -4.89 0.18 -9.49
N HIS A 60 -4.55 0.84 -8.39
CA HIS A 60 -4.08 2.22 -8.46
C HIS A 60 -2.72 2.29 -9.11
N LEU A 61 -1.89 1.28 -8.85
CA LEU A 61 -0.51 1.27 -9.34
C LEU A 61 -0.32 0.18 -10.40
N ASP A 62 -1.40 -0.18 -11.07
CA ASP A 62 -1.33 -1.19 -12.12
C ASP A 62 -0.33 -2.28 -11.77
N VAL A 63 -0.66 -3.08 -10.78
CA VAL A 63 0.22 -4.17 -10.35
C VAL A 63 -0.59 -5.35 -9.84
N SER A 64 0.00 -6.52 -9.89
CA SER A 64 -0.67 -7.74 -9.42
C SER A 64 -0.04 -8.22 -8.12
N LEU A 65 -0.87 -8.31 -7.08
CA LEU A 65 -0.38 -8.76 -5.77
C LEU A 65 -0.47 -10.27 -5.65
N ASP A 66 0.42 -10.84 -4.84
CA ASP A 66 0.42 -12.29 -4.65
C ASP A 66 -0.37 -12.66 -3.39
N PRO A 67 -0.84 -13.87 -3.32
CA PRO A 67 -1.63 -14.35 -2.16
C PRO A 67 -0.85 -14.30 -0.85
N THR A 68 0.02 -15.29 -0.65
CA THR A 68 0.82 -15.35 0.56
C THR A 68 1.70 -14.13 0.68
N LEU A 69 1.84 -13.40 -0.41
CA LEU A 69 2.65 -12.21 -0.40
C LEU A 69 1.97 -11.10 0.41
N ILE A 70 0.68 -10.94 0.21
CA ILE A 70 -0.06 -9.91 0.91
C ILE A 70 0.00 -10.15 2.42
N TRP A 71 -0.15 -11.40 2.81
CA TRP A 71 -0.11 -11.75 4.24
C TRP A 71 1.31 -11.67 4.76
N ASP A 72 2.25 -11.39 3.86
CA ASP A 72 3.67 -11.28 4.25
C ASP A 72 4.03 -9.82 4.50
N HIS A 73 3.37 -8.92 3.79
CA HIS A 73 3.63 -7.48 3.94
C HIS A 73 2.37 -6.77 4.42
N PRO A 74 1.82 -7.19 5.53
CA PRO A 74 0.60 -6.59 6.12
C PRO A 74 0.86 -5.20 6.70
N THR A 75 2.12 -4.78 6.64
CA THR A 75 2.51 -3.46 7.17
C THR A 75 2.96 -2.54 6.03
N ILE A 76 3.01 -1.25 6.33
CA ILE A 76 3.45 -0.28 5.35
C ILE A 76 4.95 -0.39 5.11
N ASP A 77 5.70 -0.63 6.18
CA ASP A 77 7.15 -0.74 6.08
C ASP A 77 7.54 -1.74 5.00
N ALA A 78 6.91 -2.91 5.04
CA ALA A 78 7.21 -3.95 4.05
C ALA A 78 6.68 -3.54 2.68
N LEU A 79 5.42 -3.12 2.65
CA LEU A 79 4.82 -2.72 1.39
C LEU A 79 5.61 -1.59 0.74
N SER A 80 5.96 -0.59 1.52
CA SER A 80 6.71 0.54 1.00
C SER A 80 8.05 0.07 0.46
N THR A 81 8.75 -0.76 1.23
CA THR A 81 10.05 -1.27 0.82
C THR A 81 9.92 -1.98 -0.54
N ALA A 82 8.85 -2.76 -0.68
CA ALA A 82 8.62 -3.47 -1.94
C ALA A 82 8.24 -2.50 -3.06
N LEU A 83 7.42 -1.51 -2.71
CA LEU A 83 6.98 -0.54 -3.71
C LEU A 83 8.16 0.23 -4.26
N VAL A 84 8.97 0.79 -3.38
CA VAL A 84 10.13 1.55 -3.79
C VAL A 84 11.11 0.65 -4.54
N ALA A 85 11.15 -0.63 -4.14
CA ALA A 85 12.03 -1.58 -4.80
C ALA A 85 11.73 -1.63 -6.29
N GLU A 86 10.47 -1.44 -6.63
CA GLU A 86 10.06 -1.46 -8.04
C GLU A 86 10.86 -0.44 -8.85
N LEU A 87 11.47 0.52 -8.15
CA LEU A 87 12.26 1.56 -8.80
C LEU A 87 13.74 1.21 -8.80
N ARG A 88 14.12 0.25 -7.96
CA ARG A 88 15.52 -0.15 -7.87
C ARG A 88 16.01 -0.68 -9.22
N SER A 89 15.19 -1.47 -9.88
CA SER A 89 15.55 -2.03 -11.17
C SER A 89 14.33 -2.60 -11.87
N ALA A 90 13.58 -3.44 -11.16
CA ALA A 90 12.38 -4.04 -11.72
C ALA A 90 11.43 -4.50 -10.62
N GLY A 1 -0.03 22.83 -16.35
CA GLY A 1 -0.72 21.85 -15.46
C GLY A 1 0.26 20.75 -15.06
N HIS A 2 0.04 20.18 -13.88
CA HIS A 2 0.91 19.10 -13.39
C HIS A 2 2.38 19.45 -13.65
N MET A 3 2.99 20.13 -12.67
CA MET A 3 4.39 20.51 -12.81
C MET A 3 5.28 19.28 -12.86
N SER A 4 4.73 18.13 -12.49
CA SER A 4 5.49 16.89 -12.51
C SER A 4 6.61 16.93 -11.47
N ASP A 5 6.24 17.13 -10.21
CA ASP A 5 7.24 17.20 -9.15
C ASP A 5 7.98 15.88 -9.01
N LEU A 6 7.23 14.79 -8.87
CA LEU A 6 7.82 13.47 -8.75
C LEU A 6 8.13 12.88 -10.13
N SER A 7 7.69 13.58 -11.17
CA SER A 7 7.93 13.12 -12.53
C SER A 7 7.55 11.65 -12.68
N THR A 8 8.21 10.96 -13.60
CA THR A 8 7.95 9.55 -13.82
C THR A 8 8.80 8.69 -12.90
N ALA A 9 9.34 9.32 -11.86
CA ALA A 9 10.19 8.61 -10.90
C ALA A 9 9.74 8.89 -9.47
N PRO A 10 8.70 8.24 -9.03
CA PRO A 10 8.16 8.42 -7.65
C PRO A 10 9.22 8.21 -6.58
N THR A 11 9.05 8.86 -5.44
CA THR A 11 10.01 8.74 -4.33
C THR A 11 9.36 8.05 -3.14
N LEU A 12 10.18 7.45 -2.31
CA LEU A 12 9.67 6.73 -1.14
C LEU A 12 8.65 7.57 -0.39
N ASP A 13 8.92 8.86 -0.27
CA ASP A 13 8.02 9.75 0.44
C ASP A 13 6.64 9.77 -0.21
N SER A 14 6.61 9.82 -1.54
CA SER A 14 5.35 9.85 -2.27
C SER A 14 4.59 8.53 -2.08
N LEU A 15 5.33 7.43 -2.06
CA LEU A 15 4.70 6.13 -1.87
C LEU A 15 4.29 5.98 -0.41
N ARG A 16 5.27 5.89 0.46
CA ARG A 16 4.99 5.70 1.88
C ARG A 16 3.74 6.48 2.29
N VAL A 17 3.72 7.77 1.96
CA VAL A 17 2.57 8.61 2.27
C VAL A 17 1.32 8.09 1.60
N TRP A 18 1.47 7.57 0.37
CA TRP A 18 0.34 7.03 -0.35
C TRP A 18 -0.30 5.88 0.42
N LEU A 19 0.52 4.94 0.84
CA LEU A 19 0.02 3.78 1.55
C LEU A 19 -0.79 4.20 2.75
N VAL A 20 -0.15 4.92 3.67
CA VAL A 20 -0.84 5.36 4.88
C VAL A 20 -2.07 6.19 4.52
N ASP A 21 -1.87 7.17 3.66
CA ASP A 21 -2.97 8.05 3.25
C ASP A 21 -4.11 7.21 2.66
N CYS A 22 -3.75 6.13 1.97
CA CYS A 22 -4.75 5.26 1.37
C CYS A 22 -5.66 4.67 2.44
N VAL A 23 -5.05 4.12 3.49
CA VAL A 23 -5.83 3.53 4.57
C VAL A 23 -6.69 4.61 5.25
N ALA A 24 -6.05 5.71 5.63
CA ALA A 24 -6.77 6.80 6.31
C ALA A 24 -8.08 7.07 5.59
N GLY A 25 -8.00 7.33 4.29
CA GLY A 25 -9.19 7.59 3.50
C GLY A 25 -10.11 6.38 3.49
N HIS A 26 -9.53 5.21 3.31
CA HIS A 26 -10.31 3.98 3.28
C HIS A 26 -11.20 3.86 4.51
N LEU A 27 -10.59 3.95 5.69
CA LEU A 27 -11.35 3.84 6.93
C LEU A 27 -11.90 5.21 7.35
N GLY A 28 -11.13 6.25 7.08
CA GLY A 28 -11.55 7.61 7.40
C GLY A 28 -10.87 8.11 8.68
N LEU A 29 -10.12 7.23 9.33
CA LEU A 29 -9.43 7.59 10.56
C LEU A 29 -8.30 8.57 10.27
N ASP A 30 -7.56 8.93 11.31
CA ASP A 30 -6.45 9.87 11.15
C ASP A 30 -5.21 9.16 10.65
N ALA A 31 -4.61 9.72 9.59
CA ALA A 31 -3.40 9.13 9.01
C ALA A 31 -2.32 8.95 10.05
N ALA A 32 -2.20 9.93 10.94
CA ALA A 32 -1.18 9.89 11.98
C ALA A 32 -1.33 8.66 12.85
N THR A 33 -2.57 8.25 13.09
CA THR A 33 -2.85 7.10 13.94
C THR A 33 -3.53 6.01 13.13
N ILE A 34 -3.05 5.78 11.93
CA ILE A 34 -3.62 4.73 11.11
C ILE A 34 -3.12 3.37 11.60
N ALA A 35 -1.86 3.06 11.29
CA ALA A 35 -1.29 1.78 11.64
C ALA A 35 -0.01 1.52 10.84
N THR A 36 0.59 2.58 10.29
CA THR A 36 1.79 2.43 9.49
C THR A 36 2.69 1.35 10.05
N ASP A 37 2.74 1.24 11.39
CA ASP A 37 3.55 0.23 12.03
C ASP A 37 2.73 -1.01 12.39
N LEU A 38 1.41 -0.83 12.45
CA LEU A 38 0.52 -1.93 12.78
C LEU A 38 -0.03 -2.58 11.52
N PRO A 39 -0.27 -3.87 11.56
CA PRO A 39 -0.82 -4.61 10.39
C PRO A 39 -2.30 -4.33 10.19
N LEU A 40 -2.69 -4.15 8.94
CA LEU A 40 -4.09 -3.90 8.60
C LEU A 40 -5.01 -4.80 9.42
N THR A 41 -4.45 -5.91 9.91
CA THR A 41 -5.24 -6.86 10.69
C THR A 41 -5.85 -6.17 11.91
N SER A 42 -5.28 -5.03 12.29
CA SER A 42 -5.78 -4.28 13.42
C SER A 42 -7.22 -3.84 13.18
N TYR A 43 -7.60 -3.72 11.91
CA TYR A 43 -8.95 -3.31 11.56
C TYR A 43 -9.91 -4.50 11.60
N GLY A 44 -9.36 -5.69 11.82
CA GLY A 44 -10.17 -6.89 11.92
C GLY A 44 -10.89 -7.16 10.61
N LEU A 45 -10.52 -6.42 9.57
CA LEU A 45 -11.16 -6.58 8.27
C LEU A 45 -11.15 -8.05 7.86
N ASP A 46 -12.23 -8.49 7.22
CA ASP A 46 -12.33 -9.87 6.76
C ASP A 46 -11.43 -10.10 5.55
N SER A 47 -10.93 -11.32 5.42
CA SER A 47 -10.06 -11.66 4.30
C SER A 47 -10.68 -11.22 2.98
N VAL A 48 -12.01 -11.15 2.96
CA VAL A 48 -12.71 -10.73 1.75
C VAL A 48 -12.32 -9.32 1.35
N TYR A 49 -11.87 -8.54 2.32
CA TYR A 49 -11.45 -7.17 2.06
C TYR A 49 -10.28 -7.14 1.08
N ALA A 50 -9.27 -7.96 1.35
CA ALA A 50 -8.10 -8.00 0.49
C ALA A 50 -8.51 -8.11 -0.97
N LEU A 51 -9.38 -9.05 -1.27
CA LEU A 51 -9.84 -9.24 -2.64
C LEU A 51 -10.18 -7.91 -3.31
N SER A 52 -11.21 -7.24 -2.80
CA SER A 52 -11.61 -5.96 -3.35
C SER A 52 -10.57 -4.88 -3.06
N ILE A 53 -10.18 -4.77 -1.81
CA ILE A 53 -9.20 -3.77 -1.41
C ILE A 53 -7.88 -3.97 -2.14
N ALA A 54 -7.21 -5.09 -1.89
CA ALA A 54 -5.94 -5.37 -2.53
C ALA A 54 -6.02 -5.09 -4.02
N ALA A 55 -7.18 -5.38 -4.62
CA ALA A 55 -7.38 -5.14 -6.04
C ALA A 55 -7.37 -3.64 -6.33
N GLU A 56 -8.05 -2.87 -5.50
CA GLU A 56 -8.12 -1.42 -5.69
C GLU A 56 -6.75 -0.78 -5.45
N LEU A 57 -6.13 -1.14 -4.34
CA LEU A 57 -4.82 -0.59 -4.01
C LEU A 57 -3.83 -0.85 -5.12
N GLU A 58 -3.58 -2.11 -5.42
CA GLU A 58 -2.62 -2.47 -6.47
C GLU A 58 -3.03 -1.87 -7.80
N ASP A 59 -4.34 -1.81 -8.04
CA ASP A 59 -4.85 -1.26 -9.29
C ASP A 59 -4.39 0.18 -9.47
N HIS A 60 -4.13 0.86 -8.36
CA HIS A 60 -3.66 2.25 -8.44
C HIS A 60 -2.20 2.30 -8.84
N LEU A 61 -1.43 1.30 -8.42
CA LEU A 61 -0.01 1.25 -8.74
C LEU A 61 0.24 0.28 -9.88
N ASP A 62 -0.83 -0.10 -10.57
CA ASP A 62 -0.70 -1.00 -11.70
C ASP A 62 0.26 -2.14 -11.39
N VAL A 63 -0.10 -2.96 -10.42
CA VAL A 63 0.76 -4.09 -10.03
C VAL A 63 -0.08 -5.24 -9.53
N SER A 64 0.48 -6.45 -9.59
CA SER A 64 -0.23 -7.64 -9.14
C SER A 64 0.47 -8.22 -7.92
N LEU A 65 -0.30 -8.57 -6.90
CA LEU A 65 0.26 -9.14 -5.66
C LEU A 65 -0.10 -10.60 -5.55
N ASP A 66 0.65 -11.33 -4.73
CA ASP A 66 0.41 -12.74 -4.52
C ASP A 66 -0.42 -12.98 -3.26
N PRO A 67 -1.14 -14.07 -3.22
CA PRO A 67 -1.97 -14.42 -2.03
C PRO A 67 -1.19 -14.38 -0.72
N THR A 68 -0.31 -15.36 -0.53
CA THR A 68 0.49 -15.44 0.68
C THR A 68 1.41 -14.23 0.79
N LEU A 69 1.56 -13.51 -0.31
CA LEU A 69 2.42 -12.33 -0.32
C LEU A 69 1.74 -11.16 0.39
N ILE A 70 0.44 -11.03 0.18
CA ILE A 70 -0.33 -9.94 0.81
C ILE A 70 -0.25 -10.07 2.32
N TRP A 71 -0.35 -11.29 2.81
CA TRP A 71 -0.28 -11.54 4.25
C TRP A 71 1.17 -11.49 4.72
N ASP A 72 2.09 -11.26 3.79
CA ASP A 72 3.51 -11.19 4.12
C ASP A 72 3.92 -9.75 4.35
N HIS A 73 3.28 -8.82 3.64
CA HIS A 73 3.57 -7.39 3.80
C HIS A 73 2.31 -6.63 4.21
N PRO A 74 1.66 -7.06 5.26
CA PRO A 74 0.43 -6.41 5.77
C PRO A 74 0.71 -5.07 6.42
N THR A 75 1.97 -4.66 6.39
CA THR A 75 2.38 -3.38 6.98
C THR A 75 2.91 -2.43 5.91
N ILE A 76 2.83 -1.14 6.20
CA ILE A 76 3.29 -0.14 5.26
C ILE A 76 4.80 -0.28 5.04
N ASP A 77 5.53 -0.50 6.13
CA ASP A 77 6.98 -0.64 6.04
C ASP A 77 7.36 -1.69 5.00
N ALA A 78 6.70 -2.85 5.07
CA ALA A 78 6.97 -3.92 4.12
C ALA A 78 6.44 -3.57 2.73
N LEU A 79 5.20 -3.11 2.68
CA LEU A 79 4.58 -2.76 1.41
C LEU A 79 5.37 -1.65 0.74
N SER A 80 5.71 -0.62 1.50
CA SER A 80 6.45 0.51 0.96
C SER A 80 7.79 0.03 0.40
N THR A 81 8.52 -0.76 1.19
CA THR A 81 9.81 -1.27 0.76
C THR A 81 9.65 -2.05 -0.55
N ALA A 82 8.59 -2.84 -0.64
CA ALA A 82 8.34 -3.62 -1.84
C ALA A 82 7.94 -2.72 -2.99
N LEU A 83 7.11 -1.70 -2.70
CA LEU A 83 6.66 -0.79 -3.73
C LEU A 83 7.82 -0.04 -4.36
N VAL A 84 8.66 0.57 -3.51
CA VAL A 84 9.81 1.31 -4.00
C VAL A 84 10.75 0.36 -4.73
N ALA A 85 10.78 -0.89 -4.30
CA ALA A 85 11.65 -1.88 -4.92
C ALA A 85 11.29 -2.04 -6.39
N GLU A 86 10.02 -1.90 -6.71
CA GLU A 86 9.55 -2.02 -8.09
C GLU A 86 10.29 -1.03 -8.98
N LEU A 87 10.88 0.00 -8.37
CA LEU A 87 11.60 1.03 -9.12
C LEU A 87 13.11 0.88 -8.97
N ARG A 88 13.53 0.16 -7.94
CA ARG A 88 14.94 -0.04 -7.70
C ARG A 88 15.57 -0.88 -8.80
N SER A 89 16.88 -0.99 -8.77
CA SER A 89 17.61 -1.80 -9.75
C SER A 89 19.00 -2.16 -9.24
N ALA A 90 19.60 -3.19 -9.83
CA ALA A 90 20.93 -3.63 -9.43
C ALA A 90 21.57 -4.46 -10.53
N GLY A 1 -3.41 12.51 -17.52
CA GLY A 1 -3.41 11.23 -16.75
C GLY A 1 -4.47 11.30 -15.66
N HIS A 2 -4.42 12.35 -14.85
CA HIS A 2 -5.38 12.52 -13.77
C HIS A 2 -5.18 11.45 -12.69
N MET A 3 -5.22 10.20 -13.10
CA MET A 3 -5.03 9.10 -12.16
C MET A 3 -3.64 9.13 -11.57
N SER A 4 -2.65 9.49 -12.39
CA SER A 4 -1.27 9.56 -11.93
C SER A 4 -0.81 11.01 -11.83
N ASP A 5 -0.89 11.57 -10.62
CA ASP A 5 -0.48 12.96 -10.40
C ASP A 5 1.00 13.03 -10.08
N LEU A 6 1.72 11.92 -10.28
CA LEU A 6 3.15 11.88 -10.02
C LEU A 6 3.91 11.40 -11.24
N SER A 7 5.21 11.17 -11.09
CA SER A 7 6.04 10.70 -12.19
C SER A 7 6.22 9.19 -12.13
N THR A 8 6.91 8.63 -13.11
CA THR A 8 7.15 7.19 -13.16
C THR A 8 8.32 6.83 -12.25
N ALA A 9 8.72 7.76 -11.39
CA ALA A 9 9.83 7.53 -10.47
C ALA A 9 9.49 8.05 -9.08
N PRO A 10 8.42 7.57 -8.51
CA PRO A 10 7.96 8.00 -7.15
C PRO A 10 9.06 7.86 -6.11
N THR A 11 8.92 8.56 -4.99
CA THR A 11 9.91 8.51 -3.92
C THR A 11 9.35 7.80 -2.70
N LEU A 12 10.24 7.28 -1.87
CA LEU A 12 9.81 6.57 -0.67
C LEU A 12 8.78 7.37 0.10
N ASP A 13 9.03 8.65 0.26
CA ASP A 13 8.11 9.51 0.99
C ASP A 13 6.78 9.63 0.26
N SER A 14 6.83 9.71 -1.07
CA SER A 14 5.62 9.83 -1.87
C SER A 14 4.80 8.55 -1.80
N LEU A 15 5.48 7.41 -1.85
CA LEU A 15 4.79 6.14 -1.77
C LEU A 15 4.31 5.90 -0.35
N ARG A 16 5.25 5.71 0.56
CA ARG A 16 4.92 5.44 1.96
C ARG A 16 3.66 6.24 2.37
N VAL A 17 3.69 7.54 2.08
CA VAL A 17 2.55 8.39 2.41
C VAL A 17 1.30 7.94 1.66
N TRP A 18 1.48 7.49 0.42
CA TRP A 18 0.36 7.04 -0.38
C TRP A 18 -0.31 5.83 0.29
N LEU A 19 0.49 4.84 0.65
CA LEU A 19 -0.04 3.63 1.26
C LEU A 19 -0.88 3.99 2.48
N VAL A 20 -0.23 4.57 3.49
CA VAL A 20 -0.93 4.93 4.71
C VAL A 20 -2.12 5.83 4.40
N ASP A 21 -1.87 6.88 3.62
CA ASP A 21 -2.91 7.82 3.26
C ASP A 21 -4.09 7.09 2.60
N CYS A 22 -3.76 6.01 1.88
CA CYS A 22 -4.79 5.22 1.21
C CYS A 22 -5.72 4.59 2.24
N VAL A 23 -5.13 3.99 3.27
CA VAL A 23 -5.93 3.35 4.31
C VAL A 23 -6.83 4.37 5.00
N ALA A 24 -6.23 5.50 5.41
CA ALA A 24 -6.99 6.55 6.08
C ALA A 24 -8.22 6.90 5.28
N GLY A 25 -8.05 7.14 3.98
CA GLY A 25 -9.17 7.48 3.12
C GLY A 25 -10.17 6.33 3.06
N HIS A 26 -9.68 5.12 2.87
CA HIS A 26 -10.54 3.96 2.78
C HIS A 26 -11.43 3.84 4.02
N LEU A 27 -10.81 3.84 5.20
CA LEU A 27 -11.57 3.73 6.44
C LEU A 27 -12.13 5.09 6.86
N GLY A 28 -11.36 6.13 6.61
CA GLY A 28 -11.77 7.49 6.95
C GLY A 28 -11.07 7.98 8.22
N LEU A 29 -10.32 7.10 8.86
CA LEU A 29 -9.58 7.45 10.07
C LEU A 29 -8.42 8.38 9.72
N ASP A 30 -7.62 8.71 10.73
CA ASP A 30 -6.47 9.60 10.52
C ASP A 30 -5.25 8.79 10.12
N ALA A 31 -4.52 9.29 9.11
CA ALA A 31 -3.33 8.60 8.63
C ALA A 31 -2.29 8.45 9.74
N ALA A 32 -2.25 9.43 10.63
CA ALA A 32 -1.28 9.41 11.72
C ALA A 32 -1.60 8.33 12.74
N THR A 33 -2.79 7.76 12.63
CA THR A 33 -3.23 6.72 13.57
C THR A 33 -3.76 5.53 12.80
N ILE A 34 -3.24 5.30 11.60
CA ILE A 34 -3.69 4.17 10.81
C ILE A 34 -3.07 2.87 11.35
N ALA A 35 -1.78 2.68 11.07
CA ALA A 35 -1.09 1.49 11.50
C ALA A 35 0.26 1.37 10.82
N THR A 36 0.81 2.49 10.35
CA THR A 36 2.09 2.48 9.66
C THR A 36 3.01 1.44 10.26
N ASP A 37 3.08 1.38 11.59
CA ASP A 37 3.92 0.41 12.26
C ASP A 37 3.09 -0.76 12.80
N LEU A 38 1.97 -1.02 12.16
CA LEU A 38 1.09 -2.11 12.56
C LEU A 38 0.50 -2.81 11.34
N PRO A 39 0.09 -4.04 11.52
CA PRO A 39 -0.54 -4.84 10.42
C PRO A 39 -1.89 -4.27 10.00
N LEU A 40 -2.43 -4.79 8.91
CA LEU A 40 -3.73 -4.33 8.43
C LEU A 40 -4.85 -4.89 9.30
N THR A 41 -4.58 -6.01 9.97
CA THR A 41 -5.58 -6.65 10.81
C THR A 41 -6.19 -5.63 11.75
N SER A 42 -5.39 -4.66 12.19
CA SER A 42 -5.87 -3.64 13.11
C SER A 42 -7.23 -3.11 12.66
N TYR A 43 -7.45 -3.09 11.35
CA TYR A 43 -8.72 -2.61 10.82
C TYR A 43 -9.83 -3.62 11.03
N GLY A 44 -9.45 -4.82 11.45
CA GLY A 44 -10.43 -5.87 11.71
C GLY A 44 -11.16 -6.25 10.43
N LEU A 45 -10.53 -5.99 9.29
CA LEU A 45 -11.14 -6.31 8.01
C LEU A 45 -11.18 -7.82 7.75
N ASP A 46 -12.29 -8.29 7.23
CA ASP A 46 -12.42 -9.71 6.92
C ASP A 46 -11.37 -10.13 5.89
N SER A 47 -11.30 -11.44 5.64
CA SER A 47 -10.35 -11.96 4.67
C SER A 47 -10.74 -11.57 3.24
N VAL A 48 -12.04 -11.48 3.00
CA VAL A 48 -12.55 -11.11 1.68
C VAL A 48 -12.26 -9.64 1.39
N TYR A 49 -12.13 -8.86 2.45
CA TYR A 49 -11.86 -7.43 2.29
C TYR A 49 -10.51 -7.20 1.61
N ALA A 50 -9.48 -7.87 2.11
CA ALA A 50 -8.14 -7.71 1.56
C ALA A 50 -8.19 -7.89 0.05
N LEU A 51 -8.99 -8.83 -0.41
CA LEU A 51 -9.11 -9.08 -1.85
C LEU A 51 -9.62 -7.84 -2.57
N SER A 52 -10.70 -7.25 -2.05
CA SER A 52 -11.27 -6.06 -2.67
C SER A 52 -10.32 -4.87 -2.51
N ILE A 53 -9.84 -4.67 -1.29
CA ILE A 53 -8.93 -3.57 -1.02
C ILE A 53 -7.64 -3.71 -1.82
N ALA A 54 -6.96 -4.84 -1.64
CA ALA A 54 -5.72 -5.08 -2.36
C ALA A 54 -5.90 -4.82 -3.85
N ALA A 55 -7.06 -5.20 -4.37
CA ALA A 55 -7.36 -4.99 -5.79
C ALA A 55 -7.46 -3.51 -6.11
N GLU A 56 -8.04 -2.75 -5.18
CA GLU A 56 -8.18 -1.32 -5.36
C GLU A 56 -6.84 -0.60 -5.21
N LEU A 57 -6.14 -0.92 -4.13
CA LEU A 57 -4.85 -0.30 -3.87
C LEU A 57 -3.86 -0.57 -4.99
N GLU A 58 -3.79 -1.82 -5.41
CA GLU A 58 -2.85 -2.21 -6.47
C GLU A 58 -3.31 -1.64 -7.81
N ASP A 59 -4.62 -1.61 -8.02
CA ASP A 59 -5.17 -1.08 -9.26
C ASP A 59 -4.78 0.38 -9.45
N HIS A 60 -4.58 1.07 -8.33
CA HIS A 60 -4.19 2.47 -8.40
C HIS A 60 -2.77 2.61 -8.92
N LEU A 61 -1.91 1.68 -8.54
CA LEU A 61 -0.50 1.72 -8.93
C LEU A 61 -0.24 0.75 -10.04
N ASP A 62 -1.30 0.35 -10.74
CA ASP A 62 -1.15 -0.57 -11.85
C ASP A 62 -0.18 -1.69 -11.53
N VAL A 63 -0.54 -2.51 -10.54
CA VAL A 63 0.31 -3.61 -10.13
C VAL A 63 -0.52 -4.75 -9.57
N SER A 64 0.06 -5.95 -9.55
CA SER A 64 -0.63 -7.13 -9.02
C SER A 64 0.15 -7.71 -7.85
N LEU A 65 -0.57 -8.15 -6.82
CA LEU A 65 0.07 -8.72 -5.63
C LEU A 65 -0.20 -10.22 -5.56
N ASP A 66 0.61 -10.91 -4.77
CA ASP A 66 0.44 -12.34 -4.61
C ASP A 66 -0.37 -12.67 -3.36
N PRO A 67 -0.95 -13.85 -3.31
CA PRO A 67 -1.78 -14.29 -2.15
C PRO A 67 -0.99 -14.25 -0.84
N THR A 68 -0.12 -15.24 -0.64
CA THR A 68 0.68 -15.31 0.57
C THR A 68 1.59 -14.10 0.67
N LEU A 69 1.79 -13.42 -0.46
CA LEU A 69 2.62 -12.25 -0.47
C LEU A 69 1.99 -11.12 0.33
N ILE A 70 0.70 -10.92 0.12
CA ILE A 70 -0.02 -9.86 0.83
C ILE A 70 0.03 -10.10 2.33
N TRP A 71 -0.19 -11.35 2.72
CA TRP A 71 -0.17 -11.70 4.14
C TRP A 71 1.26 -11.66 4.67
N ASP A 72 2.22 -11.43 3.78
CA ASP A 72 3.63 -11.37 4.17
C ASP A 72 4.00 -9.93 4.48
N HIS A 73 3.35 -8.98 3.79
CA HIS A 73 3.62 -7.55 4.00
C HIS A 73 2.37 -6.85 4.51
N PRO A 74 1.83 -7.31 5.62
CA PRO A 74 0.61 -6.70 6.22
C PRO A 74 0.88 -5.33 6.80
N THR A 75 2.14 -4.90 6.77
CA THR A 75 2.52 -3.59 7.30
C THR A 75 2.91 -2.64 6.19
N ILE A 76 2.79 -1.34 6.46
CA ILE A 76 3.15 -0.34 5.48
C ILE A 76 4.65 -0.36 5.21
N ASP A 77 5.43 -0.49 6.27
CA ASP A 77 6.89 -0.51 6.13
C ASP A 77 7.29 -1.54 5.08
N ALA A 78 6.73 -2.75 5.18
CA ALA A 78 7.05 -3.80 4.24
C ALA A 78 6.49 -3.49 2.85
N LEU A 79 5.23 -3.04 2.84
CA LEU A 79 4.59 -2.72 1.58
C LEU A 79 5.38 -1.65 0.83
N SER A 80 5.76 -0.60 1.54
CA SER A 80 6.52 0.49 0.93
C SER A 80 7.85 -0.03 0.40
N THR A 81 8.53 -0.85 1.20
CA THR A 81 9.81 -1.41 0.78
C THR A 81 9.65 -2.17 -0.53
N ALA A 82 8.57 -2.94 -0.64
CA ALA A 82 8.34 -3.71 -1.85
C ALA A 82 8.01 -2.80 -3.02
N LEU A 83 7.18 -1.78 -2.77
CA LEU A 83 6.77 -0.87 -3.83
C LEU A 83 7.98 -0.14 -4.43
N VAL A 84 8.79 0.43 -3.55
CA VAL A 84 9.98 1.16 -4.00
C VAL A 84 10.93 0.20 -4.71
N ALA A 85 10.90 -1.08 -4.30
CA ALA A 85 11.74 -2.09 -4.92
C ALA A 85 11.39 -2.24 -6.40
N GLU A 86 10.10 -2.12 -6.71
CA GLU A 86 9.64 -2.24 -8.09
C GLU A 86 10.37 -1.25 -8.98
N LEU A 87 10.95 -0.21 -8.37
CA LEU A 87 11.69 0.81 -9.11
C LEU A 87 13.16 0.79 -8.74
N ARG A 88 13.47 0.20 -7.59
CA ARG A 88 14.84 0.14 -7.12
C ARG A 88 15.66 -0.82 -7.98
N SER A 89 16.98 -0.63 -7.96
CA SER A 89 17.87 -1.49 -8.74
C SER A 89 19.15 -1.79 -7.97
N ALA A 90 19.55 -0.84 -7.13
CA ALA A 90 20.77 -1.01 -6.34
C ALA A 90 20.46 -1.67 -5.00
N GLY A 1 7.13 24.51 -10.43
CA GLY A 1 7.16 23.74 -11.70
C GLY A 1 8.55 23.16 -11.92
N HIS A 2 8.88 22.12 -11.17
CA HIS A 2 10.19 21.47 -11.29
C HIS A 2 10.07 19.98 -11.05
N MET A 3 8.85 19.46 -11.15
CA MET A 3 8.62 18.03 -10.94
C MET A 3 7.24 17.64 -11.45
N SER A 4 6.44 17.03 -10.58
CA SER A 4 5.09 16.61 -10.94
C SER A 4 5.13 15.79 -12.23
N ASP A 5 5.39 14.50 -12.10
CA ASP A 5 5.45 13.63 -13.27
C ASP A 5 5.61 12.19 -12.83
N LEU A 6 6.43 11.95 -11.80
CA LEU A 6 6.67 10.61 -11.30
C LEU A 6 5.47 9.70 -11.57
N SER A 7 5.74 8.51 -12.11
CA SER A 7 4.67 7.57 -12.42
C SER A 7 5.18 6.15 -12.28
N THR A 8 5.95 5.69 -13.26
CA THR A 8 6.50 4.35 -13.23
C THR A 8 7.77 4.32 -12.38
N ALA A 9 7.97 5.38 -11.62
CA ALA A 9 9.14 5.47 -10.74
C ALA A 9 8.88 6.44 -9.59
N PRO A 10 7.89 6.16 -8.79
CA PRO A 10 7.53 7.02 -7.63
C PRO A 10 8.70 7.23 -6.68
N THR A 11 8.46 7.97 -5.60
CA THR A 11 9.50 8.24 -4.61
C THR A 11 9.16 7.59 -3.27
N LEU A 12 10.18 7.33 -2.47
CA LEU A 12 9.96 6.68 -1.18
C LEU A 12 8.89 7.41 -0.38
N ASP A 13 9.01 8.72 -0.28
CA ASP A 13 8.06 9.52 0.46
C ASP A 13 6.70 9.50 -0.21
N SER A 14 6.69 9.53 -1.54
CA SER A 14 5.44 9.53 -2.29
C SER A 14 4.70 8.21 -2.09
N LEU A 15 5.44 7.12 -2.06
CA LEU A 15 4.83 5.82 -1.85
C LEU A 15 4.38 5.69 -0.41
N ARG A 16 5.32 5.62 0.51
CA ARG A 16 5.01 5.45 1.92
C ARG A 16 3.72 6.23 2.28
N VAL A 17 3.70 7.51 1.92
CA VAL A 17 2.53 8.34 2.20
C VAL A 17 1.30 7.78 1.49
N TRP A 18 1.49 7.23 0.29
CA TRP A 18 0.38 6.65 -0.44
C TRP A 18 -0.25 5.51 0.35
N LEU A 19 0.59 4.60 0.84
CA LEU A 19 0.08 3.46 1.59
C LEU A 19 -0.77 3.91 2.75
N VAL A 20 -0.16 4.65 3.68
CA VAL A 20 -0.89 5.12 4.84
C VAL A 20 -2.08 5.97 4.43
N ASP A 21 -1.82 6.95 3.57
CA ASP A 21 -2.88 7.85 3.12
C ASP A 21 -4.03 7.05 2.53
N CYS A 22 -3.70 5.95 1.85
CA CYS A 22 -4.72 5.11 1.24
C CYS A 22 -5.66 4.55 2.29
N VAL A 23 -5.09 4.01 3.37
CA VAL A 23 -5.91 3.44 4.42
C VAL A 23 -6.77 4.53 5.07
N ALA A 24 -6.13 5.63 5.49
CA ALA A 24 -6.86 6.72 6.12
C ALA A 24 -8.10 7.06 5.33
N GLY A 25 -7.93 7.31 4.04
CA GLY A 25 -9.07 7.66 3.18
C GLY A 25 -10.09 6.52 3.14
N HIS A 26 -9.58 5.30 2.98
CA HIS A 26 -10.46 4.14 2.91
C HIS A 26 -11.36 4.04 4.14
N LEU A 27 -10.75 4.06 5.33
CA LEU A 27 -11.53 3.98 6.56
C LEU A 27 -12.08 5.35 6.95
N GLY A 28 -11.29 6.38 6.69
CA GLY A 28 -11.70 7.75 7.03
C GLY A 28 -11.05 8.23 8.33
N LEU A 29 -10.31 7.33 8.98
CA LEU A 29 -9.65 7.66 10.24
C LEU A 29 -8.49 8.63 9.98
N ASP A 30 -7.75 8.95 11.03
CA ASP A 30 -6.61 9.86 10.91
C ASP A 30 -5.36 9.10 10.48
N ALA A 31 -4.65 9.64 9.49
CA ALA A 31 -3.44 9.00 8.99
C ALA A 31 -2.39 8.86 10.09
N ALA A 32 -2.34 9.84 10.99
CA ALA A 32 -1.38 9.82 12.07
C ALA A 32 -1.64 8.68 13.04
N THR A 33 -2.83 8.11 12.96
CA THR A 33 -3.21 7.00 13.84
C THR A 33 -3.80 5.86 13.04
N ILE A 34 -3.26 5.63 11.85
CA ILE A 34 -3.75 4.53 11.03
C ILE A 34 -3.21 3.20 11.54
N ALA A 35 -1.92 2.96 11.26
CA ALA A 35 -1.29 1.71 11.63
C ALA A 35 0.04 1.56 10.92
N THR A 36 0.64 2.65 10.50
CA THR A 36 1.91 2.59 9.79
C THR A 36 2.81 1.51 10.38
N ASP A 37 2.81 1.40 11.71
CA ASP A 37 3.64 0.40 12.38
C ASP A 37 2.79 -0.77 12.85
N LEU A 38 1.64 -0.96 12.22
CA LEU A 38 0.74 -2.05 12.56
C LEU A 38 0.15 -2.69 11.31
N PRO A 39 -0.16 -3.96 11.37
CA PRO A 39 -0.73 -4.71 10.22
C PRO A 39 -2.15 -4.23 9.88
N LEU A 40 -2.71 -4.78 8.82
CA LEU A 40 -4.06 -4.42 8.41
C LEU A 40 -5.10 -5.02 9.36
N THR A 41 -4.71 -6.08 10.06
CA THR A 41 -5.62 -6.74 10.98
C THR A 41 -6.24 -5.72 11.94
N SER A 42 -5.45 -4.75 12.36
CA SER A 42 -5.94 -3.73 13.28
C SER A 42 -7.30 -3.21 12.83
N TYR A 43 -7.53 -3.20 11.53
CA TYR A 43 -8.82 -2.72 10.99
C TYR A 43 -9.91 -3.73 11.23
N GLY A 44 -9.54 -4.91 11.71
CA GLY A 44 -10.52 -5.94 11.99
C GLY A 44 -11.18 -6.43 10.71
N LEU A 45 -10.66 -5.97 9.58
CA LEU A 45 -11.20 -6.37 8.30
C LEU A 45 -10.97 -7.88 8.05
N ASP A 46 -11.97 -8.53 7.50
CA ASP A 46 -11.84 -9.95 7.19
C ASP A 46 -10.94 -10.17 5.98
N SER A 47 -10.53 -11.41 5.76
CA SER A 47 -9.66 -11.74 4.64
C SER A 47 -10.34 -11.43 3.31
N VAL A 48 -11.68 -11.51 3.30
CA VAL A 48 -12.44 -11.24 2.10
C VAL A 48 -12.17 -9.82 1.59
N TYR A 49 -11.75 -8.95 2.51
CA TYR A 49 -11.45 -7.57 2.14
C TYR A 49 -10.26 -7.50 1.19
N ALA A 50 -9.22 -8.27 1.49
CA ALA A 50 -8.03 -8.26 0.66
C ALA A 50 -8.39 -8.31 -0.82
N LEU A 51 -9.29 -9.21 -1.18
CA LEU A 51 -9.69 -9.34 -2.56
C LEU A 51 -10.18 -8.00 -3.13
N SER A 52 -11.16 -7.41 -2.46
CA SER A 52 -11.70 -6.13 -2.91
C SER A 52 -10.69 -5.01 -2.72
N ILE A 53 -10.16 -4.89 -1.52
CA ILE A 53 -9.18 -3.85 -1.23
C ILE A 53 -7.96 -3.97 -2.11
N ALA A 54 -7.24 -5.08 -1.97
CA ALA A 54 -6.05 -5.30 -2.77
C ALA A 54 -6.31 -4.99 -4.24
N ALA A 55 -7.49 -5.37 -4.72
CA ALA A 55 -7.85 -5.11 -6.11
C ALA A 55 -7.92 -3.61 -6.38
N GLU A 56 -8.62 -2.89 -5.53
CA GLU A 56 -8.76 -1.44 -5.70
C GLU A 56 -7.42 -0.74 -5.51
N LEU A 57 -6.74 -1.09 -4.44
CA LEU A 57 -5.44 -0.47 -4.15
C LEU A 57 -4.48 -0.68 -5.31
N GLU A 58 -4.12 -1.92 -5.57
CA GLU A 58 -3.19 -2.22 -6.66
C GLU A 58 -3.66 -1.61 -7.97
N ASP A 59 -4.97 -1.58 -8.16
CA ASP A 59 -5.55 -1.02 -9.38
C ASP A 59 -5.15 0.43 -9.52
N HIS A 60 -4.94 1.10 -8.39
CA HIS A 60 -4.55 2.50 -8.42
C HIS A 60 -3.07 2.64 -8.75
N LEU A 61 -2.27 1.68 -8.29
CA LEU A 61 -0.83 1.69 -8.51
C LEU A 61 -0.46 0.89 -9.73
N ASP A 62 -1.47 0.34 -10.41
CA ASP A 62 -1.23 -0.43 -11.60
C ASP A 62 -0.20 -1.51 -11.35
N VAL A 63 -0.49 -2.39 -10.40
CA VAL A 63 0.45 -3.47 -10.06
C VAL A 63 -0.31 -4.72 -9.65
N SER A 64 0.31 -5.87 -9.81
CA SER A 64 -0.32 -7.15 -9.43
C SER A 64 0.39 -7.71 -8.21
N LEU A 65 -0.39 -8.08 -7.19
CA LEU A 65 0.17 -8.61 -5.96
C LEU A 65 -0.16 -10.09 -5.83
N ASP A 66 0.58 -10.78 -4.97
CA ASP A 66 0.36 -12.21 -4.77
C ASP A 66 -0.51 -12.45 -3.54
N PRO A 67 -1.13 -13.59 -3.45
CA PRO A 67 -2.01 -13.95 -2.30
C PRO A 67 -1.23 -14.08 -1.00
N THR A 68 -0.41 -15.12 -0.90
CA THR A 68 0.36 -15.35 0.31
C THR A 68 1.34 -14.21 0.55
N LEU A 69 1.61 -13.44 -0.50
CA LEU A 69 2.51 -12.31 -0.40
C LEU A 69 1.89 -11.18 0.44
N ILE A 70 0.61 -10.91 0.21
CA ILE A 70 -0.08 -9.86 0.94
C ILE A 70 0.02 -10.11 2.44
N TRP A 71 -0.09 -11.38 2.83
CA TRP A 71 -0.01 -11.73 4.23
C TRP A 71 1.44 -11.69 4.70
N ASP A 72 2.36 -11.50 3.77
CA ASP A 72 3.79 -11.44 4.09
C ASP A 72 4.19 -10.01 4.40
N HIS A 73 3.58 -9.06 3.69
CA HIS A 73 3.88 -7.64 3.90
C HIS A 73 2.62 -6.88 4.31
N PRO A 74 1.97 -7.29 5.37
CA PRO A 74 0.74 -6.64 5.88
C PRO A 74 1.03 -5.30 6.53
N THR A 75 2.30 -4.91 6.51
CA THR A 75 2.70 -3.62 7.11
C THR A 75 3.18 -2.65 6.04
N ILE A 76 3.03 -1.36 6.32
CA ILE A 76 3.46 -0.34 5.38
C ILE A 76 4.97 -0.40 5.19
N ASP A 77 5.69 -0.56 6.28
CA ASP A 77 7.15 -0.60 6.20
C ASP A 77 7.60 -1.65 5.20
N ALA A 78 7.00 -2.83 5.27
CA ALA A 78 7.35 -3.90 4.35
C ALA A 78 6.83 -3.59 2.95
N LEU A 79 5.57 -3.18 2.87
CA LEU A 79 4.97 -2.89 1.60
C LEU A 79 5.71 -1.75 0.89
N SER A 80 5.98 -0.69 1.64
CA SER A 80 6.67 0.46 1.09
C SER A 80 8.07 0.06 0.61
N THR A 81 8.78 -0.68 1.46
CA THR A 81 10.13 -1.13 1.11
C THR A 81 10.09 -1.99 -0.15
N ALA A 82 9.08 -2.84 -0.25
CA ALA A 82 8.95 -3.70 -1.41
C ALA A 82 8.58 -2.90 -2.65
N LEU A 83 7.68 -1.92 -2.47
CA LEU A 83 7.24 -1.10 -3.59
C LEU A 83 8.41 -0.34 -4.21
N VAL A 84 9.21 0.28 -3.36
CA VAL A 84 10.36 1.03 -3.84
C VAL A 84 11.44 0.09 -4.36
N ALA A 85 11.45 -1.13 -3.83
CA ALA A 85 12.43 -2.12 -4.22
C ALA A 85 12.16 -2.61 -5.62
N GLU A 86 10.89 -2.58 -6.01
CA GLU A 86 10.51 -3.01 -7.36
C GLU A 86 11.54 -2.52 -8.36
N LEU A 87 11.70 -1.21 -8.45
CA LEU A 87 12.66 -0.62 -9.39
C LEU A 87 13.91 -0.22 -8.65
N ARG A 88 13.82 -0.17 -7.32
CA ARG A 88 14.94 0.21 -6.48
C ARG A 88 15.72 1.37 -7.12
N SER A 89 16.62 1.04 -8.04
CA SER A 89 17.40 2.05 -8.72
C SER A 89 16.61 2.67 -9.86
N ALA A 90 16.80 2.14 -11.07
CA ALA A 90 16.10 2.65 -12.23
C ALA A 90 14.65 2.15 -12.26
#